data_5C1B
#
_entry.id   5C1B
#
_cell.length_a   140.715
_cell.length_b   180.664
_cell.length_c   254.958
_cell.angle_alpha   90.000
_cell.angle_beta   90.000
_cell.angle_gamma   90.000
#
_symmetry.space_group_name_H-M   'P 21 21 21'
#
loop_
_entity.id
_entity.type
_entity.pdbx_description
1 polymer 'Transitional endoplasmic reticulum ATPase'
2 polymer 'Ubiquitin fusion degradation protein 1 homolog'
3 non-polymer 'PHOSPHOTHIOPHOSPHORIC ACID-ADENYLATE ESTER'
4 non-polymer 'MAGNESIUM ION'
5 non-polymer 'CHLORIDE ION'
6 non-polymer GLYCEROL
7 water water
#
loop_
_entity_poly.entity_id
_entity_poly.type
_entity_poly.pdbx_seq_one_letter_code
_entity_poly.pdbx_strand_id
1 'polypeptide(L)'
;ASGADSKGDDLSTAILKQKNRPNRLIVDEAINEDNSVVSLSQPKMDELQLFRGDTVLLKGKKRREAVCIVLSDDTCSDEK
IRMNRVVRNNLRVRLGDVISIQPCPDVKYGKRIHVLPIDDTVEGITGNLFEVYLKPYFLEAYRPIRKGDIFLVRGGMRAV
EFKVVETDPSPYCIVAPDTVIHCEGEPIKREDEEESLNEVGYDDIGGCRKQLAQIKEMVELPLRHPALFKAIGVKPPRGI
LLYGPPGTGKTLIARAVANETGAFFFLINGPEIMSKLAGESESNLRKAFEEAEKNAPAIIFIDELDAIAPKREKTHGEVE
RRIVSQLLTLMDGLKQRAHVIVMAATNRPNSIDPALRRFGRFDREVDIGIPDATGRLEILQIHTKNMKLADDVDLEQVAN
ETHGHVGADLAALCSEAALQAIRKKMDLIDLEDETIDAEVMNSLAVTMDDFRWALSQSNPSALRETVVEVPQVTWEDIGG
LEDVKRELQELVQYPVEHPDKFLKFGMTPSKGVLFYGPPGCGKTLLAKAIANECQANFISIKGPELLTMWFGESEANVRE
IFDKARQAAPCVLFFDELDSIAKARGGNIGDGGGAADRVINQILTEMDGMSTKKNVFIIGATNRPDIIDPAILRPGRLDQ
LIYIPLPDEKSRVAILKANLRKSPVAKDVDLEFLAKMTNGFSGADLTEICQRACKLAIRESIESEIRPEIRRDHFEEAMR
FARRSVSDNDIRKYEMFAQTLQQSRGFGSFRFPSGNQGGAGPSQGSGGGTGGSVYTEDNDDDLYG
;
A,B,C,D,E,F
2 'polypeptide(L)' GELGFRAFSGSGNRLDGKKKG V,U
#
loop_
_chem_comp.id
_chem_comp.type
_chem_comp.name
_chem_comp.formula
AGS non-polymer 'PHOSPHOTHIOPHOSPHORIC ACID-ADENYLATE ESTER' 'C10 H16 N5 O12 P3 S'
CL non-polymer 'CHLORIDE ION' 'Cl -1'
GOL non-polymer GLYCEROL 'C3 H8 O3'
MG non-polymer 'MAGNESIUM ION' 'Mg 2'
#
# COMPACT_ATOMS: atom_id res chain seq x y z
N ASN A 20 -60.53 -28.40 25.97
CA ASN A 20 -60.99 -27.06 25.59
C ASN A 20 -62.23 -27.10 24.71
N ARG A 21 -63.06 -26.09 24.84
CA ARG A 21 -64.28 -25.97 24.03
C ARG A 21 -63.93 -25.81 22.56
N PRO A 22 -64.76 -26.38 21.66
CA PRO A 22 -64.47 -26.42 20.23
C PRO A 22 -64.52 -25.06 19.52
N ASN A 23 -65.37 -24.16 19.99
CA ASN A 23 -65.56 -22.87 19.34
C ASN A 23 -64.32 -21.97 19.41
N ARG A 24 -63.52 -22.14 20.46
CA ARG A 24 -62.28 -21.39 20.62
C ARG A 24 -61.27 -21.82 19.57
N LEU A 25 -60.69 -20.86 18.85
CA LEU A 25 -59.76 -21.17 17.77
C LEU A 25 -58.61 -20.17 17.69
N ILE A 26 -57.52 -20.60 17.07
CA ILE A 26 -56.30 -19.81 16.94
C ILE A 26 -56.23 -19.11 15.58
N VAL A 27 -55.87 -17.84 15.56
CA VAL A 27 -55.79 -17.09 14.30
C VAL A 27 -54.55 -17.46 13.49
N ASP A 28 -54.74 -17.56 12.17
CA ASP A 28 -53.67 -17.97 11.28
C ASP A 28 -53.71 -17.17 9.97
N GLU A 29 -52.65 -17.29 9.18
CA GLU A 29 -52.57 -16.61 7.89
C GLU A 29 -53.75 -17.00 7.02
N ALA A 30 -54.08 -16.14 6.05
CA ALA A 30 -55.19 -16.39 5.13
C ALA A 30 -54.67 -16.76 3.74
N ILE A 31 -55.42 -17.62 3.05
CA ILE A 31 -55.11 -17.98 1.67
C ILE A 31 -56.10 -17.32 0.72
N ASN A 32 -57.38 -17.35 1.09
CA ASN A 32 -58.40 -16.70 0.28
C ASN A 32 -58.35 -15.19 0.49
N GLU A 33 -57.95 -14.46 -0.56
CA GLU A 33 -57.76 -13.02 -0.46
C GLU A 33 -59.09 -12.31 -0.20
N ASP A 34 -60.19 -13.05 -0.31
CA ASP A 34 -61.52 -12.47 -0.09
C ASP A 34 -61.64 -12.00 1.37
N ASN A 35 -62.19 -10.81 1.55
CA ASN A 35 -62.30 -10.21 2.88
C ASN A 35 -63.30 -10.92 3.79
N SER A 36 -64.48 -11.21 3.26
CA SER A 36 -65.55 -11.78 4.06
C SER A 36 -65.48 -13.30 4.17
N VAL A 37 -64.27 -13.85 3.99
CA VAL A 37 -64.09 -15.28 4.02
C VAL A 37 -63.12 -15.69 5.13
N VAL A 38 -63.55 -16.65 5.95
CA VAL A 38 -62.69 -17.30 6.93
C VAL A 38 -62.72 -18.79 6.68
N SER A 39 -61.62 -19.48 6.99
CA SER A 39 -61.51 -20.90 6.66
C SER A 39 -61.22 -21.76 7.87
N LEU A 40 -61.84 -22.94 7.88
CA LEU A 40 -61.58 -23.95 8.90
C LEU A 40 -61.23 -25.26 8.21
N SER A 41 -60.84 -26.26 8.99
CA SER A 41 -60.60 -27.59 8.48
C SER A 41 -61.90 -28.37 8.42
N GLN A 42 -62.04 -29.22 7.41
CA GLN A 42 -63.25 -30.03 7.26
C GLN A 42 -63.59 -30.78 8.55
N PRO A 43 -62.60 -31.44 9.16
CA PRO A 43 -62.87 -32.17 10.40
C PRO A 43 -63.38 -31.28 11.55
N LYS A 44 -62.95 -30.02 11.58
CA LYS A 44 -63.44 -29.10 12.61
C LYS A 44 -64.77 -28.49 12.22
N MET A 45 -64.97 -28.28 10.93
CA MET A 45 -66.21 -27.69 10.43
C MET A 45 -67.35 -28.64 10.75
N ASP A 46 -67.07 -29.94 10.69
CA ASP A 46 -68.04 -30.96 11.00
C ASP A 46 -68.26 -31.06 12.51
N GLU A 47 -67.21 -30.78 13.27
CA GLU A 47 -67.30 -30.80 14.73
C GLU A 47 -68.22 -29.69 15.23
N LEU A 48 -68.04 -28.48 14.72
CA LEU A 48 -68.89 -27.36 15.10
C LEU A 48 -70.24 -27.38 14.39
N GLN A 49 -70.40 -28.29 13.43
CA GLN A 49 -71.66 -28.40 12.67
C GLN A 49 -71.93 -27.19 11.76
N LEU A 50 -70.92 -26.79 11.00
CA LEU A 50 -71.06 -25.73 10.01
C LEU A 50 -70.63 -26.22 8.64
N PHE A 51 -71.11 -25.57 7.58
CA PHE A 51 -70.66 -25.87 6.22
C PHE A 51 -70.27 -24.60 5.47
N ARG A 52 -69.87 -24.74 4.21
CA ARG A 52 -69.33 -23.63 3.44
C ARG A 52 -70.30 -22.46 3.26
N GLY A 53 -71.58 -22.75 3.07
CA GLY A 53 -72.54 -21.70 2.79
C GLY A 53 -72.90 -20.89 4.02
N ASP A 54 -72.70 -21.49 5.18
CA ASP A 54 -73.10 -20.88 6.45
C ASP A 54 -72.44 -19.53 6.69
N THR A 55 -73.13 -18.67 7.43
CA THR A 55 -72.58 -17.39 7.84
C THR A 55 -72.23 -17.51 9.33
N VAL A 56 -70.97 -17.30 9.66
CA VAL A 56 -70.50 -17.50 11.03
C VAL A 56 -70.25 -16.18 11.73
N LEU A 57 -70.49 -16.16 13.04
CA LEU A 57 -70.22 -14.96 13.84
C LEU A 57 -68.93 -15.14 14.63
N LEU A 58 -68.00 -14.21 14.44
CA LEU A 58 -66.69 -14.27 15.09
C LEU A 58 -66.58 -13.26 16.21
N LYS A 59 -66.25 -13.74 17.40
CA LYS A 59 -66.07 -12.87 18.57
C LYS A 59 -64.60 -12.81 18.94
N GLY A 60 -64.02 -11.63 18.84
CA GLY A 60 -62.62 -11.44 19.17
C GLY A 60 -62.43 -10.77 20.52
N LYS A 61 -61.30 -10.09 20.68
CA LYS A 61 -61.01 -9.38 21.92
C LYS A 61 -61.58 -7.97 21.89
N LYS A 62 -61.58 -7.32 23.04
CA LYS A 62 -62.06 -5.95 23.15
C LYS A 62 -63.55 -5.86 22.85
N ARG A 63 -64.25 -6.97 23.10
CA ARG A 63 -65.70 -7.03 22.94
C ARG A 63 -66.17 -6.58 21.57
N ARG A 64 -65.45 -6.96 20.52
CA ARG A 64 -65.86 -6.65 19.16
C ARG A 64 -66.24 -7.93 18.42
N GLU A 65 -67.01 -7.78 17.35
CA GLU A 65 -67.48 -8.91 16.58
C GLU A 65 -67.30 -8.67 15.09
N ALA A 66 -67.24 -9.76 14.34
CA ALA A 66 -67.19 -9.69 12.89
C ALA A 66 -67.93 -10.89 12.31
N VAL A 67 -68.62 -10.68 11.20
CA VAL A 67 -69.38 -11.75 10.57
C VAL A 67 -68.76 -12.06 9.21
N CYS A 68 -68.68 -13.34 8.88
CA CYS A 68 -68.01 -13.76 7.67
C CYS A 68 -68.58 -15.06 7.12
N ILE A 69 -68.25 -15.35 5.87
CA ILE A 69 -68.59 -16.63 5.26
C ILE A 69 -67.49 -17.62 5.62
N VAL A 70 -67.89 -18.86 5.90
CA VAL A 70 -66.93 -19.89 6.28
C VAL A 70 -66.64 -20.79 5.09
N LEU A 71 -65.42 -21.31 5.01
CA LEU A 71 -65.04 -22.22 3.93
C LEU A 71 -64.10 -23.30 4.44
N SER A 72 -63.88 -24.32 3.62
CA SER A 72 -63.01 -25.43 3.99
C SER A 72 -61.60 -25.20 3.49
N ASP A 73 -60.63 -25.78 4.18
CA ASP A 73 -59.23 -25.64 3.80
C ASP A 73 -58.43 -26.85 4.27
N ASP A 74 -57.93 -27.62 3.30
CA ASP A 74 -57.20 -28.85 3.60
C ASP A 74 -55.88 -28.59 4.32
N THR A 75 -55.25 -27.46 4.04
CA THR A 75 -53.98 -27.11 4.66
C THR A 75 -54.17 -26.63 6.09
N CYS A 76 -55.32 -26.04 6.38
CA CYS A 76 -55.62 -25.50 7.69
C CYS A 76 -55.65 -26.58 8.77
N SER A 77 -54.91 -26.37 9.85
CA SER A 77 -54.93 -27.28 10.98
C SER A 77 -56.21 -27.04 11.79
N ASP A 78 -56.77 -28.09 12.36
CA ASP A 78 -58.07 -28.01 13.03
C ASP A 78 -58.09 -27.06 14.22
N GLU A 79 -56.94 -26.81 14.82
CA GLU A 79 -56.87 -25.94 15.99
C GLU A 79 -56.80 -24.45 15.62
N LYS A 80 -56.75 -24.15 14.32
CA LYS A 80 -56.57 -22.78 13.88
C LYS A 80 -57.65 -22.36 12.88
N ILE A 81 -57.76 -21.05 12.66
CA ILE A 81 -58.71 -20.50 11.71
C ILE A 81 -58.03 -19.42 10.85
N ARG A 82 -58.12 -19.58 9.54
CA ARG A 82 -57.53 -18.62 8.62
C ARG A 82 -58.50 -17.47 8.35
N MET A 83 -58.04 -16.25 8.58
CA MET A 83 -58.84 -15.05 8.31
C MET A 83 -57.96 -13.94 7.75
N ASN A 84 -58.50 -13.17 6.80
CA ASN A 84 -57.78 -12.06 6.20
C ASN A 84 -57.30 -11.08 7.26
N ARG A 85 -56.42 -10.17 6.89
CA ARG A 85 -55.95 -9.15 7.80
C ARG A 85 -57.05 -8.13 8.07
N VAL A 86 -58.03 -8.07 7.17
CA VAL A 86 -59.15 -7.16 7.33
C VAL A 86 -60.04 -7.64 8.46
N VAL A 87 -60.38 -8.92 8.44
CA VAL A 87 -61.20 -9.53 9.48
C VAL A 87 -60.47 -9.46 10.82
N ARG A 88 -59.17 -9.74 10.79
CA ARG A 88 -58.32 -9.67 11.96
C ARG A 88 -58.47 -8.33 12.67
N ASN A 89 -58.49 -7.26 11.88
CA ASN A 89 -58.56 -5.91 12.43
C ASN A 89 -59.93 -5.63 13.04
N ASN A 90 -60.99 -6.04 12.36
CA ASN A 90 -62.34 -5.84 12.88
C ASN A 90 -62.52 -6.52 14.23
N LEU A 91 -61.71 -7.54 14.48
CA LEU A 91 -61.78 -8.27 15.74
C LEU A 91 -60.78 -7.74 16.76
N ARG A 92 -59.88 -6.86 16.32
CA ARG A 92 -58.80 -6.37 17.16
C ARG A 92 -57.97 -7.56 17.63
N VAL A 93 -57.53 -8.37 16.67
CA VAL A 93 -56.83 -9.60 16.97
C VAL A 93 -55.56 -9.69 16.10
N ARG A 94 -54.65 -10.56 16.50
CA ARG A 94 -53.42 -10.76 15.73
C ARG A 94 -53.14 -12.26 15.55
N LEU A 95 -52.05 -12.58 14.86
CA LEU A 95 -51.73 -13.98 14.58
C LEU A 95 -51.40 -14.69 15.88
N GLY A 96 -52.05 -15.83 16.13
CA GLY A 96 -51.80 -16.61 17.32
C GLY A 96 -52.83 -16.39 18.42
N ASP A 97 -53.59 -15.31 18.32
CA ASP A 97 -54.62 -15.02 19.30
C ASP A 97 -55.75 -16.02 19.23
N VAL A 98 -56.64 -15.98 20.23
CA VAL A 98 -57.75 -16.92 20.28
C VAL A 98 -59.06 -16.18 20.05
N ILE A 99 -59.98 -16.81 19.34
CA ILE A 99 -61.31 -16.22 19.09
C ILE A 99 -62.37 -17.31 19.13
N SER A 100 -63.60 -16.92 19.48
CA SER A 100 -64.71 -17.86 19.52
C SER A 100 -65.61 -17.70 18.31
N ILE A 101 -65.93 -18.83 17.67
CA ILE A 101 -66.80 -18.82 16.51
C ILE A 101 -68.07 -19.61 16.81
N GLN A 102 -69.20 -19.08 16.36
CA GLN A 102 -70.49 -19.69 16.62
C GLN A 102 -71.42 -19.45 15.43
N PRO A 103 -72.30 -20.41 15.13
CA PRO A 103 -73.12 -20.29 13.91
C PRO A 103 -74.07 -19.09 13.92
N CYS A 104 -74.28 -18.52 12.74
CA CYS A 104 -75.19 -17.40 12.59
C CYS A 104 -76.17 -17.59 11.43
N PRO A 105 -77.27 -18.31 11.70
CA PRO A 105 -78.36 -18.44 10.74
C PRO A 105 -79.31 -17.24 10.82
N ASP A 106 -79.13 -16.41 11.85
CA ASP A 106 -80.04 -15.31 12.12
C ASP A 106 -79.84 -14.16 11.14
N VAL A 107 -78.78 -14.23 10.34
CA VAL A 107 -78.49 -13.17 9.37
C VAL A 107 -79.47 -13.16 8.20
N LYS A 108 -80.10 -12.02 7.97
CA LYS A 108 -80.99 -11.81 6.83
C LYS A 108 -80.57 -10.59 6.01
N TYR A 109 -81.09 -10.51 4.81
CA TYR A 109 -80.72 -9.47 3.85
C TYR A 109 -81.04 -8.08 4.39
N GLY A 110 -80.28 -7.09 3.92
CA GLY A 110 -80.42 -5.72 4.38
C GLY A 110 -81.38 -4.91 3.54
N LYS A 111 -81.86 -3.80 4.11
CA LYS A 111 -82.71 -2.86 3.37
C LYS A 111 -81.87 -1.66 2.93
N ARG A 112 -81.18 -1.05 3.89
CA ARG A 112 -80.35 0.12 3.62
C ARG A 112 -79.02 0.00 4.36
N ILE A 113 -77.94 0.42 3.69
CA ILE A 113 -76.61 0.39 4.30
C ILE A 113 -75.91 1.74 4.15
N HIS A 114 -75.18 2.14 5.18
CA HIS A 114 -74.49 3.43 5.17
C HIS A 114 -73.00 3.26 5.48
N VAL A 115 -72.17 3.40 4.47
CA VAL A 115 -70.73 3.30 4.64
C VAL A 115 -70.04 4.63 4.37
N LEU A 116 -69.05 4.96 5.19
CA LEU A 116 -68.30 6.20 5.01
C LEU A 116 -66.81 5.91 4.83
N PRO A 117 -66.19 6.57 3.84
CA PRO A 117 -64.75 6.40 3.58
C PRO A 117 -63.89 7.04 4.67
N ILE A 118 -62.64 6.60 4.78
CA ILE A 118 -61.70 7.19 5.73
C ILE A 118 -60.82 8.21 5.01
N ASP A 119 -60.72 9.39 5.59
CA ASP A 119 -60.09 10.54 4.93
C ASP A 119 -58.77 10.22 4.24
N ASP A 120 -57.82 9.67 4.98
CA ASP A 120 -56.46 9.48 4.47
C ASP A 120 -56.39 8.53 3.27
N THR A 121 -57.49 7.82 2.99
CA THR A 121 -57.52 6.90 1.87
C THR A 121 -58.35 7.40 0.69
N VAL A 122 -58.89 8.61 0.79
CA VAL A 122 -59.72 9.16 -0.29
C VAL A 122 -59.49 10.64 -0.58
N GLU A 123 -58.62 11.30 0.18
CA GLU A 123 -58.46 12.75 0.04
C GLU A 123 -57.91 13.15 -1.32
N GLY A 124 -57.31 12.19 -2.04
CA GLY A 124 -56.74 12.47 -3.35
C GLY A 124 -57.68 12.13 -4.50
N ILE A 125 -58.64 11.25 -4.24
CA ILE A 125 -59.54 10.78 -5.27
C ILE A 125 -60.93 11.37 -5.00
N THR A 126 -61.60 11.82 -6.06
CA THR A 126 -62.97 12.30 -5.97
C THR A 126 -63.83 11.65 -7.04
N GLY A 127 -65.15 11.82 -6.94
CA GLY A 127 -66.07 11.26 -7.91
C GLY A 127 -66.99 10.21 -7.29
N ASN A 128 -67.48 9.29 -8.12
CA ASN A 128 -68.39 8.24 -7.66
C ASN A 128 -67.68 7.06 -6.99
N LEU A 129 -67.51 7.17 -5.68
CA LEU A 129 -66.87 6.13 -4.90
C LEU A 129 -67.74 4.87 -4.89
N PHE A 130 -69.05 5.05 -5.06
CA PHE A 130 -70.00 3.94 -4.97
C PHE A 130 -70.08 3.06 -6.21
N GLU A 131 -69.94 3.65 -7.39
CA GLU A 131 -70.09 2.88 -8.62
C GLU A 131 -68.83 2.12 -9.01
N VAL A 132 -67.68 2.67 -8.64
CA VAL A 132 -66.41 2.08 -9.05
C VAL A 132 -65.96 0.99 -8.07
N TYR A 133 -66.20 1.23 -6.78
CA TYR A 133 -65.69 0.36 -5.73
C TYR A 133 -66.78 -0.54 -5.13
N LEU A 134 -67.82 0.08 -4.57
CA LEU A 134 -68.86 -0.66 -3.88
C LEU A 134 -69.66 -1.57 -4.82
N LYS A 135 -69.81 -1.13 -6.07
CA LYS A 135 -70.62 -1.87 -7.03
C LYS A 135 -70.05 -3.27 -7.30
N PRO A 136 -68.82 -3.35 -7.83
CA PRO A 136 -68.25 -4.66 -8.13
C PRO A 136 -67.88 -5.44 -6.87
N TYR A 137 -67.72 -4.73 -5.76
CA TYR A 137 -67.33 -5.36 -4.50
C TYR A 137 -68.47 -6.21 -3.93
N PHE A 138 -69.70 -5.70 -4.02
CA PHE A 138 -70.85 -6.40 -3.48
C PHE A 138 -71.63 -7.15 -4.57
N LEU A 139 -71.34 -6.84 -5.83
CA LEU A 139 -72.05 -7.46 -6.94
C LEU A 139 -71.90 -8.98 -6.94
N GLU A 140 -73.03 -9.68 -6.90
CA GLU A 140 -73.02 -11.14 -6.93
C GLU A 140 -72.18 -11.72 -5.80
N ALA A 141 -71.99 -10.93 -4.74
CA ALA A 141 -71.15 -11.33 -3.62
C ALA A 141 -71.97 -11.76 -2.39
N TYR A 142 -73.07 -11.06 -2.12
CA TYR A 142 -73.86 -11.31 -0.92
C TYR A 142 -72.97 -11.39 0.32
N ARG A 143 -72.17 -10.35 0.52
CA ARG A 143 -71.23 -10.30 1.63
C ARG A 143 -71.93 -10.03 2.96
N PRO A 144 -71.65 -10.87 3.97
CA PRO A 144 -72.14 -10.60 5.32
C PRO A 144 -71.27 -9.54 6.00
N ILE A 145 -71.90 -8.45 6.44
CA ILE A 145 -71.18 -7.36 7.09
C ILE A 145 -71.77 -7.07 8.45
N ARG A 146 -71.06 -6.27 9.24
CA ARG A 146 -71.51 -5.91 10.58
C ARG A 146 -71.33 -4.41 10.80
N LYS A 147 -72.13 -3.86 11.71
CA LYS A 147 -72.03 -2.46 12.07
C LYS A 147 -70.72 -2.22 12.81
N GLY A 148 -69.92 -1.29 12.30
CA GLY A 148 -68.64 -0.97 12.90
C GLY A 148 -67.48 -1.58 12.13
N ASP A 149 -67.77 -2.53 11.27
CA ASP A 149 -66.75 -3.19 10.46
C ASP A 149 -66.07 -2.21 9.50
N ILE A 150 -64.79 -2.47 9.24
CA ILE A 150 -64.05 -1.73 8.23
C ILE A 150 -63.58 -2.70 7.15
N PHE A 151 -64.02 -2.47 5.92
CA PHE A 151 -63.63 -3.33 4.81
C PHE A 151 -62.78 -2.54 3.82
N LEU A 152 -62.06 -3.27 2.98
CA LEU A 152 -61.12 -2.67 2.06
C LEU A 152 -61.46 -3.02 0.62
N VAL A 153 -61.46 -2.01 -0.25
CA VAL A 153 -61.74 -2.23 -1.66
C VAL A 153 -60.62 -1.62 -2.50
N ARG A 154 -59.99 -2.46 -3.32
CA ARG A 154 -58.89 -2.01 -4.16
C ARG A 154 -59.33 -1.87 -5.61
N GLY A 155 -58.84 -0.82 -6.26
CA GLY A 155 -59.19 -0.53 -7.63
C GLY A 155 -58.71 0.86 -8.02
N GLY A 156 -58.52 1.06 -9.32
CA GLY A 156 -58.06 2.34 -9.82
C GLY A 156 -56.70 2.72 -9.24
N MET A 157 -55.82 1.72 -9.12
CA MET A 157 -54.48 1.94 -8.61
C MET A 157 -54.52 2.64 -7.25
N ARG A 158 -55.47 2.21 -6.42
CA ARG A 158 -55.67 2.78 -5.09
C ARG A 158 -56.44 1.80 -4.24
N ALA A 159 -56.22 1.85 -2.92
CA ALA A 159 -56.98 1.01 -2.00
C ALA A 159 -57.65 1.86 -0.93
N VAL A 160 -58.97 1.94 -0.98
CA VAL A 160 -59.73 2.72 -0.02
C VAL A 160 -60.53 1.79 0.89
N GLU A 161 -60.63 2.18 2.15
CA GLU A 161 -61.36 1.39 3.14
C GLU A 161 -62.56 2.15 3.67
N PHE A 162 -63.71 1.48 3.69
CA PHE A 162 -64.94 2.06 4.21
C PHE A 162 -65.29 1.40 5.53
N LYS A 163 -65.97 2.15 6.40
CA LYS A 163 -66.43 1.58 7.67
C LYS A 163 -67.95 1.57 7.71
N VAL A 164 -68.53 0.41 8.01
CA VAL A 164 -69.97 0.27 8.06
C VAL A 164 -70.55 1.04 9.24
N VAL A 165 -71.22 2.14 8.94
CA VAL A 165 -71.78 3.01 9.97
C VAL A 165 -73.15 2.50 10.42
N GLU A 166 -73.92 1.96 9.50
CA GLU A 166 -75.26 1.45 9.84
C GLU A 166 -75.87 0.50 8.81
N THR A 167 -76.68 -0.41 9.32
CA THR A 167 -77.43 -1.36 8.51
C THR A 167 -78.84 -1.46 9.07
N ASP A 168 -79.85 -1.58 8.20
CA ASP A 168 -81.23 -1.56 8.67
C ASP A 168 -81.51 -2.74 9.61
N PRO A 169 -81.12 -3.97 9.21
CA PRO A 169 -81.15 -5.02 10.23
C PRO A 169 -79.84 -5.01 11.00
N SER A 170 -79.75 -4.17 12.03
CA SER A 170 -78.52 -4.02 12.80
C SER A 170 -78.43 -5.12 13.86
N PRO A 171 -77.20 -5.41 14.32
CA PRO A 171 -75.98 -4.75 13.84
C PRO A 171 -75.39 -5.40 12.58
N TYR A 172 -75.94 -6.52 12.13
CA TYR A 172 -75.36 -7.22 10.99
C TYR A 172 -76.41 -7.73 10.00
N CYS A 173 -76.02 -7.82 8.74
CA CYS A 173 -76.90 -8.24 7.66
C CYS A 173 -76.09 -8.57 6.43
N ILE A 174 -76.69 -9.30 5.49
CA ILE A 174 -76.03 -9.60 4.23
C ILE A 174 -76.38 -8.53 3.20
N VAL A 175 -75.44 -8.27 2.28
CA VAL A 175 -75.64 -7.24 1.27
C VAL A 175 -76.20 -7.84 -0.03
N ALA A 176 -77.52 -7.96 -0.10
CA ALA A 176 -78.17 -8.48 -1.29
C ALA A 176 -78.38 -7.36 -2.29
N PRO A 177 -78.67 -7.71 -3.56
CA PRO A 177 -78.87 -6.68 -4.60
C PRO A 177 -79.93 -5.66 -4.24
N ASP A 178 -80.85 -6.04 -3.36
CA ASP A 178 -81.95 -5.16 -2.97
C ASP A 178 -81.49 -4.11 -1.96
N THR A 179 -80.40 -4.39 -1.25
CA THR A 179 -79.88 -3.46 -0.26
C THR A 179 -79.43 -2.17 -0.93
N VAL A 180 -79.87 -1.04 -0.39
CA VAL A 180 -79.48 0.27 -0.90
C VAL A 180 -78.28 0.78 -0.14
N ILE A 181 -77.42 1.53 -0.81
CA ILE A 181 -76.23 2.07 -0.19
C ILE A 181 -76.16 3.58 -0.27
N HIS A 182 -75.74 4.18 0.84
CA HIS A 182 -75.60 5.61 0.92
C HIS A 182 -74.20 5.85 1.46
N CYS A 183 -73.37 6.54 0.69
CA CYS A 183 -71.99 6.79 1.08
C CYS A 183 -71.74 8.27 1.04
N GLU A 184 -72.75 9.02 1.45
CA GLU A 184 -72.73 10.47 1.42
C GLU A 184 -72.02 10.99 2.67
N GLY A 185 -70.97 11.77 2.50
CA GLY A 185 -70.36 12.42 3.65
C GLY A 185 -68.85 12.51 3.66
N GLU A 186 -68.36 13.61 4.24
CA GLU A 186 -66.95 13.88 4.37
C GLU A 186 -66.30 12.72 5.14
N PRO A 187 -65.18 12.20 4.63
CA PRO A 187 -64.59 10.99 5.22
C PRO A 187 -64.28 11.18 6.70
N ILE A 188 -64.60 10.16 7.49
CA ILE A 188 -64.36 10.19 8.93
C ILE A 188 -62.87 9.95 9.18
N LYS A 189 -62.34 10.54 10.24
CA LYS A 189 -60.92 10.34 10.57
C LYS A 189 -60.72 9.05 11.33
N ARG A 190 -59.49 8.56 11.35
CA ARG A 190 -59.19 7.30 12.00
C ARG A 190 -59.19 7.46 13.51
N GLU A 191 -59.94 6.61 14.19
CA GLU A 191 -59.85 6.58 15.64
C GLU A 191 -58.48 6.00 15.97
N ASP A 192 -57.94 6.38 17.11
CA ASP A 192 -56.59 5.97 17.51
C ASP A 192 -56.45 4.45 17.56
N GLU A 193 -57.53 3.76 17.91
CA GLU A 193 -57.48 2.31 18.13
C GLU A 193 -57.58 1.52 16.83
N GLU A 194 -58.18 2.12 15.81
CA GLU A 194 -58.31 1.49 14.51
C GLU A 194 -57.02 1.58 13.70
N GLU A 195 -56.31 0.46 13.60
CA GLU A 195 -55.05 0.41 12.89
C GLU A 195 -55.31 0.51 11.39
N SER A 196 -54.35 1.05 10.64
CA SER A 196 -54.50 1.18 9.19
C SER A 196 -54.16 -0.12 8.48
N LEU A 197 -54.88 -0.39 7.39
CA LEU A 197 -54.61 -1.57 6.57
C LEU A 197 -53.63 -1.23 5.44
N ASN A 198 -53.34 0.05 5.28
CA ASN A 198 -52.31 0.46 4.33
C ASN A 198 -50.93 0.12 4.91
N GLU A 199 -50.87 0.01 6.23
CA GLU A 199 -49.65 -0.41 6.89
C GLU A 199 -49.20 -1.78 6.38
N VAL A 200 -47.90 -2.04 6.46
CA VAL A 200 -47.32 -3.24 5.90
C VAL A 200 -47.61 -4.47 6.75
N GLY A 201 -47.79 -5.61 6.08
CA GLY A 201 -48.03 -6.87 6.75
C GLY A 201 -47.42 -8.00 5.94
N TYR A 202 -47.51 -9.22 6.46
CA TYR A 202 -46.90 -10.36 5.80
C TYR A 202 -47.48 -10.58 4.41
N ASP A 203 -48.70 -10.11 4.20
CA ASP A 203 -49.38 -10.25 2.92
C ASP A 203 -48.81 -9.31 1.87
N ASP A 204 -47.91 -8.42 2.28
CA ASP A 204 -47.21 -7.54 1.35
C ASP A 204 -45.83 -8.10 0.99
N ILE A 205 -45.51 -9.27 1.52
CA ILE A 205 -44.20 -9.88 1.32
C ILE A 205 -44.31 -11.22 0.60
N GLY A 206 -43.43 -11.43 -0.38
CA GLY A 206 -43.40 -12.66 -1.14
C GLY A 206 -41.98 -13.01 -1.53
N GLY A 207 -41.77 -14.23 -2.00
CA GLY A 207 -40.47 -14.65 -2.50
C GLY A 207 -39.49 -15.07 -1.43
N CYS A 208 -39.90 -14.99 -0.16
CA CYS A 208 -39.05 -15.42 0.94
C CYS A 208 -39.91 -15.96 2.08
N ARG A 209 -40.64 -17.02 1.79
CA ARG A 209 -41.52 -17.63 2.77
C ARG A 209 -40.68 -18.19 3.91
N LYS A 210 -39.70 -19.01 3.53
CA LYS A 210 -38.85 -19.72 4.48
C LYS A 210 -38.20 -18.78 5.49
N GLN A 211 -37.61 -17.70 4.98
CA GLN A 211 -36.90 -16.75 5.83
C GLN A 211 -37.88 -16.05 6.77
N LEU A 212 -39.02 -15.67 6.23
CA LEU A 212 -40.03 -14.97 7.01
C LEU A 212 -40.57 -15.85 8.13
N ALA A 213 -40.50 -17.17 7.93
CA ALA A 213 -40.90 -18.11 8.96
C ALA A 213 -39.89 -18.12 10.10
N GLN A 214 -38.61 -18.20 9.74
CA GLN A 214 -37.54 -18.21 10.72
C GLN A 214 -37.63 -16.98 11.62
N ILE A 215 -37.81 -15.82 11.01
CA ILE A 215 -37.90 -14.58 11.75
C ILE A 215 -39.12 -14.59 12.65
N LYS A 216 -40.23 -15.10 12.13
CA LYS A 216 -41.46 -15.18 12.90
C LYS A 216 -41.26 -16.03 14.15
N GLU A 217 -40.55 -17.15 14.01
CA GLU A 217 -40.31 -18.04 15.14
C GLU A 217 -39.47 -17.36 16.23
N MET A 218 -38.35 -16.78 15.83
CA MET A 218 -37.44 -16.13 16.77
C MET A 218 -38.13 -15.03 17.55
N VAL A 219 -38.99 -14.28 16.87
CA VAL A 219 -39.50 -13.03 17.42
C VAL A 219 -40.84 -13.21 18.12
N GLU A 220 -41.67 -14.13 17.62
CA GLU A 220 -43.03 -14.27 18.12
C GLU A 220 -43.06 -14.62 19.61
N LEU A 221 -42.20 -15.53 20.03
CA LEU A 221 -42.25 -16.03 21.40
C LEU A 221 -41.98 -14.95 22.46
N PRO A 222 -40.81 -14.29 22.38
CA PRO A 222 -40.49 -13.29 23.43
C PRO A 222 -41.32 -12.01 23.33
N LEU A 223 -41.80 -11.69 22.14
CA LEU A 223 -42.46 -10.41 21.91
C LEU A 223 -43.96 -10.50 22.16
N ARG A 224 -44.54 -11.65 21.85
CA ARG A 224 -45.98 -11.83 21.95
C ARG A 224 -46.40 -12.20 23.37
N HIS A 225 -45.61 -13.05 24.02
CA HIS A 225 -45.88 -13.47 25.39
C HIS A 225 -44.68 -13.15 26.25
N PRO A 226 -44.44 -11.85 26.50
CA PRO A 226 -43.25 -11.40 27.22
C PRO A 226 -43.22 -11.90 28.65
N ALA A 227 -44.37 -11.86 29.33
CA ALA A 227 -44.46 -12.31 30.71
C ALA A 227 -44.03 -13.77 30.83
N LEU A 228 -44.44 -14.59 29.87
CA LEU A 228 -44.13 -16.02 29.90
C LEU A 228 -42.63 -16.25 29.79
N PHE A 229 -41.97 -15.46 28.95
CA PHE A 229 -40.54 -15.61 28.72
C PHE A 229 -39.70 -15.02 29.85
N LYS A 230 -40.21 -13.97 30.48
CA LYS A 230 -39.49 -13.30 31.56
C LYS A 230 -39.52 -14.12 32.86
N ALA A 231 -40.55 -14.94 33.02
CA ALA A 231 -40.72 -15.74 34.23
C ALA A 231 -39.90 -17.03 34.14
N ILE A 232 -39.82 -17.60 32.95
CA ILE A 232 -39.10 -18.85 32.73
C ILE A 232 -37.59 -18.73 32.93
N GLY A 233 -37.01 -17.59 32.54
CA GLY A 233 -35.59 -17.36 32.80
C GLY A 233 -34.66 -17.76 31.68
N VAL A 234 -35.23 -18.38 30.63
CA VAL A 234 -34.44 -18.74 29.46
C VAL A 234 -34.12 -17.49 28.66
N LYS A 235 -32.92 -17.46 28.07
CA LYS A 235 -32.47 -16.27 27.34
C LYS A 235 -32.96 -16.29 25.89
N PRO A 236 -33.64 -15.21 25.48
CA PRO A 236 -34.15 -15.04 24.12
C PRO A 236 -33.14 -14.34 23.21
N PRO A 237 -33.42 -14.33 21.89
CA PRO A 237 -32.59 -13.56 20.97
C PRO A 237 -32.74 -12.06 21.24
N ARG A 238 -31.69 -11.29 20.98
CA ARG A 238 -31.77 -9.84 21.10
C ARG A 238 -31.38 -9.17 19.79
N GLY A 239 -30.41 -9.74 19.09
CA GLY A 239 -29.96 -9.17 17.83
C GLY A 239 -30.16 -10.10 16.66
N ILE A 240 -31.03 -9.70 15.74
CA ILE A 240 -31.27 -10.44 14.52
C ILE A 240 -30.79 -9.62 13.34
N LEU A 241 -29.89 -10.19 12.55
CA LEU A 241 -29.28 -9.46 11.44
C LEU A 241 -29.81 -9.97 10.10
N LEU A 242 -30.59 -9.12 9.44
CA LEU A 242 -31.07 -9.42 8.09
C LEU A 242 -30.06 -8.90 7.08
N TYR A 243 -29.67 -9.74 6.13
CA TYR A 243 -28.75 -9.31 5.08
C TYR A 243 -29.14 -9.89 3.72
N GLY A 244 -28.77 -9.16 2.67
CA GLY A 244 -29.10 -9.52 1.31
C GLY A 244 -28.94 -8.32 0.41
N PRO A 245 -28.95 -8.54 -0.91
CA PRO A 245 -28.78 -7.42 -1.84
C PRO A 245 -29.77 -6.29 -1.55
N PRO A 246 -29.54 -5.11 -2.13
CA PRO A 246 -30.43 -3.97 -1.95
C PRO A 246 -31.79 -4.20 -2.58
N GLY A 247 -32.87 -3.84 -1.87
CA GLY A 247 -34.21 -3.90 -2.44
C GLY A 247 -34.87 -5.25 -2.29
N THR A 248 -34.30 -6.11 -1.44
CA THR A 248 -34.81 -7.47 -1.28
C THR A 248 -35.92 -7.55 -0.23
N GLY A 249 -36.19 -6.44 0.44
CA GLY A 249 -37.29 -6.37 1.37
C GLY A 249 -36.90 -6.53 2.82
N LYS A 250 -35.64 -6.22 3.14
CA LYS A 250 -35.17 -6.31 4.52
C LYS A 250 -35.93 -5.30 5.39
N THR A 251 -35.99 -4.05 4.95
CA THR A 251 -36.72 -3.03 5.67
C THR A 251 -38.20 -3.38 5.73
N LEU A 252 -38.70 -3.97 4.64
CA LEU A 252 -40.09 -4.38 4.55
C LEU A 252 -40.43 -5.44 5.59
N ILE A 253 -39.61 -6.49 5.64
CA ILE A 253 -39.83 -7.59 6.57
C ILE A 253 -39.82 -7.09 8.00
N ALA A 254 -38.86 -6.25 8.35
CA ALA A 254 -38.75 -5.71 9.69
C ALA A 254 -40.06 -5.05 10.07
N ARG A 255 -40.58 -4.21 9.18
CA ARG A 255 -41.80 -3.45 9.43
C ARG A 255 -43.00 -4.38 9.59
N ALA A 256 -43.07 -5.38 8.72
CA ALA A 256 -44.17 -6.35 8.75
C ALA A 256 -44.21 -7.09 10.08
N VAL A 257 -43.07 -7.62 10.49
CA VAL A 257 -42.99 -8.39 11.73
C VAL A 257 -43.40 -7.53 12.92
N ALA A 258 -43.01 -6.26 12.88
CA ALA A 258 -43.34 -5.33 13.96
C ALA A 258 -44.86 -5.14 14.06
N ASN A 259 -45.49 -4.87 12.92
CA ASN A 259 -46.93 -4.62 12.88
C ASN A 259 -47.74 -5.87 13.21
N GLU A 260 -47.36 -6.99 12.63
CA GLU A 260 -48.10 -8.24 12.80
C GLU A 260 -48.03 -8.74 14.25
N THR A 261 -46.93 -8.41 14.94
CA THR A 261 -46.80 -8.77 16.34
C THR A 261 -47.37 -7.68 17.23
N GLY A 262 -47.52 -6.48 16.67
CA GLY A 262 -48.06 -5.35 17.40
C GLY A 262 -47.05 -4.70 18.32
N ALA A 263 -45.77 -5.01 18.10
CA ALA A 263 -44.71 -4.45 18.92
C ALA A 263 -44.41 -3.02 18.49
N PHE A 264 -43.83 -2.23 19.40
CA PHE A 264 -43.44 -0.87 19.07
C PHE A 264 -42.24 -0.86 18.14
N PHE A 265 -42.33 -0.08 17.07
CA PHE A 265 -41.30 -0.07 16.04
C PHE A 265 -40.54 1.26 16.03
N PHE A 266 -39.26 1.20 16.37
CA PHE A 266 -38.40 2.39 16.32
C PHE A 266 -37.33 2.21 15.27
N LEU A 267 -37.39 3.03 14.23
CA LEU A 267 -36.45 2.94 13.13
C LEU A 267 -35.22 3.81 13.33
N ILE A 268 -34.05 3.23 13.09
CA ILE A 268 -32.79 3.95 13.09
C ILE A 268 -32.15 3.82 11.72
N ASN A 269 -32.14 4.91 10.97
CA ASN A 269 -31.54 4.90 9.64
C ASN A 269 -30.07 5.29 9.70
N GLY A 270 -29.20 4.37 9.29
CA GLY A 270 -27.77 4.59 9.35
C GLY A 270 -27.35 5.96 8.83
N PRO A 271 -27.59 6.21 7.54
CA PRO A 271 -27.27 7.50 6.93
C PRO A 271 -27.78 8.70 7.71
N GLU A 272 -29.00 8.61 8.24
CA GLU A 272 -29.58 9.73 8.97
C GLU A 272 -28.76 10.03 10.23
N ILE A 273 -28.42 8.99 10.98
CA ILE A 273 -27.60 9.15 12.18
C ILE A 273 -26.22 9.69 11.86
N MET A 274 -25.63 9.21 10.77
CA MET A 274 -24.27 9.60 10.43
C MET A 274 -24.21 10.96 9.73
N SER A 275 -25.38 11.54 9.47
CA SER A 275 -25.47 12.86 8.87
C SER A 275 -25.50 13.93 9.94
N LYS A 276 -25.60 13.50 11.20
CA LYS A 276 -25.69 14.43 12.31
C LYS A 276 -24.31 14.70 12.91
N LEU A 277 -24.24 15.75 13.73
CA LEU A 277 -23.00 16.14 14.39
C LEU A 277 -22.50 15.00 15.29
N ALA A 278 -21.26 15.11 15.76
CA ALA A 278 -20.65 14.06 16.57
C ALA A 278 -21.53 13.68 17.75
N GLY A 279 -21.81 14.65 18.61
CA GLY A 279 -22.59 14.40 19.81
C GLY A 279 -24.00 13.92 19.52
N GLU A 280 -24.60 14.46 18.46
CA GLU A 280 -25.99 14.16 18.15
C GLU A 280 -26.15 12.69 17.75
N SER A 281 -25.19 12.17 17.00
CA SER A 281 -25.28 10.78 16.54
C SER A 281 -25.36 9.83 17.72
N GLU A 282 -24.41 9.96 18.65
CA GLU A 282 -24.36 9.08 19.79
C GLU A 282 -25.62 9.21 20.64
N SER A 283 -26.09 10.45 20.82
CA SER A 283 -27.27 10.72 21.65
C SER A 283 -28.51 10.11 21.04
N ASN A 284 -28.66 10.28 19.72
CA ASN A 284 -29.80 9.77 18.99
C ASN A 284 -29.93 8.25 19.12
N LEU A 285 -28.79 7.56 19.08
CA LEU A 285 -28.76 6.13 19.34
C LEU A 285 -29.29 5.84 20.74
N ARG A 286 -28.82 6.62 21.71
CA ARG A 286 -29.21 6.42 23.10
C ARG A 286 -30.73 6.55 23.26
N LYS A 287 -31.28 7.63 22.73
CA LYS A 287 -32.70 7.91 22.86
C LYS A 287 -33.53 6.80 22.23
N ALA A 288 -33.07 6.29 21.10
CA ALA A 288 -33.79 5.23 20.40
C ALA A 288 -33.96 4.01 21.28
N PHE A 289 -32.87 3.58 21.92
CA PHE A 289 -32.93 2.42 22.80
C PHE A 289 -33.79 2.69 24.03
N GLU A 290 -33.62 3.88 24.61
CA GLU A 290 -34.38 4.25 25.80
C GLU A 290 -35.87 4.29 25.51
N GLU A 291 -36.24 4.78 24.32
CA GLU A 291 -37.64 4.87 23.95
C GLU A 291 -38.23 3.49 23.72
N ALA A 292 -37.43 2.59 23.16
CA ALA A 292 -37.88 1.22 22.90
C ALA A 292 -38.16 0.47 24.19
N GLU A 293 -37.30 0.62 25.19
CA GLU A 293 -37.49 -0.02 26.47
C GLU A 293 -38.73 0.55 27.17
N LYS A 294 -38.99 1.83 26.93
CA LYS A 294 -40.12 2.51 27.52
C LYS A 294 -41.42 1.94 26.95
N ASN A 295 -41.39 1.61 25.66
CA ASN A 295 -42.57 1.09 24.98
C ASN A 295 -42.43 -0.39 24.65
N ALA A 296 -41.80 -1.13 25.55
CA ALA A 296 -41.67 -2.57 25.39
C ALA A 296 -43.05 -3.22 25.54
N PRO A 297 -43.30 -4.30 24.80
CA PRO A 297 -42.38 -4.94 23.86
C PRO A 297 -42.13 -4.08 22.63
N ALA A 298 -40.93 -4.16 22.06
CA ALA A 298 -40.56 -3.30 20.95
C ALA A 298 -39.52 -3.95 20.03
N ILE A 299 -39.50 -3.49 18.78
CA ILE A 299 -38.47 -3.88 17.83
C ILE A 299 -37.72 -2.64 17.35
N ILE A 300 -36.43 -2.58 17.68
CA ILE A 300 -35.57 -1.53 17.15
C ILE A 300 -34.97 -2.03 15.84
N PHE A 301 -35.23 -1.30 14.76
CA PHE A 301 -34.68 -1.68 13.46
C PHE A 301 -33.59 -0.70 13.01
N ILE A 302 -32.37 -1.19 12.89
CA ILE A 302 -31.26 -0.37 12.42
C ILE A 302 -31.07 -0.61 10.93
N ASP A 303 -31.57 0.31 10.13
CA ASP A 303 -31.51 0.19 8.68
C ASP A 303 -30.16 0.68 8.16
N GLU A 304 -29.61 -0.03 7.19
CA GLU A 304 -28.29 0.29 6.64
C GLU A 304 -27.26 0.36 7.77
N LEU A 305 -27.10 -0.74 8.49
CA LEU A 305 -26.19 -0.81 9.63
C LEU A 305 -24.74 -0.47 9.25
N ASP A 306 -24.31 -0.91 8.08
CA ASP A 306 -22.93 -0.72 7.66
C ASP A 306 -22.54 0.76 7.60
N ALA A 307 -23.53 1.64 7.52
CA ALA A 307 -23.27 3.08 7.53
C ALA A 307 -22.76 3.53 8.89
N ILE A 308 -23.19 2.85 9.95
CA ILE A 308 -22.79 3.21 11.31
C ILE A 308 -21.57 2.42 11.78
N ALA A 309 -21.57 1.13 11.47
CA ALA A 309 -20.53 0.22 11.98
C ALA A 309 -19.93 -0.63 10.88
N PRO A 310 -19.07 -0.04 10.05
CA PRO A 310 -18.33 -0.78 9.02
C PRO A 310 -17.10 -1.49 9.58
N LYS A 311 -16.39 -2.21 8.70
CA LYS A 311 -15.18 -2.93 9.09
C LYS A 311 -14.28 -2.07 9.96
N ARG A 312 -13.64 -2.68 10.96
CA ARG A 312 -12.81 -1.96 11.91
C ARG A 312 -11.72 -1.18 11.19
N GLU A 313 -11.25 -1.72 10.06
CA GLU A 313 -10.22 -1.09 9.25
C GLU A 313 -10.78 0.08 8.44
N LYS A 314 -12.06 -0.02 8.09
CA LYS A 314 -12.71 0.95 7.22
C LYS A 314 -13.27 2.12 8.02
N THR A 315 -13.07 2.07 9.33
CA THR A 315 -13.66 3.05 10.25
C THR A 315 -12.76 4.24 10.54
N HIS A 316 -11.49 4.18 10.11
CA HIS A 316 -10.54 5.25 10.42
C HIS A 316 -11.21 6.62 10.55
N GLY A 317 -10.96 7.24 11.69
CA GLY A 317 -11.61 8.46 12.10
C GLY A 317 -12.07 8.27 13.53
N GLU A 318 -11.70 9.20 14.39
CA GLU A 318 -11.92 9.07 15.83
C GLU A 318 -13.41 9.01 16.19
N VAL A 319 -14.20 9.94 15.66
CA VAL A 319 -15.60 10.04 16.04
C VAL A 319 -16.40 8.82 15.59
N GLU A 320 -16.02 8.25 14.44
CA GLU A 320 -16.76 7.12 13.90
C GLU A 320 -16.59 5.88 14.77
N ARG A 321 -15.38 5.67 15.28
CA ARG A 321 -15.16 4.53 16.17
C ARG A 321 -15.95 4.70 17.46
N ARG A 322 -16.11 5.94 17.91
CA ARG A 322 -16.85 6.20 19.14
C ARG A 322 -18.30 5.77 18.98
N ILE A 323 -18.87 6.00 17.80
CA ILE A 323 -20.26 5.63 17.54
C ILE A 323 -20.44 4.12 17.52
N VAL A 324 -19.48 3.40 16.93
CA VAL A 324 -19.56 1.95 16.86
C VAL A 324 -19.54 1.39 18.28
N SER A 325 -18.62 1.90 19.08
CA SER A 325 -18.52 1.49 20.47
C SER A 325 -19.82 1.81 21.20
N GLN A 326 -20.36 3.00 20.94
CA GLN A 326 -21.62 3.41 21.53
C GLN A 326 -22.69 2.38 21.25
N LEU A 327 -22.75 1.91 20.00
CA LEU A 327 -23.74 0.93 19.59
C LEU A 327 -23.50 -0.41 20.28
N LEU A 328 -22.25 -0.85 20.31
CA LEU A 328 -21.92 -2.12 20.95
C LEU A 328 -22.36 -2.12 22.41
N THR A 329 -22.17 -0.99 23.08
CA THR A 329 -22.52 -0.86 24.49
C THR A 329 -24.02 -0.95 24.68
N LEU A 330 -24.77 -0.28 23.81
CA LEU A 330 -26.22 -0.29 23.87
C LEU A 330 -26.74 -1.72 23.72
N MET A 331 -26.13 -2.45 22.80
CA MET A 331 -26.49 -3.85 22.56
C MET A 331 -26.22 -4.69 23.81
N ASP A 332 -25.08 -4.46 24.45
CA ASP A 332 -24.77 -5.16 25.70
C ASP A 332 -25.70 -4.70 26.82
N GLY A 333 -26.13 -3.44 26.74
CA GLY A 333 -27.01 -2.87 27.75
C GLY A 333 -28.38 -3.50 27.72
N LEU A 334 -28.64 -4.34 26.73
CA LEU A 334 -29.91 -5.04 26.61
C LEU A 334 -29.97 -6.14 27.68
N LYS A 335 -28.90 -6.23 28.47
CA LYS A 335 -28.88 -7.08 29.66
C LYS A 335 -30.00 -6.68 30.62
N GLN A 336 -30.48 -5.45 30.49
CA GLN A 336 -31.67 -5.02 31.22
C GLN A 336 -32.80 -5.94 30.78
N ARG A 337 -32.75 -6.36 29.52
CA ARG A 337 -33.62 -7.40 29.00
C ARG A 337 -35.09 -6.95 28.94
N ALA A 338 -35.32 -5.65 28.96
CA ALA A 338 -36.63 -5.09 28.70
C ALA A 338 -37.12 -5.56 27.34
N HIS A 339 -37.98 -6.56 27.35
CA HIS A 339 -38.54 -7.17 26.14
C HIS A 339 -38.30 -6.34 24.88
N VAL A 340 -37.04 -6.21 24.46
CA VAL A 340 -36.72 -5.50 23.21
C VAL A 340 -35.88 -6.36 22.28
N ILE A 341 -36.27 -6.40 21.02
CA ILE A 341 -35.52 -7.11 20.00
C ILE A 341 -34.91 -6.09 19.04
N VAL A 342 -33.64 -6.27 18.72
CA VAL A 342 -32.97 -5.38 17.78
C VAL A 342 -32.77 -6.11 16.45
N MET A 343 -33.39 -5.61 15.40
CA MET A 343 -33.18 -6.14 14.07
C MET A 343 -32.35 -5.15 13.27
N ALA A 344 -31.48 -5.66 12.40
CA ALA A 344 -30.60 -4.80 11.63
C ALA A 344 -30.46 -5.32 10.21
N ALA A 345 -30.23 -4.41 9.28
CA ALA A 345 -30.11 -4.76 7.86
C ALA A 345 -28.80 -4.25 7.27
N THR A 346 -28.18 -5.08 6.43
CA THR A 346 -26.98 -4.65 5.72
C THR A 346 -26.82 -5.40 4.39
N ASN A 347 -26.33 -4.70 3.39
CA ASN A 347 -26.10 -5.29 2.08
C ASN A 347 -24.90 -6.23 2.13
N ARG A 348 -23.94 -5.90 3.00
CA ARG A 348 -22.68 -6.63 3.07
C ARG A 348 -22.49 -7.23 4.47
N PRO A 349 -22.68 -8.54 4.60
CA PRO A 349 -22.48 -9.17 5.91
C PRO A 349 -21.07 -8.94 6.46
N ASN A 350 -20.07 -8.92 5.59
CA ASN A 350 -18.69 -8.73 6.03
C ASN A 350 -18.35 -7.28 6.39
N SER A 351 -19.10 -6.32 5.87
CA SER A 351 -18.77 -4.92 6.11
C SER A 351 -19.01 -4.54 7.55
N ILE A 352 -19.94 -5.23 8.20
CA ILE A 352 -20.28 -4.97 9.58
C ILE A 352 -19.10 -5.28 10.50
N ASP A 353 -18.88 -4.43 11.48
CA ASP A 353 -17.85 -4.68 12.48
C ASP A 353 -18.09 -6.05 13.12
N PRO A 354 -17.14 -6.97 12.97
CA PRO A 354 -17.32 -8.34 13.48
C PRO A 354 -17.66 -8.39 14.96
N ALA A 355 -17.33 -7.34 15.70
CA ALA A 355 -17.68 -7.26 17.11
C ALA A 355 -19.20 -7.34 17.30
N LEU A 356 -19.94 -6.93 16.27
CA LEU A 356 -21.39 -6.92 16.32
C LEU A 356 -21.97 -8.33 16.18
N ARG A 357 -21.24 -9.22 15.52
CA ARG A 357 -21.72 -10.59 15.34
C ARG A 357 -21.44 -11.46 16.56
N ARG A 358 -20.91 -10.84 17.61
CA ARG A 358 -20.58 -11.57 18.82
C ARG A 358 -21.83 -11.96 19.60
N PHE A 359 -21.69 -12.98 20.45
CA PHE A 359 -22.82 -13.46 21.25
C PHE A 359 -23.31 -12.33 22.16
N GLY A 360 -24.62 -12.26 22.37
CA GLY A 360 -25.19 -11.24 23.21
C GLY A 360 -25.59 -10.00 22.43
N ARG A 361 -25.09 -9.92 21.19
CA ARG A 361 -25.45 -8.82 20.30
C ARG A 361 -26.23 -9.37 19.11
N PHE A 362 -25.70 -9.22 17.91
CA PHE A 362 -26.34 -9.81 16.73
C PHE A 362 -25.89 -11.25 16.53
N ASP A 363 -26.44 -12.13 17.35
CA ASP A 363 -26.04 -13.54 17.36
C ASP A 363 -26.88 -14.38 16.40
N ARG A 364 -27.84 -13.74 15.71
CA ARG A 364 -28.66 -14.46 14.74
C ARG A 364 -28.62 -13.77 13.38
N GLU A 365 -28.48 -14.57 12.33
CA GLU A 365 -28.41 -14.06 10.96
C GLU A 365 -29.46 -14.74 10.09
N VAL A 366 -30.03 -13.98 9.15
CA VAL A 366 -31.02 -14.52 8.23
C VAL A 366 -30.72 -14.03 6.82
N ASP A 367 -30.46 -14.97 5.90
CA ASP A 367 -30.13 -14.62 4.53
C ASP A 367 -31.38 -14.48 3.66
N ILE A 368 -31.74 -13.24 3.38
CA ILE A 368 -32.87 -12.95 2.50
C ILE A 368 -32.34 -12.75 1.09
N GLY A 369 -32.02 -13.86 0.43
CA GLY A 369 -31.40 -13.79 -0.88
C GLY A 369 -32.32 -13.24 -1.94
N ILE A 370 -31.96 -13.47 -3.21
CA ILE A 370 -32.77 -13.03 -4.33
C ILE A 370 -33.89 -14.03 -4.60
N PRO A 371 -35.09 -13.53 -4.95
CA PRO A 371 -36.24 -14.41 -5.19
C PRO A 371 -36.08 -15.29 -6.42
N ASP A 372 -36.60 -16.51 -6.36
CA ASP A 372 -36.60 -17.39 -7.52
C ASP A 372 -37.81 -17.11 -8.40
N ALA A 373 -37.95 -17.85 -9.49
CA ALA A 373 -39.04 -17.65 -10.42
C ALA A 373 -40.38 -17.56 -9.70
N THR A 374 -40.70 -18.58 -8.92
CA THR A 374 -41.96 -18.62 -8.17
C THR A 374 -42.11 -17.41 -7.27
N GLY A 375 -41.01 -17.03 -6.63
CA GLY A 375 -41.02 -15.90 -5.72
C GLY A 375 -41.38 -14.63 -6.47
N ARG A 376 -40.69 -14.38 -7.58
CA ARG A 376 -40.94 -13.17 -8.35
C ARG A 376 -42.41 -13.09 -8.76
N LEU A 377 -43.00 -14.22 -9.13
CA LEU A 377 -44.41 -14.25 -9.48
C LEU A 377 -45.23 -13.77 -8.30
N GLU A 378 -44.91 -14.29 -7.13
CA GLU A 378 -45.60 -13.91 -5.90
C GLU A 378 -45.46 -12.41 -5.71
N ILE A 379 -44.26 -11.90 -5.95
CA ILE A 379 -43.99 -10.47 -5.80
C ILE A 379 -44.85 -9.66 -6.76
N LEU A 380 -44.85 -10.07 -8.03
CA LEU A 380 -45.60 -9.39 -9.06
C LEU A 380 -47.08 -9.29 -8.69
N GLN A 381 -47.60 -10.35 -8.07
CA GLN A 381 -49.00 -10.38 -7.67
C GLN A 381 -49.30 -9.32 -6.61
N ILE A 382 -48.33 -9.06 -5.75
CA ILE A 382 -48.49 -8.10 -4.66
C ILE A 382 -48.60 -6.68 -5.19
N HIS A 383 -47.80 -6.36 -6.20
CA HIS A 383 -47.74 -5.01 -6.76
C HIS A 383 -48.65 -4.81 -7.96
N THR A 384 -49.53 -5.77 -8.22
CA THR A 384 -50.55 -5.63 -9.25
C THR A 384 -51.94 -5.73 -8.64
N LYS A 385 -52.01 -5.67 -7.32
CA LYS A 385 -53.27 -5.76 -6.60
C LYS A 385 -54.26 -4.68 -7.03
N ASN A 386 -53.79 -3.44 -7.08
CA ASN A 386 -54.66 -2.29 -7.29
C ASN A 386 -54.84 -1.89 -8.75
N MET A 387 -54.13 -2.57 -9.64
CA MET A 387 -54.22 -2.27 -11.07
C MET A 387 -55.14 -3.25 -11.78
N LYS A 388 -55.94 -2.74 -12.71
CA LYS A 388 -56.74 -3.62 -13.57
C LYS A 388 -55.87 -4.17 -14.70
N LEU A 389 -55.63 -5.47 -14.67
CA LEU A 389 -54.77 -6.12 -15.66
C LEU A 389 -55.62 -6.79 -16.74
N ALA A 390 -55.25 -6.60 -17.99
CA ALA A 390 -55.96 -7.22 -19.11
C ALA A 390 -55.80 -8.74 -19.06
N ASP A 391 -56.61 -9.45 -19.84
CA ASP A 391 -56.61 -10.90 -19.82
C ASP A 391 -55.36 -11.48 -20.50
N ASP A 392 -54.83 -10.75 -21.48
CA ASP A 392 -53.68 -11.21 -22.23
C ASP A 392 -52.40 -11.25 -21.39
N VAL A 393 -52.45 -10.62 -20.22
CA VAL A 393 -51.30 -10.56 -19.34
C VAL A 393 -50.99 -11.91 -18.71
N ASP A 394 -49.72 -12.31 -18.75
CA ASP A 394 -49.27 -13.57 -18.15
C ASP A 394 -48.08 -13.31 -17.24
N LEU A 395 -48.35 -13.10 -15.96
CA LEU A 395 -47.31 -12.74 -15.01
C LEU A 395 -46.24 -13.83 -14.87
N GLU A 396 -46.62 -15.09 -15.06
CA GLU A 396 -45.67 -16.18 -14.92
C GLU A 396 -44.54 -16.04 -15.95
N GLN A 397 -44.90 -15.56 -17.15
CA GLN A 397 -43.90 -15.30 -18.17
C GLN A 397 -42.99 -14.19 -17.68
N VAL A 398 -43.58 -13.11 -17.20
CA VAL A 398 -42.82 -11.97 -16.72
C VAL A 398 -41.84 -12.43 -15.65
N ALA A 399 -42.31 -13.28 -14.74
CA ALA A 399 -41.47 -13.81 -13.68
C ALA A 399 -40.31 -14.60 -14.26
N ASN A 400 -40.61 -15.41 -15.27
CA ASN A 400 -39.62 -16.30 -15.87
C ASN A 400 -38.56 -15.49 -16.60
N GLU A 401 -39.00 -14.37 -17.17
CA GLU A 401 -38.17 -13.56 -18.04
C GLU A 401 -37.25 -12.66 -17.21
N THR A 402 -37.77 -12.20 -16.06
CA THR A 402 -37.04 -11.29 -15.18
C THR A 402 -36.05 -11.98 -14.24
N HIS A 403 -35.06 -12.66 -14.80
CA HIS A 403 -34.01 -13.24 -13.98
C HIS A 403 -33.13 -12.14 -13.41
N GLY A 404 -32.54 -12.38 -12.25
CA GLY A 404 -31.66 -11.41 -11.63
C GLY A 404 -32.41 -10.20 -11.11
N HIS A 405 -33.74 -10.31 -11.06
CA HIS A 405 -34.57 -9.23 -10.55
C HIS A 405 -34.82 -9.38 -9.05
N VAL A 406 -34.81 -8.24 -8.36
CA VAL A 406 -35.05 -8.19 -6.93
C VAL A 406 -36.41 -7.57 -6.66
N GLY A 407 -36.96 -7.81 -5.47
CA GLY A 407 -38.25 -7.26 -5.10
C GLY A 407 -38.50 -5.86 -5.63
N ALA A 408 -37.63 -4.92 -5.27
CA ALA A 408 -37.75 -3.54 -5.72
C ALA A 408 -37.74 -3.40 -7.24
N ASP A 409 -36.98 -4.26 -7.92
CA ASP A 409 -36.93 -4.22 -9.38
C ASP A 409 -38.31 -4.53 -9.96
N LEU A 410 -38.93 -5.60 -9.48
CA LEU A 410 -40.24 -6.00 -9.94
C LEU A 410 -41.26 -4.92 -9.58
N ALA A 411 -41.18 -4.44 -8.35
CA ALA A 411 -42.06 -3.39 -7.87
C ALA A 411 -41.97 -2.15 -8.76
N ALA A 412 -40.75 -1.87 -9.22
CA ALA A 412 -40.52 -0.71 -10.07
C ALA A 412 -41.07 -0.95 -11.46
N LEU A 413 -40.84 -2.14 -12.00
CA LEU A 413 -41.30 -2.48 -13.34
C LEU A 413 -42.82 -2.46 -13.40
N CYS A 414 -43.49 -2.91 -12.33
CA CYS A 414 -44.94 -2.86 -12.27
C CYS A 414 -45.39 -1.40 -12.25
N SER A 415 -44.71 -0.57 -11.48
CA SER A 415 -45.03 0.85 -11.42
C SER A 415 -44.82 1.47 -12.78
N GLU A 416 -43.76 1.04 -13.46
CA GLU A 416 -43.40 1.59 -14.76
C GLU A 416 -44.36 1.14 -15.86
N ALA A 417 -44.86 -0.09 -15.75
CA ALA A 417 -45.81 -0.60 -16.73
C ALA A 417 -47.13 0.14 -16.62
N ALA A 418 -47.48 0.54 -15.39
CA ALA A 418 -48.70 1.29 -15.14
C ALA A 418 -48.55 2.71 -15.68
N LEU A 419 -47.42 3.33 -15.38
CA LEU A 419 -47.14 4.69 -15.82
C LEU A 419 -47.20 4.78 -17.35
N GLN A 420 -46.84 3.69 -18.02
CA GLN A 420 -46.92 3.64 -19.47
C GLN A 420 -48.37 3.54 -19.92
N ALA A 421 -49.15 2.71 -19.21
CA ALA A 421 -50.56 2.52 -19.51
C ALA A 421 -51.31 3.84 -19.33
N ILE A 422 -50.88 4.63 -18.35
CA ILE A 422 -51.48 5.94 -18.11
C ILE A 422 -51.12 6.90 -19.24
N ARG A 423 -49.84 6.96 -19.58
CA ARG A 423 -49.37 7.88 -20.61
C ARG A 423 -50.12 7.75 -21.94
N LYS A 424 -50.21 6.54 -22.48
CA LYS A 424 -50.82 6.37 -23.78
C LYS A 424 -52.32 6.59 -23.72
N LYS A 425 -52.92 6.35 -22.55
CA LYS A 425 -54.37 6.54 -22.40
C LYS A 425 -54.70 7.94 -21.90
N MET A 426 -53.70 8.69 -21.44
CA MET A 426 -53.95 10.06 -20.98
C MET A 426 -53.85 11.05 -22.14
N ASP A 427 -53.15 10.66 -23.20
CA ASP A 427 -53.09 11.45 -24.42
C ASP A 427 -54.46 12.06 -24.70
N LEU A 428 -55.49 11.22 -24.60
CA LEU A 428 -56.85 11.63 -24.91
C LEU A 428 -57.47 12.35 -23.71
N ILE A 429 -57.36 11.76 -22.53
CA ILE A 429 -57.82 12.37 -21.29
C ILE A 429 -57.43 13.85 -21.23
N ASP A 430 -56.21 14.13 -21.66
CA ASP A 430 -55.64 15.48 -21.62
C ASP A 430 -56.65 16.57 -21.98
N LEU A 431 -57.45 16.35 -23.02
CA LEU A 431 -58.50 17.31 -23.41
C LEU A 431 -59.22 17.92 -22.21
N GLU A 432 -59.07 17.27 -21.05
CA GLU A 432 -59.57 17.78 -19.78
C GLU A 432 -58.79 17.13 -18.65
N ASP A 433 -57.49 17.42 -18.61
CA ASP A 433 -56.58 16.90 -17.60
C ASP A 433 -57.06 17.21 -16.18
N GLU A 434 -56.89 18.47 -15.77
CA GLU A 434 -57.20 18.90 -14.41
C GLU A 434 -58.23 18.00 -13.70
N THR A 435 -59.32 17.64 -14.38
CA THR A 435 -60.37 16.82 -13.78
C THR A 435 -60.25 15.32 -14.08
N ILE A 436 -59.49 14.59 -13.27
CA ILE A 436 -59.42 13.13 -13.44
C ILE A 436 -60.22 12.47 -12.32
N ASP A 437 -61.02 11.46 -12.67
CA ASP A 437 -61.79 10.70 -11.68
C ASP A 437 -61.37 9.24 -11.63
N ALA A 438 -61.89 8.52 -10.62
CA ALA A 438 -61.61 7.10 -10.46
C ALA A 438 -62.22 6.35 -11.62
N GLU A 439 -63.40 6.82 -12.03
CA GLU A 439 -64.17 6.19 -13.09
C GLU A 439 -63.31 6.11 -14.35
N VAL A 440 -62.45 7.11 -14.53
CA VAL A 440 -61.54 7.16 -15.66
C VAL A 440 -60.38 6.19 -15.42
N MET A 441 -59.95 6.14 -14.17
CA MET A 441 -58.82 5.29 -13.76
C MET A 441 -59.17 3.81 -13.84
N ASN A 442 -60.45 3.50 -13.61
CA ASN A 442 -60.90 2.12 -13.63
C ASN A 442 -60.94 1.59 -15.07
N SER A 443 -61.29 2.46 -16.01
CA SER A 443 -61.32 2.09 -17.42
C SER A 443 -59.89 1.82 -17.88
N LEU A 444 -58.92 2.30 -17.12
CA LEU A 444 -57.51 2.07 -17.40
C LEU A 444 -57.07 0.63 -17.15
N ALA A 445 -56.75 -0.08 -18.23
CA ALA A 445 -56.22 -1.43 -18.13
C ALA A 445 -54.73 -1.40 -18.49
N VAL A 446 -53.99 -2.40 -18.02
CA VAL A 446 -52.57 -2.49 -18.32
C VAL A 446 -52.29 -3.71 -19.19
N THR A 447 -52.01 -3.47 -20.47
CA THR A 447 -51.82 -4.55 -21.44
C THR A 447 -50.50 -5.27 -21.19
N MET A 448 -50.37 -6.46 -21.78
CA MET A 448 -49.13 -7.22 -21.69
C MET A 448 -48.02 -6.45 -22.38
N ASP A 449 -48.38 -5.59 -23.33
CA ASP A 449 -47.41 -4.77 -24.03
C ASP A 449 -46.76 -3.79 -23.05
N ASP A 450 -47.57 -3.22 -22.15
CA ASP A 450 -47.06 -2.28 -21.16
C ASP A 450 -46.01 -2.93 -20.26
N PHE A 451 -46.09 -4.24 -20.08
CA PHE A 451 -45.08 -4.97 -19.32
C PHE A 451 -43.88 -5.27 -20.20
N ARG A 452 -44.16 -5.67 -21.44
CA ARG A 452 -43.10 -5.94 -22.40
C ARG A 452 -42.25 -4.69 -22.59
N TRP A 453 -42.89 -3.52 -22.58
CA TRP A 453 -42.19 -2.25 -22.69
C TRP A 453 -41.36 -1.98 -21.45
N ALA A 454 -41.98 -2.16 -20.28
CA ALA A 454 -41.31 -1.94 -19.01
C ALA A 454 -40.15 -2.91 -18.83
N LEU A 455 -40.27 -4.09 -19.43
CA LEU A 455 -39.23 -5.10 -19.34
C LEU A 455 -37.95 -4.62 -20.03
N SER A 456 -38.11 -3.99 -21.20
CA SER A 456 -36.98 -3.50 -21.97
C SER A 456 -36.28 -2.35 -21.24
N GLN A 457 -37.02 -1.69 -20.36
CA GLN A 457 -36.50 -0.51 -19.68
C GLN A 457 -35.93 -0.90 -18.32
N SER A 458 -35.88 -2.19 -18.03
CA SER A 458 -35.50 -2.68 -16.72
C SER A 458 -33.99 -2.70 -16.54
N ASN A 459 -33.53 -2.16 -15.40
CA ASN A 459 -32.13 -2.24 -15.03
C ASN A 459 -31.98 -3.19 -13.84
N PRO A 460 -31.99 -4.49 -14.11
CA PRO A 460 -31.86 -5.48 -13.03
C PRO A 460 -30.55 -5.30 -12.26
N SER A 461 -30.62 -5.48 -10.94
CA SER A 461 -29.48 -5.19 -10.07
C SER A 461 -28.66 -6.41 -9.69
N ALA A 462 -29.33 -7.56 -9.56
CA ALA A 462 -28.69 -8.75 -9.01
C ALA A 462 -28.33 -9.78 -10.08
N LEU A 463 -27.89 -9.33 -11.25
CA LEU A 463 -27.49 -10.27 -12.29
C LEU A 463 -26.15 -10.88 -11.91
N ARG A 464 -25.33 -10.08 -11.24
CA ARG A 464 -23.99 -10.48 -10.86
C ARG A 464 -23.99 -11.32 -9.58
N GLU A 465 -25.14 -11.37 -8.91
CA GLU A 465 -25.25 -12.14 -7.68
C GLU A 465 -25.22 -13.63 -7.99
N THR A 466 -24.60 -14.41 -7.12
CA THR A 466 -24.57 -15.86 -7.29
C THR A 466 -25.95 -16.39 -6.98
N VAL A 467 -26.48 -17.20 -7.90
CA VAL A 467 -27.86 -17.66 -7.78
C VAL A 467 -27.95 -18.91 -6.91
N VAL A 468 -28.94 -18.93 -6.03
CA VAL A 468 -29.18 -20.08 -5.16
C VAL A 468 -30.66 -20.45 -5.18
N GLU A 469 -30.99 -21.47 -5.95
CA GLU A 469 -32.37 -21.91 -6.08
C GLU A 469 -32.42 -23.34 -6.60
N VAL A 470 -33.62 -23.89 -6.74
CA VAL A 470 -33.78 -25.26 -7.21
C VAL A 470 -33.82 -25.28 -8.72
N PRO A 471 -32.91 -26.05 -9.35
CA PRO A 471 -32.84 -26.11 -10.82
C PRO A 471 -34.12 -26.65 -11.44
N GLN A 472 -34.41 -26.22 -12.67
CA GLN A 472 -35.58 -26.69 -13.38
C GLN A 472 -35.22 -27.77 -14.40
N VAL A 473 -33.96 -28.19 -14.39
CA VAL A 473 -33.49 -29.29 -15.24
C VAL A 473 -33.79 -30.62 -14.57
N THR A 474 -34.49 -31.50 -15.28
CA THR A 474 -34.87 -32.80 -14.72
C THR A 474 -34.17 -33.93 -15.48
N TRP A 475 -34.33 -35.15 -14.99
CA TRP A 475 -33.73 -36.31 -15.63
C TRP A 475 -34.18 -36.40 -17.09
N GLU A 476 -35.41 -35.96 -17.36
CA GLU A 476 -35.98 -36.07 -18.70
C GLU A 476 -35.18 -35.29 -19.73
N ASP A 477 -34.49 -34.25 -19.30
CA ASP A 477 -33.69 -33.43 -20.20
C ASP A 477 -32.36 -34.10 -20.53
N ILE A 478 -32.07 -35.20 -19.85
CA ILE A 478 -30.80 -35.91 -20.04
C ILE A 478 -31.06 -37.28 -20.65
N GLY A 479 -30.42 -37.55 -21.79
CA GLY A 479 -30.55 -38.81 -22.48
C GLY A 479 -29.45 -39.78 -22.09
N GLY A 480 -29.83 -41.02 -21.78
CA GLY A 480 -28.87 -42.03 -21.38
C GLY A 480 -28.38 -41.81 -19.96
N LEU A 481 -27.19 -42.32 -19.65
CA LEU A 481 -26.60 -42.15 -18.33
C LEU A 481 -27.56 -42.62 -17.24
N GLU A 482 -28.42 -43.58 -17.57
CA GLU A 482 -29.44 -44.03 -16.64
C GLU A 482 -28.84 -44.52 -15.33
N ASP A 483 -27.87 -45.42 -15.43
CA ASP A 483 -27.24 -46.00 -14.23
C ASP A 483 -26.51 -44.93 -13.44
N VAL A 484 -26.02 -43.90 -14.12
CA VAL A 484 -25.33 -42.80 -13.45
C VAL A 484 -26.35 -42.00 -12.64
N LYS A 485 -27.52 -41.78 -13.20
CA LYS A 485 -28.60 -41.11 -12.50
C LYS A 485 -28.91 -41.91 -11.23
N ARG A 486 -28.88 -43.23 -11.37
CA ARG A 486 -29.15 -44.14 -10.26
C ARG A 486 -28.15 -43.93 -9.14
N GLU A 487 -26.86 -43.97 -9.47
CA GLU A 487 -25.81 -43.82 -8.48
C GLU A 487 -25.88 -42.46 -7.79
N LEU A 488 -26.38 -41.45 -8.51
CA LEU A 488 -26.51 -40.11 -7.95
C LEU A 488 -27.63 -40.05 -6.92
N GLN A 489 -28.70 -40.80 -7.16
CA GLN A 489 -29.81 -40.85 -6.22
C GLN A 489 -29.36 -41.50 -4.92
N GLU A 490 -28.52 -42.53 -5.05
CA GLU A 490 -27.98 -43.23 -3.88
C GLU A 490 -27.05 -42.32 -3.09
N LEU A 491 -26.23 -41.54 -3.80
CA LEU A 491 -25.21 -40.71 -3.15
C LEU A 491 -25.79 -39.45 -2.50
N VAL A 492 -26.80 -38.88 -3.12
CA VAL A 492 -27.34 -37.60 -2.65
C VAL A 492 -28.71 -37.75 -1.99
N GLN A 493 -29.61 -38.50 -2.61
CA GLN A 493 -30.99 -38.58 -2.16
C GLN A 493 -31.16 -39.49 -0.95
N TYR A 494 -30.64 -40.71 -1.03
CA TYR A 494 -30.82 -41.69 0.04
C TYR A 494 -30.43 -41.15 1.42
N PRO A 495 -29.23 -40.56 1.53
CA PRO A 495 -28.81 -40.05 2.84
C PRO A 495 -29.72 -38.95 3.37
N VAL A 496 -30.47 -38.30 2.49
CA VAL A 496 -31.40 -37.25 2.91
C VAL A 496 -32.76 -37.85 3.26
N GLU A 497 -33.26 -38.72 2.40
CA GLU A 497 -34.61 -39.25 2.53
C GLU A 497 -34.70 -40.46 3.46
N HIS A 498 -33.56 -41.11 3.71
CA HIS A 498 -33.54 -42.32 4.53
C HIS A 498 -32.34 -42.35 5.48
N PRO A 499 -32.22 -41.34 6.34
CA PRO A 499 -31.09 -41.27 7.28
C PRO A 499 -31.04 -42.44 8.26
N ASP A 500 -32.21 -42.91 8.70
CA ASP A 500 -32.27 -44.01 9.66
C ASP A 500 -31.50 -45.24 9.17
N LYS A 501 -31.62 -45.53 7.88
CA LYS A 501 -30.99 -46.71 7.30
C LYS A 501 -29.47 -46.66 7.43
N PHE A 502 -28.89 -45.51 7.11
CA PHE A 502 -27.45 -45.34 7.17
C PHE A 502 -26.92 -45.52 8.58
N LEU A 503 -27.72 -45.13 9.57
CA LEU A 503 -27.28 -45.18 10.95
C LEU A 503 -27.20 -46.65 11.41
N LYS A 504 -28.14 -47.47 10.94
CA LYS A 504 -28.15 -48.88 11.29
C LYS A 504 -26.96 -49.64 10.72
N PHE A 505 -26.55 -49.28 9.51
CA PHE A 505 -25.40 -49.91 8.88
C PHE A 505 -24.09 -49.32 9.39
N GLY A 506 -24.17 -48.17 10.05
CA GLY A 506 -23.03 -47.59 10.71
C GLY A 506 -21.98 -47.00 9.79
N MET A 507 -22.38 -46.61 8.58
CA MET A 507 -21.47 -45.96 7.65
C MET A 507 -21.83 -44.51 7.46
N THR A 508 -20.82 -43.67 7.29
CA THR A 508 -21.05 -42.27 6.96
C THR A 508 -20.95 -42.14 5.45
N PRO A 509 -21.91 -41.42 4.83
CA PRO A 509 -21.92 -41.36 3.36
C PRO A 509 -20.87 -40.41 2.79
N SER A 510 -20.44 -40.67 1.56
CA SER A 510 -19.41 -39.85 0.93
C SER A 510 -19.86 -38.40 0.84
N LYS A 511 -18.89 -37.49 0.80
CA LYS A 511 -19.19 -36.06 0.85
C LYS A 511 -19.46 -35.50 -0.54
N GLY A 512 -18.66 -35.91 -1.51
CA GLY A 512 -18.74 -35.31 -2.84
C GLY A 512 -18.40 -36.25 -3.98
N VAL A 513 -18.65 -35.77 -5.19
CA VAL A 513 -18.46 -36.55 -6.41
C VAL A 513 -17.62 -35.75 -7.41
N LEU A 514 -16.95 -36.46 -8.31
CA LEU A 514 -16.22 -35.80 -9.39
C LEU A 514 -16.61 -36.40 -10.74
N PHE A 515 -17.28 -35.60 -11.56
CA PHE A 515 -17.58 -35.97 -12.94
C PHE A 515 -16.37 -35.69 -13.81
N TYR A 516 -16.00 -36.65 -14.65
CA TYR A 516 -14.89 -36.46 -15.59
C TYR A 516 -15.14 -37.26 -16.85
N GLY A 517 -14.82 -36.66 -18.00
CA GLY A 517 -15.02 -37.30 -19.28
C GLY A 517 -14.88 -36.31 -20.41
N PRO A 518 -15.12 -36.77 -21.65
CA PRO A 518 -15.03 -35.89 -22.82
C PRO A 518 -16.03 -34.74 -22.74
N PRO A 519 -15.73 -33.63 -23.42
CA PRO A 519 -16.57 -32.42 -23.39
C PRO A 519 -17.96 -32.62 -23.97
N GLY A 520 -18.96 -32.01 -23.33
CA GLY A 520 -20.32 -31.96 -23.85
C GLY A 520 -21.03 -33.30 -23.78
N CYS A 521 -20.98 -33.93 -22.62
CA CYS A 521 -21.61 -35.24 -22.45
C CYS A 521 -22.61 -35.27 -21.29
N GLY A 522 -22.81 -34.13 -20.65
CA GLY A 522 -23.89 -33.97 -19.68
C GLY A 522 -23.48 -33.83 -18.24
N LYS A 523 -22.24 -33.43 -18.00
CA LYS A 523 -21.76 -33.27 -16.63
C LYS A 523 -22.50 -32.16 -15.88
N THR A 524 -22.66 -31.01 -16.53
CA THR A 524 -23.37 -29.89 -15.91
C THR A 524 -24.84 -30.24 -15.70
N LEU A 525 -25.43 -30.94 -16.66
CA LEU A 525 -26.84 -31.31 -16.58
C LEU A 525 -27.10 -32.22 -15.39
N LEU A 526 -26.24 -33.21 -15.20
CA LEU A 526 -26.40 -34.17 -14.11
C LEU A 526 -26.40 -33.46 -12.75
N ALA A 527 -25.50 -32.51 -12.59
CA ALA A 527 -25.38 -31.77 -11.33
C ALA A 527 -26.71 -31.09 -11.00
N LYS A 528 -27.31 -30.45 -11.99
CA LYS A 528 -28.57 -29.76 -11.80
C LYS A 528 -29.72 -30.75 -11.65
N ALA A 529 -29.65 -31.84 -12.40
CA ALA A 529 -30.70 -32.85 -12.41
C ALA A 529 -30.87 -33.48 -11.02
N ILE A 530 -29.77 -33.96 -10.45
CA ILE A 530 -29.84 -34.59 -9.14
C ILE A 530 -30.36 -33.62 -8.08
N ALA A 531 -30.04 -32.34 -8.23
CA ALA A 531 -30.53 -31.32 -7.32
C ALA A 531 -32.05 -31.20 -7.49
N ASN A 532 -32.49 -31.27 -8.75
CA ASN A 532 -33.90 -31.19 -9.07
C ASN A 532 -34.68 -32.35 -8.48
N GLU A 533 -34.09 -33.54 -8.56
CA GLU A 533 -34.71 -34.76 -8.03
C GLU A 533 -34.90 -34.68 -6.52
N CYS A 534 -33.94 -34.07 -5.84
CA CYS A 534 -33.98 -33.97 -4.39
C CYS A 534 -34.67 -32.69 -3.93
N GLN A 535 -35.20 -31.93 -4.87
CA GLN A 535 -35.79 -30.63 -4.56
C GLN A 535 -34.89 -29.85 -3.60
N ALA A 536 -33.59 -29.93 -3.84
CA ALA A 536 -32.60 -29.27 -2.99
C ALA A 536 -31.97 -28.10 -3.74
N ASN A 537 -31.58 -27.07 -2.99
CA ASN A 537 -30.95 -25.91 -3.59
C ASN A 537 -29.68 -26.28 -4.35
N PHE A 538 -29.30 -25.43 -5.29
CA PHE A 538 -28.18 -25.69 -6.18
C PHE A 538 -27.34 -24.43 -6.35
N ILE A 539 -26.03 -24.58 -6.22
CA ILE A 539 -25.12 -23.46 -6.41
C ILE A 539 -24.03 -23.83 -7.41
N SER A 540 -24.01 -23.13 -8.53
CA SER A 540 -23.01 -23.39 -9.56
C SER A 540 -21.92 -22.33 -9.51
N ILE A 541 -20.67 -22.78 -9.50
CA ILE A 541 -19.53 -21.88 -9.54
C ILE A 541 -18.50 -22.40 -10.53
N LYS A 542 -18.43 -21.73 -11.68
CA LYS A 542 -17.55 -22.13 -12.76
C LYS A 542 -16.11 -21.66 -12.54
N GLY A 543 -15.16 -22.43 -13.08
CA GLY A 543 -13.75 -22.11 -12.95
C GLY A 543 -13.43 -20.63 -13.11
N PRO A 544 -13.78 -20.06 -14.28
CA PRO A 544 -13.54 -18.64 -14.56
C PRO A 544 -14.06 -17.71 -13.46
N GLU A 545 -15.18 -18.06 -12.83
CA GLU A 545 -15.71 -17.25 -11.74
C GLU A 545 -14.72 -17.15 -10.59
N LEU A 546 -14.00 -18.24 -10.33
CA LEU A 546 -13.06 -18.26 -9.22
C LEU A 546 -11.77 -17.50 -9.54
N LEU A 547 -11.41 -17.42 -10.81
CA LEU A 547 -10.21 -16.71 -11.21
C LEU A 547 -10.46 -15.21 -11.41
N THR A 548 -11.72 -14.81 -11.27
CA THR A 548 -12.07 -13.39 -11.40
C THR A 548 -11.87 -12.68 -10.07
N MET A 549 -12.28 -13.35 -8.99
CA MET A 549 -12.19 -12.78 -7.66
C MET A 549 -10.81 -12.19 -7.42
N TRP A 550 -10.77 -10.99 -6.85
CA TRP A 550 -9.49 -10.36 -6.51
C TRP A 550 -8.63 -11.25 -5.61
N PHE A 551 -7.33 -10.99 -5.66
CA PHE A 551 -6.32 -11.80 -5.00
C PHE A 551 -6.63 -11.98 -3.51
N GLY A 552 -6.71 -10.86 -2.81
CA GLY A 552 -6.96 -10.86 -1.38
C GLY A 552 -8.39 -11.23 -1.04
N GLU A 553 -9.32 -10.76 -1.87
CA GLU A 553 -10.74 -10.95 -1.64
C GLU A 553 -11.16 -12.41 -1.77
N SER A 554 -10.42 -13.17 -2.57
CA SER A 554 -10.77 -14.55 -2.85
C SER A 554 -11.01 -15.35 -1.57
N GLU A 555 -10.27 -15.02 -0.51
CA GLU A 555 -10.32 -15.81 0.71
C GLU A 555 -11.68 -15.66 1.40
N ALA A 556 -12.20 -14.44 1.42
CA ALA A 556 -13.48 -14.16 2.07
C ALA A 556 -14.64 -14.60 1.18
N ASN A 557 -14.40 -14.64 -0.13
CA ASN A 557 -15.45 -15.00 -1.07
C ASN A 557 -15.71 -16.50 -1.09
N VAL A 558 -14.64 -17.31 -1.05
CA VAL A 558 -14.81 -18.76 -1.06
C VAL A 558 -15.55 -19.21 0.19
N ARG A 559 -15.20 -18.63 1.34
CA ARG A 559 -15.91 -18.92 2.57
C ARG A 559 -17.38 -18.56 2.40
N GLU A 560 -17.65 -17.39 1.83
CA GLU A 560 -19.01 -16.92 1.66
C GLU A 560 -19.82 -17.91 0.84
N ILE A 561 -19.15 -18.60 -0.08
CA ILE A 561 -19.82 -19.59 -0.92
C ILE A 561 -20.25 -20.80 -0.08
N PHE A 562 -19.32 -21.34 0.70
CA PHE A 562 -19.62 -22.48 1.55
C PHE A 562 -20.61 -22.11 2.65
N ASP A 563 -20.55 -20.85 3.10
CA ASP A 563 -21.50 -20.36 4.07
C ASP A 563 -22.91 -20.41 3.48
N LYS A 564 -23.04 -19.90 2.26
CA LYS A 564 -24.32 -19.91 1.57
C LYS A 564 -24.83 -21.33 1.36
N ALA A 565 -23.91 -22.27 1.18
CA ALA A 565 -24.27 -23.67 1.00
C ALA A 565 -24.89 -24.23 2.27
N ARG A 566 -24.36 -23.82 3.43
CA ARG A 566 -24.91 -24.22 4.71
C ARG A 566 -26.30 -23.63 4.89
N GLN A 567 -26.44 -22.35 4.57
CA GLN A 567 -27.72 -21.66 4.71
C GLN A 567 -28.81 -22.36 3.92
N ALA A 568 -28.45 -22.90 2.76
CA ALA A 568 -29.44 -23.47 1.85
C ALA A 568 -29.55 -25.00 1.98
N ALA A 569 -29.00 -25.56 3.05
CA ALA A 569 -29.06 -27.00 3.25
C ALA A 569 -30.52 -27.45 3.37
N PRO A 570 -30.88 -28.56 2.69
CA PRO A 570 -29.98 -29.37 1.87
C PRO A 570 -29.62 -28.68 0.57
N CYS A 571 -28.34 -28.74 0.21
CA CYS A 571 -27.84 -28.02 -0.95
C CYS A 571 -26.73 -28.80 -1.64
N VAL A 572 -26.69 -28.70 -2.97
CA VAL A 572 -25.60 -29.29 -3.73
C VAL A 572 -24.75 -28.20 -4.36
N LEU A 573 -23.50 -28.11 -3.90
CA LEU A 573 -22.56 -27.10 -4.37
C LEU A 573 -21.73 -27.67 -5.51
N PHE A 574 -21.86 -27.06 -6.69
CA PHE A 574 -21.26 -27.60 -7.90
C PHE A 574 -20.13 -26.71 -8.44
N PHE A 575 -18.92 -27.23 -8.41
CA PHE A 575 -17.78 -26.54 -8.99
C PHE A 575 -17.55 -27.02 -10.43
N ASP A 576 -18.03 -26.23 -11.38
CA ASP A 576 -18.02 -26.61 -12.79
C ASP A 576 -16.77 -26.07 -13.49
N GLU A 577 -16.45 -26.66 -14.63
CA GLU A 577 -15.33 -26.20 -15.44
C GLU A 577 -14.04 -26.08 -14.62
N LEU A 578 -13.69 -27.15 -13.92
CA LEU A 578 -12.48 -27.15 -13.10
C LEU A 578 -11.22 -27.11 -13.96
N ASP A 579 -11.33 -27.61 -15.19
CA ASP A 579 -10.17 -27.67 -16.09
C ASP A 579 -9.54 -26.30 -16.29
N SER A 580 -10.35 -25.26 -16.25
CA SER A 580 -9.85 -23.90 -16.42
C SER A 580 -8.88 -23.54 -15.30
N ILE A 581 -9.17 -24.01 -14.10
CA ILE A 581 -8.34 -23.71 -12.94
C ILE A 581 -7.05 -24.53 -12.96
N ALA A 582 -7.14 -25.77 -13.43
CA ALA A 582 -5.97 -26.63 -13.55
C ALA A 582 -4.93 -25.96 -14.44
N LYS A 583 -5.35 -25.53 -15.62
CA LYS A 583 -4.47 -24.88 -16.58
C LYS A 583 -3.82 -23.63 -15.99
N ALA A 584 -4.53 -22.98 -15.08
CA ALA A 584 -4.08 -21.71 -14.50
C ALA A 584 -3.04 -21.89 -13.40
N ARG A 585 -2.84 -23.13 -12.96
CA ARG A 585 -1.88 -23.42 -11.91
C ARG A 585 -0.54 -23.88 -12.47
N GLY A 586 -0.59 -24.68 -13.53
CA GLY A 586 0.61 -25.19 -14.16
C GLY A 586 0.32 -25.79 -15.52
N GLY A 593 0.60 -19.62 -11.30
CA GLY A 593 -0.54 -18.84 -10.85
C GLY A 593 -0.80 -18.99 -9.36
N GLY A 594 -0.39 -17.97 -8.60
CA GLY A 594 -0.56 -17.98 -7.16
C GLY A 594 -1.99 -17.76 -6.72
N ALA A 595 -2.81 -17.19 -7.61
CA ALA A 595 -4.21 -16.92 -7.31
C ALA A 595 -5.04 -18.20 -7.37
N ALA A 596 -4.89 -18.95 -8.46
CA ALA A 596 -5.63 -20.20 -8.64
C ALA A 596 -5.28 -21.20 -7.55
N ASP A 597 -4.04 -21.16 -7.08
CA ASP A 597 -3.59 -22.06 -6.03
C ASP A 597 -4.29 -21.78 -4.71
N ARG A 598 -4.31 -20.52 -4.32
CA ARG A 598 -4.89 -20.13 -3.03
C ARG A 598 -6.35 -20.55 -2.95
N VAL A 599 -7.08 -20.36 -4.05
CA VAL A 599 -8.50 -20.66 -4.09
C VAL A 599 -8.76 -22.14 -3.85
N ILE A 600 -8.16 -22.99 -4.68
CA ILE A 600 -8.39 -24.43 -4.58
C ILE A 600 -7.95 -24.99 -3.22
N ASN A 601 -6.81 -24.54 -2.72
CA ASN A 601 -6.35 -24.99 -1.40
C ASN A 601 -7.32 -24.57 -0.31
N GLN A 602 -7.95 -23.42 -0.51
CA GLN A 602 -8.94 -22.93 0.45
C GLN A 602 -10.24 -23.71 0.31
N ILE A 603 -10.57 -24.09 -0.93
CA ILE A 603 -11.72 -24.94 -1.18
C ILE A 603 -11.54 -26.29 -0.50
N LEU A 604 -10.33 -26.84 -0.61
CA LEU A 604 -10.00 -28.10 0.05
C LEU A 604 -10.19 -27.97 1.56
N THR A 605 -9.72 -26.86 2.13
CA THR A 605 -9.86 -26.61 3.56
C THR A 605 -11.34 -26.54 3.94
N GLU A 606 -12.13 -25.85 3.13
CA GLU A 606 -13.56 -25.71 3.41
C GLU A 606 -14.27 -27.05 3.33
N MET A 607 -13.88 -27.87 2.36
CA MET A 607 -14.46 -29.19 2.22
C MET A 607 -14.29 -29.98 3.51
N ASP A 608 -13.09 -29.94 4.06
CA ASP A 608 -12.77 -30.69 5.27
C ASP A 608 -13.58 -30.19 6.46
N GLY A 609 -13.80 -28.89 6.52
CA GLY A 609 -14.59 -28.31 7.58
C GLY A 609 -16.06 -28.61 7.40
N MET A 610 -16.45 -28.95 6.17
CA MET A 610 -17.82 -29.29 5.85
C MET A 610 -18.19 -30.64 6.43
N SER A 611 -19.07 -30.63 7.42
CA SER A 611 -19.53 -31.87 8.05
C SER A 611 -20.49 -32.62 7.14
N THR A 612 -20.26 -33.93 6.99
CA THR A 612 -21.12 -34.76 6.16
C THR A 612 -22.55 -34.73 6.67
N LYS A 613 -22.69 -34.36 7.94
CA LYS A 613 -23.97 -34.33 8.63
C LYS A 613 -24.81 -33.12 8.21
N LYS A 614 -24.19 -32.19 7.49
CA LYS A 614 -24.83 -30.94 7.11
C LYS A 614 -25.76 -31.08 5.90
N ASN A 615 -25.74 -32.24 5.27
CA ASN A 615 -26.54 -32.47 4.06
C ASN A 615 -26.15 -31.48 2.95
N VAL A 616 -24.86 -31.20 2.87
CA VAL A 616 -24.32 -30.40 1.77
C VAL A 616 -23.48 -31.32 0.90
N PHE A 617 -23.89 -31.46 -0.36
CA PHE A 617 -23.20 -32.35 -1.28
C PHE A 617 -22.38 -31.56 -2.30
N ILE A 618 -21.09 -31.87 -2.39
CA ILE A 618 -20.20 -31.15 -3.30
C ILE A 618 -19.85 -31.99 -4.52
N ILE A 619 -20.08 -31.42 -5.71
CA ILE A 619 -19.73 -32.09 -6.95
C ILE A 619 -18.73 -31.27 -7.75
N GLY A 620 -17.80 -31.94 -8.40
CA GLY A 620 -16.84 -31.30 -9.28
C GLY A 620 -16.94 -31.88 -10.67
N ALA A 621 -16.60 -31.08 -11.68
CA ALA A 621 -16.64 -31.52 -13.07
C ALA A 621 -15.42 -31.01 -13.81
N THR A 622 -14.84 -31.85 -14.66
CA THR A 622 -13.67 -31.46 -15.45
C THR A 622 -13.63 -32.24 -16.76
N ASN A 623 -13.17 -31.58 -17.82
CA ASN A 623 -12.96 -32.23 -19.09
C ASN A 623 -11.53 -32.73 -19.20
N ARG A 624 -10.75 -32.51 -18.13
CA ARG A 624 -9.33 -32.80 -18.15
C ARG A 624 -8.86 -33.44 -16.85
N PRO A 625 -9.05 -34.76 -16.73
CA PRO A 625 -8.64 -35.56 -15.56
C PRO A 625 -7.11 -35.75 -15.49
N ASP A 626 -6.41 -35.30 -16.53
CA ASP A 626 -4.96 -35.46 -16.59
C ASP A 626 -4.24 -34.36 -15.82
N ILE A 627 -4.93 -33.27 -15.53
CA ILE A 627 -4.30 -32.14 -14.84
C ILE A 627 -5.02 -31.71 -13.56
N ILE A 628 -5.95 -32.54 -13.09
CA ILE A 628 -6.67 -32.25 -11.85
C ILE A 628 -5.79 -32.48 -10.62
N ASP A 629 -5.94 -31.62 -9.61
CA ASP A 629 -5.15 -31.72 -8.39
C ASP A 629 -5.53 -32.97 -7.61
N PRO A 630 -4.58 -33.90 -7.45
CA PRO A 630 -4.84 -35.14 -6.72
C PRO A 630 -5.44 -34.91 -5.34
N ALA A 631 -5.11 -33.79 -4.70
CA ALA A 631 -5.64 -33.48 -3.38
C ALA A 631 -7.16 -33.48 -3.37
N ILE A 632 -7.75 -33.10 -4.50
CA ILE A 632 -9.21 -33.03 -4.60
C ILE A 632 -9.82 -34.43 -4.57
N LEU A 633 -9.04 -35.43 -4.96
CA LEU A 633 -9.52 -36.81 -5.04
C LEU A 633 -9.30 -37.62 -3.77
N ARG A 634 -8.75 -37.00 -2.73
CA ARG A 634 -8.47 -37.71 -1.50
C ARG A 634 -9.76 -38.17 -0.83
N PRO A 635 -9.78 -39.42 -0.31
CA PRO A 635 -10.89 -39.90 0.49
C PRO A 635 -11.35 -38.87 1.51
N GLY A 636 -12.66 -38.58 1.53
CA GLY A 636 -13.20 -37.58 2.41
C GLY A 636 -13.59 -36.32 1.65
N ARG A 637 -13.07 -36.19 0.44
CA ARG A 637 -13.40 -35.07 -0.43
C ARG A 637 -14.18 -35.56 -1.65
N LEU A 638 -13.70 -35.26 -2.85
CA LEU A 638 -14.33 -35.75 -4.08
C LEU A 638 -13.77 -37.12 -4.43
N ASP A 639 -14.15 -38.14 -3.67
CA ASP A 639 -13.60 -39.47 -3.83
C ASP A 639 -14.50 -40.39 -4.67
N GLN A 640 -15.68 -39.91 -5.01
CA GLN A 640 -16.57 -40.66 -5.91
C GLN A 640 -16.31 -40.22 -7.35
N LEU A 641 -15.50 -40.99 -8.06
CA LEU A 641 -15.08 -40.62 -9.40
C LEU A 641 -15.99 -41.27 -10.44
N ILE A 642 -16.97 -40.51 -10.93
CA ILE A 642 -17.90 -41.01 -11.92
C ILE A 642 -17.49 -40.56 -13.32
N TYR A 643 -17.24 -41.54 -14.19
CA TYR A 643 -16.84 -41.27 -15.58
C TYR A 643 -18.07 -41.11 -16.46
N ILE A 644 -18.07 -40.08 -17.29
CA ILE A 644 -19.20 -39.78 -18.15
C ILE A 644 -18.75 -39.68 -19.60
N PRO A 645 -18.94 -40.77 -20.37
CA PRO A 645 -18.42 -40.91 -21.73
C PRO A 645 -19.36 -40.36 -22.81
N LEU A 646 -18.93 -40.48 -24.06
CA LEU A 646 -19.78 -40.13 -25.20
C LEU A 646 -21.00 -41.04 -25.21
N PRO A 647 -22.14 -40.51 -25.70
CA PRO A 647 -23.39 -41.28 -25.72
C PRO A 647 -23.40 -42.40 -26.76
N ASP A 648 -23.83 -43.59 -26.36
CA ASP A 648 -23.97 -44.70 -27.29
C ASP A 648 -25.24 -44.52 -28.13
N GLU A 649 -25.46 -45.43 -29.07
CA GLU A 649 -26.59 -45.33 -29.99
C GLU A 649 -27.91 -45.08 -29.26
N LYS A 650 -28.18 -45.87 -28.23
CA LYS A 650 -29.45 -45.75 -27.52
C LYS A 650 -29.61 -44.36 -26.93
N SER A 651 -28.54 -43.86 -26.31
CA SER A 651 -28.57 -42.55 -25.67
C SER A 651 -28.73 -41.43 -26.68
N ARG A 652 -28.04 -41.52 -27.81
CA ARG A 652 -28.06 -40.46 -28.80
C ARG A 652 -29.49 -40.17 -29.26
N VAL A 653 -30.28 -41.23 -29.41
CA VAL A 653 -31.67 -41.07 -29.80
C VAL A 653 -32.41 -40.30 -28.71
N ALA A 654 -32.15 -40.67 -27.46
CA ALA A 654 -32.79 -40.02 -26.31
C ALA A 654 -32.44 -38.53 -26.27
N ILE A 655 -31.18 -38.23 -26.54
CA ILE A 655 -30.71 -36.85 -26.55
C ILE A 655 -31.40 -36.05 -27.65
N LEU A 656 -31.44 -36.61 -28.85
CA LEU A 656 -32.09 -35.97 -29.97
C LEU A 656 -33.55 -35.69 -29.66
N LYS A 657 -34.22 -36.68 -29.05
CA LYS A 657 -35.61 -36.53 -28.66
C LYS A 657 -35.77 -35.38 -27.68
N ALA A 658 -34.90 -35.33 -26.69
CA ALA A 658 -34.97 -34.32 -25.63
C ALA A 658 -34.93 -32.89 -26.20
N ASN A 659 -34.00 -32.64 -27.12
CA ASN A 659 -33.83 -31.31 -27.68
C ASN A 659 -34.97 -30.89 -28.60
N LEU A 660 -35.58 -31.87 -29.26
CA LEU A 660 -36.61 -31.59 -30.26
C LEU A 660 -38.02 -31.63 -29.69
N ARG A 661 -38.13 -31.75 -28.37
CA ARG A 661 -39.44 -31.78 -27.71
C ARG A 661 -40.23 -30.50 -27.97
N LYS A 662 -39.55 -29.37 -27.84
CA LYS A 662 -40.19 -28.06 -27.90
C LYS A 662 -40.44 -27.61 -29.33
N SER A 663 -39.83 -28.30 -30.29
CA SER A 663 -39.87 -27.87 -31.68
C SER A 663 -40.85 -28.71 -32.50
N PRO A 664 -41.47 -28.09 -33.53
CA PRO A 664 -42.38 -28.79 -34.43
C PRO A 664 -41.62 -29.56 -35.51
N VAL A 665 -41.47 -30.87 -35.32
CA VAL A 665 -40.69 -31.69 -36.24
C VAL A 665 -41.59 -32.44 -37.21
N ALA A 666 -41.09 -32.60 -38.43
CA ALA A 666 -41.81 -33.34 -39.47
C ALA A 666 -41.84 -34.83 -39.13
N LYS A 667 -42.88 -35.51 -39.61
CA LYS A 667 -43.08 -36.92 -39.30
C LYS A 667 -42.09 -37.82 -40.03
N ASP A 668 -41.51 -37.29 -41.10
CA ASP A 668 -40.59 -38.07 -41.94
C ASP A 668 -39.23 -38.27 -41.26
N VAL A 669 -38.92 -37.40 -40.29
CA VAL A 669 -37.60 -37.41 -39.66
C VAL A 669 -37.35 -38.67 -38.81
N ASP A 670 -36.33 -39.43 -39.19
CA ASP A 670 -35.95 -40.64 -38.48
C ASP A 670 -34.76 -40.36 -37.58
N LEU A 671 -34.98 -40.39 -36.26
CA LEU A 671 -33.92 -40.02 -35.32
C LEU A 671 -33.03 -41.22 -35.02
N GLU A 672 -33.55 -42.42 -35.22
CA GLU A 672 -32.77 -43.64 -35.00
C GLU A 672 -31.65 -43.78 -36.03
N PHE A 673 -31.95 -43.40 -37.27
CA PHE A 673 -30.94 -43.45 -38.33
C PHE A 673 -29.94 -42.32 -38.11
N LEU A 674 -30.46 -41.16 -37.73
CA LEU A 674 -29.61 -40.01 -37.41
C LEU A 674 -28.62 -40.41 -36.33
N ALA A 675 -29.10 -41.15 -35.34
CA ALA A 675 -28.27 -41.61 -34.24
C ALA A 675 -27.22 -42.59 -34.73
N LYS A 676 -27.61 -43.45 -35.66
CA LYS A 676 -26.71 -44.48 -36.17
C LYS A 676 -25.51 -43.90 -36.90
N MET A 677 -25.72 -42.75 -37.55
CA MET A 677 -24.68 -42.11 -38.34
C MET A 677 -23.75 -41.25 -37.49
N THR A 678 -24.21 -40.91 -36.28
CA THR A 678 -23.47 -39.98 -35.42
C THR A 678 -22.76 -40.67 -34.26
N ASN A 679 -22.19 -41.84 -34.52
CA ASN A 679 -21.40 -42.53 -33.50
C ASN A 679 -20.06 -41.81 -33.33
N GLY A 680 -19.82 -41.31 -32.12
CA GLY A 680 -18.61 -40.56 -31.84
C GLY A 680 -18.95 -39.11 -31.52
N PHE A 681 -20.18 -38.72 -31.79
CA PHE A 681 -20.65 -37.37 -31.50
C PHE A 681 -21.02 -37.25 -30.03
N SER A 682 -20.76 -36.08 -29.45
CA SER A 682 -21.07 -35.80 -28.06
C SER A 682 -22.52 -35.29 -27.95
N GLY A 683 -22.96 -35.09 -26.72
CA GLY A 683 -24.29 -34.54 -26.48
C GLY A 683 -24.41 -33.13 -27.03
N ALA A 684 -23.35 -32.35 -26.86
CA ALA A 684 -23.33 -30.97 -27.34
C ALA A 684 -23.28 -30.89 -28.87
N ASP A 685 -22.61 -31.86 -29.49
CA ASP A 685 -22.55 -31.92 -30.95
C ASP A 685 -23.94 -32.11 -31.53
N LEU A 686 -24.72 -32.99 -30.92
CA LEU A 686 -26.06 -33.28 -31.42
C LEU A 686 -26.98 -32.07 -31.30
N THR A 687 -26.89 -31.36 -30.17
CA THR A 687 -27.70 -30.18 -29.97
C THR A 687 -27.40 -29.14 -31.03
N GLU A 688 -26.14 -29.06 -31.43
CA GLU A 688 -25.73 -28.09 -32.45
C GLU A 688 -26.24 -28.50 -33.83
N ILE A 689 -26.28 -29.80 -34.08
CA ILE A 689 -26.84 -30.31 -35.34
C ILE A 689 -28.31 -29.95 -35.42
N CYS A 690 -29.03 -30.13 -34.32
CA CYS A 690 -30.45 -29.78 -34.27
C CYS A 690 -30.63 -28.29 -34.52
N GLN A 691 -29.78 -27.47 -33.91
CA GLN A 691 -29.85 -26.02 -34.10
C GLN A 691 -29.52 -25.65 -35.53
N ARG A 692 -28.50 -26.31 -36.11
CA ARG A 692 -28.08 -26.03 -37.46
C ARG A 692 -29.15 -26.42 -38.47
N ALA A 693 -29.81 -27.55 -38.21
CA ALA A 693 -30.91 -28.00 -39.05
C ALA A 693 -32.12 -27.09 -38.88
N CYS A 694 -32.29 -26.57 -37.67
CA CYS A 694 -33.41 -25.67 -37.38
C CYS A 694 -33.18 -24.30 -38.00
N LYS A 695 -31.93 -23.88 -38.07
CA LYS A 695 -31.60 -22.58 -38.67
C LYS A 695 -31.97 -22.59 -40.15
N LEU A 696 -31.83 -23.75 -40.79
CA LEU A 696 -32.23 -23.91 -42.19
C LEU A 696 -33.74 -23.76 -42.32
N ALA A 697 -34.47 -24.38 -41.41
CA ALA A 697 -35.92 -24.34 -41.44
C ALA A 697 -36.44 -22.91 -41.25
N ILE A 698 -35.77 -22.16 -40.37
CA ILE A 698 -36.16 -20.77 -40.13
C ILE A 698 -35.87 -19.93 -41.36
N ARG A 699 -34.71 -20.13 -41.95
CA ARG A 699 -34.30 -19.38 -43.14
C ARG A 699 -35.36 -19.58 -44.23
N GLU A 700 -35.76 -20.84 -44.41
CA GLU A 700 -36.73 -21.20 -45.43
C GLU A 700 -38.11 -20.64 -45.11
N SER A 701 -38.43 -20.55 -43.82
CA SER A 701 -39.71 -20.03 -43.39
C SER A 701 -39.81 -18.53 -43.68
N ILE A 702 -38.68 -17.84 -43.55
CA ILE A 702 -38.65 -16.39 -43.77
C ILE A 702 -38.67 -16.05 -45.26
N GLU A 703 -37.73 -16.59 -46.01
CA GLU A 703 -37.60 -16.29 -47.44
C GLU A 703 -38.87 -16.65 -48.23
N SER A 704 -39.46 -17.80 -47.94
CA SER A 704 -40.60 -18.27 -48.71
C SER A 704 -41.92 -18.24 -47.94
N GLU A 705 -41.86 -17.90 -46.66
CA GLU A 705 -43.06 -17.87 -45.82
C GLU A 705 -43.88 -19.13 -46.08
N ILE A 706 -43.49 -20.22 -45.43
CA ILE A 706 -44.15 -21.52 -45.61
C ILE A 706 -44.49 -22.15 -44.26
N ARG A 707 -45.26 -23.23 -44.32
CA ARG A 707 -45.63 -23.98 -43.12
C ARG A 707 -44.41 -24.14 -42.21
N PRO A 708 -44.53 -23.72 -40.94
CA PRO A 708 -43.37 -23.79 -40.05
C PRO A 708 -43.11 -25.21 -39.56
N GLU A 709 -42.30 -25.95 -40.32
CA GLU A 709 -41.92 -27.30 -39.93
C GLU A 709 -40.47 -27.59 -40.31
N ILE A 710 -39.81 -28.42 -39.50
CA ILE A 710 -38.43 -28.84 -39.80
C ILE A 710 -38.43 -30.29 -40.30
N ARG A 711 -37.92 -30.50 -41.51
CA ARG A 711 -38.01 -31.80 -42.15
C ARG A 711 -36.64 -32.45 -42.36
N ARG A 712 -36.65 -33.63 -42.97
CA ARG A 712 -35.46 -34.46 -43.15
C ARG A 712 -34.31 -33.77 -43.89
N ASP A 713 -34.60 -33.09 -44.99
CA ASP A 713 -33.53 -32.52 -45.81
C ASP A 713 -32.71 -31.53 -44.96
N HIS A 714 -33.37 -30.89 -44.00
CA HIS A 714 -32.68 -29.95 -43.13
C HIS A 714 -31.65 -30.68 -42.27
N PHE A 715 -32.04 -31.82 -41.72
CA PHE A 715 -31.15 -32.62 -40.90
C PHE A 715 -30.03 -33.22 -41.76
N GLU A 716 -30.39 -33.68 -42.94
CA GLU A 716 -29.44 -34.32 -43.84
C GLU A 716 -28.39 -33.32 -44.34
N GLU A 717 -28.81 -32.08 -44.54
CA GLU A 717 -27.90 -31.06 -45.05
C GLU A 717 -26.98 -30.63 -43.92
N ALA A 718 -27.55 -30.50 -42.72
CA ALA A 718 -26.80 -30.14 -41.52
C ALA A 718 -25.79 -31.23 -41.20
N MET A 719 -26.15 -32.48 -41.47
CA MET A 719 -25.28 -33.61 -41.18
C MET A 719 -24.07 -33.63 -42.10
N ARG A 720 -24.24 -33.11 -43.31
CA ARG A 720 -23.17 -33.13 -44.30
C ARG A 720 -22.01 -32.22 -43.88
N PHE A 721 -22.31 -31.19 -43.10
CA PHE A 721 -21.28 -30.26 -42.63
C PHE A 721 -20.88 -30.52 -41.18
N ALA A 722 -21.57 -31.44 -40.52
CA ALA A 722 -21.34 -31.71 -39.11
C ALA A 722 -19.93 -32.26 -38.89
N ARG A 723 -19.32 -31.88 -37.77
CA ARG A 723 -17.98 -32.35 -37.45
C ARG A 723 -18.00 -32.84 -36.00
N ARG A 724 -17.03 -33.67 -35.64
CA ARG A 724 -16.98 -34.26 -34.31
C ARG A 724 -16.12 -33.42 -33.37
N SER A 725 -16.59 -33.21 -32.15
CA SER A 725 -15.85 -32.39 -31.18
C SER A 725 -14.83 -33.20 -30.39
N VAL A 726 -15.02 -34.51 -30.33
CA VAL A 726 -14.11 -35.39 -29.60
C VAL A 726 -13.46 -36.40 -30.54
N SER A 727 -12.14 -36.27 -30.72
CA SER A 727 -11.40 -37.15 -31.64
C SER A 727 -11.22 -38.54 -31.04
N ASP A 728 -10.70 -39.46 -31.86
CA ASP A 728 -10.45 -40.83 -31.41
C ASP A 728 -9.34 -40.87 -30.37
N ASN A 729 -8.25 -40.15 -30.62
CA ASN A 729 -7.15 -40.07 -29.67
C ASN A 729 -7.64 -39.60 -28.31
N ASP A 730 -8.53 -38.62 -28.33
CA ASP A 730 -9.12 -38.09 -27.09
C ASP A 730 -9.88 -39.18 -26.36
N ILE A 731 -10.68 -39.94 -27.09
CA ILE A 731 -11.45 -41.03 -26.50
C ILE A 731 -10.53 -42.03 -25.82
N ARG A 732 -9.53 -42.51 -26.54
CA ARG A 732 -8.59 -43.49 -26.01
C ARG A 732 -8.00 -43.05 -24.67
N LYS A 733 -7.63 -41.78 -24.59
CA LYS A 733 -7.03 -41.23 -23.38
C LYS A 733 -8.08 -41.24 -22.27
N TYR A 734 -9.27 -40.75 -22.59
CA TYR A 734 -10.39 -40.74 -21.66
C TYR A 734 -10.72 -42.15 -21.17
N GLU A 735 -10.60 -43.12 -22.07
CA GLU A 735 -10.87 -44.52 -21.72
C GLU A 735 -9.83 -45.00 -20.71
N MET A 736 -8.60 -44.54 -20.86
CA MET A 736 -7.52 -44.92 -19.96
C MET A 736 -7.71 -44.29 -18.58
N PHE A 737 -8.07 -43.01 -18.54
CA PHE A 737 -8.27 -42.31 -17.28
C PHE A 737 -9.46 -42.88 -16.51
N ALA A 738 -10.37 -43.52 -17.22
CA ALA A 738 -11.53 -44.15 -16.60
C ALA A 738 -11.11 -45.32 -15.73
N GLN A 739 -9.90 -45.82 -15.94
CA GLN A 739 -9.41 -46.98 -15.20
C GLN A 739 -8.27 -46.65 -14.24
N THR A 740 -7.76 -45.42 -14.29
CA THR A 740 -6.54 -45.09 -13.54
C THR A 740 -6.57 -43.72 -12.86
N LEU A 741 -7.74 -43.12 -12.75
CA LEU A 741 -7.84 -41.79 -12.16
C LEU A 741 -7.59 -41.86 -10.66
N GLN A 742 -7.94 -42.99 -10.05
CA GLN A 742 -7.74 -43.19 -8.62
C GLN A 742 -6.25 -43.31 -8.29
N GLN A 743 -5.43 -43.53 -9.30
CA GLN A 743 -4.00 -43.74 -9.11
C GLN A 743 -3.18 -42.46 -9.18
N SER A 744 -3.85 -41.31 -9.25
CA SER A 744 -3.16 -40.04 -9.49
C SER A 744 -2.66 -39.40 -8.21
N ARG A 745 -2.91 -40.03 -7.08
CA ARG A 745 -2.53 -39.47 -5.79
C ARG A 745 -1.11 -39.88 -5.38
N GLY A 746 -0.53 -40.81 -6.12
CA GLY A 746 0.84 -41.25 -5.89
C GLY A 746 1.84 -40.59 -6.83
N PHE A 747 2.48 -41.40 -7.65
CA PHE A 747 3.40 -40.90 -8.69
C PHE A 747 2.69 -40.86 -10.04
N GLY A 748 2.63 -39.66 -10.61
CA GLY A 748 1.91 -39.43 -11.84
C GLY A 748 2.32 -40.32 -12.99
N SER A 749 1.42 -40.47 -13.95
CA SER A 749 1.63 -41.34 -15.11
C SER A 749 2.13 -40.53 -16.30
N ASN B 20 -63.30 14.05 -28.52
CA ASN B 20 -62.17 14.91 -28.84
C ASN B 20 -62.44 15.80 -30.05
N ARG B 21 -62.59 17.08 -29.80
CA ARG B 21 -62.88 18.07 -30.85
C ARG B 21 -61.73 18.19 -31.84
N PRO B 22 -62.06 18.46 -33.12
CA PRO B 22 -61.02 18.48 -34.16
C PRO B 22 -60.05 19.64 -34.04
N ASN B 23 -60.56 20.80 -33.61
CA ASN B 23 -59.73 22.00 -33.53
C ASN B 23 -58.65 21.90 -32.46
N ARG B 24 -58.94 21.20 -31.37
CA ARG B 24 -57.96 20.99 -30.30
C ARG B 24 -56.87 20.02 -30.73
N LEU B 25 -55.62 20.43 -30.53
CA LEU B 25 -54.47 19.62 -30.88
C LEU B 25 -53.35 19.77 -29.86
N ILE B 26 -52.47 18.78 -29.82
CA ILE B 26 -51.40 18.74 -28.83
C ILE B 26 -50.10 19.28 -29.43
N VAL B 27 -49.40 20.12 -28.66
CA VAL B 27 -48.16 20.72 -29.12
C VAL B 27 -47.01 19.72 -29.10
N ASP B 28 -46.17 19.76 -30.14
CA ASP B 28 -45.08 18.81 -30.28
C ASP B 28 -43.84 19.49 -30.85
N GLU B 29 -42.73 18.76 -30.87
CA GLU B 29 -41.47 19.28 -31.41
C GLU B 29 -41.66 19.78 -32.84
N ALA B 30 -40.80 20.69 -33.28
CA ALA B 30 -40.84 21.21 -34.63
C ALA B 30 -39.68 20.67 -35.46
N ILE B 31 -39.93 20.45 -36.74
CA ILE B 31 -38.88 20.03 -37.66
C ILE B 31 -38.51 21.18 -38.59
N ASN B 32 -39.53 21.87 -39.09
CA ASN B 32 -39.32 23.04 -39.93
C ASN B 32 -38.90 24.23 -39.08
N GLU B 33 -37.66 24.67 -39.26
CA GLU B 33 -37.07 25.72 -38.43
C GLU B 33 -37.75 27.08 -38.61
N ASP B 34 -38.61 27.20 -39.62
CA ASP B 34 -39.28 28.47 -39.91
C ASP B 34 -40.17 28.91 -38.76
N ASN B 35 -40.12 30.20 -38.45
CA ASN B 35 -40.88 30.77 -37.34
C ASN B 35 -42.39 30.75 -37.56
N SER B 36 -42.83 31.17 -38.74
CA SER B 36 -44.25 31.32 -39.01
C SER B 36 -44.87 30.02 -39.56
N VAL B 37 -44.25 28.89 -39.26
CA VAL B 37 -44.72 27.61 -39.79
C VAL B 37 -45.13 26.66 -38.68
N VAL B 38 -46.33 26.10 -38.80
CA VAL B 38 -46.77 25.01 -37.95
C VAL B 38 -47.20 23.87 -38.86
N SER B 39 -47.04 22.64 -38.39
CA SER B 39 -47.28 21.48 -39.24
C SER B 39 -48.32 20.52 -38.65
N LEU B 40 -49.16 19.97 -39.52
CA LEU B 40 -50.14 18.97 -39.14
C LEU B 40 -49.95 17.76 -40.05
N SER B 41 -50.68 16.69 -39.77
CA SER B 41 -50.68 15.53 -40.65
C SER B 41 -51.63 15.80 -41.80
N GLN B 42 -51.27 15.35 -42.99
CA GLN B 42 -52.09 15.56 -44.17
C GLN B 42 -53.52 15.08 -43.95
N PRO B 43 -53.69 13.87 -43.40
CA PRO B 43 -55.04 13.36 -43.13
C PRO B 43 -55.82 14.28 -42.19
N LYS B 44 -55.12 14.97 -41.31
CA LYS B 44 -55.76 15.90 -40.39
C LYS B 44 -56.01 17.23 -41.08
N MET B 45 -55.13 17.58 -42.02
CA MET B 45 -55.29 18.82 -42.78
C MET B 45 -56.53 18.72 -43.66
N ASP B 46 -56.81 17.52 -44.15
CA ASP B 46 -57.99 17.30 -44.97
C ASP B 46 -59.24 17.26 -44.11
N GLU B 47 -59.09 16.75 -42.89
CA GLU B 47 -60.18 16.71 -41.93
C GLU B 47 -60.59 18.13 -41.52
N LEU B 48 -59.58 18.93 -41.20
CA LEU B 48 -59.78 20.30 -40.76
C LEU B 48 -60.05 21.23 -41.94
N GLN B 49 -59.90 20.72 -43.17
CA GLN B 49 -60.14 21.51 -44.37
C GLN B 49 -59.13 22.64 -44.57
N LEU B 50 -57.85 22.31 -44.43
CA LEU B 50 -56.81 23.29 -44.70
C LEU B 50 -55.87 22.78 -45.80
N PHE B 51 -55.13 23.69 -46.39
CA PHE B 51 -54.20 23.34 -47.45
C PHE B 51 -52.79 23.87 -47.16
N ARG B 52 -51.87 23.57 -48.06
CA ARG B 52 -50.45 23.87 -47.85
C ARG B 52 -50.18 25.36 -47.62
N GLY B 53 -50.87 26.22 -48.37
CA GLY B 53 -50.64 27.65 -48.29
C GLY B 53 -51.34 28.37 -47.14
N ASP B 54 -52.40 27.76 -46.61
CA ASP B 54 -53.30 28.43 -45.68
C ASP B 54 -52.65 29.07 -44.44
N THR B 55 -53.28 30.14 -43.97
CA THR B 55 -52.90 30.82 -42.74
C THR B 55 -53.92 30.55 -41.65
N VAL B 56 -53.47 29.96 -40.54
CA VAL B 56 -54.35 29.53 -39.46
C VAL B 56 -54.19 30.38 -38.20
N LEU B 57 -55.27 30.50 -37.43
CA LEU B 57 -55.25 31.22 -36.16
C LEU B 57 -55.12 30.23 -35.00
N LEU B 58 -54.09 30.40 -34.19
CA LEU B 58 -53.83 29.51 -33.06
C LEU B 58 -54.16 30.19 -31.73
N LYS B 59 -55.01 29.55 -30.94
CA LYS B 59 -55.38 30.06 -29.62
C LYS B 59 -54.77 29.21 -28.51
N GLY B 60 -53.88 29.82 -27.73
CA GLY B 60 -53.22 29.13 -26.64
C GLY B 60 -53.79 29.50 -25.29
N LYS B 61 -52.95 29.39 -24.26
CA LYS B 61 -53.35 29.74 -22.89
C LYS B 61 -53.09 31.20 -22.58
N LYS B 62 -53.61 31.66 -21.45
CA LYS B 62 -53.46 33.04 -21.00
C LYS B 62 -54.16 34.00 -21.97
N ARG B 63 -55.22 33.52 -22.61
CA ARG B 63 -56.01 34.34 -23.52
C ARG B 63 -55.14 35.03 -24.56
N ARG B 64 -54.15 34.31 -25.07
CA ARG B 64 -53.27 34.85 -26.11
C ARG B 64 -53.49 34.12 -27.43
N GLU B 65 -53.06 34.74 -28.52
CA GLU B 65 -53.25 34.18 -29.85
C GLU B 65 -51.97 34.31 -30.67
N ALA B 66 -51.84 33.46 -31.68
CA ALA B 66 -50.74 33.54 -32.63
C ALA B 66 -51.22 33.08 -34.00
N VAL B 67 -50.71 33.70 -35.05
CA VAL B 67 -51.10 33.33 -36.41
C VAL B 67 -49.90 32.78 -37.18
N CYS B 68 -50.13 31.73 -37.95
CA CYS B 68 -49.05 31.03 -38.65
C CYS B 68 -49.51 30.38 -39.94
N ILE B 69 -48.55 30.02 -40.78
CA ILE B 69 -48.82 29.26 -42.00
C ILE B 69 -48.84 27.78 -41.67
N VAL B 70 -49.75 27.04 -42.30
CA VAL B 70 -49.87 25.61 -42.06
C VAL B 70 -49.22 24.80 -43.18
N LEU B 71 -48.66 23.65 -42.82
CA LEU B 71 -48.01 22.77 -43.79
C LEU B 71 -48.27 21.30 -43.44
N SER B 72 -47.93 20.40 -44.36
CA SER B 72 -48.13 18.97 -44.13
C SER B 72 -46.86 18.33 -43.59
N ASP B 73 -47.03 17.26 -42.83
CA ASP B 73 -45.90 16.52 -42.28
C ASP B 73 -46.31 15.07 -42.02
N ASP B 74 -45.70 14.14 -42.76
CA ASP B 74 -46.04 12.73 -42.66
C ASP B 74 -45.66 12.15 -41.29
N THR B 75 -44.60 12.67 -40.68
CA THR B 75 -44.13 12.15 -39.41
C THR B 75 -45.03 12.60 -38.26
N CYS B 76 -45.65 13.77 -38.42
CA CYS B 76 -46.53 14.32 -37.40
C CYS B 76 -47.76 13.44 -37.22
N SER B 77 -48.06 13.09 -35.97
CA SER B 77 -49.24 12.30 -35.65
C SER B 77 -50.49 13.19 -35.72
N ASP B 78 -51.61 12.60 -36.14
CA ASP B 78 -52.84 13.35 -36.36
C ASP B 78 -53.35 14.06 -35.10
N GLU B 79 -52.93 13.57 -33.94
CA GLU B 79 -53.38 14.14 -32.68
C GLU B 79 -52.53 15.33 -32.24
N LYS B 80 -51.49 15.64 -33.01
CA LYS B 80 -50.53 16.66 -32.60
C LYS B 80 -50.27 17.73 -33.66
N ILE B 81 -49.63 18.82 -33.23
CA ILE B 81 -49.25 19.91 -34.13
C ILE B 81 -47.82 20.35 -33.82
N ARG B 82 -46.96 20.36 -34.84
CA ARG B 82 -45.59 20.79 -34.66
C ARG B 82 -45.47 22.30 -34.80
N MET B 83 -44.89 22.95 -33.79
CA MET B 83 -44.67 24.39 -33.85
C MET B 83 -43.33 24.77 -33.21
N ASN B 84 -42.65 25.74 -33.82
CA ASN B 84 -41.37 26.21 -33.32
C ASN B 84 -41.50 26.68 -31.88
N ARG B 85 -40.37 26.88 -31.22
CA ARG B 85 -40.36 27.37 -29.84
C ARG B 85 -40.77 28.84 -29.80
N VAL B 86 -40.66 29.51 -30.94
CA VAL B 86 -41.06 30.91 -31.06
C VAL B 86 -42.58 30.99 -30.96
N VAL B 87 -43.25 30.13 -31.73
CA VAL B 87 -44.70 30.07 -31.72
C VAL B 87 -45.20 29.64 -30.34
N ARG B 88 -44.54 28.65 -29.77
CA ARG B 88 -44.87 28.15 -28.44
C ARG B 88 -44.95 29.27 -27.43
N ASN B 89 -43.96 30.15 -27.45
CA ASN B 89 -43.84 31.21 -26.46
C ASN B 89 -44.93 32.27 -26.64
N ASN B 90 -45.21 32.62 -27.88
CA ASN B 90 -46.26 33.60 -28.17
C ASN B 90 -47.63 33.12 -27.70
N LEU B 91 -47.78 31.81 -27.57
CA LEU B 91 -49.04 31.24 -27.11
C LEU B 91 -49.06 31.01 -25.60
N ARG B 92 -47.92 31.19 -24.95
CA ARG B 92 -47.77 30.87 -23.54
C ARG B 92 -48.08 29.41 -23.30
N VAL B 93 -47.46 28.55 -24.11
CA VAL B 93 -47.73 27.13 -24.10
C VAL B 93 -46.42 26.36 -24.07
N ARG B 94 -46.48 25.09 -23.69
CA ARG B 94 -45.30 24.24 -23.68
C ARG B 94 -45.63 22.91 -24.34
N LEU B 95 -44.63 22.04 -24.47
CA LEU B 95 -44.81 20.77 -25.16
C LEU B 95 -45.77 19.86 -24.38
N GLY B 96 -46.76 19.33 -25.09
CA GLY B 96 -47.72 18.43 -24.49
C GLY B 96 -49.04 19.13 -24.19
N ASP B 97 -49.01 20.45 -24.15
CA ASP B 97 -50.22 21.22 -23.91
C ASP B 97 -51.15 21.13 -25.12
N VAL B 98 -52.37 21.65 -24.96
CA VAL B 98 -53.35 21.61 -26.02
C VAL B 98 -53.64 23.02 -26.53
N ILE B 99 -53.85 23.14 -27.83
CA ILE B 99 -54.18 24.42 -28.45
C ILE B 99 -55.23 24.21 -29.52
N SER B 100 -56.03 25.24 -29.77
CA SER B 100 -57.08 25.16 -30.78
C SER B 100 -56.66 25.88 -32.06
N ILE B 101 -56.86 25.23 -33.20
CA ILE B 101 -56.50 25.81 -34.48
C ILE B 101 -57.75 26.02 -35.32
N GLN B 102 -57.82 27.17 -35.98
CA GLN B 102 -58.97 27.51 -36.80
C GLN B 102 -58.53 28.38 -37.97
N PRO B 103 -59.20 28.24 -39.13
CA PRO B 103 -58.80 28.98 -40.33
C PRO B 103 -58.98 30.49 -40.21
N CYS B 104 -58.13 31.23 -40.91
CA CYS B 104 -58.17 32.69 -40.89
C CYS B 104 -58.25 33.25 -42.31
N PRO B 105 -59.48 33.37 -42.83
CA PRO B 105 -59.69 33.96 -44.15
C PRO B 105 -59.71 35.49 -44.15
N ASP B 106 -59.92 36.08 -42.97
CA ASP B 106 -60.06 37.53 -42.85
C ASP B 106 -58.71 38.26 -42.88
N VAL B 107 -57.61 37.50 -42.93
CA VAL B 107 -56.27 38.08 -42.89
C VAL B 107 -56.01 38.91 -44.15
N LYS B 108 -55.58 40.14 -43.93
CA LYS B 108 -55.30 41.06 -45.03
C LYS B 108 -53.85 41.51 -45.03
N TYR B 109 -53.40 42.03 -46.17
CA TYR B 109 -52.03 42.53 -46.29
C TYR B 109 -51.87 43.73 -45.39
N GLY B 110 -50.65 43.98 -44.94
CA GLY B 110 -50.41 45.04 -43.98
C GLY B 110 -50.18 46.38 -44.64
N LYS B 111 -50.41 47.44 -43.90
CA LYS B 111 -50.16 48.79 -44.38
C LYS B 111 -48.82 49.24 -43.81
N ARG B 112 -48.75 49.20 -42.48
CA ARG B 112 -47.56 49.59 -41.74
C ARG B 112 -47.35 48.62 -40.59
N ILE B 113 -46.10 48.28 -40.31
CA ILE B 113 -45.76 47.41 -39.19
C ILE B 113 -44.69 48.07 -38.34
N HIS B 114 -44.78 47.88 -37.02
CA HIS B 114 -43.82 48.46 -36.10
C HIS B 114 -43.23 47.40 -35.19
N VAL B 115 -41.97 47.04 -35.44
CA VAL B 115 -41.29 46.06 -34.60
C VAL B 115 -40.11 46.71 -33.87
N LEU B 116 -39.95 46.35 -32.61
CA LEU B 116 -38.86 46.87 -31.79
C LEU B 116 -37.98 45.73 -31.27
N PRO B 117 -36.65 45.94 -31.30
CA PRO B 117 -35.72 44.93 -30.77
C PRO B 117 -35.76 44.88 -29.25
N ILE B 118 -35.35 43.77 -28.66
CA ILE B 118 -35.31 43.64 -27.21
C ILE B 118 -33.90 43.95 -26.72
N ASP B 119 -33.81 44.84 -25.73
CA ASP B 119 -32.53 45.40 -25.29
C ASP B 119 -31.42 44.35 -25.14
N ASP B 120 -31.67 43.32 -24.35
CA ASP B 120 -30.61 42.35 -24.01
C ASP B 120 -30.11 41.56 -25.20
N THR B 121 -30.77 41.68 -26.35
CA THR B 121 -30.35 40.96 -27.55
C THR B 121 -29.71 41.89 -28.60
N VAL B 122 -29.54 43.16 -28.27
CA VAL B 122 -28.97 44.12 -29.22
C VAL B 122 -28.01 45.14 -28.61
N GLU B 123 -27.81 45.08 -27.30
CA GLU B 123 -26.99 46.07 -26.61
C GLU B 123 -25.53 46.09 -27.06
N GLY B 124 -25.10 45.06 -27.77
CA GLY B 124 -23.75 45.01 -28.29
C GLY B 124 -23.63 45.51 -29.72
N ILE B 125 -24.74 45.54 -30.44
CA ILE B 125 -24.72 45.85 -31.86
C ILE B 125 -25.29 47.24 -32.16
N THR B 126 -24.71 47.90 -33.15
CA THR B 126 -25.20 49.18 -33.63
C THR B 126 -25.32 49.15 -35.15
N GLY B 127 -26.01 50.14 -35.71
CA GLY B 127 -26.13 50.26 -37.16
C GLY B 127 -27.53 49.97 -37.63
N ASN B 128 -27.66 49.64 -38.92
CA ASN B 128 -28.97 49.34 -39.49
C ASN B 128 -29.40 47.90 -39.26
N LEU B 129 -29.95 47.64 -38.08
CA LEU B 129 -30.45 46.32 -37.74
C LEU B 129 -31.68 45.98 -38.57
N PHE B 130 -32.38 47.00 -39.06
CA PHE B 130 -33.61 46.79 -39.82
C PHE B 130 -33.31 46.31 -41.24
N GLU B 131 -32.22 46.78 -41.82
CA GLU B 131 -31.86 46.41 -43.18
C GLU B 131 -31.18 45.05 -43.20
N VAL B 132 -30.53 44.71 -42.09
CA VAL B 132 -29.75 43.48 -42.00
C VAL B 132 -30.61 42.27 -41.61
N TYR B 133 -31.55 42.49 -40.70
CA TYR B 133 -32.36 41.39 -40.16
C TYR B 133 -33.78 41.36 -40.73
N LEU B 134 -34.51 42.46 -40.55
CA LEU B 134 -35.91 42.51 -40.95
C LEU B 134 -36.07 42.39 -42.46
N LYS B 135 -35.09 42.90 -43.21
CA LYS B 135 -35.16 42.92 -44.66
C LYS B 135 -35.28 41.51 -45.26
N PRO B 136 -34.25 40.66 -45.06
CA PRO B 136 -34.32 39.32 -45.65
C PRO B 136 -35.33 38.42 -44.96
N TYR B 137 -35.70 38.76 -43.73
CA TYR B 137 -36.65 37.94 -42.98
C TYR B 137 -38.06 38.05 -43.55
N PHE B 138 -38.46 39.26 -43.95
CA PHE B 138 -39.79 39.49 -44.47
C PHE B 138 -39.85 39.51 -46.00
N LEU B 139 -38.68 39.63 -46.64
CA LEU B 139 -38.62 39.67 -48.10
C LEU B 139 -39.20 38.38 -48.69
N GLU B 140 -40.19 38.51 -49.55
CA GLU B 140 -40.78 37.34 -50.21
C GLU B 140 -41.28 36.37 -49.15
N ALA B 141 -41.64 36.89 -47.99
CA ALA B 141 -41.99 36.06 -46.85
C ALA B 141 -43.49 35.87 -46.67
N TYR B 142 -44.26 36.92 -46.95
CA TYR B 142 -45.71 36.90 -46.75
C TYR B 142 -46.07 36.26 -45.41
N ARG B 143 -45.39 36.71 -44.36
CA ARG B 143 -45.58 36.17 -43.02
C ARG B 143 -46.82 36.72 -42.33
N PRO B 144 -47.65 35.82 -41.77
CA PRO B 144 -48.75 36.29 -40.94
C PRO B 144 -48.23 36.65 -39.55
N ILE B 145 -48.44 37.89 -39.12
CA ILE B 145 -47.96 38.32 -37.81
C ILE B 145 -49.09 38.90 -36.97
N ARG B 146 -48.82 39.05 -35.67
CA ARG B 146 -49.83 39.54 -34.74
C ARG B 146 -49.23 40.58 -33.79
N LYS B 147 -50.07 41.45 -33.26
CA LYS B 147 -49.62 42.42 -32.27
C LYS B 147 -49.23 41.72 -30.97
N GLY B 148 -48.01 41.98 -30.51
CA GLY B 148 -47.54 41.41 -29.26
C GLY B 148 -46.62 40.22 -29.47
N ASP B 149 -46.62 39.68 -30.69
CA ASP B 149 -45.78 38.54 -31.00
C ASP B 149 -44.31 38.90 -30.90
N ILE B 150 -43.50 37.94 -30.48
CA ILE B 150 -42.06 38.12 -30.46
C ILE B 150 -41.43 37.10 -31.39
N PHE B 151 -40.73 37.57 -32.41
CA PHE B 151 -40.07 36.68 -33.37
C PHE B 151 -38.56 36.83 -33.33
N LEU B 152 -37.88 35.83 -33.88
CA LEU B 152 -36.43 35.74 -33.80
C LEU B 152 -35.78 35.71 -35.17
N VAL B 153 -34.74 36.52 -35.35
CA VAL B 153 -34.00 36.56 -36.60
C VAL B 153 -32.51 36.40 -36.31
N ARG B 154 -31.88 35.41 -36.93
CA ARG B 154 -30.46 35.15 -36.67
C ARG B 154 -29.59 35.61 -37.83
N GLY B 155 -28.43 36.17 -37.49
CA GLY B 155 -27.51 36.69 -38.48
C GLY B 155 -26.39 37.46 -37.81
N GLY B 156 -25.25 37.57 -38.49
CA GLY B 156 -24.12 38.28 -37.95
C GLY B 156 -23.66 37.66 -36.65
N MET B 157 -23.67 36.34 -36.59
CA MET B 157 -23.25 35.60 -35.40
C MET B 157 -23.98 36.10 -34.15
N ARG B 158 -25.28 36.35 -34.31
CA ARG B 158 -26.12 36.81 -33.21
C ARG B 158 -27.58 36.61 -33.56
N ALA B 159 -28.42 36.40 -32.55
CA ALA B 159 -29.86 36.25 -32.75
C ALA B 159 -30.59 37.30 -31.94
N VAL B 160 -31.27 38.20 -32.64
CA VAL B 160 -31.98 39.28 -31.99
C VAL B 160 -33.49 39.02 -32.07
N GLU B 161 -34.19 39.42 -31.01
CA GLU B 161 -35.63 39.21 -30.92
C GLU B 161 -36.39 40.52 -31.03
N PHE B 162 -37.39 40.54 -31.91
CA PHE B 162 -38.23 41.70 -32.08
C PHE B 162 -39.64 41.45 -31.56
N LYS B 163 -40.29 42.50 -31.07
CA LYS B 163 -41.68 42.41 -30.63
C LYS B 163 -42.56 43.29 -31.49
N VAL B 164 -43.62 42.70 -32.03
CA VAL B 164 -44.55 43.46 -32.87
C VAL B 164 -45.37 44.42 -32.01
N VAL B 165 -45.09 45.70 -32.16
CA VAL B 165 -45.74 46.73 -31.36
C VAL B 165 -47.06 47.22 -31.95
N GLU B 166 -47.16 47.29 -33.28
CA GLU B 166 -48.38 47.78 -33.91
C GLU B 166 -48.52 47.42 -35.39
N THR B 167 -49.78 47.28 -35.82
CA THR B 167 -50.12 47.04 -37.22
C THR B 167 -51.37 47.84 -37.58
N ASP B 168 -51.39 48.45 -38.76
CA ASP B 168 -52.54 49.27 -39.15
C ASP B 168 -53.78 48.40 -39.30
N PRO B 169 -53.66 47.26 -40.00
CA PRO B 169 -54.75 46.30 -39.94
C PRO B 169 -54.60 45.43 -38.69
N SER B 170 -55.15 45.93 -37.58
CA SER B 170 -55.05 45.26 -36.30
C SER B 170 -56.16 44.22 -36.14
N PRO B 171 -55.94 43.23 -35.26
CA PRO B 171 -54.70 43.02 -34.50
C PRO B 171 -53.67 42.18 -35.25
N TYR B 172 -54.04 41.61 -36.39
CA TYR B 172 -53.12 40.76 -37.13
C TYR B 172 -53.22 40.98 -38.64
N CYS B 173 -52.13 40.70 -39.34
CA CYS B 173 -52.06 40.95 -40.78
C CYS B 173 -50.87 40.22 -41.40
N ILE B 174 -50.90 40.07 -42.71
CA ILE B 174 -49.78 39.47 -43.44
C ILE B 174 -48.78 40.55 -43.86
N VAL B 175 -47.50 40.17 -43.92
CA VAL B 175 -46.45 41.08 -44.30
C VAL B 175 -46.16 40.96 -45.80
N ALA B 176 -46.88 41.73 -46.60
CA ALA B 176 -46.71 41.70 -48.05
C ALA B 176 -45.57 42.62 -48.46
N PRO B 177 -45.09 42.47 -49.71
CA PRO B 177 -43.96 43.28 -50.19
C PRO B 177 -44.26 44.77 -50.10
N ASP B 178 -45.54 45.14 -50.17
CA ASP B 178 -45.95 46.54 -50.12
C ASP B 178 -45.98 47.07 -48.68
N THR B 179 -46.09 46.16 -47.73
CA THR B 179 -46.17 46.52 -46.31
C THR B 179 -44.93 47.27 -45.85
N VAL B 180 -45.14 48.36 -45.12
CA VAL B 180 -44.03 49.16 -44.61
C VAL B 180 -43.63 48.66 -43.23
N ILE B 181 -42.34 48.76 -42.92
CA ILE B 181 -41.79 48.30 -41.65
C ILE B 181 -41.06 49.45 -40.96
N HIS B 182 -41.25 49.58 -39.64
CA HIS B 182 -40.68 50.70 -38.89
C HIS B 182 -39.90 50.30 -37.64
N CYS B 183 -39.17 51.26 -37.10
CA CYS B 183 -38.38 51.08 -35.87
C CYS B 183 -38.12 52.44 -35.22
N GLU B 184 -38.49 52.60 -33.94
CA GLU B 184 -38.30 53.87 -33.26
C GLU B 184 -36.84 53.99 -32.85
N GLY B 185 -36.20 52.83 -32.69
CA GLY B 185 -34.79 52.77 -32.36
C GLY B 185 -34.57 52.22 -30.97
N GLU B 186 -34.99 52.97 -29.95
CA GLU B 186 -34.74 52.56 -28.57
C GLU B 186 -35.36 51.19 -28.29
N PRO B 187 -34.52 50.17 -28.03
CA PRO B 187 -35.03 48.83 -27.74
C PRO B 187 -35.76 48.76 -26.40
N ILE B 188 -36.92 48.10 -26.38
CA ILE B 188 -37.71 47.97 -25.16
C ILE B 188 -37.16 46.83 -24.28
N LYS B 189 -37.39 46.92 -22.97
CA LYS B 189 -36.96 45.87 -22.03
C LYS B 189 -37.93 44.70 -22.03
N ARG B 190 -37.49 43.57 -21.49
CA ARG B 190 -38.29 42.36 -21.47
C ARG B 190 -39.42 42.42 -20.44
N GLU B 191 -40.62 42.10 -20.88
CA GLU B 191 -41.77 42.01 -20.00
C GLU B 191 -41.54 40.80 -19.10
N ASP B 192 -42.17 40.77 -17.93
CA ASP B 192 -41.91 39.74 -16.94
C ASP B 192 -42.09 38.30 -17.43
N GLU B 193 -43.17 38.04 -18.17
CA GLU B 193 -43.51 36.67 -18.55
C GLU B 193 -42.88 36.22 -19.87
N GLU B 194 -42.36 37.16 -20.65
CA GLU B 194 -41.72 36.84 -21.92
C GLU B 194 -40.38 36.14 -21.73
N GLU B 195 -40.38 34.83 -21.96
CA GLU B 195 -39.18 34.03 -21.81
C GLU B 195 -38.20 34.35 -22.94
N SER B 196 -36.91 34.22 -22.65
CA SER B 196 -35.89 34.44 -23.66
C SER B 196 -35.72 33.18 -24.51
N LEU B 197 -35.42 33.36 -25.79
CA LEU B 197 -35.17 32.21 -26.66
C LEU B 197 -33.69 31.85 -26.64
N ASN B 198 -32.90 32.69 -25.99
CA ASN B 198 -31.50 32.34 -25.69
C ASN B 198 -31.48 31.30 -24.60
N GLU B 199 -32.56 31.24 -23.82
CA GLU B 199 -32.70 30.20 -22.81
C GLU B 199 -32.59 28.85 -23.49
N VAL B 200 -32.12 27.86 -22.76
CA VAL B 200 -31.83 26.56 -23.35
C VAL B 200 -33.12 25.78 -23.61
N GLY B 201 -33.13 25.04 -24.72
CA GLY B 201 -34.27 24.21 -25.06
C GLY B 201 -33.81 22.98 -25.82
N TYR B 202 -34.75 22.08 -26.12
CA TYR B 202 -34.40 20.83 -26.79
C TYR B 202 -33.78 21.11 -28.16
N ASP B 203 -34.11 22.26 -28.73
CA ASP B 203 -33.59 22.64 -30.04
C ASP B 203 -32.13 23.07 -29.95
N ASP B 204 -31.60 23.15 -28.74
CA ASP B 204 -30.19 23.46 -28.53
C ASP B 204 -29.37 22.19 -28.28
N ILE B 205 -30.04 21.04 -28.32
CA ILE B 205 -29.40 19.76 -28.02
C ILE B 205 -29.48 18.82 -29.22
N GLY B 206 -28.36 18.18 -29.54
CA GLY B 206 -28.32 17.24 -30.65
C GLY B 206 -27.40 16.06 -30.37
N GLY B 207 -27.50 15.04 -31.21
CA GLY B 207 -26.62 13.89 -31.15
C GLY B 207 -27.02 12.85 -30.12
N CYS B 208 -28.08 13.11 -29.37
CA CYS B 208 -28.59 12.15 -28.41
C CYS B 208 -30.09 12.28 -28.21
N ARG B 209 -30.85 12.06 -29.28
CA ARG B 209 -32.30 12.17 -29.21
C ARG B 209 -32.88 11.07 -28.32
N LYS B 210 -32.49 9.82 -28.53
CA LYS B 210 -33.02 8.72 -27.73
C LYS B 210 -32.87 8.99 -26.24
N GLN B 211 -31.69 9.43 -25.83
CA GLN B 211 -31.45 9.69 -24.42
C GLN B 211 -32.34 10.82 -23.96
N LEU B 212 -32.43 11.86 -24.79
CA LEU B 212 -33.27 13.01 -24.49
C LEU B 212 -34.75 12.62 -24.49
N ALA B 213 -35.07 11.58 -25.24
CA ALA B 213 -36.44 11.07 -25.29
C ALA B 213 -36.80 10.36 -23.99
N GLN B 214 -35.90 9.47 -23.54
CA GLN B 214 -36.11 8.71 -22.32
C GLN B 214 -36.39 9.65 -21.15
N ILE B 215 -35.59 10.69 -21.03
CA ILE B 215 -35.74 11.64 -19.93
C ILE B 215 -37.09 12.35 -20.02
N LYS B 216 -37.50 12.68 -21.24
CA LYS B 216 -38.79 13.34 -21.45
C LYS B 216 -39.94 12.49 -20.92
N GLU B 217 -39.87 11.18 -21.15
CA GLU B 217 -40.88 10.27 -20.63
C GLU B 217 -40.90 10.28 -19.10
N MET B 218 -39.72 10.11 -18.50
CA MET B 218 -39.60 10.03 -17.05
C MET B 218 -40.16 11.26 -16.35
N VAL B 219 -39.90 12.42 -16.93
CA VAL B 219 -40.14 13.68 -16.24
C VAL B 219 -41.50 14.31 -16.58
N GLU B 220 -41.97 14.10 -17.80
CA GLU B 220 -43.15 14.80 -18.28
C GLU B 220 -44.37 14.57 -17.41
N LEU B 221 -44.65 13.31 -17.06
CA LEU B 221 -45.88 12.99 -16.35
C LEU B 221 -45.90 13.66 -14.96
N PRO B 222 -44.90 13.37 -14.13
CA PRO B 222 -44.93 13.94 -12.76
C PRO B 222 -44.71 15.45 -12.71
N LEU B 223 -44.03 16.01 -13.70
CA LEU B 223 -43.70 17.43 -13.66
C LEU B 223 -44.76 18.28 -14.34
N ARG B 224 -45.38 17.74 -15.39
CA ARG B 224 -46.43 18.46 -16.10
C ARG B 224 -47.80 18.23 -15.45
N HIS B 225 -48.03 17.02 -14.97
CA HIS B 225 -49.32 16.67 -14.38
C HIS B 225 -49.15 16.18 -12.95
N PRO B 226 -48.77 17.10 -12.04
CA PRO B 226 -48.52 16.82 -10.62
C PRO B 226 -49.78 16.38 -9.87
N ALA B 227 -50.89 17.03 -10.16
CA ALA B 227 -52.15 16.73 -9.49
C ALA B 227 -52.49 15.25 -9.59
N LEU B 228 -52.19 14.65 -10.74
CA LEU B 228 -52.50 13.25 -10.97
C LEU B 228 -51.79 12.33 -9.97
N PHE B 229 -50.55 12.67 -9.63
CA PHE B 229 -49.74 11.77 -8.79
C PHE B 229 -50.16 11.79 -7.34
N LYS B 230 -50.69 12.90 -6.85
CA LYS B 230 -51.09 12.98 -5.47
C LYS B 230 -52.37 12.14 -5.28
N ALA B 231 -53.15 12.04 -6.36
CA ALA B 231 -54.41 11.30 -6.33
C ALA B 231 -54.26 9.80 -6.64
N ILE B 232 -53.40 9.47 -7.60
CA ILE B 232 -53.21 8.08 -8.03
C ILE B 232 -52.51 7.16 -7.02
N GLY B 233 -51.48 7.65 -6.36
CA GLY B 233 -50.79 6.88 -5.34
C GLY B 233 -49.62 6.05 -5.84
N VAL B 234 -49.45 5.94 -7.14
CA VAL B 234 -48.26 5.29 -7.72
C VAL B 234 -47.04 6.20 -7.71
N LYS B 235 -45.88 5.59 -7.50
CA LYS B 235 -44.62 6.30 -7.37
C LYS B 235 -43.91 6.54 -8.70
N PRO B 236 -43.56 7.80 -8.98
CA PRO B 236 -42.77 8.15 -10.17
C PRO B 236 -41.28 8.12 -9.83
N PRO B 237 -40.41 8.29 -10.84
CA PRO B 237 -38.98 8.36 -10.54
C PRO B 237 -38.66 9.58 -9.69
N ARG B 238 -37.61 9.49 -8.89
CA ARG B 238 -37.19 10.61 -8.04
C ARG B 238 -35.79 11.06 -8.41
N GLY B 239 -34.91 10.11 -8.68
CA GLY B 239 -33.52 10.41 -8.99
C GLY B 239 -33.13 9.92 -10.36
N ILE B 240 -32.75 10.86 -11.22
CA ILE B 240 -32.26 10.52 -12.55
C ILE B 240 -30.78 10.86 -12.64
N LEU B 241 -29.98 9.87 -12.97
CA LEU B 241 -28.52 10.04 -13.01
C LEU B 241 -28.03 10.07 -14.45
N LEU B 242 -27.61 11.24 -14.91
CA LEU B 242 -27.01 11.38 -16.22
C LEU B 242 -25.50 11.21 -16.13
N TYR B 243 -24.92 10.37 -16.97
CA TYR B 243 -23.48 10.17 -16.95
C TYR B 243 -22.86 10.06 -18.33
N GLY B 244 -21.61 10.49 -18.43
CA GLY B 244 -20.90 10.52 -19.69
C GLY B 244 -19.68 11.42 -19.56
N PRO B 245 -18.78 11.38 -20.53
CA PRO B 245 -17.56 12.22 -20.50
C PRO B 245 -17.89 13.69 -20.29
N PRO B 246 -16.88 14.50 -19.95
CA PRO B 246 -17.12 15.93 -19.80
C PRO B 246 -17.48 16.60 -21.13
N GLY B 247 -18.48 17.48 -21.12
CA GLY B 247 -18.84 18.26 -22.29
C GLY B 247 -19.83 17.58 -23.21
N THR B 248 -20.49 16.53 -22.74
CA THR B 248 -21.44 15.78 -23.56
C THR B 248 -22.84 16.38 -23.53
N GLY B 249 -23.05 17.40 -22.69
CA GLY B 249 -24.31 18.10 -22.66
C GLY B 249 -25.21 17.69 -21.52
N LYS B 250 -24.62 17.15 -20.46
CA LYS B 250 -25.38 16.72 -19.28
C LYS B 250 -26.04 17.90 -18.58
N THR B 251 -25.27 18.94 -18.29
CA THR B 251 -25.82 20.14 -17.68
C THR B 251 -26.82 20.77 -18.62
N LEU B 252 -26.53 20.72 -19.92
CA LEU B 252 -27.38 21.28 -20.95
C LEU B 252 -28.75 20.62 -20.93
N ILE B 253 -28.76 19.29 -20.94
CA ILE B 253 -29.99 18.52 -20.93
C ILE B 253 -30.85 18.82 -19.70
N ALA B 254 -30.22 18.84 -18.53
CA ALA B 254 -30.93 19.14 -17.30
C ALA B 254 -31.65 20.48 -17.41
N ARG B 255 -30.92 21.50 -17.84
CA ARG B 255 -31.49 22.84 -17.92
C ARG B 255 -32.60 22.90 -18.97
N ALA B 256 -32.39 22.24 -20.10
CA ALA B 256 -33.39 22.20 -21.16
C ALA B 256 -34.70 21.62 -20.65
N VAL B 257 -34.62 20.47 -19.99
CA VAL B 257 -35.81 19.80 -19.48
C VAL B 257 -36.57 20.69 -18.50
N ALA B 258 -35.81 21.44 -17.69
CA ALA B 258 -36.42 22.35 -16.72
C ALA B 258 -37.23 23.42 -17.44
N ASN B 259 -36.61 24.04 -18.44
CA ASN B 259 -37.25 25.12 -19.18
C ASN B 259 -38.46 24.65 -19.99
N GLU B 260 -38.31 23.51 -20.67
CA GLU B 260 -39.39 23.00 -21.51
C GLU B 260 -40.61 22.55 -20.70
N THR B 261 -40.38 22.10 -19.47
CA THR B 261 -41.47 21.69 -18.60
C THR B 261 -41.98 22.86 -17.75
N GLY B 262 -41.17 23.91 -17.66
CA GLY B 262 -41.55 25.08 -16.89
C GLY B 262 -41.40 24.86 -15.40
N ALA B 263 -40.64 23.83 -15.03
CA ALA B 263 -40.43 23.53 -13.62
C ALA B 263 -39.40 24.47 -13.02
N PHE B 264 -39.45 24.64 -11.70
CA PHE B 264 -38.45 25.45 -11.01
C PHE B 264 -37.13 24.70 -11.00
N PHE B 265 -36.07 25.40 -11.38
CA PHE B 265 -34.75 24.78 -11.54
C PHE B 265 -33.79 25.27 -10.46
N PHE B 266 -33.37 24.35 -9.59
CA PHE B 266 -32.40 24.68 -8.56
C PHE B 266 -31.11 23.91 -8.80
N LEU B 267 -30.05 24.64 -9.13
CA LEU B 267 -28.75 24.04 -9.43
C LEU B 267 -27.88 23.90 -8.20
N ILE B 268 -27.30 22.72 -8.02
CA ILE B 268 -26.33 22.47 -6.97
C ILE B 268 -25.02 22.04 -7.62
N ASN B 269 -24.03 22.92 -7.60
CA ASN B 269 -22.73 22.60 -8.18
C ASN B 269 -21.84 21.96 -7.12
N GLY B 270 -21.45 20.71 -7.36
CA GLY B 270 -20.64 19.95 -6.42
C GLY B 270 -19.50 20.75 -5.82
N PRO B 271 -18.55 21.18 -6.66
CA PRO B 271 -17.41 21.98 -6.20
C PRO B 271 -17.80 23.18 -5.35
N GLU B 272 -18.88 23.87 -5.71
CA GLU B 272 -19.29 25.05 -4.95
C GLU B 272 -19.64 24.67 -3.51
N ILE B 273 -20.42 23.61 -3.36
CA ILE B 273 -20.79 23.12 -2.04
C ILE B 273 -19.58 22.65 -1.23
N MET B 274 -18.65 21.99 -1.90
CA MET B 274 -17.49 21.40 -1.22
C MET B 274 -16.41 22.45 -0.98
N SER B 275 -16.63 23.67 -1.46
CA SER B 275 -15.71 24.77 -1.21
C SER B 275 -16.12 25.53 0.04
N LYS B 276 -17.29 25.19 0.59
CA LYS B 276 -17.83 25.90 1.74
C LYS B 276 -17.37 25.23 3.03
N LEU B 277 -17.46 25.96 4.14
CA LEU B 277 -17.06 25.43 5.44
C LEU B 277 -17.92 24.23 5.82
N ALA B 278 -17.51 23.51 6.87
CA ALA B 278 -18.21 22.30 7.27
C ALA B 278 -19.71 22.52 7.44
N GLY B 279 -20.07 23.44 8.33
CA GLY B 279 -21.47 23.72 8.61
C GLY B 279 -22.22 24.24 7.40
N GLU B 280 -21.55 25.07 6.60
CA GLU B 280 -22.17 25.71 5.45
C GLU B 280 -22.54 24.73 4.34
N SER B 281 -21.70 23.72 4.12
CA SER B 281 -21.94 22.76 3.05
C SER B 281 -23.25 22.02 3.29
N GLU B 282 -23.38 21.48 4.49
CA GLU B 282 -24.55 20.69 4.87
C GLU B 282 -25.81 21.53 4.78
N SER B 283 -25.74 22.77 5.25
CA SER B 283 -26.89 23.66 5.29
C SER B 283 -27.38 23.96 3.87
N ASN B 284 -26.44 24.28 2.99
CA ASN B 284 -26.77 24.64 1.62
C ASN B 284 -27.54 23.52 0.92
N LEU B 285 -27.13 22.29 1.15
CA LEU B 285 -27.86 21.14 0.60
C LEU B 285 -29.30 21.16 1.08
N ARG B 286 -29.48 21.38 2.38
CA ARG B 286 -30.81 21.39 2.98
C ARG B 286 -31.65 22.49 2.32
N LYS B 287 -31.08 23.69 2.25
CA LYS B 287 -31.79 24.84 1.70
C LYS B 287 -32.25 24.56 0.27
N ALA B 288 -31.38 23.93 -0.51
CA ALA B 288 -31.68 23.62 -1.91
C ALA B 288 -32.92 22.75 -2.00
N PHE B 289 -32.96 21.69 -1.20
CA PHE B 289 -34.11 20.78 -1.21
C PHE B 289 -35.36 21.47 -0.69
N GLU B 290 -35.22 22.27 0.37
CA GLU B 290 -36.35 22.98 0.95
C GLU B 290 -36.96 23.96 -0.06
N GLU B 291 -36.10 24.64 -0.80
CA GLU B 291 -36.56 25.61 -1.79
C GLU B 291 -37.24 24.90 -2.95
N ALA B 292 -36.72 23.73 -3.30
CA ALA B 292 -37.29 22.94 -4.38
C ALA B 292 -38.69 22.48 -4.02
N GLU B 293 -38.85 22.03 -2.78
CA GLU B 293 -40.16 21.58 -2.29
C GLU B 293 -41.15 22.74 -2.23
N LYS B 294 -40.64 23.92 -1.93
CA LYS B 294 -41.47 25.12 -1.81
C LYS B 294 -42.03 25.54 -3.17
N ASN B 295 -41.22 25.40 -4.21
CA ASN B 295 -41.61 25.81 -5.55
C ASN B 295 -41.88 24.63 -6.47
N ALA B 296 -42.45 23.56 -5.91
CA ALA B 296 -42.80 22.39 -6.70
C ALA B 296 -43.94 22.74 -7.65
N PRO B 297 -43.95 22.13 -8.86
CA PRO B 297 -42.97 21.14 -9.33
C PRO B 297 -41.60 21.76 -9.60
N ALA B 298 -40.55 20.99 -9.37
CA ALA B 298 -39.18 21.50 -9.50
C ALA B 298 -38.19 20.40 -9.87
N ILE B 299 -37.08 20.81 -10.47
CA ILE B 299 -35.98 19.91 -10.77
C ILE B 299 -34.72 20.36 -10.04
N ILE B 300 -34.25 19.55 -9.11
CA ILE B 300 -32.97 19.80 -8.46
C ILE B 300 -31.87 19.14 -9.28
N PHE B 301 -30.93 19.93 -9.78
CA PHE B 301 -29.83 19.38 -10.56
C PHE B 301 -28.51 19.45 -9.81
N ILE B 302 -27.96 18.30 -9.48
CA ILE B 302 -26.67 18.23 -8.80
C ILE B 302 -25.57 17.98 -9.82
N ASP B 303 -24.86 19.05 -10.18
CA ASP B 303 -23.80 18.95 -11.18
C ASP B 303 -22.51 18.46 -10.53
N GLU B 304 -21.80 17.58 -11.24
CA GLU B 304 -20.57 16.99 -10.70
C GLU B 304 -20.86 16.35 -9.36
N LEU B 305 -21.80 15.42 -9.35
CA LEU B 305 -22.24 14.74 -8.14
C LEU B 305 -21.07 14.10 -7.40
N ASP B 306 -20.14 13.53 -8.15
CA ASP B 306 -19.02 12.81 -7.56
C ASP B 306 -18.19 13.69 -6.62
N ALA B 307 -18.30 15.00 -6.80
CA ALA B 307 -17.57 15.94 -5.93
C ALA B 307 -18.09 15.88 -4.50
N ILE B 308 -19.38 15.58 -4.34
CA ILE B 308 -19.98 15.52 -3.02
C ILE B 308 -19.96 14.09 -2.47
N ALA B 309 -20.29 13.12 -3.31
CA ALA B 309 -20.44 11.74 -2.86
C ALA B 309 -19.67 10.75 -3.73
N PRO B 310 -18.35 10.73 -3.59
CA PRO B 310 -17.50 9.75 -4.27
C PRO B 310 -17.52 8.41 -3.55
N LYS B 311 -16.85 7.41 -4.11
CA LYS B 311 -16.78 6.09 -3.48
C LYS B 311 -16.42 6.23 -2.00
N ARG B 312 -17.07 5.45 -1.16
CA ARG B 312 -16.90 5.56 0.30
C ARG B 312 -15.45 5.39 0.73
N GLU B 313 -14.66 4.64 -0.04
CA GLU B 313 -13.26 4.41 0.30
C GLU B 313 -12.44 5.67 0.06
N LYS B 314 -12.90 6.48 -0.89
CA LYS B 314 -12.17 7.67 -1.29
C LYS B 314 -12.57 8.86 -0.42
N THR B 315 -13.53 8.64 0.49
CA THR B 315 -14.07 9.71 1.28
C THR B 315 -13.38 9.82 2.64
N HIS B 316 -12.06 9.76 2.67
CA HIS B 316 -11.34 9.90 3.93
C HIS B 316 -11.50 11.33 4.43
N GLY B 317 -12.01 11.46 5.65
CA GLY B 317 -12.36 12.75 6.22
C GLY B 317 -13.74 12.68 6.84
N GLU B 318 -13.84 13.11 8.08
CA GLU B 318 -15.08 12.99 8.84
C GLU B 318 -16.21 13.86 8.26
N VAL B 319 -15.91 15.11 7.97
CA VAL B 319 -16.94 16.05 7.50
C VAL B 319 -17.45 15.64 6.12
N GLU B 320 -16.59 15.07 5.29
CA GLU B 320 -16.97 14.71 3.94
C GLU B 320 -17.98 13.55 3.95
N ARG B 321 -17.76 12.57 4.80
CA ARG B 321 -18.68 11.44 4.90
C ARG B 321 -20.04 11.93 5.42
N ARG B 322 -20.00 12.91 6.31
CA ARG B 322 -21.22 13.45 6.89
C ARG B 322 -22.09 14.12 5.83
N ILE B 323 -21.46 14.78 4.87
CA ILE B 323 -22.21 15.44 3.80
C ILE B 323 -22.87 14.40 2.89
N VAL B 324 -22.16 13.30 2.62
CA VAL B 324 -22.70 12.24 1.79
C VAL B 324 -23.93 11.66 2.47
N SER B 325 -23.81 11.41 3.78
CA SER B 325 -24.92 10.94 4.56
C SER B 325 -26.05 11.96 4.53
N GLN B 326 -25.69 13.23 4.65
CA GLN B 326 -26.66 14.30 4.58
C GLN B 326 -27.45 14.22 3.27
N LEU B 327 -26.74 14.01 2.18
CA LEU B 327 -27.38 13.94 0.86
C LEU B 327 -28.30 12.73 0.78
N LEU B 328 -27.83 11.57 1.25
CA LEU B 328 -28.64 10.36 1.25
C LEU B 328 -29.94 10.56 2.01
N THR B 329 -29.86 11.26 3.14
CA THR B 329 -31.05 11.52 3.94
C THR B 329 -32.03 12.40 3.19
N LEU B 330 -31.50 13.44 2.54
CA LEU B 330 -32.32 14.38 1.79
C LEU B 330 -33.04 13.66 0.66
N MET B 331 -32.33 12.75 -0.01
CA MET B 331 -32.92 11.94 -1.07
C MET B 331 -34.02 11.06 -0.48
N ASP B 332 -33.75 10.48 0.68
CA ASP B 332 -34.77 9.70 1.38
C ASP B 332 -35.90 10.61 1.85
N GLY B 333 -35.57 11.85 2.16
CA GLY B 333 -36.55 12.80 2.65
C GLY B 333 -37.57 13.16 1.58
N LEU B 334 -37.31 12.68 0.37
CA LEU B 334 -38.22 12.87 -0.76
C LEU B 334 -39.41 11.94 -0.54
N LYS B 335 -39.37 11.19 0.56
CA LYS B 335 -40.49 10.37 1.00
C LYS B 335 -41.72 11.24 1.25
N GLN B 336 -41.49 12.55 1.40
CA GLN B 336 -42.59 13.52 1.44
C GLN B 336 -43.35 13.42 0.12
N ARG B 337 -42.62 13.07 -0.94
CA ARG B 337 -43.21 12.80 -2.24
C ARG B 337 -43.79 14.05 -2.89
N ALA B 338 -43.33 15.22 -2.43
CA ALA B 338 -43.65 16.46 -3.10
C ALA B 338 -43.16 16.34 -4.54
N HIS B 339 -43.90 16.95 -5.46
CA HIS B 339 -43.61 16.85 -6.88
C HIS B 339 -42.22 17.39 -7.18
N VAL B 340 -41.18 16.68 -6.72
CA VAL B 340 -39.81 17.11 -6.96
C VAL B 340 -38.96 16.00 -7.56
N ILE B 341 -38.24 16.33 -8.62
CA ILE B 341 -37.29 15.39 -9.23
C ILE B 341 -35.85 15.86 -9.07
N VAL B 342 -34.97 14.93 -8.71
CA VAL B 342 -33.55 15.23 -8.58
C VAL B 342 -32.78 14.61 -9.74
N MET B 343 -32.15 15.45 -10.55
CA MET B 343 -31.28 14.97 -11.62
C MET B 343 -29.82 15.23 -11.21
N ALA B 344 -28.92 14.35 -11.61
CA ALA B 344 -27.51 14.50 -11.26
C ALA B 344 -26.61 14.08 -12.42
N ALA B 345 -25.44 14.70 -12.49
CA ALA B 345 -24.48 14.42 -13.55
C ALA B 345 -23.12 14.07 -12.97
N THR B 346 -22.45 13.11 -13.57
CA THR B 346 -21.09 12.75 -13.14
C THR B 346 -20.29 12.16 -14.30
N ASN B 347 -19.00 12.49 -14.33
CA ASN B 347 -18.12 12.00 -15.38
C ASN B 347 -17.86 10.51 -15.21
N ARG B 348 -17.74 10.08 -13.95
CA ARG B 348 -17.40 8.71 -13.64
C ARG B 348 -18.50 8.08 -12.81
N PRO B 349 -19.38 7.28 -13.44
CA PRO B 349 -20.47 6.59 -12.74
C PRO B 349 -19.95 5.69 -11.62
N ASN B 350 -18.75 5.15 -11.80
CA ASN B 350 -18.13 4.28 -10.82
C ASN B 350 -17.65 5.07 -9.61
N SER B 351 -17.44 6.38 -9.80
CA SER B 351 -16.95 7.23 -8.73
C SER B 351 -18.02 7.51 -7.68
N ILE B 352 -19.28 7.51 -8.09
CA ILE B 352 -20.39 7.79 -7.19
C ILE B 352 -20.50 6.73 -6.09
N ASP B 353 -20.75 7.19 -4.85
CA ASP B 353 -21.01 6.28 -3.74
C ASP B 353 -22.16 5.37 -4.11
N PRO B 354 -21.93 4.04 -4.11
CA PRO B 354 -22.96 3.09 -4.54
C PRO B 354 -24.27 3.22 -3.77
N ALA B 355 -24.21 3.79 -2.58
CA ALA B 355 -25.41 4.01 -1.77
C ALA B 355 -26.43 4.89 -2.50
N LEU B 356 -25.95 5.76 -3.38
CA LEU B 356 -26.81 6.69 -4.10
C LEU B 356 -27.60 5.99 -5.21
N ARG B 357 -27.04 4.90 -5.74
CA ARG B 357 -27.67 4.18 -6.83
C ARG B 357 -28.73 3.21 -6.33
N ARG B 358 -28.99 3.24 -5.03
CA ARG B 358 -29.96 2.33 -4.43
C ARG B 358 -31.37 2.80 -4.76
N PHE B 359 -32.32 1.90 -4.68
CA PHE B 359 -33.71 2.20 -4.99
C PHE B 359 -34.25 3.29 -4.06
N GLY B 360 -35.11 4.15 -4.61
CA GLY B 360 -35.71 5.22 -3.83
C GLY B 360 -34.89 6.51 -3.91
N ARG B 361 -33.65 6.38 -4.39
CA ARG B 361 -32.79 7.53 -4.57
C ARG B 361 -32.56 7.73 -6.08
N PHE B 362 -31.33 7.58 -6.54
CA PHE B 362 -31.07 7.65 -7.97
C PHE B 362 -31.29 6.28 -8.59
N ASP B 363 -32.57 5.96 -8.78
CA ASP B 363 -32.97 4.65 -9.27
C ASP B 363 -33.06 4.59 -10.79
N ARG B 364 -32.73 5.71 -11.44
CA ARG B 364 -32.69 5.76 -12.91
C ARG B 364 -31.38 6.31 -13.42
N GLU B 365 -30.82 5.64 -14.43
CA GLU B 365 -29.56 6.05 -15.04
C GLU B 365 -29.73 6.24 -16.53
N VAL B 366 -29.03 7.23 -17.07
CA VAL B 366 -29.06 7.51 -18.50
C VAL B 366 -27.64 7.75 -19.01
N ASP B 367 -27.22 6.95 -19.98
CA ASP B 367 -25.89 7.07 -20.56
C ASP B 367 -25.89 8.04 -21.74
N ILE B 368 -25.39 9.25 -21.51
CA ILE B 368 -25.24 10.24 -22.56
C ILE B 368 -23.82 10.19 -23.10
N GLY B 369 -23.54 9.18 -23.93
CA GLY B 369 -22.20 8.93 -24.42
C GLY B 369 -21.68 10.01 -25.36
N ILE B 370 -20.64 9.65 -26.10
CA ILE B 370 -20.05 10.54 -27.09
C ILE B 370 -20.84 10.50 -28.39
N PRO B 371 -21.04 11.65 -29.03
CA PRO B 371 -21.83 11.69 -30.27
C PRO B 371 -21.17 10.97 -31.44
N ASP B 372 -21.96 10.32 -32.27
CA ASP B 372 -21.46 9.69 -33.49
C ASP B 372 -21.43 10.69 -34.64
N ALA B 373 -21.00 10.23 -35.81
CA ALA B 373 -20.91 11.08 -36.98
C ALA B 373 -22.19 11.87 -37.22
N THR B 374 -23.30 11.15 -37.30
CA THR B 374 -24.60 11.77 -37.55
C THR B 374 -24.88 12.82 -36.48
N GLY B 375 -24.57 12.47 -35.24
CA GLY B 375 -24.78 13.35 -34.10
C GLY B 375 -23.93 14.61 -34.16
N ARG B 376 -22.64 14.45 -34.44
CA ARG B 376 -21.75 15.59 -34.53
C ARG B 376 -22.23 16.60 -35.55
N LEU B 377 -22.74 16.12 -36.68
CA LEU B 377 -23.32 16.99 -37.68
C LEU B 377 -24.46 17.78 -37.06
N GLU B 378 -25.29 17.09 -36.28
CA GLU B 378 -26.43 17.71 -35.64
C GLU B 378 -25.94 18.87 -34.77
N ILE B 379 -24.85 18.61 -34.04
CA ILE B 379 -24.28 19.59 -33.13
C ILE B 379 -23.78 20.82 -33.89
N LEU B 380 -23.00 20.57 -34.94
CA LEU B 380 -22.43 21.64 -35.74
C LEU B 380 -23.51 22.57 -36.29
N GLN B 381 -24.65 22.01 -36.68
CA GLN B 381 -25.75 22.80 -37.20
C GLN B 381 -26.28 23.76 -36.14
N ILE B 382 -26.29 23.29 -34.89
CA ILE B 382 -26.82 24.09 -33.79
C ILE B 382 -25.94 25.30 -33.51
N HIS B 383 -24.63 25.12 -33.57
CA HIS B 383 -23.69 26.18 -33.24
C HIS B 383 -23.26 26.98 -34.47
N THR B 384 -23.93 26.76 -35.59
CA THR B 384 -23.72 27.56 -36.78
C THR B 384 -25.02 28.24 -37.21
N LYS B 385 -26.01 28.20 -36.33
CA LYS B 385 -27.31 28.82 -36.58
C LYS B 385 -27.19 30.31 -36.85
N ASN B 386 -26.41 30.99 -36.03
CA ASN B 386 -26.32 32.44 -36.07
C ASN B 386 -25.24 32.98 -37.01
N MET B 387 -24.42 32.09 -37.55
CA MET B 387 -23.33 32.52 -38.41
C MET B 387 -23.71 32.40 -39.88
N LYS B 388 -23.32 33.38 -40.68
CA LYS B 388 -23.47 33.30 -42.12
C LYS B 388 -22.39 32.38 -42.65
N LEU B 389 -22.81 31.24 -43.20
CA LEU B 389 -21.87 30.20 -43.59
C LEU B 389 -21.55 30.35 -45.08
N ALA B 390 -20.27 30.27 -45.43
CA ALA B 390 -19.87 30.36 -46.82
C ALA B 390 -20.38 29.15 -47.59
N ASP B 391 -20.35 29.23 -48.93
CA ASP B 391 -20.88 28.16 -49.76
C ASP B 391 -19.97 26.94 -49.80
N ASP B 392 -18.67 27.19 -49.72
CA ASP B 392 -17.68 26.10 -49.77
C ASP B 392 -17.71 25.24 -48.52
N VAL B 393 -18.40 25.70 -47.49
CA VAL B 393 -18.46 24.99 -46.21
C VAL B 393 -19.27 23.70 -46.32
N ASP B 394 -18.70 22.61 -45.82
CA ASP B 394 -19.37 21.31 -45.80
C ASP B 394 -19.33 20.68 -44.41
N LEU B 395 -20.38 20.92 -43.63
CA LEU B 395 -20.43 20.44 -42.26
C LEU B 395 -20.39 18.91 -42.19
N GLU B 396 -20.92 18.26 -43.21
CA GLU B 396 -20.95 16.80 -43.23
C GLU B 396 -19.54 16.21 -43.21
N GLN B 397 -18.63 16.85 -43.94
CA GLN B 397 -17.24 16.40 -43.94
C GLN B 397 -16.63 16.60 -42.56
N VAL B 398 -16.84 17.79 -41.99
CA VAL B 398 -16.31 18.12 -40.68
C VAL B 398 -16.76 17.10 -39.65
N ALA B 399 -18.03 16.69 -39.73
CA ALA B 399 -18.58 15.73 -38.80
C ALA B 399 -17.80 14.41 -38.87
N ASN B 400 -17.54 13.95 -40.10
CA ASN B 400 -16.83 12.69 -40.30
C ASN B 400 -15.39 12.83 -39.83
N GLU B 401 -14.87 14.04 -39.98
CA GLU B 401 -13.47 14.33 -39.71
C GLU B 401 -13.22 14.48 -38.21
N THR B 402 -14.21 15.02 -37.51
CA THR B 402 -14.10 15.27 -36.07
C THR B 402 -14.37 14.04 -35.22
N HIS B 403 -13.57 13.00 -35.40
CA HIS B 403 -13.67 11.83 -34.55
C HIS B 403 -13.20 12.16 -33.14
N GLY B 404 -13.75 11.48 -32.15
CA GLY B 404 -13.35 11.69 -30.77
C GLY B 404 -13.72 13.06 -30.23
N HIS B 405 -14.53 13.79 -30.98
CA HIS B 405 -14.97 15.11 -30.56
C HIS B 405 -16.26 15.03 -29.76
N VAL B 406 -16.35 15.85 -28.72
CA VAL B 406 -17.53 15.91 -27.86
C VAL B 406 -18.28 17.23 -28.09
N GLY B 407 -19.55 17.26 -27.71
CA GLY B 407 -20.37 18.44 -27.86
C GLY B 407 -19.61 19.74 -27.65
N ALA B 408 -19.02 19.89 -26.46
CA ALA B 408 -18.27 21.10 -26.13
C ALA B 408 -17.12 21.35 -27.10
N ASP B 409 -16.48 20.29 -27.57
CA ASP B 409 -15.39 20.44 -28.54
C ASP B 409 -15.90 21.06 -29.83
N LEU B 410 -17.02 20.54 -30.33
CA LEU B 410 -17.60 21.03 -31.57
C LEU B 410 -18.04 22.48 -31.41
N ALA B 411 -18.69 22.78 -30.28
CA ALA B 411 -19.12 24.14 -30.00
C ALA B 411 -17.91 25.07 -29.99
N ALA B 412 -16.79 24.54 -29.51
CA ALA B 412 -15.55 25.30 -29.45
C ALA B 412 -14.96 25.44 -30.84
N LEU B 413 -15.03 24.37 -31.62
CA LEU B 413 -14.47 24.36 -32.97
C LEU B 413 -15.12 25.45 -33.81
N CYS B 414 -16.43 25.59 -33.65
CA CYS B 414 -17.20 26.60 -34.35
C CYS B 414 -16.80 27.99 -33.87
N SER B 415 -16.62 28.13 -32.56
CA SER B 415 -16.26 29.42 -31.97
C SER B 415 -14.90 29.88 -32.47
N GLU B 416 -13.96 28.95 -32.58
CA GLU B 416 -12.60 29.28 -32.98
C GLU B 416 -12.58 29.58 -34.48
N ALA B 417 -13.43 28.91 -35.23
CA ALA B 417 -13.54 29.12 -36.67
C ALA B 417 -14.10 30.52 -36.97
N ALA B 418 -14.94 31.02 -36.07
CA ALA B 418 -15.50 32.35 -36.22
C ALA B 418 -14.42 33.40 -35.99
N LEU B 419 -13.66 33.25 -34.91
CA LEU B 419 -12.59 34.20 -34.59
C LEU B 419 -11.59 34.28 -35.73
N GLN B 420 -11.43 33.19 -36.47
CA GLN B 420 -10.53 33.18 -37.61
C GLN B 420 -11.12 34.01 -38.74
N ALA B 421 -12.43 33.85 -38.96
CA ALA B 421 -13.13 34.62 -39.98
C ALA B 421 -13.13 36.10 -39.63
N ILE B 422 -13.17 36.41 -38.33
CA ILE B 422 -13.12 37.79 -37.89
C ILE B 422 -11.72 38.36 -38.11
N ARG B 423 -10.72 37.66 -37.57
CA ARG B 423 -9.34 38.12 -37.65
C ARG B 423 -8.87 38.40 -39.08
N LYS B 424 -9.10 37.46 -39.98
CA LYS B 424 -8.61 37.60 -41.35
C LYS B 424 -9.36 38.68 -42.13
N LYS B 425 -10.66 38.84 -41.84
CA LYS B 425 -11.47 39.87 -42.49
C LYS B 425 -11.57 41.14 -41.64
N MET B 426 -10.96 41.13 -40.47
CA MET B 426 -10.99 42.31 -39.60
C MET B 426 -9.98 43.32 -40.09
N ASP B 427 -8.83 42.83 -40.57
CA ASP B 427 -7.82 43.68 -41.16
C ASP B 427 -7.96 45.12 -40.68
N LEU B 428 -8.67 45.92 -41.47
CA LEU B 428 -8.86 47.34 -41.20
C LEU B 428 -10.06 47.65 -40.31
N ILE B 429 -11.18 47.00 -40.62
CA ILE B 429 -12.50 47.31 -40.02
C ILE B 429 -12.62 48.62 -39.25
N ASP B 430 -11.67 48.91 -38.36
CA ASP B 430 -11.65 50.14 -37.57
C ASP B 430 -11.01 49.89 -36.20
N LEU B 431 -11.71 49.13 -35.37
CA LEU B 431 -11.22 48.74 -34.04
C LEU B 431 -11.17 49.89 -33.02
N GLU B 432 -11.14 51.13 -33.51
CA GLU B 432 -11.22 52.26 -32.60
C GLU B 432 -12.66 52.32 -32.09
N ASP B 433 -13.59 52.06 -33.01
CA ASP B 433 -15.01 52.01 -32.69
C ASP B 433 -15.34 50.91 -31.68
N GLU B 434 -15.51 51.28 -30.42
CA GLU B 434 -15.88 50.33 -29.37
C GLU B 434 -16.72 49.16 -29.91
N THR B 435 -17.73 49.47 -30.71
CA THR B 435 -18.62 48.43 -31.27
C THR B 435 -18.63 48.39 -32.79
N ILE B 436 -18.78 47.19 -33.34
CA ILE B 436 -18.90 47.00 -34.78
C ILE B 436 -20.38 46.89 -35.11
N ASP B 437 -20.76 47.32 -36.31
CA ASP B 437 -22.18 47.35 -36.69
C ASP B 437 -22.61 46.11 -37.47
N ALA B 438 -23.91 45.84 -37.43
CA ALA B 438 -24.49 44.63 -38.00
C ALA B 438 -24.24 44.52 -39.50
N GLU B 439 -24.29 45.65 -40.19
CA GLU B 439 -24.15 45.64 -41.64
C GLU B 439 -22.85 44.93 -42.02
N VAL B 440 -21.82 45.14 -41.20
CA VAL B 440 -20.53 44.51 -41.42
C VAL B 440 -20.52 43.07 -40.95
N MET B 441 -21.17 42.84 -39.82
CA MET B 441 -21.15 41.52 -39.19
C MET B 441 -21.90 40.55 -40.08
N ASN B 442 -22.90 41.06 -40.79
CA ASN B 442 -23.69 40.25 -41.72
C ASN B 442 -22.89 39.92 -42.97
N SER B 443 -22.07 40.88 -43.41
CA SER B 443 -21.21 40.68 -44.56
C SER B 443 -20.10 39.69 -44.25
N LEU B 444 -19.87 39.45 -42.97
CA LEU B 444 -18.85 38.50 -42.52
C LEU B 444 -19.29 37.07 -42.76
N ALA B 445 -18.59 36.38 -43.66
CA ALA B 445 -18.85 34.97 -43.94
C ALA B 445 -17.76 34.10 -43.35
N VAL B 446 -18.08 32.83 -43.12
CA VAL B 446 -17.14 31.88 -42.53
C VAL B 446 -16.73 30.82 -43.54
N THR B 447 -15.51 30.93 -44.04
CA THR B 447 -15.03 30.05 -45.10
C THR B 447 -14.80 28.63 -44.58
N MET B 448 -14.74 27.68 -45.51
CA MET B 448 -14.45 26.29 -45.16
C MET B 448 -13.01 26.18 -44.64
N ASP B 449 -12.17 27.12 -45.05
CA ASP B 449 -10.79 27.16 -44.57
C ASP B 449 -10.77 27.46 -43.07
N ASP B 450 -11.66 28.35 -42.63
CA ASP B 450 -11.75 28.71 -41.23
C ASP B 450 -12.03 27.50 -40.35
N PHE B 451 -12.71 26.51 -40.92
CA PHE B 451 -13.01 25.27 -40.22
C PHE B 451 -11.83 24.30 -40.28
N ARG B 452 -11.22 24.17 -41.45
CA ARG B 452 -10.04 23.33 -41.58
C ARG B 452 -8.92 23.81 -40.66
N TRP B 453 -8.80 25.13 -40.51
CA TRP B 453 -7.81 25.69 -39.60
C TRP B 453 -8.17 25.36 -38.16
N ALA B 454 -9.44 25.55 -37.82
CA ALA B 454 -9.91 25.28 -36.47
C ALA B 454 -9.76 23.80 -36.16
N LEU B 455 -9.89 22.96 -37.19
CA LEU B 455 -9.74 21.52 -37.02
C LEU B 455 -8.33 21.14 -36.59
N SER B 456 -7.34 21.77 -37.21
CA SER B 456 -5.95 21.49 -36.90
C SER B 456 -5.58 21.96 -35.49
N GLN B 457 -6.34 22.93 -34.99
CA GLN B 457 -6.02 23.57 -33.72
C GLN B 457 -6.85 22.95 -32.58
N SER B 458 -7.60 21.90 -32.89
CA SER B 458 -8.54 21.32 -31.94
C SER B 458 -7.90 20.39 -30.92
N ASN B 459 -8.29 20.53 -29.67
CA ASN B 459 -7.89 19.59 -28.62
C ASN B 459 -9.06 18.71 -28.23
N PRO B 460 -9.40 17.73 -29.07
CA PRO B 460 -10.51 16.82 -28.76
C PRO B 460 -10.23 16.05 -27.46
N SER B 461 -11.25 15.87 -26.64
CA SER B 461 -11.08 15.29 -25.31
C SER B 461 -11.36 13.80 -25.24
N ALA B 462 -12.33 13.33 -26.03
CA ALA B 462 -12.81 11.97 -25.90
C ALA B 462 -12.29 11.01 -26.97
N LEU B 463 -11.05 11.19 -27.40
CA LEU B 463 -10.46 10.25 -28.37
C LEU B 463 -10.14 8.95 -27.65
N ARG B 464 -9.85 9.06 -26.35
CA ARG B 464 -9.48 7.90 -25.55
C ARG B 464 -10.71 7.10 -25.12
N GLU B 465 -11.89 7.66 -25.34
CA GLU B 465 -13.14 7.01 -24.97
C GLU B 465 -13.47 5.85 -25.92
N THR B 466 -14.08 4.81 -25.38
CA THR B 466 -14.50 3.68 -26.20
C THR B 466 -15.70 4.10 -27.04
N VAL B 467 -15.62 3.85 -28.34
CA VAL B 467 -16.63 4.34 -29.28
C VAL B 467 -17.80 3.37 -29.43
N VAL B 468 -19.01 3.91 -29.43
CA VAL B 468 -20.21 3.09 -29.61
C VAL B 468 -21.12 3.71 -30.67
N GLU B 469 -21.08 3.17 -31.87
CA GLU B 469 -21.86 3.70 -32.99
C GLU B 469 -22.05 2.65 -34.07
N VAL B 470 -22.80 3.00 -35.10
CA VAL B 470 -23.06 2.09 -36.21
C VAL B 470 -21.95 2.22 -37.25
N PRO B 471 -21.25 1.11 -37.55
CA PRO B 471 -20.13 1.18 -38.50
C PRO B 471 -20.57 1.66 -39.87
N GLN B 472 -19.66 2.30 -40.61
CA GLN B 472 -19.95 2.75 -41.96
C GLN B 472 -19.37 1.77 -42.98
N VAL B 473 -18.86 0.64 -42.50
CA VAL B 473 -18.36 -0.41 -43.37
C VAL B 473 -19.52 -1.29 -43.82
N THR B 474 -19.66 -1.46 -45.13
CA THR B 474 -20.77 -2.24 -45.68
C THR B 474 -20.27 -3.48 -46.40
N TRP B 475 -21.20 -4.34 -46.81
CA TRP B 475 -20.87 -5.56 -47.52
C TRP B 475 -20.05 -5.26 -48.77
N GLU B 476 -20.33 -4.13 -49.40
CA GLU B 476 -19.67 -3.75 -50.64
C GLU B 476 -18.17 -3.56 -50.45
N ASP B 477 -17.75 -3.25 -49.23
CA ASP B 477 -16.34 -3.04 -48.95
C ASP B 477 -15.60 -4.37 -48.79
N ILE B 478 -16.35 -5.47 -48.78
CA ILE B 478 -15.77 -6.79 -48.62
C ILE B 478 -15.95 -7.62 -49.88
N GLY B 479 -14.84 -8.10 -50.43
CA GLY B 479 -14.87 -8.93 -51.63
C GLY B 479 -14.88 -10.41 -51.27
N GLY B 480 -15.78 -11.16 -51.92
CA GLY B 480 -15.91 -12.58 -51.66
C GLY B 480 -16.62 -12.85 -50.34
N LEU B 481 -16.36 -14.01 -49.76
CA LEU B 481 -16.94 -14.38 -48.48
C LEU B 481 -18.47 -14.27 -48.50
N GLU B 482 -19.06 -14.46 -49.68
CA GLU B 482 -20.50 -14.30 -49.85
C GLU B 482 -21.26 -15.20 -48.89
N ASP B 483 -20.90 -16.48 -48.87
CA ASP B 483 -21.58 -17.45 -48.01
C ASP B 483 -21.40 -17.11 -46.53
N VAL B 484 -20.26 -16.50 -46.18
CA VAL B 484 -20.01 -16.08 -44.81
C VAL B 484 -20.90 -14.91 -44.44
N LYS B 485 -21.05 -13.96 -45.37
CA LYS B 485 -21.94 -12.83 -45.15
C LYS B 485 -23.35 -13.35 -44.90
N ARG B 486 -23.76 -14.34 -45.68
CA ARG B 486 -25.08 -14.92 -45.52
C ARG B 486 -25.22 -15.57 -44.15
N GLU B 487 -24.27 -16.41 -43.78
CA GLU B 487 -24.32 -17.11 -42.51
C GLU B 487 -24.39 -16.12 -41.36
N LEU B 488 -23.79 -14.94 -41.55
CA LEU B 488 -23.83 -13.89 -40.54
C LEU B 488 -25.23 -13.27 -40.44
N GLN B 489 -25.94 -13.21 -41.57
CA GLN B 489 -27.29 -12.68 -41.58
C GLN B 489 -28.19 -13.56 -40.72
N GLU B 490 -27.97 -14.87 -40.80
CA GLU B 490 -28.74 -15.82 -40.03
C GLU B 490 -28.47 -15.70 -38.53
N LEU B 491 -27.21 -15.53 -38.17
CA LEU B 491 -26.80 -15.52 -36.78
C LEU B 491 -27.12 -14.19 -36.08
N VAL B 492 -27.00 -13.09 -36.81
CA VAL B 492 -27.13 -11.78 -36.21
C VAL B 492 -28.42 -11.06 -36.58
N GLN B 493 -28.77 -11.08 -37.88
CA GLN B 493 -29.91 -10.31 -38.37
C GLN B 493 -31.24 -10.98 -38.06
N TYR B 494 -31.38 -12.25 -38.43
CA TYR B 494 -32.64 -12.96 -38.29
C TYR B 494 -33.24 -12.92 -36.87
N PRO B 495 -32.42 -13.21 -35.85
CA PRO B 495 -32.97 -13.20 -34.48
C PRO B 495 -33.47 -11.82 -34.03
N VAL B 496 -32.99 -10.77 -34.69
CA VAL B 496 -33.42 -9.41 -34.35
C VAL B 496 -34.69 -9.04 -35.10
N GLU B 497 -34.70 -9.32 -36.40
CA GLU B 497 -35.76 -8.87 -37.30
C GLU B 497 -36.96 -9.81 -37.27
N HIS B 498 -36.75 -11.04 -36.82
CA HIS B 498 -37.81 -12.05 -36.81
C HIS B 498 -37.81 -12.88 -35.52
N PRO B 499 -37.98 -12.21 -34.37
CA PRO B 499 -38.00 -12.94 -33.09
C PRO B 499 -39.18 -13.92 -33.03
N ASP B 500 -40.30 -13.52 -33.64
CA ASP B 500 -41.49 -14.36 -33.65
C ASP B 500 -41.20 -15.75 -34.23
N LYS B 501 -40.41 -15.78 -35.29
CA LYS B 501 -40.11 -17.05 -35.98
C LYS B 501 -39.34 -18.00 -35.06
N PHE B 502 -38.34 -17.49 -34.36
CA PHE B 502 -37.53 -18.31 -33.48
C PHE B 502 -38.35 -18.94 -32.37
N LEU B 503 -39.34 -18.20 -31.87
CA LEU B 503 -40.17 -18.69 -30.78
C LEU B 503 -41.03 -19.85 -31.26
N LYS B 504 -41.45 -19.78 -32.53
CA LYS B 504 -42.32 -20.81 -33.10
C LYS B 504 -41.60 -22.14 -33.15
N PHE B 505 -40.32 -22.11 -33.49
CA PHE B 505 -39.51 -23.33 -33.56
C PHE B 505 -39.04 -23.76 -32.16
N GLY B 506 -39.09 -22.82 -31.21
CA GLY B 506 -38.77 -23.12 -29.83
C GLY B 506 -37.29 -23.37 -29.56
N MET B 507 -36.44 -22.88 -30.45
CA MET B 507 -34.99 -22.98 -30.25
C MET B 507 -34.41 -21.59 -30.05
N THR B 508 -33.44 -21.48 -29.14
CA THR B 508 -32.80 -20.20 -28.87
C THR B 508 -31.52 -20.08 -29.69
N PRO B 509 -31.27 -18.90 -30.28
CA PRO B 509 -30.12 -18.75 -31.16
C PRO B 509 -28.79 -18.61 -30.41
N SER B 510 -27.69 -18.98 -31.07
CA SER B 510 -26.37 -18.90 -30.46
C SER B 510 -26.02 -17.48 -30.06
N LYS B 511 -25.12 -17.36 -29.08
CA LYS B 511 -24.80 -16.06 -28.50
C LYS B 511 -23.74 -15.33 -29.29
N GLY B 512 -22.70 -16.04 -29.71
CA GLY B 512 -21.55 -15.41 -30.32
C GLY B 512 -20.85 -16.24 -31.39
N VAL B 513 -19.89 -15.59 -32.06
CA VAL B 513 -19.18 -16.18 -33.17
C VAL B 513 -17.67 -16.01 -32.98
N LEU B 514 -16.89 -16.88 -33.61
CA LEU B 514 -15.44 -16.73 -33.61
C LEU B 514 -14.90 -16.79 -35.03
N PHE B 515 -14.38 -15.66 -35.49
CA PHE B 515 -13.66 -15.62 -36.76
C PHE B 515 -12.23 -16.09 -36.55
N TYR B 516 -11.76 -17.00 -37.39
CA TYR B 516 -10.39 -17.46 -37.30
C TYR B 516 -9.85 -17.83 -38.68
N GLY B 517 -8.61 -17.45 -38.95
CA GLY B 517 -7.98 -17.71 -40.22
C GLY B 517 -6.71 -16.89 -40.38
N PRO B 518 -6.08 -16.98 -41.56
CA PRO B 518 -4.85 -16.22 -41.85
C PRO B 518 -5.08 -14.71 -41.77
N PRO B 519 -4.01 -13.94 -41.48
CA PRO B 519 -4.11 -12.48 -41.35
C PRO B 519 -4.52 -11.76 -42.62
N GLY B 520 -5.32 -10.71 -42.47
CA GLY B 520 -5.65 -9.81 -43.56
C GLY B 520 -6.61 -10.41 -44.57
N CYS B 521 -7.70 -11.01 -44.08
CA CYS B 521 -8.69 -11.62 -44.95
C CYS B 521 -10.11 -11.10 -44.70
N GLY B 522 -10.24 -10.15 -43.79
CA GLY B 522 -11.49 -9.43 -43.62
C GLY B 522 -12.25 -9.72 -42.34
N LYS B 523 -11.57 -10.24 -41.34
CA LYS B 523 -12.22 -10.58 -40.07
C LYS B 523 -12.77 -9.35 -39.37
N THR B 524 -11.99 -8.27 -39.32
CA THR B 524 -12.44 -7.03 -38.71
C THR B 524 -13.57 -6.41 -39.53
N LEU B 525 -13.45 -6.48 -40.85
CA LEU B 525 -14.45 -5.89 -41.74
C LEU B 525 -15.81 -6.57 -41.57
N LEU B 526 -15.81 -7.89 -41.48
CA LEU B 526 -17.05 -8.64 -41.36
C LEU B 526 -17.82 -8.25 -40.10
N ALA B 527 -17.10 -8.09 -38.99
CA ALA B 527 -17.73 -7.73 -37.73
C ALA B 527 -18.48 -6.40 -37.88
N LYS B 528 -17.83 -5.44 -38.52
CA LYS B 528 -18.43 -4.13 -38.73
C LYS B 528 -19.54 -4.20 -39.77
N ALA B 529 -19.34 -5.04 -40.78
CA ALA B 529 -20.29 -5.17 -41.87
C ALA B 529 -21.64 -5.67 -41.36
N ILE B 530 -21.64 -6.79 -40.64
CA ILE B 530 -22.89 -7.36 -40.14
C ILE B 530 -23.59 -6.36 -39.22
N ALA B 531 -22.81 -5.59 -38.50
CA ALA B 531 -23.35 -4.55 -37.62
C ALA B 531 -24.04 -3.48 -38.46
N ASN B 532 -23.42 -3.13 -39.58
CA ASN B 532 -23.96 -2.13 -40.48
C ASN B 532 -25.28 -2.56 -41.11
N GLU B 533 -25.35 -3.82 -41.53
CA GLU B 533 -26.54 -4.38 -42.15
C GLU B 533 -27.73 -4.38 -41.19
N CYS B 534 -27.45 -4.65 -39.92
CA CYS B 534 -28.50 -4.76 -38.90
C CYS B 534 -28.77 -3.43 -38.21
N GLN B 535 -28.18 -2.36 -38.70
CA GLN B 535 -28.29 -1.04 -38.07
C GLN B 535 -28.12 -1.15 -36.56
N ALA B 536 -27.19 -1.99 -36.14
CA ALA B 536 -26.95 -2.21 -34.71
C ALA B 536 -25.64 -1.57 -34.28
N ASN B 537 -25.59 -1.10 -33.05
CA ASN B 537 -24.39 -0.48 -32.52
C ASN B 537 -23.22 -1.46 -32.55
N PHE B 538 -22.00 -0.93 -32.52
CA PHE B 538 -20.81 -1.76 -32.63
C PHE B 538 -19.73 -1.26 -31.67
N ILE B 539 -19.13 -2.19 -30.94
CA ILE B 539 -18.06 -1.87 -30.02
C ILE B 539 -16.86 -2.77 -30.30
N SER B 540 -15.74 -2.18 -30.67
CA SER B 540 -14.52 -2.93 -30.93
C SER B 540 -13.55 -2.79 -29.76
N ILE B 541 -13.04 -3.92 -29.29
CA ILE B 541 -12.06 -3.92 -28.22
C ILE B 541 -10.93 -4.89 -28.55
N LYS B 542 -9.79 -4.33 -28.95
CA LYS B 542 -8.64 -5.11 -29.39
C LYS B 542 -7.83 -5.66 -28.23
N GLY B 543 -7.21 -6.81 -28.46
CA GLY B 543 -6.39 -7.46 -27.44
C GLY B 543 -5.54 -6.47 -26.68
N PRO B 544 -4.66 -5.76 -27.39
CA PRO B 544 -3.76 -4.78 -26.75
C PRO B 544 -4.49 -3.79 -25.84
N GLU B 545 -5.70 -3.38 -26.22
CA GLU B 545 -6.48 -2.48 -25.38
C GLU B 545 -6.78 -3.12 -24.01
N LEU B 546 -7.03 -4.42 -24.00
CA LEU B 546 -7.35 -5.12 -22.76
C LEU B 546 -6.12 -5.32 -21.89
N LEU B 547 -4.95 -5.41 -22.53
CA LEU B 547 -3.70 -5.61 -21.80
C LEU B 547 -3.12 -4.28 -21.33
N THR B 548 -3.77 -3.18 -21.69
CA THR B 548 -3.33 -1.86 -21.28
C THR B 548 -3.86 -1.52 -19.90
N MET B 549 -5.12 -1.84 -19.66
CA MET B 549 -5.76 -1.57 -18.38
C MET B 549 -4.87 -2.07 -17.26
N TRP B 550 -4.69 -1.25 -16.23
CA TRP B 550 -3.88 -1.62 -15.08
C TRP B 550 -4.43 -2.92 -14.47
N PHE B 551 -3.58 -3.67 -13.77
CA PHE B 551 -4.00 -4.96 -13.24
C PHE B 551 -5.31 -4.88 -12.45
N GLY B 552 -5.33 -4.01 -11.45
CA GLY B 552 -6.50 -3.89 -10.59
C GLY B 552 -7.72 -3.29 -11.28
N GLU B 553 -7.49 -2.28 -12.11
CA GLU B 553 -8.58 -1.56 -12.76
C GLU B 553 -9.29 -2.40 -13.82
N SER B 554 -8.58 -3.37 -14.41
CA SER B 554 -9.12 -4.16 -15.51
C SER B 554 -10.48 -4.76 -15.17
N GLU B 555 -10.68 -5.09 -13.91
CA GLU B 555 -11.88 -5.81 -13.50
C GLU B 555 -13.15 -4.97 -13.66
N ALA B 556 -13.06 -3.69 -13.31
CA ALA B 556 -14.21 -2.80 -13.38
C ALA B 556 -14.49 -2.34 -14.80
N ASN B 557 -13.46 -2.35 -15.64
CA ASN B 557 -13.58 -1.89 -17.03
C ASN B 557 -14.31 -2.91 -17.90
N VAL B 558 -14.02 -4.19 -17.69
CA VAL B 558 -14.68 -5.24 -18.45
C VAL B 558 -16.18 -5.22 -18.19
N ARG B 559 -16.56 -5.02 -16.93
CA ARG B 559 -17.99 -4.89 -16.60
C ARG B 559 -18.60 -3.73 -17.38
N GLU B 560 -17.92 -2.59 -17.36
CA GLU B 560 -18.42 -1.40 -18.02
C GLU B 560 -18.63 -1.64 -19.51
N ILE B 561 -17.79 -2.49 -20.11
CA ILE B 561 -17.89 -2.79 -21.52
C ILE B 561 -19.18 -3.55 -21.82
N PHE B 562 -19.42 -4.61 -21.07
CA PHE B 562 -20.62 -5.41 -21.25
C PHE B 562 -21.87 -4.62 -20.87
N ASP B 563 -21.73 -3.71 -19.91
CA ASP B 563 -22.82 -2.83 -19.54
C ASP B 563 -23.21 -1.93 -20.72
N LYS B 564 -22.22 -1.31 -21.33
CA LYS B 564 -22.46 -0.45 -22.48
C LYS B 564 -23.10 -1.22 -23.63
N ALA B 565 -22.76 -2.51 -23.74
CA ALA B 565 -23.34 -3.36 -24.78
C ALA B 565 -24.83 -3.55 -24.54
N ARG B 566 -25.22 -3.69 -23.28
CA ARG B 566 -26.64 -3.80 -22.92
C ARG B 566 -27.36 -2.49 -23.23
N GLN B 567 -26.74 -1.38 -22.83
CA GLN B 567 -27.32 -0.06 -23.04
C GLN B 567 -27.60 0.17 -24.52
N ALA B 568 -26.72 -0.35 -25.37
CA ALA B 568 -26.76 -0.07 -26.80
C ALA B 568 -27.45 -1.18 -27.60
N ALA B 569 -28.14 -2.07 -26.90
CA ALA B 569 -28.84 -3.16 -27.59
C ALA B 569 -29.90 -2.61 -28.53
N PRO B 570 -30.00 -3.17 -29.75
CA PRO B 570 -29.17 -4.26 -30.24
C PRO B 570 -27.74 -3.81 -30.55
N CYS B 571 -26.77 -4.62 -30.14
CA CYS B 571 -25.37 -4.27 -30.30
C CYS B 571 -24.53 -5.50 -30.55
N VAL B 572 -23.48 -5.35 -31.36
CA VAL B 572 -22.54 -6.43 -31.59
C VAL B 572 -21.18 -6.06 -30.98
N LEU B 573 -20.77 -6.83 -29.98
CA LEU B 573 -19.52 -6.59 -29.27
C LEU B 573 -18.39 -7.43 -29.87
N PHE B 574 -17.39 -6.75 -30.40
CA PHE B 574 -16.33 -7.41 -31.16
C PHE B 574 -14.98 -7.39 -30.45
N PHE B 575 -14.50 -8.57 -30.06
CA PHE B 575 -13.18 -8.70 -29.46
C PHE B 575 -12.15 -9.05 -30.54
N ASP B 576 -11.43 -8.03 -31.00
CA ASP B 576 -10.49 -8.19 -32.10
C ASP B 576 -9.08 -8.46 -31.59
N GLU B 577 -8.24 -9.01 -32.46
CA GLU B 577 -6.83 -9.26 -32.12
C GLU B 577 -6.69 -10.04 -30.82
N LEU B 578 -7.40 -11.15 -30.71
CA LEU B 578 -7.34 -11.98 -29.51
C LEU B 578 -5.98 -12.64 -29.35
N ASP B 579 -5.28 -12.86 -30.46
CA ASP B 579 -3.98 -13.54 -30.43
C ASP B 579 -2.99 -12.82 -29.52
N SER B 580 -3.14 -11.50 -29.43
CA SER B 580 -2.26 -10.69 -28.58
C SER B 580 -2.40 -11.10 -27.11
N ILE B 581 -3.62 -11.43 -26.70
CA ILE B 581 -3.87 -11.83 -25.32
C ILE B 581 -3.41 -13.26 -25.10
N ALA B 582 -3.60 -14.10 -26.10
CA ALA B 582 -3.15 -15.49 -26.03
C ALA B 582 -1.65 -15.53 -25.76
N LYS B 583 -0.90 -14.77 -26.56
CA LYS B 583 0.55 -14.70 -26.42
C LYS B 583 0.96 -14.25 -25.01
N ALA B 584 0.11 -13.44 -24.38
CA ALA B 584 0.44 -12.85 -23.08
C ALA B 584 0.17 -13.81 -21.92
N ARG B 585 -0.53 -14.90 -22.18
CA ARG B 585 -0.85 -15.87 -21.14
C ARG B 585 0.11 -17.05 -21.17
N GLY B 586 0.47 -17.50 -22.37
CA GLY B 586 1.38 -18.61 -22.54
C GLY B 586 1.89 -18.72 -23.97
N GLY B 593 1.67 -13.70 -17.93
CA GLY B 593 0.85 -12.51 -17.75
C GLY B 593 -0.38 -12.77 -16.92
N GLY B 594 -0.33 -12.35 -15.66
CA GLY B 594 -1.44 -12.55 -14.75
C GLY B 594 -2.62 -11.63 -15.08
N ALA B 595 -2.35 -10.57 -15.83
CA ALA B 595 -3.38 -9.61 -16.21
C ALA B 595 -4.26 -10.20 -17.31
N ALA B 596 -3.62 -10.77 -18.31
CA ALA B 596 -4.33 -11.39 -19.42
C ALA B 596 -5.24 -12.52 -18.93
N ASP B 597 -4.83 -13.20 -17.87
CA ASP B 597 -5.61 -14.27 -17.29
C ASP B 597 -6.91 -13.75 -16.71
N ARG B 598 -6.79 -12.72 -15.88
CA ARG B 598 -7.94 -12.16 -15.17
C ARG B 598 -8.96 -11.63 -16.17
N VAL B 599 -8.46 -10.96 -17.21
CA VAL B 599 -9.33 -10.33 -18.20
C VAL B 599 -10.18 -11.36 -18.92
N ILE B 600 -9.54 -12.32 -19.58
CA ILE B 600 -10.26 -13.32 -20.35
C ILE B 600 -11.20 -14.14 -19.46
N ASN B 601 -10.75 -14.48 -18.27
CA ASN B 601 -11.58 -15.22 -17.32
C ASN B 601 -12.83 -14.43 -16.91
N GLN B 602 -12.68 -13.12 -16.80
CA GLN B 602 -13.81 -12.27 -16.46
C GLN B 602 -14.72 -12.08 -17.67
N ILE B 603 -14.11 -12.03 -18.86
CA ILE B 603 -14.87 -11.93 -20.09
C ILE B 603 -15.74 -13.18 -20.23
N LEU B 604 -15.16 -14.35 -19.93
CA LEU B 604 -15.91 -15.59 -19.93
C LEU B 604 -17.06 -15.51 -18.94
N THR B 605 -16.77 -14.98 -17.76
CA THR B 605 -17.79 -14.81 -16.73
C THR B 605 -18.91 -13.90 -17.21
N GLU B 606 -18.55 -12.81 -17.86
CA GLU B 606 -19.53 -11.85 -18.36
C GLU B 606 -20.40 -12.44 -19.47
N MET B 607 -19.79 -13.23 -20.35
CA MET B 607 -20.52 -13.86 -21.44
C MET B 607 -21.67 -14.69 -20.91
N ASP B 608 -21.41 -15.45 -19.86
CA ASP B 608 -22.42 -16.33 -19.28
C ASP B 608 -23.58 -15.51 -18.71
N GLY B 609 -23.26 -14.36 -18.13
CA GLY B 609 -24.28 -13.48 -17.57
C GLY B 609 -25.09 -12.80 -18.66
N MET B 610 -24.51 -12.76 -19.87
CA MET B 610 -25.18 -12.15 -21.01
C MET B 610 -26.34 -13.04 -21.45
N SER B 611 -27.55 -12.57 -21.22
CA SER B 611 -28.74 -13.32 -21.64
C SER B 611 -28.94 -13.17 -23.14
N THR B 612 -29.19 -14.29 -23.82
CA THR B 612 -29.38 -14.29 -25.26
C THR B 612 -30.56 -13.43 -25.67
N LYS B 613 -31.46 -13.19 -24.72
CA LYS B 613 -32.70 -12.46 -24.99
C LYS B 613 -32.46 -10.96 -25.13
N LYS B 614 -31.27 -10.51 -24.75
CA LYS B 614 -30.93 -9.09 -24.74
C LYS B 614 -30.52 -8.55 -26.11
N ASN B 615 -30.38 -9.44 -27.10
CA ASN B 615 -29.95 -9.04 -28.45
C ASN B 615 -28.54 -8.44 -28.47
N VAL B 616 -27.65 -9.00 -27.67
CA VAL B 616 -26.24 -8.62 -27.73
C VAL B 616 -25.43 -9.77 -28.30
N PHE B 617 -24.81 -9.54 -29.46
CA PHE B 617 -24.04 -10.59 -30.13
C PHE B 617 -22.56 -10.32 -29.98
N ILE B 618 -21.83 -11.33 -29.50
CA ILE B 618 -20.40 -11.19 -29.28
C ILE B 618 -19.61 -11.93 -30.35
N ILE B 619 -18.71 -11.22 -31.02
CA ILE B 619 -17.85 -11.83 -32.02
C ILE B 619 -16.40 -11.71 -31.61
N GLY B 620 -15.63 -12.77 -31.87
CA GLY B 620 -14.21 -12.78 -31.59
C GLY B 620 -13.43 -13.02 -32.87
N ALA B 621 -12.19 -12.55 -32.90
CA ALA B 621 -11.33 -12.73 -34.06
C ALA B 621 -9.92 -13.07 -33.61
N THR B 622 -9.28 -13.99 -34.34
CA THR B 622 -7.91 -14.39 -34.03
C THR B 622 -7.20 -14.88 -35.28
N ASN B 623 -5.90 -14.59 -35.36
CA ASN B 623 -5.07 -15.13 -36.43
C ASN B 623 -4.36 -16.40 -35.98
N ARG B 624 -4.65 -16.84 -34.76
CA ARG B 624 -3.92 -17.96 -34.16
C ARG B 624 -4.87 -18.87 -33.41
N PRO B 625 -5.53 -19.79 -34.13
CA PRO B 625 -6.47 -20.76 -33.56
C PRO B 625 -5.77 -21.84 -32.74
N ASP B 626 -4.44 -21.85 -32.78
CA ASP B 626 -3.67 -22.85 -32.07
C ASP B 626 -3.43 -22.50 -30.60
N ILE B 627 -3.62 -21.24 -30.23
CA ILE B 627 -3.36 -20.80 -28.87
C ILE B 627 -4.57 -20.11 -28.23
N ILE B 628 -5.72 -20.21 -28.87
CA ILE B 628 -6.94 -19.63 -28.30
C ILE B 628 -7.40 -20.49 -27.13
N ASP B 629 -7.90 -19.86 -26.07
CA ASP B 629 -8.34 -20.58 -24.88
C ASP B 629 -9.59 -21.42 -25.19
N PRO B 630 -9.49 -22.75 -25.06
CA PRO B 630 -10.63 -23.61 -25.36
C PRO B 630 -11.92 -23.19 -24.66
N ALA B 631 -11.80 -22.58 -23.49
CA ALA B 631 -12.96 -22.13 -22.73
C ALA B 631 -13.84 -21.18 -23.55
N ILE B 632 -13.21 -20.39 -24.42
CA ILE B 632 -13.94 -19.42 -25.24
C ILE B 632 -14.82 -20.13 -26.26
N LEU B 633 -14.45 -21.35 -26.60
CA LEU B 633 -15.15 -22.11 -27.64
C LEU B 633 -16.25 -23.01 -27.07
N ARG B 634 -16.49 -22.92 -25.76
CA ARG B 634 -17.51 -23.76 -25.13
C ARG B 634 -18.91 -23.38 -25.62
N PRO B 635 -19.75 -24.38 -25.88
CA PRO B 635 -21.16 -24.14 -26.18
C PRO B 635 -21.77 -23.14 -25.20
N GLY B 636 -22.43 -22.10 -25.72
CA GLY B 636 -22.99 -21.07 -24.89
C GLY B 636 -22.20 -19.78 -24.96
N ARG B 637 -20.98 -19.89 -25.47
CA ARG B 637 -20.12 -18.72 -25.68
C ARG B 637 -19.88 -18.52 -27.17
N LEU B 638 -18.61 -18.48 -27.58
CA LEU B 638 -18.27 -18.34 -28.99
C LEU B 638 -18.22 -19.73 -29.64
N ASP B 639 -19.37 -20.34 -29.85
CA ASP B 639 -19.43 -21.71 -30.35
C ASP B 639 -19.63 -21.78 -31.86
N GLN B 640 -19.88 -20.64 -32.49
CA GLN B 640 -20.00 -20.59 -33.93
C GLN B 640 -18.65 -20.27 -34.55
N LEU B 641 -17.97 -21.32 -35.02
CA LEU B 641 -16.60 -21.18 -35.53
C LEU B 641 -16.61 -21.00 -37.04
N ILE B 642 -16.45 -19.75 -37.49
CA ILE B 642 -16.41 -19.43 -38.92
C ILE B 642 -14.98 -19.22 -39.41
N TYR B 643 -14.56 -20.04 -40.38
CA TYR B 643 -13.22 -19.96 -40.94
C TYR B 643 -13.17 -18.96 -42.10
N ILE B 644 -12.15 -18.11 -42.10
CA ILE B 644 -11.99 -17.08 -43.10
C ILE B 644 -10.62 -17.17 -43.76
N PRO B 645 -10.57 -17.80 -44.97
CA PRO B 645 -9.34 -18.13 -45.69
C PRO B 645 -8.87 -17.04 -46.65
N LEU B 646 -7.75 -17.31 -47.31
CA LEU B 646 -7.26 -16.43 -48.37
C LEU B 646 -8.28 -16.42 -49.50
N PRO B 647 -8.39 -15.29 -50.20
CA PRO B 647 -9.34 -15.14 -51.31
C PRO B 647 -8.93 -15.90 -52.56
N ASP B 648 -9.88 -16.61 -53.16
CA ASP B 648 -9.64 -17.31 -54.42
C ASP B 648 -9.62 -16.31 -55.58
N GLU B 649 -9.35 -16.79 -56.79
CA GLU B 649 -9.19 -15.90 -57.94
C GLU B 649 -10.32 -14.88 -58.08
N LYS B 650 -11.56 -15.36 -58.13
CA LYS B 650 -12.71 -14.47 -58.33
C LYS B 650 -12.84 -13.48 -57.18
N SER B 651 -12.59 -13.95 -55.96
CA SER B 651 -12.71 -13.09 -54.79
C SER B 651 -11.69 -11.96 -54.84
N ARG B 652 -10.47 -12.28 -55.28
CA ARG B 652 -9.41 -11.28 -55.35
C ARG B 652 -9.81 -10.12 -56.25
N VAL B 653 -10.52 -10.42 -57.33
CA VAL B 653 -10.98 -9.39 -58.26
C VAL B 653 -11.94 -8.45 -57.54
N ALA B 654 -12.84 -9.02 -56.74
CA ALA B 654 -13.82 -8.24 -56.01
C ALA B 654 -13.15 -7.29 -55.02
N ILE B 655 -12.10 -7.78 -54.36
CA ILE B 655 -11.37 -6.99 -53.38
C ILE B 655 -10.72 -5.79 -54.07
N LEU B 656 -10.03 -6.06 -55.18
CA LEU B 656 -9.37 -5.02 -55.94
C LEU B 656 -10.36 -3.93 -56.35
N LYS B 657 -11.53 -4.36 -56.81
CA LYS B 657 -12.58 -3.42 -57.18
C LYS B 657 -13.00 -2.58 -55.97
N ALA B 658 -13.22 -3.26 -54.85
CA ALA B 658 -13.70 -2.62 -53.63
C ALA B 658 -12.79 -1.49 -53.17
N ASN B 659 -11.49 -1.76 -53.12
CA ASN B 659 -10.52 -0.79 -52.63
C ASN B 659 -10.32 0.37 -53.60
N LEU B 660 -10.48 0.10 -54.90
CA LEU B 660 -10.20 1.10 -55.92
C LEU B 660 -11.41 1.93 -56.32
N ARG B 661 -12.54 1.77 -55.61
CA ARG B 661 -13.73 2.57 -55.90
C ARG B 661 -13.44 4.05 -55.72
N LYS B 662 -12.72 4.38 -54.66
CA LYS B 662 -12.51 5.76 -54.26
C LYS B 662 -11.43 6.43 -55.11
N SER B 663 -10.66 5.63 -55.84
CA SER B 663 -9.54 6.13 -56.61
C SER B 663 -9.83 6.18 -58.11
N PRO B 664 -9.22 7.14 -58.81
CA PRO B 664 -9.33 7.27 -60.27
C PRO B 664 -8.39 6.33 -61.00
N VAL B 665 -8.91 5.21 -61.48
CA VAL B 665 -8.10 4.20 -62.15
C VAL B 665 -8.23 4.28 -63.67
N ALA B 666 -7.15 3.96 -64.37
CA ALA B 666 -7.15 3.95 -65.83
C ALA B 666 -8.00 2.80 -66.35
N LYS B 667 -8.59 2.98 -67.52
CA LYS B 667 -9.48 1.98 -68.09
C LYS B 667 -8.70 0.78 -68.64
N ASP B 668 -7.41 0.99 -68.89
CA ASP B 668 -6.56 -0.04 -69.45
C ASP B 668 -6.23 -1.12 -68.42
N VAL B 669 -6.33 -0.78 -67.13
CA VAL B 669 -5.92 -1.69 -66.07
C VAL B 669 -6.83 -2.91 -65.99
N ASP B 670 -6.23 -4.08 -66.16
CA ASP B 670 -6.96 -5.34 -66.12
C ASP B 670 -6.78 -5.98 -64.76
N LEU B 671 -7.85 -6.00 -63.97
CA LEU B 671 -7.78 -6.47 -62.58
C LEU B 671 -7.91 -7.99 -62.51
N GLU B 672 -8.54 -8.57 -63.54
CA GLU B 672 -8.68 -10.02 -63.62
C GLU B 672 -7.30 -10.63 -63.79
N PHE B 673 -6.43 -9.91 -64.48
CA PHE B 673 -5.05 -10.34 -64.68
C PHE B 673 -4.29 -10.28 -63.38
N LEU B 674 -4.51 -9.22 -62.60
CA LEU B 674 -3.90 -9.09 -61.28
C LEU B 674 -4.28 -10.28 -60.40
N ALA B 675 -5.56 -10.65 -60.46
CA ALA B 675 -6.07 -11.73 -59.63
C ALA B 675 -5.42 -13.05 -59.99
N LYS B 676 -5.23 -13.29 -61.28
CA LYS B 676 -4.63 -14.52 -61.75
C LYS B 676 -3.18 -14.64 -61.29
N MET B 677 -2.52 -13.50 -61.15
CA MET B 677 -1.11 -13.47 -60.77
C MET B 677 -0.88 -13.47 -59.26
N THR B 678 -1.90 -13.13 -58.49
CA THR B 678 -1.76 -12.99 -57.05
C THR B 678 -2.40 -14.13 -56.27
N ASN B 679 -2.25 -15.35 -56.76
CA ASN B 679 -2.77 -16.51 -56.06
C ASN B 679 -1.93 -16.82 -54.83
N GLY B 680 -2.55 -16.74 -53.65
CA GLY B 680 -1.85 -16.95 -52.40
C GLY B 680 -1.76 -15.68 -51.59
N PHE B 681 -2.09 -14.54 -52.23
CA PHE B 681 -2.07 -13.25 -51.57
C PHE B 681 -3.32 -13.05 -50.74
N SER B 682 -3.18 -12.39 -49.60
CA SER B 682 -4.31 -12.11 -48.71
C SER B 682 -5.02 -10.83 -49.14
N GLY B 683 -6.12 -10.53 -48.46
CA GLY B 683 -6.87 -9.31 -48.73
C GLY B 683 -6.03 -8.09 -48.40
N ALA B 684 -5.26 -8.17 -47.32
CA ALA B 684 -4.41 -7.06 -46.90
C ALA B 684 -3.26 -6.88 -47.88
N ASP B 685 -2.77 -7.98 -48.44
CA ASP B 685 -1.69 -7.92 -49.43
C ASP B 685 -2.13 -7.15 -50.67
N LEU B 686 -3.35 -7.41 -51.13
CA LEU B 686 -3.86 -6.75 -52.33
C LEU B 686 -4.01 -5.25 -52.11
N THR B 687 -4.50 -4.87 -50.94
CA THR B 687 -4.67 -3.47 -50.60
C THR B 687 -3.33 -2.74 -50.59
N GLU B 688 -2.27 -3.45 -50.18
CA GLU B 688 -0.94 -2.86 -50.15
C GLU B 688 -0.41 -2.66 -51.57
N ILE B 689 -0.76 -3.58 -52.47
CA ILE B 689 -0.36 -3.45 -53.87
C ILE B 689 -1.01 -2.21 -54.48
N CYS B 690 -2.29 -2.00 -54.17
CA CYS B 690 -2.98 -0.80 -54.63
C CYS B 690 -2.33 0.46 -54.07
N GLN B 691 -1.96 0.43 -52.79
CA GLN B 691 -1.35 1.59 -52.15
C GLN B 691 0.03 1.90 -52.73
N ARG B 692 0.82 0.87 -52.97
CA ARG B 692 2.16 1.05 -53.51
C ARG B 692 2.07 1.57 -54.95
N ALA B 693 1.10 1.05 -55.70
CA ALA B 693 0.88 1.49 -57.07
C ALA B 693 0.35 2.92 -57.11
N CYS B 694 -0.45 3.27 -56.12
CA CYS B 694 -1.02 4.62 -56.05
C CYS B 694 0.03 5.64 -55.65
N LYS B 695 0.96 5.24 -54.78
CA LYS B 695 2.04 6.11 -54.35
C LYS B 695 2.97 6.48 -55.49
N LEU B 696 3.19 5.54 -56.40
CA LEU B 696 4.01 5.80 -57.58
C LEU B 696 3.32 6.83 -58.46
N ALA B 697 2.00 6.69 -58.60
CA ALA B 697 1.22 7.61 -59.43
C ALA B 697 1.25 9.03 -58.87
N ILE B 698 1.18 9.15 -57.53
CA ILE B 698 1.19 10.46 -56.90
C ILE B 698 2.53 11.16 -57.04
N ARG B 699 3.61 10.44 -56.83
CA ARG B 699 4.95 11.00 -56.94
C ARG B 699 5.14 11.56 -58.35
N GLU B 700 4.69 10.80 -59.35
CA GLU B 700 4.81 11.22 -60.73
C GLU B 700 3.92 12.44 -60.98
N SER B 701 2.80 12.52 -60.26
CA SER B 701 1.90 13.65 -60.38
C SER B 701 2.55 14.92 -59.83
N ILE B 702 3.29 14.78 -58.75
CA ILE B 702 3.95 15.91 -58.11
C ILE B 702 5.20 16.33 -58.88
N GLU B 703 6.10 15.38 -59.06
CA GLU B 703 7.37 15.64 -59.74
C GLU B 703 7.16 16.11 -61.16
N SER B 704 6.25 15.44 -61.87
CA SER B 704 5.97 15.78 -63.26
C SER B 704 4.55 16.33 -63.44
N GLU B 705 4.09 16.33 -64.70
CA GLU B 705 2.77 16.86 -65.02
C GLU B 705 1.94 15.84 -65.78
N ILE B 706 1.21 15.00 -65.04
CA ILE B 706 0.40 13.96 -65.65
C ILE B 706 -1.06 14.02 -65.18
N ARG B 707 -1.96 13.48 -65.99
CA ARG B 707 -3.35 13.32 -65.60
C ARG B 707 -3.44 12.60 -64.27
N PRO B 708 -4.22 13.16 -63.31
CA PRO B 708 -4.30 12.50 -62.00
C PRO B 708 -5.13 11.21 -62.05
N GLU B 709 -4.55 10.21 -62.69
CA GLU B 709 -5.12 8.88 -62.80
C GLU B 709 -3.99 7.86 -62.69
N ILE B 710 -4.29 6.66 -62.18
CA ILE B 710 -3.28 5.63 -62.00
C ILE B 710 -3.35 4.57 -63.09
N ARG B 711 -2.21 4.31 -63.74
CA ARG B 711 -2.16 3.51 -64.96
C ARG B 711 -1.49 2.14 -64.76
N ARG B 712 -1.44 1.36 -65.84
CA ARG B 712 -0.93 0.00 -65.80
C ARG B 712 0.50 -0.13 -65.28
N ASP B 713 1.38 0.75 -65.76
CA ASP B 713 2.80 0.65 -65.40
C ASP B 713 2.96 0.72 -63.89
N HIS B 714 2.08 1.45 -63.23
CA HIS B 714 2.13 1.58 -61.77
C HIS B 714 1.83 0.25 -61.09
N PHE B 715 0.80 -0.44 -61.58
CA PHE B 715 0.41 -1.72 -61.00
C PHE B 715 1.46 -2.80 -61.24
N GLU B 716 1.98 -2.85 -62.46
CA GLU B 716 2.98 -3.84 -62.83
C GLU B 716 4.28 -3.61 -62.08
N GLU B 717 4.58 -2.35 -61.79
CA GLU B 717 5.81 -2.00 -61.10
C GLU B 717 5.64 -2.41 -59.63
N ALA B 718 4.46 -2.16 -59.09
CA ALA B 718 4.13 -2.56 -57.73
C ALA B 718 4.11 -4.08 -57.59
N MET B 719 3.69 -4.77 -58.66
CA MET B 719 3.60 -6.21 -58.65
C MET B 719 4.99 -6.83 -58.61
N ARG B 720 5.96 -6.11 -59.14
CA ARG B 720 7.34 -6.56 -59.20
C ARG B 720 7.97 -6.67 -57.81
N PHE B 721 7.49 -5.85 -56.88
CA PHE B 721 8.00 -5.86 -55.51
C PHE B 721 7.01 -6.52 -54.54
N ALA B 722 5.85 -6.92 -55.05
CA ALA B 722 4.80 -7.49 -54.21
C ALA B 722 5.24 -8.79 -53.54
N ARG B 723 4.80 -8.99 -52.30
CA ARG B 723 5.18 -10.17 -51.52
C ARG B 723 3.94 -10.77 -50.87
N ARG B 724 4.00 -12.06 -50.55
CA ARG B 724 2.88 -12.74 -49.90
C ARG B 724 3.05 -12.75 -48.38
N SER B 725 1.99 -12.45 -47.65
CA SER B 725 2.04 -12.40 -46.19
C SER B 725 1.79 -13.76 -45.54
N VAL B 726 1.13 -14.66 -46.27
CA VAL B 726 0.84 -15.98 -45.76
C VAL B 726 1.54 -17.05 -46.59
N SER B 727 2.51 -17.72 -45.98
CA SER B 727 3.29 -18.74 -46.67
C SER B 727 2.47 -20.01 -46.86
N ASP B 728 3.01 -20.95 -47.62
CA ASP B 728 2.34 -22.22 -47.87
C ASP B 728 2.20 -23.03 -46.58
N ASN B 729 3.28 -23.07 -45.80
CA ASN B 729 3.25 -23.78 -44.52
C ASN B 729 2.11 -23.28 -43.63
N ASP B 730 1.93 -21.96 -43.59
CA ASP B 730 0.85 -21.37 -42.82
C ASP B 730 -0.51 -21.82 -43.33
N ILE B 731 -0.69 -21.78 -44.65
CA ILE B 731 -1.96 -22.18 -45.26
C ILE B 731 -2.31 -23.61 -44.83
N ARG B 732 -1.35 -24.52 -45.00
CA ARG B 732 -1.55 -25.91 -44.62
C ARG B 732 -2.03 -26.02 -43.16
N LYS B 733 -1.44 -25.23 -42.27
CA LYS B 733 -1.84 -25.25 -40.87
C LYS B 733 -3.25 -24.71 -40.67
N TYR B 734 -3.53 -23.55 -41.26
CA TYR B 734 -4.85 -22.94 -41.16
C TYR B 734 -5.93 -23.87 -41.70
N GLU B 735 -5.60 -24.59 -42.77
CA GLU B 735 -6.55 -25.51 -43.38
C GLU B 735 -6.88 -26.66 -42.44
N MET B 736 -5.89 -27.08 -41.67
CA MET B 736 -6.07 -28.17 -40.71
C MET B 736 -6.96 -27.73 -39.53
N PHE B 737 -6.73 -26.53 -39.03
CA PHE B 737 -7.53 -25.98 -37.94
C PHE B 737 -8.97 -25.74 -38.36
N ALA B 738 -9.20 -25.63 -39.67
CA ALA B 738 -10.56 -25.45 -40.19
C ALA B 738 -11.40 -26.70 -39.96
N GLN B 739 -10.73 -27.82 -39.68
CA GLN B 739 -11.43 -29.09 -39.45
C GLN B 739 -11.33 -29.61 -38.01
N THR B 740 -10.54 -28.96 -37.16
CA THR B 740 -10.26 -29.52 -35.84
C THR B 740 -10.26 -28.49 -34.71
N LEU B 741 -10.84 -27.31 -34.94
CA LEU B 741 -10.86 -26.27 -33.92
C LEU B 741 -11.84 -26.62 -32.82
N GLN B 742 -12.91 -27.32 -33.18
CA GLN B 742 -13.91 -27.75 -32.21
C GLN B 742 -13.40 -28.85 -31.28
N GLN B 743 -12.27 -29.46 -31.66
CA GLN B 743 -11.70 -30.56 -30.89
C GLN B 743 -10.69 -30.07 -29.85
N SER B 744 -10.57 -28.76 -29.68
CA SER B 744 -9.51 -28.22 -28.84
C SER B 744 -9.93 -28.16 -27.38
N ARG B 745 -11.16 -28.60 -27.08
CA ARG B 745 -11.68 -28.53 -25.72
C ARG B 745 -11.31 -29.76 -24.88
N GLY B 746 -10.78 -30.80 -25.53
CA GLY B 746 -10.34 -31.99 -24.82
C GLY B 746 -8.83 -31.99 -24.59
N PHE B 747 -8.16 -32.97 -25.17
CA PHE B 747 -6.70 -33.03 -25.14
C PHE B 747 -6.13 -32.53 -26.47
N GLY B 748 -5.40 -31.41 -26.40
CA GLY B 748 -4.85 -30.78 -27.58
C GLY B 748 -3.94 -31.69 -28.36
N SER B 749 -3.79 -31.40 -29.65
CA SER B 749 -2.94 -32.19 -30.53
C SER B 749 -2.43 -31.36 -31.71
N ASN C 20 -9.78 53.79 -45.76
CA ASN C 20 -8.73 53.73 -44.75
C ASN C 20 -7.46 54.44 -45.24
N ARG C 21 -7.15 55.55 -44.60
CA ARG C 21 -5.98 56.34 -44.97
C ARG C 21 -4.69 55.56 -44.72
N PRO C 22 -3.69 55.74 -45.58
CA PRO C 22 -2.42 55.02 -45.48
C PRO C 22 -1.61 55.41 -44.25
N ASN C 23 -1.76 56.66 -43.80
CA ASN C 23 -0.96 57.15 -42.67
C ASN C 23 -1.25 56.33 -41.42
N ARG C 24 -2.49 55.87 -41.27
CA ARG C 24 -2.83 55.02 -40.15
C ARG C 24 -2.20 53.63 -40.32
N LEU C 25 -1.52 53.15 -39.28
CA LEU C 25 -0.86 51.86 -39.32
C LEU C 25 -0.90 51.12 -37.99
N ILE C 26 -0.69 49.80 -38.06
CA ILE C 26 -0.75 48.93 -36.89
C ILE C 26 0.64 48.66 -36.35
N VAL C 27 0.79 48.76 -35.03
CA VAL C 27 2.07 48.49 -34.38
C VAL C 27 2.31 46.99 -34.30
N ASP C 28 3.56 46.57 -34.52
CA ASP C 28 3.89 45.15 -34.53
C ASP C 28 5.26 44.91 -33.90
N GLU C 29 5.58 43.64 -33.66
CA GLU C 29 6.87 43.27 -33.10
C GLU C 29 8.01 43.84 -33.93
N ALA C 30 9.18 43.98 -33.32
CA ALA C 30 10.35 44.50 -34.01
C ALA C 30 11.34 43.40 -34.34
N ILE C 31 12.01 43.54 -35.49
CA ILE C 31 13.07 42.62 -35.88
C ILE C 31 14.42 43.31 -35.72
N ASN C 32 14.50 44.56 -36.18
CA ASN C 32 15.71 45.36 -36.00
C ASN C 32 15.78 45.89 -34.58
N GLU C 33 16.76 45.40 -33.82
CA GLU C 33 16.89 45.77 -32.42
C GLU C 33 17.21 47.25 -32.23
N ASP C 34 17.53 47.93 -33.33
CA ASP C 34 17.88 49.35 -33.28
C ASP C 34 16.71 50.20 -32.82
N ASN C 35 16.97 51.14 -31.92
CA ASN C 35 15.94 51.99 -31.36
C ASN C 35 15.34 52.95 -32.37
N SER C 36 16.20 53.59 -33.15
CA SER C 36 15.76 54.63 -34.08
C SER C 36 15.31 54.06 -35.42
N VAL C 37 14.93 52.79 -35.44
CA VAL C 37 14.52 52.14 -36.67
C VAL C 37 13.10 51.59 -36.59
N VAL C 38 12.30 51.92 -37.61
CA VAL C 38 10.99 51.32 -37.79
C VAL C 38 10.95 50.72 -39.18
N SER C 39 10.18 49.66 -39.36
CA SER C 39 10.18 48.94 -40.64
C SER C 39 8.79 48.87 -41.25
N LEU C 40 8.76 49.00 -42.57
CA LEU C 40 7.55 48.85 -43.35
C LEU C 40 7.82 47.85 -44.46
N SER C 41 6.79 47.48 -45.20
CA SER C 41 6.96 46.62 -46.36
C SER C 41 7.37 47.51 -47.54
N GLN C 42 8.24 46.99 -48.39
CA GLN C 42 8.72 47.75 -49.54
C GLN C 42 7.54 48.28 -50.38
N PRO C 43 6.54 47.43 -50.63
CA PRO C 43 5.39 47.92 -51.40
C PRO C 43 4.68 49.09 -50.73
N LYS C 44 4.73 49.15 -49.39
CA LYS C 44 4.13 50.26 -48.66
C LYS C 44 5.08 51.45 -48.62
N MET C 45 6.38 51.18 -48.59
CA MET C 45 7.37 52.26 -48.57
C MET C 45 7.28 53.03 -49.87
N ASP C 46 6.98 52.31 -50.95
CA ASP C 46 6.83 52.92 -52.26
C ASP C 46 5.50 53.67 -52.35
N GLU C 47 4.51 53.20 -51.62
CA GLU C 47 3.21 53.84 -51.59
C GLU C 47 3.33 55.23 -50.95
N LEU C 48 4.05 55.31 -49.83
CA LEU C 48 4.29 56.60 -49.17
C LEU C 48 5.38 57.41 -49.87
N GLN C 49 6.06 56.79 -50.83
CA GLN C 49 7.14 57.46 -51.54
C GLN C 49 8.34 57.76 -50.64
N LEU C 50 8.72 56.79 -49.81
CA LEU C 50 9.91 56.93 -48.99
C LEU C 50 10.88 55.77 -49.21
N PHE C 51 12.13 56.00 -48.83
CA PHE C 51 13.17 54.98 -48.91
C PHE C 51 13.84 54.77 -47.55
N ARG C 52 14.81 53.86 -47.53
CA ARG C 52 15.49 53.48 -46.30
C ARG C 52 16.14 54.64 -45.56
N GLY C 53 16.70 55.59 -46.30
CA GLY C 53 17.44 56.67 -45.68
C GLY C 53 16.53 57.71 -45.04
N ASP C 54 15.29 57.76 -45.52
CA ASP C 54 14.35 58.80 -45.08
C ASP C 54 14.14 58.79 -43.57
N THR C 55 13.85 59.98 -43.03
CA THR C 55 13.51 60.13 -41.62
C THR C 55 12.02 60.39 -41.50
N VAL C 56 11.31 59.50 -40.80
CA VAL C 56 9.86 59.59 -40.70
C VAL C 56 9.43 60.06 -39.31
N LEU C 57 8.32 60.80 -39.27
CA LEU C 57 7.75 61.25 -38.01
C LEU C 57 6.55 60.37 -37.63
N LEU C 58 6.61 59.81 -36.43
CA LEU C 58 5.56 58.93 -35.94
C LEU C 58 4.69 59.65 -34.91
N LYS C 59 3.39 59.69 -35.19
CA LYS C 59 2.44 60.29 -34.26
C LYS C 59 1.58 59.22 -33.63
N GLY C 60 1.68 59.08 -32.31
CA GLY C 60 0.92 58.06 -31.60
C GLY C 60 -0.27 58.66 -30.86
N LYS C 61 -0.69 57.99 -29.79
CA LYS C 61 -1.80 58.46 -28.99
C LYS C 61 -1.33 59.41 -27.90
N LYS C 62 -2.28 60.06 -27.24
CA LYS C 62 -1.97 61.02 -26.18
C LYS C 62 -1.23 62.23 -26.75
N ARG C 63 -1.45 62.50 -28.03
CA ARG C 63 -0.85 63.65 -28.69
C ARG C 63 0.66 63.70 -28.46
N ARG C 64 1.30 62.54 -28.55
CA ARG C 64 2.76 62.46 -28.41
C ARG C 64 3.39 62.10 -29.75
N GLU C 65 4.68 62.36 -29.88
CA GLU C 65 5.38 62.14 -31.13
C GLU C 65 6.69 61.40 -30.90
N ALA C 66 7.14 60.72 -31.95
CA ALA C 66 8.44 60.08 -31.97
C ALA C 66 8.97 60.14 -33.39
N VAL C 67 10.27 60.34 -33.56
CA VAL C 67 10.87 60.41 -34.88
C VAL C 67 11.86 59.26 -35.04
N CYS C 68 11.86 58.64 -36.23
CA CYS C 68 12.69 57.46 -36.46
C CYS C 68 13.10 57.30 -37.92
N ILE C 69 14.08 56.43 -38.14
CA ILE C 69 14.50 56.04 -39.48
C ILE C 69 13.62 54.89 -39.97
N VAL C 70 13.26 54.92 -41.24
CA VAL C 70 12.42 53.88 -41.83
C VAL C 70 13.24 52.88 -42.64
N LEU C 71 12.80 51.63 -42.67
CA LEU C 71 13.48 50.58 -43.43
C LEU C 71 12.49 49.61 -44.07
N SER C 72 13.00 48.78 -44.96
CA SER C 72 12.18 47.80 -45.67
C SER C 72 12.22 46.44 -44.96
N ASP C 73 11.15 45.67 -45.11
CA ASP C 73 11.08 44.34 -44.51
C ASP C 73 10.13 43.43 -45.29
N ASP C 74 10.66 42.38 -45.89
CA ASP C 74 9.86 41.47 -46.70
C ASP C 74 8.82 40.74 -45.86
N THR C 75 9.15 40.46 -44.60
CA THR C 75 8.25 39.74 -43.70
C THR C 75 7.13 40.63 -43.17
N CYS C 76 7.40 41.93 -43.07
CA CYS C 76 6.44 42.88 -42.54
C CYS C 76 5.22 43.00 -43.45
N SER C 77 4.03 42.92 -42.85
CA SER C 77 2.79 43.09 -43.60
C SER C 77 2.56 44.57 -43.92
N ASP C 78 2.00 44.84 -45.09
CA ASP C 78 1.82 46.21 -45.56
C ASP C 78 0.90 47.02 -44.65
N GLU C 79 0.05 46.35 -43.88
CA GLU C 79 -0.88 47.03 -42.99
C GLU C 79 -0.29 47.33 -41.62
N LYS C 80 0.95 46.88 -41.39
CA LYS C 80 1.56 47.00 -40.07
C LYS C 80 2.94 47.66 -40.14
N ILE C 81 3.42 48.09 -38.98
CA ILE C 81 4.74 48.71 -38.86
C ILE C 81 5.50 48.14 -37.66
N ARG C 82 6.69 47.64 -37.91
CA ARG C 82 7.53 47.08 -36.85
C ARG C 82 8.35 48.19 -36.19
N MET C 83 8.22 48.30 -34.88
CA MET C 83 8.99 49.29 -34.12
C MET C 83 9.43 48.72 -32.77
N ASN C 84 10.65 49.07 -32.34
CA ASN C 84 11.18 48.61 -31.07
C ASN C 84 10.25 49.00 -29.93
N ARG C 85 10.47 48.42 -28.75
CA ARG C 85 9.67 48.75 -27.58
C ARG C 85 9.98 50.15 -27.08
N VAL C 86 11.17 50.67 -27.42
CA VAL C 86 11.56 52.01 -26.99
C VAL C 86 10.68 53.03 -27.70
N VAL C 87 10.53 52.87 -29.00
CA VAL C 87 9.67 53.74 -29.80
C VAL C 87 8.23 53.60 -29.33
N ARG C 88 7.83 52.36 -29.08
CA ARG C 88 6.51 52.04 -28.55
C ARG C 88 6.19 52.86 -27.31
N ASN C 89 7.16 52.95 -26.40
CA ASN C 89 6.95 53.66 -25.15
C ASN C 89 6.87 55.18 -25.35
N ASN C 90 7.73 55.71 -26.21
CA ASN C 90 7.72 57.14 -26.48
C ASN C 90 6.38 57.63 -27.05
N LEU C 91 5.65 56.71 -27.67
CA LEU C 91 4.35 57.05 -28.24
C LEU C 91 3.19 56.74 -27.28
N ARG C 92 3.50 56.08 -26.17
CA ARG C 92 2.47 55.62 -25.25
C ARG C 92 1.51 54.70 -26.00
N VAL C 93 2.08 53.69 -26.65
CA VAL C 93 1.33 52.79 -27.50
C VAL C 93 1.68 51.34 -27.16
N ARG C 94 0.83 50.41 -27.58
CA ARG C 94 1.10 48.99 -27.37
C ARG C 94 0.84 48.18 -28.65
N LEU C 95 1.06 46.88 -28.58
CA LEU C 95 0.94 46.03 -29.76
C LEU C 95 -0.51 45.96 -30.20
N GLY C 96 -0.74 46.23 -31.48
CA GLY C 96 -2.08 46.15 -32.04
C GLY C 96 -2.75 47.50 -32.17
N ASP C 97 -2.23 48.48 -31.44
CA ASP C 97 -2.77 49.83 -31.50
C ASP C 97 -2.47 50.46 -32.84
N VAL C 98 -3.10 51.60 -33.12
CA VAL C 98 -2.91 52.29 -34.38
C VAL C 98 -2.15 53.59 -34.17
N ILE C 99 -1.28 53.91 -35.11
CA ILE C 99 -0.52 55.16 -35.06
C ILE C 99 -0.39 55.73 -36.47
N SER C 100 -0.24 57.04 -36.58
CA SER C 100 -0.12 57.68 -37.87
C SER C 100 1.34 58.03 -38.17
N ILE C 101 1.77 57.69 -39.39
CA ILE C 101 3.13 57.98 -39.81
C ILE C 101 3.14 58.95 -40.98
N GLN C 102 4.06 59.93 -40.92
CA GLN C 102 4.16 60.95 -41.97
C GLN C 102 5.61 61.42 -42.10
N PRO C 103 6.02 61.74 -43.33
CA PRO C 103 7.43 62.10 -43.60
C PRO C 103 7.88 63.40 -42.91
N CYS C 104 9.16 63.46 -42.57
CA CYS C 104 9.73 64.62 -41.91
C CYS C 104 11.00 65.12 -42.61
N PRO C 105 10.82 65.99 -43.61
CA PRO C 105 11.96 66.64 -44.28
C PRO C 105 12.46 67.87 -43.51
N ASP C 106 11.69 68.30 -42.52
CA ASP C 106 12.01 69.54 -41.81
C ASP C 106 13.18 69.36 -40.84
N VAL C 107 13.59 68.10 -40.64
CA VAL C 107 14.68 67.79 -39.71
C VAL C 107 16.04 68.26 -40.19
N LYS C 108 16.73 69.03 -39.36
CA LYS C 108 18.09 69.46 -39.65
C LYS C 108 19.01 69.03 -38.52
N TYR C 109 20.31 69.02 -38.81
CA TYR C 109 21.30 68.56 -37.84
C TYR C 109 21.28 69.45 -36.60
N GLY C 110 21.63 68.88 -35.46
CA GLY C 110 21.57 69.60 -34.19
C GLY C 110 22.86 70.29 -33.81
N LYS C 111 22.73 71.29 -32.93
CA LYS C 111 23.89 71.97 -32.37
C LYS C 111 24.18 71.41 -30.99
N ARG C 112 23.16 71.43 -30.13
CA ARG C 112 23.34 70.93 -28.77
C ARG C 112 22.16 70.05 -28.36
N ILE C 113 22.49 68.99 -27.63
CA ILE C 113 21.48 68.07 -27.10
C ILE C 113 21.74 67.88 -25.62
N HIS C 114 20.66 67.76 -24.84
CA HIS C 114 20.79 67.58 -23.41
C HIS C 114 20.03 66.36 -22.95
N VAL C 115 20.77 65.31 -22.63
CA VAL C 115 20.16 64.09 -22.15
C VAL C 115 20.58 63.86 -20.70
N LEU C 116 19.61 63.46 -19.89
CA LEU C 116 19.87 63.15 -18.49
C LEU C 116 19.43 61.72 -18.22
N PRO C 117 20.25 60.97 -17.48
CA PRO C 117 19.88 59.60 -17.14
C PRO C 117 18.73 59.57 -16.14
N ILE C 118 18.04 58.44 -16.05
CA ILE C 118 16.95 58.29 -15.10
C ILE C 118 17.50 57.62 -13.85
N ASP C 119 17.22 58.21 -12.69
CA ASP C 119 17.86 57.84 -11.43
C ASP C 119 17.98 56.33 -11.23
N ASP C 120 16.85 55.63 -11.30
CA ASP C 120 16.79 54.22 -10.93
C ASP C 120 17.65 53.31 -11.82
N THR C 121 18.17 53.84 -12.92
CA THR C 121 19.01 53.05 -13.82
C THR C 121 20.48 53.43 -13.76
N VAL C 122 20.83 54.36 -12.86
CA VAL C 122 22.22 54.82 -12.75
C VAL C 122 22.69 55.08 -11.33
N GLU C 123 21.81 54.91 -10.34
CA GLU C 123 22.16 55.26 -8.97
C GLU C 123 23.30 54.43 -8.37
N GLY C 124 23.64 53.32 -9.01
CA GLY C 124 24.74 52.50 -8.54
C GLY C 124 26.07 52.76 -9.24
N ILE C 125 25.99 53.33 -10.44
CA ILE C 125 27.19 53.55 -11.26
C ILE C 125 27.58 55.01 -11.39
N THR C 126 28.88 55.25 -11.46
CA THR C 126 29.44 56.58 -11.67
C THR C 126 30.45 56.58 -12.81
N GLY C 127 30.92 57.76 -13.18
CA GLY C 127 31.92 57.88 -14.24
C GLY C 127 31.40 58.65 -15.44
N ASN C 128 31.99 58.41 -16.60
CA ASN C 128 31.59 59.10 -17.82
C ASN C 128 30.36 58.46 -18.45
N LEU C 129 29.19 58.93 -18.02
CA LEU C 129 27.92 58.40 -18.52
C LEU C 129 27.82 58.68 -20.02
N PHE C 130 28.41 59.80 -20.42
CA PHE C 130 28.36 60.27 -21.80
C PHE C 130 29.37 59.59 -22.73
N GLU C 131 30.54 59.28 -22.21
CA GLU C 131 31.61 58.72 -23.04
C GLU C 131 31.43 57.22 -23.23
N VAL C 132 30.82 56.55 -22.25
CA VAL C 132 30.68 55.11 -22.30
C VAL C 132 29.44 54.66 -23.07
N TYR C 133 28.34 55.38 -22.89
CA TYR C 133 27.07 54.99 -23.48
C TYR C 133 26.68 55.85 -24.67
N LEU C 134 26.57 57.16 -24.45
CA LEU C 134 26.09 58.08 -25.48
C LEU C 134 27.06 58.14 -26.66
N LYS C 135 28.35 57.98 -26.38
CA LYS C 135 29.38 58.13 -27.40
C LYS C 135 29.23 57.12 -28.53
N PRO C 136 29.33 55.81 -28.23
CA PRO C 136 29.19 54.81 -29.29
C PRO C 136 27.75 54.69 -29.80
N TYR C 137 26.80 55.14 -28.99
CA TYR C 137 25.39 55.04 -29.35
C TYR C 137 25.06 56.00 -30.49
N PHE C 138 25.63 57.20 -30.45
CA PHE C 138 25.38 58.22 -31.46
C PHE C 138 26.46 58.28 -32.52
N LEU C 139 27.60 57.64 -32.27
CA LEU C 139 28.73 57.70 -33.18
C LEU C 139 28.34 57.18 -34.57
N GLU C 140 28.51 58.03 -35.59
CA GLU C 140 28.24 57.65 -36.97
C GLU C 140 26.83 57.12 -37.13
N ALA C 141 25.92 57.55 -36.25
CA ALA C 141 24.57 57.02 -36.22
C ALA C 141 23.57 57.95 -36.91
N TYR C 142 23.77 59.25 -36.76
CA TYR C 142 22.84 60.23 -37.32
C TYR C 142 21.41 59.87 -36.95
N ARG C 143 21.19 59.68 -35.65
CA ARG C 143 19.88 59.29 -35.14
C ARG C 143 18.92 60.46 -35.08
N PRO C 144 17.71 60.28 -35.64
CA PRO C 144 16.67 61.30 -35.46
C PRO C 144 16.04 61.18 -34.08
N ILE C 145 16.10 62.24 -33.28
CA ILE C 145 15.54 62.24 -31.93
C ILE C 145 14.60 63.42 -31.70
N ARG C 146 13.86 63.36 -30.60
CA ARG C 146 12.91 64.41 -30.25
C ARG C 146 13.01 64.79 -28.79
N LYS C 147 12.62 66.03 -28.48
CA LYS C 147 12.60 66.50 -27.10
C LYS C 147 11.55 65.74 -26.32
N GLY C 148 11.96 65.12 -25.22
CA GLY C 148 11.04 64.36 -24.39
C GLY C 148 11.19 62.86 -24.57
N ASP C 149 11.85 62.45 -25.64
CA ASP C 149 12.07 61.03 -25.92
C ASP C 149 12.94 60.37 -24.86
N ILE C 150 12.68 59.09 -24.60
CA ILE C 150 13.54 58.29 -23.74
C ILE C 150 14.13 57.12 -24.53
N PHE C 151 15.46 57.07 -24.58
CA PHE C 151 16.15 56.01 -25.30
C PHE C 151 16.97 55.16 -24.36
N LEU C 152 17.35 53.97 -24.83
CA LEU C 152 18.04 52.97 -24.03
C LEU C 152 19.38 52.59 -24.63
N VAL C 153 20.41 52.58 -23.81
CA VAL C 153 21.75 52.21 -24.25
C VAL C 153 22.33 51.13 -23.35
N ARG C 154 22.73 50.01 -23.93
CA ARG C 154 23.26 48.90 -23.16
C ARG C 154 24.78 48.76 -23.30
N GLY C 155 25.43 48.45 -22.18
CA GLY C 155 26.88 48.30 -22.14
C GLY C 155 27.36 48.18 -20.70
N GLY C 156 28.53 47.57 -20.51
CA GLY C 156 29.08 47.40 -19.19
C GLY C 156 28.18 46.59 -18.28
N MET C 157 27.58 45.53 -18.83
CA MET C 157 26.70 44.66 -18.07
C MET C 157 25.62 45.48 -17.37
N ARG C 158 25.09 46.46 -18.11
CA ARG C 158 24.08 47.36 -17.57
C ARG C 158 23.32 48.06 -18.69
N ALA C 159 22.07 48.40 -18.42
CA ALA C 159 21.24 49.14 -19.38
C ALA C 159 20.69 50.40 -18.72
N VAL C 160 21.10 51.56 -19.23
CA VAL C 160 20.68 52.84 -18.67
C VAL C 160 19.73 53.56 -19.62
N GLU C 161 18.77 54.28 -19.05
CA GLU C 161 17.78 55.01 -19.84
C GLU C 161 17.99 56.51 -19.68
N PHE C 162 18.09 57.19 -20.82
CA PHE C 162 18.24 58.65 -20.83
C PHE C 162 16.99 59.32 -21.38
N LYS C 163 16.73 60.53 -20.91
CA LYS C 163 15.62 61.33 -21.41
C LYS C 163 16.12 62.62 -22.06
N VAL C 164 15.72 62.87 -23.31
CA VAL C 164 16.11 64.07 -24.01
C VAL C 164 15.41 65.28 -23.41
N VAL C 165 16.16 66.12 -22.72
CA VAL C 165 15.59 67.29 -22.05
C VAL C 165 15.47 68.49 -22.99
N GLU C 166 16.43 68.63 -23.90
CA GLU C 166 16.39 69.76 -24.84
C GLU C 166 17.29 69.61 -26.06
N THR C 167 16.86 70.24 -27.16
CA THR C 167 17.62 70.29 -28.39
C THR C 167 17.54 71.71 -28.95
N ASP C 168 18.64 72.20 -29.50
CA ASP C 168 18.66 73.58 -29.98
C ASP C 168 17.71 73.75 -31.17
N PRO C 169 17.75 72.83 -32.14
CA PRO C 169 16.67 72.84 -33.12
C PRO C 169 15.48 72.04 -32.62
N SER C 170 14.60 72.68 -31.86
CA SER C 170 13.46 72.00 -31.25
C SER C 170 12.29 71.92 -32.22
N PRO C 171 11.38 70.97 -32.00
CA PRO C 171 11.46 69.97 -30.92
C PRO C 171 12.27 68.74 -31.29
N TYR C 172 12.68 68.63 -32.55
CA TYR C 172 13.42 67.46 -33.02
C TYR C 172 14.54 67.79 -34.00
N CYS C 173 15.54 66.92 -34.03
CA CYS C 173 16.74 67.13 -34.84
C CYS C 173 17.52 65.83 -35.00
N ILE C 174 18.43 65.81 -35.97
CA ILE C 174 19.32 64.67 -36.16
C ILE C 174 20.61 64.89 -35.38
N VAL C 175 21.21 63.80 -34.91
CA VAL C 175 22.42 63.87 -34.10
C VAL C 175 23.68 63.70 -34.96
N ALA C 176 24.21 64.82 -35.44
CA ALA C 176 25.43 64.80 -36.25
C ALA C 176 26.65 64.81 -35.33
N PRO C 177 27.82 64.44 -35.88
CA PRO C 177 29.07 64.38 -35.12
C PRO C 177 29.44 65.70 -34.45
N ASP C 178 28.95 66.82 -35.00
CA ASP C 178 29.27 68.12 -34.44
C ASP C 178 28.40 68.44 -33.22
N THR C 179 27.26 67.77 -33.11
CA THR C 179 26.34 68.00 -32.01
C THR C 179 26.97 67.63 -30.67
N VAL C 180 26.88 68.54 -29.71
CA VAL C 180 27.41 68.30 -28.38
C VAL C 180 26.30 67.76 -27.47
N ILE C 181 26.67 66.86 -26.56
CA ILE C 181 25.70 66.30 -25.63
C ILE C 181 26.22 66.51 -24.20
N HIS C 182 25.33 66.86 -23.28
CA HIS C 182 25.74 67.17 -21.90
C HIS C 182 24.98 66.40 -20.83
N CYS C 183 25.69 66.06 -19.77
CA CYS C 183 25.17 65.29 -18.65
C CYS C 183 25.32 66.12 -17.38
N GLU C 184 24.28 66.88 -17.06
CA GLU C 184 24.31 67.86 -15.97
C GLU C 184 24.08 67.29 -14.57
N GLY C 185 24.80 66.22 -14.21
CA GLY C 185 24.74 65.75 -12.85
C GLY C 185 23.51 64.95 -12.49
N GLU C 186 22.84 65.38 -11.43
CA GLU C 186 21.72 64.64 -10.87
C GLU C 186 20.67 64.26 -11.91
N PRO C 187 20.46 62.95 -12.09
CA PRO C 187 19.47 62.37 -13.02
C PRO C 187 18.04 62.69 -12.64
N ILE C 188 17.17 62.91 -13.63
CA ILE C 188 15.78 63.23 -13.36
C ILE C 188 15.06 61.98 -12.87
N LYS C 189 14.03 62.16 -12.06
CA LYS C 189 13.27 61.04 -11.54
C LYS C 189 12.29 60.54 -12.59
N ARG C 190 11.82 59.31 -12.42
CA ARG C 190 10.95 58.67 -13.38
C ARG C 190 9.51 59.19 -13.29
N GLU C 191 8.97 59.60 -14.43
CA GLU C 191 7.62 60.11 -14.51
C GLU C 191 6.60 59.01 -14.20
N ASP C 192 5.42 59.42 -13.74
CA ASP C 192 4.39 58.48 -13.32
C ASP C 192 3.99 57.51 -14.44
N GLU C 193 3.84 58.04 -15.65
CA GLU C 193 3.37 57.24 -16.78
C GLU C 193 4.51 56.59 -17.55
N GLU C 194 5.72 57.10 -17.37
CA GLU C 194 6.88 56.55 -18.07
C GLU C 194 7.27 55.20 -17.49
N GLU C 195 6.88 54.14 -18.20
CA GLU C 195 7.18 52.78 -17.78
C GLU C 195 8.65 52.47 -17.98
N SER C 196 9.18 51.58 -17.16
CA SER C 196 10.57 51.17 -17.29
C SER C 196 10.70 50.15 -18.41
N LEU C 197 11.82 50.19 -19.11
CA LEU C 197 12.10 49.23 -20.16
C LEU C 197 12.80 48.02 -19.56
N ASN C 198 13.12 48.12 -18.27
CA ASN C 198 13.63 46.98 -17.53
C ASN C 198 12.50 45.99 -17.27
N GLU C 199 11.26 46.49 -17.32
CA GLU C 199 10.09 45.64 -17.21
C GLU C 199 10.13 44.57 -18.31
N VAL C 200 9.49 43.44 -18.05
CA VAL C 200 9.55 42.31 -18.96
C VAL C 200 8.68 42.54 -20.19
N GLY C 201 9.16 42.04 -21.33
CA GLY C 201 8.42 42.13 -22.58
C GLY C 201 8.74 40.94 -23.44
N TYR C 202 8.10 40.85 -24.61
CA TYR C 202 8.30 39.71 -25.50
C TYR C 202 9.76 39.64 -25.94
N ASP C 203 10.42 40.79 -25.96
CA ASP C 203 11.82 40.87 -26.39
C ASP C 203 12.78 40.31 -25.34
N ASP C 204 12.25 39.95 -24.17
CA ASP C 204 13.05 39.32 -23.13
C ASP C 204 12.88 37.80 -23.17
N ILE C 205 12.11 37.32 -24.14
CA ILE C 205 11.81 35.89 -24.23
C ILE C 205 12.27 35.33 -25.56
N GLY C 206 12.88 34.14 -25.50
CA GLY C 206 13.34 33.45 -26.68
C GLY C 206 13.19 31.96 -26.54
N GLY C 207 13.34 31.23 -27.64
CA GLY C 207 13.30 29.78 -27.61
C GLY C 207 11.91 29.17 -27.64
N CYS C 208 10.90 30.03 -27.68
CA CYS C 208 9.52 29.55 -27.81
C CYS C 208 8.67 30.57 -28.56
N ARG C 209 9.02 30.79 -29.83
CA ARG C 209 8.32 31.74 -30.68
C ARG C 209 6.87 31.29 -30.92
N LYS C 210 6.71 30.05 -31.39
CA LYS C 210 5.38 29.54 -31.69
C LYS C 210 4.45 29.63 -30.49
N GLN C 211 4.94 29.20 -29.34
CA GLN C 211 4.12 29.16 -28.14
C GLN C 211 3.71 30.57 -27.75
N LEU C 212 4.66 31.49 -27.80
CA LEU C 212 4.40 32.87 -27.44
C LEU C 212 3.43 33.51 -28.43
N ALA C 213 3.41 33.00 -29.66
CA ALA C 213 2.49 33.48 -30.68
C ALA C 213 1.06 33.05 -30.36
N GLN C 214 0.91 31.77 -30.03
CA GLN C 214 -0.40 31.21 -29.72
C GLN C 214 -1.07 32.01 -28.61
N ILE C 215 -0.32 32.30 -27.56
CA ILE C 215 -0.85 33.02 -26.42
C ILE C 215 -1.30 34.42 -26.86
N LYS C 216 -0.50 35.05 -27.71
CA LYS C 216 -0.84 36.37 -28.22
C LYS C 216 -2.19 36.36 -28.92
N GLU C 217 -2.44 35.33 -29.72
CA GLU C 217 -3.71 35.21 -30.44
C GLU C 217 -4.86 35.09 -29.46
N MET C 218 -4.74 34.15 -28.52
CA MET C 218 -5.79 33.90 -27.55
C MET C 218 -6.14 35.14 -26.74
N VAL C 219 -5.12 35.86 -26.33
CA VAL C 219 -5.28 36.91 -25.34
C VAL C 219 -5.39 38.32 -25.89
N GLU C 220 -4.68 38.61 -26.98
CA GLU C 220 -4.55 39.98 -27.45
C GLU C 220 -5.89 40.63 -27.83
N LEU C 221 -6.72 39.93 -28.58
CA LEU C 221 -7.96 40.52 -29.06
C LEU C 221 -8.91 40.88 -27.91
N PRO C 222 -9.26 39.90 -27.06
CA PRO C 222 -10.22 40.18 -25.99
C PRO C 222 -9.68 41.15 -24.94
N LEU C 223 -8.36 41.26 -24.82
CA LEU C 223 -7.76 42.08 -23.78
C LEU C 223 -7.57 43.51 -24.28
N ARG C 224 -7.25 43.64 -25.56
CA ARG C 224 -7.02 44.95 -26.17
C ARG C 224 -8.34 45.56 -26.63
N HIS C 225 -9.22 44.72 -27.16
CA HIS C 225 -10.50 45.17 -27.68
C HIS C 225 -11.65 44.43 -26.98
N PRO C 226 -11.82 44.69 -25.68
CA PRO C 226 -12.84 44.00 -24.87
C PRO C 226 -14.27 44.32 -25.28
N ALA C 227 -14.57 45.60 -25.49
CA ALA C 227 -15.92 46.01 -25.87
C ALA C 227 -16.33 45.29 -27.15
N LEU C 228 -15.37 45.12 -28.04
CA LEU C 228 -15.57 44.48 -29.33
C LEU C 228 -15.99 43.02 -29.15
N PHE C 229 -15.42 42.35 -28.15
CA PHE C 229 -15.69 40.93 -27.95
C PHE C 229 -17.04 40.65 -27.30
N LYS C 230 -17.52 41.56 -26.45
CA LYS C 230 -18.80 41.36 -25.77
C LYS C 230 -19.92 41.53 -26.77
N ALA C 231 -19.67 42.32 -27.81
CA ALA C 231 -20.64 42.60 -28.85
C ALA C 231 -20.63 41.47 -29.88
N ILE C 232 -19.46 40.86 -30.06
CA ILE C 232 -19.27 39.81 -31.05
C ILE C 232 -20.11 38.57 -30.69
N GLY C 233 -20.18 38.25 -29.40
CA GLY C 233 -21.06 37.19 -28.91
C GLY C 233 -20.47 35.79 -28.87
N VAL C 234 -19.31 35.63 -29.51
CA VAL C 234 -18.57 34.38 -29.47
C VAL C 234 -17.79 34.25 -28.16
N LYS C 235 -17.70 33.04 -27.61
CA LYS C 235 -16.99 32.86 -26.34
C LYS C 235 -15.51 32.60 -26.60
N PRO C 236 -14.64 33.41 -25.97
CA PRO C 236 -13.17 33.31 -26.06
C PRO C 236 -12.58 32.41 -24.98
N PRO C 237 -11.27 32.15 -25.06
CA PRO C 237 -10.59 31.40 -24.00
C PRO C 237 -10.57 32.19 -22.68
N ARG C 238 -10.64 31.47 -21.57
CA ARG C 238 -10.58 32.09 -20.24
C ARG C 238 -9.49 31.49 -19.37
N GLY C 239 -9.24 30.20 -19.53
CA GLY C 239 -8.22 29.54 -18.74
C GLY C 239 -7.12 28.99 -19.64
N ILE C 240 -5.93 29.55 -19.49
CA ILE C 240 -4.77 29.12 -20.25
C ILE C 240 -3.76 28.48 -19.31
N LEU C 241 -3.39 27.24 -19.60
CA LEU C 241 -2.46 26.50 -18.76
C LEU C 241 -1.10 26.38 -19.44
N LEU C 242 -0.12 27.09 -18.91
CA LEU C 242 1.25 26.97 -19.37
C LEU C 242 1.92 25.86 -18.57
N TYR C 243 2.58 24.93 -19.26
CA TYR C 243 3.28 23.86 -18.56
C TYR C 243 4.61 23.53 -19.22
N GLY C 244 5.54 23.04 -18.41
CA GLY C 244 6.87 22.72 -18.87
C GLY C 244 7.81 22.61 -17.69
N PRO C 245 9.00 22.04 -17.89
CA PRO C 245 9.95 21.91 -16.78
C PRO C 245 10.21 23.25 -16.11
N PRO C 246 10.82 23.22 -14.91
CA PRO C 246 11.13 24.46 -14.20
C PRO C 246 12.18 25.31 -14.91
N GLY C 247 11.96 26.62 -14.96
CA GLY C 247 12.93 27.55 -15.51
C GLY C 247 12.79 27.78 -17.00
N THR C 248 11.66 27.36 -17.57
CA THR C 248 11.44 27.49 -19.00
C THR C 248 10.87 28.86 -19.38
N GLY C 249 10.54 29.65 -18.36
CA GLY C 249 10.10 31.02 -18.57
C GLY C 249 8.59 31.17 -18.52
N LYS C 250 7.92 30.25 -17.82
CA LYS C 250 6.47 30.31 -17.69
C LYS C 250 6.03 31.57 -16.95
N THR C 251 6.64 31.83 -15.80
CA THR C 251 6.35 33.04 -15.06
C THR C 251 6.73 34.27 -15.86
N LEU C 252 7.83 34.16 -16.60
CA LEU C 252 8.32 35.25 -17.43
C LEU C 252 7.30 35.60 -18.52
N ILE C 253 6.84 34.57 -19.23
CA ILE C 253 5.87 34.75 -20.30
C ILE C 253 4.57 35.38 -19.79
N ALA C 254 4.09 34.89 -18.66
CA ALA C 254 2.85 35.40 -18.08
C ALA C 254 2.95 36.91 -17.86
N ARG C 255 4.02 37.32 -17.17
CA ARG C 255 4.21 38.73 -16.84
C ARG C 255 4.42 39.57 -18.10
N ALA C 256 5.16 39.01 -19.06
CA ALA C 256 5.41 39.70 -20.31
C ALA C 256 4.10 40.04 -21.00
N VAL C 257 3.21 39.06 -21.12
CA VAL C 257 1.92 39.26 -21.76
C VAL C 257 1.11 40.34 -21.04
N ALA C 258 1.22 40.38 -19.72
CA ALA C 258 0.49 41.35 -18.92
C ALA C 258 0.96 42.77 -19.26
N ASN C 259 2.26 42.97 -19.26
CA ASN C 259 2.83 44.29 -19.54
C ASN C 259 2.56 44.70 -20.98
N GLU C 260 2.77 43.78 -21.92
CA GLU C 260 2.64 44.10 -23.33
C GLU C 260 1.20 44.40 -23.74
N THR C 261 0.23 43.81 -23.07
CA THR C 261 -1.18 44.06 -23.37
C THR C 261 -1.70 45.22 -22.54
N GLY C 262 -1.00 45.55 -21.47
CA GLY C 262 -1.38 46.65 -20.61
C GLY C 262 -2.56 46.29 -19.72
N ALA C 263 -2.82 45.00 -19.59
CA ALA C 263 -3.93 44.52 -18.76
C ALA C 263 -3.52 44.53 -17.30
N PHE C 264 -4.51 44.58 -16.41
CA PHE C 264 -4.24 44.52 -14.98
C PHE C 264 -3.78 43.11 -14.61
N PHE C 265 -2.67 43.04 -13.89
CA PHE C 265 -2.04 41.77 -13.57
C PHE C 265 -2.13 41.49 -12.08
N PHE C 266 -2.84 40.43 -11.73
CA PHE C 266 -2.94 39.98 -10.34
C PHE C 266 -2.28 38.61 -10.21
N LEU C 267 -1.16 38.58 -9.49
CA LEU C 267 -0.41 37.35 -9.33
C LEU C 267 -0.86 36.57 -8.10
N ILE C 268 -1.06 35.27 -8.31
CA ILE C 268 -1.39 34.35 -7.23
C ILE C 268 -0.30 33.29 -7.13
N ASN C 269 0.53 33.38 -6.09
CA ASN C 269 1.59 32.40 -5.89
C ASN C 269 1.10 31.23 -5.05
N GLY C 270 1.16 30.03 -5.63
CA GLY C 270 0.68 28.83 -4.98
C GLY C 270 1.09 28.71 -3.52
N PRO C 271 2.41 28.61 -3.26
CA PRO C 271 2.91 28.50 -1.89
C PRO C 271 2.37 29.56 -0.94
N GLU C 272 2.28 30.81 -1.38
CA GLU C 272 1.79 31.87 -0.50
C GLU C 272 0.34 31.61 -0.08
N ILE C 273 -0.48 31.19 -1.05
CA ILE C 273 -1.88 30.90 -0.77
C ILE C 273 -1.99 29.76 0.25
N MET C 274 -1.11 28.77 0.11
CA MET C 274 -1.13 27.58 0.95
C MET C 274 -0.40 27.78 2.29
N SER C 275 0.15 28.97 2.50
CA SER C 275 0.80 29.28 3.76
C SER C 275 -0.18 29.89 4.75
N LYS C 276 -1.40 30.14 4.30
CA LYS C 276 -2.41 30.79 5.13
C LYS C 276 -3.29 29.78 5.85
N LEU C 277 -4.05 30.25 6.83
CA LEU C 277 -4.96 29.40 7.60
C LEU C 277 -6.01 28.75 6.69
N ALA C 278 -6.74 27.78 7.23
CA ALA C 278 -7.68 26.99 6.44
C ALA C 278 -8.64 27.88 5.67
N GLY C 279 -9.43 28.66 6.38
CA GLY C 279 -10.40 29.52 5.71
C GLY C 279 -9.72 30.60 4.88
N GLU C 280 -8.55 31.03 5.32
CA GLU C 280 -7.84 32.14 4.69
C GLU C 280 -7.41 31.89 3.25
N SER C 281 -6.96 30.68 2.95
CA SER C 281 -6.50 30.38 1.60
C SER C 281 -7.66 30.62 0.65
N GLU C 282 -8.81 30.04 0.96
CA GLU C 282 -9.98 30.15 0.11
C GLU C 282 -10.38 31.62 -0.06
N SER C 283 -10.32 32.37 1.03
CA SER C 283 -10.73 33.76 1.02
C SER C 283 -9.80 34.57 0.11
N ASN C 284 -8.49 34.37 0.22
CA ASN C 284 -7.55 35.11 -0.60
C ASN C 284 -7.81 34.85 -2.07
N LEU C 285 -8.10 33.60 -2.41
CA LEU C 285 -8.44 33.25 -3.78
C LEU C 285 -9.65 34.06 -4.22
N ARG C 286 -10.66 34.10 -3.37
CA ARG C 286 -11.89 34.80 -3.69
C ARG C 286 -11.61 36.27 -4.00
N LYS C 287 -10.84 36.93 -3.13
CA LYS C 287 -10.50 38.34 -3.37
C LYS C 287 -9.75 38.57 -4.66
N ALA C 288 -8.83 37.67 -4.99
CA ALA C 288 -8.01 37.83 -6.19
C ALA C 288 -8.91 37.97 -7.41
N PHE C 289 -9.92 37.11 -7.50
CA PHE C 289 -10.84 37.14 -8.63
C PHE C 289 -11.70 38.40 -8.60
N GLU C 290 -12.20 38.78 -7.42
CA GLU C 290 -13.02 39.97 -7.30
C GLU C 290 -12.23 41.22 -7.68
N GLU C 291 -10.97 41.26 -7.31
CA GLU C 291 -10.12 42.41 -7.57
C GLU C 291 -9.84 42.53 -9.05
N ALA C 292 -9.67 41.38 -9.71
CA ALA C 292 -9.43 41.35 -11.15
C ALA C 292 -10.66 41.84 -11.92
N GLU C 293 -11.83 41.41 -11.50
CA GLU C 293 -13.08 41.83 -12.15
C GLU C 293 -13.27 43.33 -12.00
N LYS C 294 -12.77 43.87 -10.89
CA LYS C 294 -12.86 45.31 -10.65
C LYS C 294 -12.02 46.06 -11.66
N ASN C 295 -10.86 45.50 -12.01
CA ASN C 295 -9.92 46.16 -12.91
C ASN C 295 -9.82 45.47 -14.26
N ALA C 296 -10.94 44.95 -14.76
CA ALA C 296 -10.95 44.34 -16.08
C ALA C 296 -10.77 45.44 -17.14
N PRO C 297 -10.10 45.12 -18.25
CA PRO C 297 -9.53 43.80 -18.57
C PRO C 297 -8.35 43.45 -17.67
N ALA C 298 -8.19 42.17 -17.36
CA ALA C 298 -7.16 41.75 -16.42
C ALA C 298 -6.69 40.32 -16.68
N ILE C 299 -5.45 40.03 -16.25
CA ILE C 299 -4.91 38.68 -16.31
C ILE C 299 -4.54 38.21 -14.91
N ILE C 300 -5.22 37.17 -14.44
CA ILE C 300 -4.86 36.51 -13.20
C ILE C 300 -3.86 35.41 -13.50
N PHE C 301 -2.67 35.50 -12.91
CA PHE C 301 -1.67 34.47 -13.11
C PHE C 301 -1.47 33.66 -11.85
N ILE C 302 -1.80 32.37 -11.93
CA ILE C 302 -1.62 31.45 -10.82
C ILE C 302 -0.32 30.68 -11.01
N ASP C 303 0.72 31.10 -10.29
CA ASP C 303 2.03 30.48 -10.41
C ASP C 303 2.11 29.25 -9.51
N GLU C 304 2.73 28.18 -10.00
CA GLU C 304 2.82 26.92 -9.27
C GLU C 304 1.43 26.42 -8.89
N LEU C 305 0.57 26.26 -9.90
CA LEU C 305 -0.82 25.85 -9.69
C LEU C 305 -0.90 24.56 -8.88
N ASP C 306 -0.01 23.61 -9.17
CA ASP C 306 -0.05 22.30 -8.54
C ASP C 306 0.05 22.38 -7.02
N ALA C 307 0.57 23.49 -6.51
CA ALA C 307 0.67 23.71 -5.07
C ALA C 307 -0.71 23.84 -4.44
N ILE C 308 -1.65 24.35 -5.22
CA ILE C 308 -3.01 24.57 -4.75
C ILE C 308 -3.94 23.41 -5.10
N ALA C 309 -3.82 22.89 -6.32
CA ALA C 309 -4.76 21.90 -6.81
C ALA C 309 -4.11 20.68 -7.45
N PRO C 310 -3.52 19.79 -6.64
CA PRO C 310 -3.01 18.52 -7.15
C PRO C 310 -4.11 17.46 -7.28
N LYS C 311 -3.76 16.30 -7.84
CA LYS C 311 -4.72 15.20 -7.99
C LYS C 311 -5.49 14.90 -6.71
N ARG C 312 -6.75 14.52 -6.89
CA ARG C 312 -7.67 14.30 -5.77
C ARG C 312 -7.07 13.28 -4.79
N GLU C 313 -6.35 12.31 -5.34
CA GLU C 313 -5.69 11.26 -4.58
C GLU C 313 -4.39 11.75 -3.92
N LYS C 314 -3.81 12.80 -4.50
CA LYS C 314 -2.54 13.35 -4.00
C LYS C 314 -2.76 14.31 -2.84
N THR C 315 -4.02 14.58 -2.52
CA THR C 315 -4.35 15.52 -1.45
C THR C 315 -4.59 14.77 -0.15
N HIS C 316 -3.97 15.24 0.93
CA HIS C 316 -4.19 14.65 2.24
C HIS C 316 -4.76 15.72 3.15
N GLY C 317 -6.03 15.57 3.53
CA GLY C 317 -6.66 16.61 4.33
C GLY C 317 -7.93 17.17 3.75
N GLU C 318 -8.95 17.32 4.59
CA GLU C 318 -10.23 17.90 4.19
C GLU C 318 -10.01 19.33 3.72
N VAL C 319 -9.17 20.06 4.45
CA VAL C 319 -8.95 21.47 4.20
C VAL C 319 -8.33 21.72 2.83
N GLU C 320 -7.45 20.81 2.40
CA GLU C 320 -6.79 20.96 1.11
C GLU C 320 -7.77 20.74 -0.03
N ARG C 321 -8.64 19.75 0.15
CA ARG C 321 -9.60 19.40 -0.89
C ARG C 321 -10.56 20.56 -1.10
N ARG C 322 -10.87 21.26 -0.02
CA ARG C 322 -11.77 22.40 -0.05
C ARG C 322 -11.21 23.58 -0.85
N ILE C 323 -9.89 23.78 -0.77
CA ILE C 323 -9.26 24.86 -1.52
C ILE C 323 -9.33 24.59 -3.02
N VAL C 324 -9.17 23.33 -3.40
CA VAL C 324 -9.22 22.97 -4.81
C VAL C 324 -10.61 23.28 -5.37
N SER C 325 -11.63 22.88 -4.62
CA SER C 325 -13.01 23.15 -5.00
C SER C 325 -13.26 24.65 -5.08
N GLN C 326 -12.72 25.38 -4.12
CA GLN C 326 -12.86 26.84 -4.11
C GLN C 326 -12.35 27.41 -5.43
N LEU C 327 -11.21 26.92 -5.90
CA LEU C 327 -10.64 27.38 -7.16
C LEU C 327 -11.51 26.98 -8.35
N LEU C 328 -11.96 25.74 -8.35
CA LEU C 328 -12.81 25.22 -9.42
C LEU C 328 -14.06 26.09 -9.57
N THR C 329 -14.64 26.49 -8.44
CA THR C 329 -15.85 27.30 -8.44
C THR C 329 -15.57 28.68 -9.01
N LEU C 330 -14.45 29.27 -8.62
CA LEU C 330 -14.08 30.60 -9.09
C LEU C 330 -13.93 30.62 -10.60
N MET C 331 -13.32 29.56 -11.14
CA MET C 331 -13.16 29.43 -12.58
C MET C 331 -14.53 29.38 -13.25
N ASP C 332 -15.47 28.64 -12.66
CA ASP C 332 -16.83 28.56 -13.17
C ASP C 332 -17.53 29.91 -13.06
N GLY C 333 -17.16 30.68 -12.03
CA GLY C 333 -17.75 31.99 -11.83
C GLY C 333 -17.35 32.99 -12.88
N LEU C 334 -16.41 32.60 -13.74
CA LEU C 334 -15.93 33.49 -14.79
C LEU C 334 -17.01 33.62 -15.87
N LYS C 335 -18.11 32.89 -15.69
CA LYS C 335 -19.28 33.06 -16.54
C LYS C 335 -19.79 34.48 -16.44
N GLN C 336 -19.31 35.20 -15.43
CA GLN C 336 -19.61 36.61 -15.28
C GLN C 336 -19.21 37.37 -16.55
N ARG C 337 -18.14 36.90 -17.19
CA ARG C 337 -17.72 37.43 -18.48
C ARG C 337 -17.33 38.91 -18.36
N ALA C 338 -17.05 39.36 -17.14
CA ALA C 338 -16.43 40.66 -16.94
C ALA C 338 -15.15 40.61 -17.75
N HIS C 339 -14.76 39.37 -18.06
CA HIS C 339 -13.64 39.08 -18.94
C HIS C 339 -12.29 39.43 -18.34
N VAL C 340 -11.89 38.49 -17.52
CA VAL C 340 -10.59 38.42 -16.89
C VAL C 340 -10.09 37.08 -17.41
N ILE C 341 -8.83 37.04 -17.84
CA ILE C 341 -8.28 35.78 -18.33
C ILE C 341 -7.36 35.23 -17.27
N VAL C 342 -7.49 33.93 -17.02
CA VAL C 342 -6.69 33.26 -16.02
C VAL C 342 -5.62 32.42 -16.68
N MET C 343 -4.37 32.77 -16.41
CA MET C 343 -3.24 31.97 -16.85
C MET C 343 -2.68 31.25 -15.63
N ALA C 344 -2.16 30.04 -15.84
CA ALA C 344 -1.61 29.27 -14.75
C ALA C 344 -0.35 28.54 -15.22
N ALA C 345 0.56 28.31 -14.29
CA ALA C 345 1.80 27.63 -14.62
C ALA C 345 2.00 26.43 -13.71
N THR C 346 2.49 25.34 -14.29
CA THR C 346 2.80 24.14 -13.51
C THR C 346 3.92 23.36 -14.17
N ASN C 347 4.78 22.76 -13.36
CA ASN C 347 5.88 21.96 -13.87
C ASN C 347 5.36 20.66 -14.44
N ARG C 348 4.33 20.13 -13.77
CA ARG C 348 3.81 18.81 -14.10
C ARG C 348 2.31 18.83 -14.35
N PRO C 349 1.91 18.75 -15.63
CA PRO C 349 0.48 18.70 -16.00
C PRO C 349 -0.26 17.53 -15.36
N ASN C 350 0.45 16.45 -15.11
CA ASN C 350 -0.15 15.25 -14.55
C ASN C 350 -0.51 15.41 -13.07
N SER C 351 0.16 16.32 -12.38
CA SER C 351 -0.10 16.55 -10.97
C SER C 351 -1.41 17.29 -10.74
N ILE C 352 -1.77 18.13 -11.70
CA ILE C 352 -2.96 18.95 -11.58
C ILE C 352 -4.23 18.10 -11.55
N ASP C 353 -5.17 18.48 -10.69
CA ASP C 353 -6.48 17.85 -10.63
C ASP C 353 -7.15 17.94 -11.99
N PRO C 354 -7.46 16.78 -12.60
CA PRO C 354 -8.04 16.77 -13.95
C PRO C 354 -9.31 17.60 -14.08
N ALA C 355 -10.00 17.84 -12.97
CA ALA C 355 -11.21 18.66 -12.98
C ALA C 355 -10.93 20.06 -13.53
N LEU C 356 -9.69 20.51 -13.40
CA LEU C 356 -9.31 21.86 -13.84
C LEU C 356 -9.21 21.96 -15.36
N ARG C 357 -8.96 20.83 -16.02
CA ARG C 357 -8.82 20.79 -17.47
C ARG C 357 -10.15 20.71 -18.19
N ARG C 358 -11.25 20.80 -17.42
CA ARG C 358 -12.59 20.72 -17.98
C ARG C 358 -12.98 21.99 -18.74
N PHE C 359 -13.96 21.86 -19.63
CA PHE C 359 -14.44 22.98 -20.40
C PHE C 359 -14.97 24.04 -19.45
N GLY C 360 -14.75 25.31 -19.77
CA GLY C 360 -15.20 26.40 -18.93
C GLY C 360 -14.14 26.82 -17.93
N ARG C 361 -13.13 25.97 -17.73
CA ARG C 361 -12.03 26.28 -16.83
C ARG C 361 -10.73 26.47 -17.61
N PHE C 362 -9.72 25.66 -17.34
CA PHE C 362 -8.48 25.72 -18.11
C PHE C 362 -8.61 24.84 -19.35
N ASP C 363 -9.35 25.34 -20.32
CA ASP C 363 -9.67 24.58 -21.53
C ASP C 363 -8.65 24.81 -22.63
N ARG C 364 -7.63 25.63 -22.35
CA ARG C 364 -6.54 25.83 -23.30
C ARG C 364 -5.19 25.56 -22.64
N GLU C 365 -4.35 24.80 -23.32
CA GLU C 365 -3.04 24.44 -22.80
C GLU C 365 -1.93 24.80 -23.78
N VAL C 366 -0.77 25.19 -23.25
CA VAL C 366 0.38 25.53 -24.07
C VAL C 366 1.64 24.88 -23.51
N ASP C 367 2.29 24.05 -24.32
CA ASP C 367 3.50 23.37 -23.88
C ASP C 367 4.73 24.22 -24.14
N ILE C 368 5.27 24.81 -23.08
CA ILE C 368 6.50 25.57 -23.16
C ILE C 368 7.65 24.65 -22.80
N GLY C 369 8.01 23.77 -23.73
CA GLY C 369 9.02 22.76 -23.49
C GLY C 369 10.41 23.33 -23.32
N ILE C 370 11.41 22.47 -23.44
CA ILE C 370 12.79 22.89 -23.33
C ILE C 370 13.27 23.45 -24.67
N PRO C 371 14.08 24.51 -24.64
CA PRO C 371 14.56 25.12 -25.88
C PRO C 371 15.53 24.23 -26.65
N ASP C 372 15.46 24.27 -27.98
CA ASP C 372 16.41 23.52 -28.81
C ASP C 372 17.66 24.36 -29.03
N ALA C 373 18.59 23.83 -29.81
CA ALA C 373 19.84 24.52 -30.08
C ALA C 373 19.59 25.98 -30.47
N THR C 374 18.72 26.18 -31.46
CA THR C 374 18.40 27.52 -31.92
C THR C 374 17.85 28.39 -30.80
N GLY C 375 16.97 27.82 -30.00
CA GLY C 375 16.35 28.54 -28.91
C GLY C 375 17.36 28.97 -27.87
N ARG C 376 18.20 28.04 -27.43
CA ARG C 376 19.21 28.34 -26.42
C ARG C 376 20.09 29.50 -26.87
N LEU C 377 20.45 29.51 -28.16
CA LEU C 377 21.21 30.61 -28.72
C LEU C 377 20.43 31.91 -28.59
N GLU C 378 19.14 31.84 -28.89
CA GLU C 378 18.28 33.02 -28.81
C GLU C 378 18.32 33.59 -27.40
N ILE C 379 18.21 32.70 -26.42
CA ILE C 379 18.20 33.08 -25.01
C ILE C 379 19.54 33.68 -24.58
N LEU C 380 20.62 33.02 -24.97
CA LEU C 380 21.96 33.48 -24.64
C LEU C 380 22.16 34.92 -25.10
N GLN C 381 21.60 35.26 -26.26
CA GLN C 381 21.71 36.61 -26.80
C GLN C 381 20.99 37.60 -25.89
N ILE C 382 19.93 37.14 -25.25
CA ILE C 382 19.12 37.99 -24.38
C ILE C 382 19.89 38.38 -23.12
N HIS C 383 20.62 37.42 -22.56
CA HIS C 383 21.34 37.66 -21.30
C HIS C 383 22.78 38.08 -21.54
N THR C 384 23.11 38.38 -22.79
CA THR C 384 24.41 38.96 -23.13
C THR C 384 24.20 40.32 -23.78
N LYS C 385 22.97 40.82 -23.70
CA LYS C 385 22.63 42.12 -24.27
C LYS C 385 23.48 43.22 -23.66
N ASN C 386 23.57 43.21 -22.34
CA ASN C 386 24.20 44.31 -21.59
C ASN C 386 25.69 44.11 -21.33
N MET C 387 26.23 42.94 -21.67
CA MET C 387 27.63 42.65 -21.39
C MET C 387 28.52 42.92 -22.60
N LYS C 388 29.71 43.46 -22.35
CA LYS C 388 30.70 43.64 -23.40
C LYS C 388 31.27 42.27 -23.72
N LEU C 389 31.00 41.80 -24.94
CA LEU C 389 31.36 40.45 -25.35
C LEU C 389 32.67 40.47 -26.11
N ALA C 390 33.59 39.57 -25.75
CA ALA C 390 34.85 39.47 -26.46
C ALA C 390 34.58 38.95 -27.87
N ASP C 391 35.56 39.09 -28.76
CA ASP C 391 35.39 38.70 -30.15
C ASP C 391 35.47 37.19 -30.32
N ASP C 392 36.26 36.53 -29.48
CA ASP C 392 36.45 35.09 -29.59
C ASP C 392 35.20 34.32 -29.18
N VAL C 393 34.25 35.02 -28.56
CA VAL C 393 33.02 34.38 -28.10
C VAL C 393 32.13 33.99 -29.27
N ASP C 394 31.69 32.74 -29.27
CA ASP C 394 30.78 32.23 -30.29
C ASP C 394 29.61 31.54 -29.61
N LEU C 395 28.52 32.29 -29.41
CA LEU C 395 27.38 31.78 -28.65
C LEU C 395 26.77 30.54 -29.30
N GLU C 396 26.89 30.42 -30.61
CA GLU C 396 26.33 29.28 -31.32
C GLU C 396 26.96 27.97 -30.83
N GLN C 397 28.26 28.00 -30.54
CA GLN C 397 28.90 26.82 -29.96
C GLN C 397 28.30 26.55 -28.59
N VAL C 398 28.25 27.60 -27.76
CA VAL C 398 27.71 27.47 -26.42
C VAL C 398 26.31 26.89 -26.47
N ALA C 399 25.53 27.36 -27.43
CA ALA C 399 24.16 26.89 -27.61
C ALA C 399 24.15 25.39 -27.93
N ASN C 400 25.05 24.98 -28.81
CA ASN C 400 25.11 23.59 -29.26
C ASN C 400 25.57 22.69 -28.12
N GLU C 401 26.44 23.24 -27.28
CA GLU C 401 27.13 22.49 -26.25
C GLU C 401 26.21 22.27 -25.05
N THR C 402 25.38 23.28 -24.78
CA THR C 402 24.49 23.28 -23.63
C THR C 402 23.20 22.49 -23.86
N HIS C 403 23.33 21.19 -24.13
CA HIS C 403 22.16 20.32 -24.25
C HIS C 403 21.51 20.14 -22.88
N GLY C 404 20.21 19.93 -22.88
CA GLY C 404 19.49 19.71 -21.63
C GLY C 404 19.43 20.95 -20.77
N HIS C 405 19.84 22.09 -21.33
CA HIS C 405 19.81 23.35 -20.59
C HIS C 405 18.49 24.07 -20.79
N VAL C 406 18.02 24.70 -19.72
CA VAL C 406 16.77 25.46 -19.76
C VAL C 406 17.07 26.95 -19.60
N GLY C 407 16.11 27.79 -20.00
CA GLY C 407 16.25 29.23 -19.90
C GLY C 407 16.99 29.72 -18.67
N ALA C 408 16.49 29.35 -17.49
CA ALA C 408 17.10 29.76 -16.23
C ALA C 408 18.55 29.30 -16.12
N ASP C 409 18.85 28.12 -16.65
CA ASP C 409 20.22 27.60 -16.63
C ASP C 409 21.12 28.51 -17.46
N LEU C 410 20.66 28.86 -18.66
CA LEU C 410 21.42 29.72 -19.56
C LEU C 410 21.61 31.09 -18.95
N ALA C 411 20.55 31.64 -18.37
CA ALA C 411 20.62 32.93 -17.72
C ALA C 411 21.67 32.89 -16.63
N ALA C 412 21.76 31.77 -15.95
CA ALA C 412 22.73 31.58 -14.87
C ALA C 412 24.13 31.39 -15.43
N LEU C 413 24.24 30.62 -16.51
CA LEU C 413 25.53 30.30 -17.10
C LEU C 413 26.20 31.60 -17.55
N CYS C 414 25.40 32.50 -18.10
CA CYS C 414 25.88 33.82 -18.50
C CYS C 414 26.25 34.66 -17.27
N SER C 415 25.40 34.58 -16.24
CA SER C 415 25.64 35.34 -15.01
C SER C 415 26.94 34.93 -14.36
N GLU C 416 27.20 33.63 -14.36
CA GLU C 416 28.38 33.09 -13.71
C GLU C 416 29.62 33.43 -14.53
N ALA C 417 29.46 33.52 -15.84
CA ALA C 417 30.55 33.87 -16.74
C ALA C 417 31.01 35.30 -16.50
N ALA C 418 30.08 36.16 -16.12
CA ALA C 418 30.41 37.55 -15.81
C ALA C 418 31.19 37.64 -14.50
N LEU C 419 30.71 36.93 -13.48
CA LEU C 419 31.37 36.93 -12.18
C LEU C 419 32.82 36.46 -12.28
N GLN C 420 33.09 35.60 -13.26
CA GLN C 420 34.45 35.09 -13.44
C GLN C 420 35.34 36.21 -13.96
N ALA C 421 34.84 36.98 -14.91
CA ALA C 421 35.57 38.12 -15.45
C ALA C 421 35.76 39.21 -14.41
N ILE C 422 34.75 39.39 -13.54
CA ILE C 422 34.83 40.40 -12.49
C ILE C 422 35.82 40.00 -11.39
N ARG C 423 35.72 38.76 -10.90
CA ARG C 423 36.59 38.29 -9.85
C ARG C 423 38.06 38.43 -10.21
N LYS C 424 38.42 37.92 -11.39
CA LYS C 424 39.81 37.90 -11.81
C LYS C 424 40.31 39.31 -12.14
N LYS C 425 39.41 40.20 -12.56
CA LYS C 425 39.81 41.55 -12.91
C LYS C 425 39.68 42.57 -11.76
N MET C 426 38.95 42.22 -10.70
CA MET C 426 38.86 43.12 -9.55
C MET C 426 40.01 42.89 -8.59
N ASP C 427 40.46 41.64 -8.51
CA ASP C 427 41.66 41.30 -7.76
C ASP C 427 42.71 42.37 -7.96
N LEU C 428 42.90 42.78 -9.21
CA LEU C 428 43.97 43.69 -9.57
C LEU C 428 43.60 45.15 -9.31
N ILE C 429 42.46 45.58 -9.81
CA ILE C 429 42.02 46.98 -9.63
C ILE C 429 42.16 47.46 -8.19
N ASP C 430 41.75 46.63 -7.23
CA ASP C 430 41.78 47.02 -5.83
C ASP C 430 41.06 48.35 -5.67
N LEU C 431 39.81 48.40 -6.11
CA LEU C 431 39.03 49.63 -6.05
C LEU C 431 38.21 49.79 -4.77
N GLU C 432 37.59 48.72 -4.29
CA GLU C 432 36.86 48.74 -3.03
C GLU C 432 35.74 49.79 -2.97
N ASP C 433 35.68 50.67 -3.97
CA ASP C 433 34.68 51.73 -4.00
C ASP C 433 33.24 51.23 -3.87
N GLU C 434 32.39 52.03 -3.22
CA GLU C 434 30.99 51.69 -3.06
C GLU C 434 30.31 51.83 -4.42
N THR C 435 30.54 52.97 -5.07
CA THR C 435 30.02 53.19 -6.42
C THR C 435 31.16 52.95 -7.40
N ILE C 436 30.87 52.28 -8.50
CA ILE C 436 31.88 51.96 -9.52
C ILE C 436 31.83 52.82 -10.78
N ASP C 437 33.01 53.10 -11.32
CA ASP C 437 33.15 53.88 -12.54
C ASP C 437 32.78 53.04 -13.76
N ALA C 438 32.00 53.62 -14.66
CA ALA C 438 31.50 52.93 -15.84
C ALA C 438 32.61 52.52 -16.81
N GLU C 439 33.58 53.40 -17.00
CA GLU C 439 34.64 53.18 -17.97
C GLU C 439 35.37 51.87 -17.70
N VAL C 440 35.43 51.48 -16.43
CA VAL C 440 36.08 50.24 -16.04
C VAL C 440 35.21 49.06 -16.44
N MET C 441 33.89 49.24 -16.30
CA MET C 441 32.93 48.19 -16.60
C MET C 441 32.88 47.89 -18.10
N ASN C 442 33.08 48.92 -18.92
CA ASN C 442 33.06 48.75 -20.36
C ASN C 442 34.33 48.08 -20.84
N SER C 443 35.45 48.41 -20.20
CA SER C 443 36.73 47.81 -20.54
C SER C 443 36.75 46.35 -20.13
N LEU C 444 35.82 46.00 -19.23
CA LEU C 444 35.66 44.62 -18.77
C LEU C 444 34.97 43.80 -19.85
N ALA C 445 35.71 42.87 -20.46
CA ALA C 445 35.14 42.00 -21.48
C ALA C 445 34.95 40.60 -20.92
N VAL C 446 34.06 39.83 -21.56
CA VAL C 446 33.79 38.47 -21.13
C VAL C 446 34.34 37.50 -22.18
N THR C 447 35.45 36.86 -21.83
CA THR C 447 36.17 35.97 -22.74
C THR C 447 35.42 34.65 -22.94
N MET C 448 35.79 33.92 -24.00
CA MET C 448 35.21 32.61 -24.26
C MET C 448 35.59 31.64 -23.14
N ASP C 449 36.71 31.91 -22.48
CA ASP C 449 37.14 31.13 -21.33
C ASP C 449 36.15 31.31 -20.17
N ASP C 450 35.69 32.53 -19.98
CA ASP C 450 34.72 32.83 -18.94
C ASP C 450 33.46 32.00 -19.12
N PHE C 451 33.16 31.63 -20.37
CA PHE C 451 32.01 30.79 -20.66
C PHE C 451 32.34 29.31 -20.46
N ARG C 452 33.48 28.88 -20.96
CA ARG C 452 33.91 27.50 -20.80
C ARG C 452 34.05 27.11 -19.32
N TRP C 453 34.51 28.05 -18.50
CA TRP C 453 34.62 27.80 -17.07
C TRP C 453 33.24 27.63 -16.46
N ALA C 454 32.33 28.53 -16.82
CA ALA C 454 30.96 28.47 -16.33
C ALA C 454 30.27 27.22 -16.87
N LEU C 455 30.68 26.77 -18.05
CA LEU C 455 30.11 25.57 -18.66
C LEU C 455 30.40 24.32 -17.84
N SER C 456 31.63 24.20 -17.36
CA SER C 456 32.05 23.05 -16.58
C SER C 456 31.39 23.04 -15.20
N GLN C 457 30.98 24.22 -14.74
CA GLN C 457 30.46 24.38 -13.39
C GLN C 457 28.94 24.34 -13.41
N SER C 458 28.37 24.08 -14.59
CA SER C 458 26.93 24.12 -14.79
C SER C 458 26.21 22.85 -14.38
N ASN C 459 25.09 23.01 -13.68
CA ASN C 459 24.23 21.89 -13.32
C ASN C 459 22.95 21.91 -14.15
N PRO C 460 23.01 21.40 -15.39
CA PRO C 460 21.81 21.41 -16.23
C PRO C 460 20.67 20.63 -15.58
N SER C 461 19.46 21.18 -15.66
CA SER C 461 18.32 20.64 -14.94
C SER C 461 17.42 19.71 -15.78
N ALA C 462 17.28 20.03 -17.06
CA ALA C 462 16.32 19.32 -17.89
C ALA C 462 17.00 18.31 -18.81
N LEU C 463 18.07 17.69 -18.32
CA LEU C 463 18.78 16.69 -19.09
C LEU C 463 18.00 15.38 -19.17
N ARG C 464 17.21 15.11 -18.14
CA ARG C 464 16.43 13.87 -18.09
C ARG C 464 15.14 14.00 -18.90
N GLU C 465 14.83 15.23 -19.31
CA GLU C 465 13.62 15.50 -20.09
C GLU C 465 13.74 15.03 -21.54
N THR C 466 12.63 14.56 -22.09
CA THR C 466 12.58 14.15 -23.49
C THR C 466 12.59 15.39 -24.39
N VAL C 467 13.51 15.41 -25.35
CA VAL C 467 13.70 16.57 -26.20
C VAL C 467 12.81 16.55 -27.43
N VAL C 468 12.29 17.71 -27.81
CA VAL C 468 11.46 17.84 -29.00
C VAL C 468 11.99 18.98 -29.87
N GLU C 469 12.71 18.65 -30.92
CA GLU C 469 13.31 19.67 -31.78
C GLU C 469 13.57 19.12 -33.17
N VAL C 470 14.04 19.99 -34.07
CA VAL C 470 14.37 19.57 -35.43
C VAL C 470 15.83 19.11 -35.46
N PRO C 471 16.07 17.86 -35.86
CA PRO C 471 17.44 17.33 -35.87
C PRO C 471 18.38 18.12 -36.78
N GLN C 472 19.66 18.10 -36.45
CA GLN C 472 20.68 18.78 -37.25
C GLN C 472 21.35 17.79 -38.19
N VAL C 473 20.85 16.56 -38.22
CA VAL C 473 21.37 15.54 -39.12
C VAL C 473 20.72 15.68 -40.50
N THR C 474 21.55 15.76 -41.54
CA THR C 474 21.04 15.90 -42.89
C THR C 474 21.40 14.67 -43.71
N TRP C 475 20.90 14.60 -44.94
CA TRP C 475 21.19 13.47 -45.82
C TRP C 475 22.69 13.32 -46.01
N GLU C 476 23.39 14.45 -45.99
CA GLU C 476 24.82 14.47 -46.23
C GLU C 476 25.62 13.65 -45.21
N ASP C 477 25.05 13.48 -44.02
CA ASP C 477 25.71 12.73 -42.95
C ASP C 477 25.56 11.23 -43.17
N ILE C 478 24.74 10.84 -44.15
CA ILE C 478 24.47 9.43 -44.42
C ILE C 478 25.01 9.02 -45.78
N GLY C 479 25.85 7.99 -45.79
CA GLY C 479 26.41 7.46 -47.02
C GLY C 479 25.58 6.30 -47.54
N GLY C 480 25.27 6.34 -48.84
CA GLY C 480 24.48 5.29 -49.45
C GLY C 480 23.02 5.38 -49.05
N LEU C 481 22.32 4.25 -49.14
CA LEU C 481 20.91 4.19 -48.77
C LEU C 481 20.10 5.25 -49.53
N GLU C 482 20.58 5.60 -50.71
CA GLU C 482 19.97 6.67 -51.51
C GLU C 482 18.49 6.38 -51.81
N ASP C 483 18.21 5.18 -52.29
CA ASP C 483 16.84 4.83 -52.66
C ASP C 483 15.90 4.89 -51.46
N VAL C 484 16.43 4.61 -50.27
CA VAL C 484 15.63 4.66 -49.06
C VAL C 484 15.27 6.10 -48.71
N LYS C 485 16.23 7.00 -48.87
CA LYS C 485 16.00 8.42 -48.60
C LYS C 485 14.85 8.94 -49.44
N ARG C 486 14.78 8.49 -50.69
CA ARG C 486 13.69 8.88 -51.57
C ARG C 486 12.36 8.37 -51.01
N GLU C 487 12.31 7.10 -50.68
CA GLU C 487 11.09 6.48 -50.16
C GLU C 487 10.64 7.16 -48.87
N LEU C 488 11.59 7.70 -48.11
CA LEU C 488 11.26 8.41 -46.88
C LEU C 488 10.63 9.77 -47.19
N GLN C 489 11.08 10.42 -48.26
CA GLN C 489 10.50 11.69 -48.69
C GLN C 489 9.07 11.48 -49.18
N GLU C 490 8.84 10.37 -49.86
CA GLU C 490 7.52 10.04 -50.37
C GLU C 490 6.56 9.78 -49.22
N LEU C 491 7.06 9.08 -48.19
CA LEU C 491 6.24 8.64 -47.07
C LEU C 491 5.96 9.77 -46.09
N VAL C 492 6.94 10.65 -45.87
CA VAL C 492 6.84 11.68 -44.84
C VAL C 492 6.63 13.09 -45.39
N GLN C 493 7.40 13.46 -46.42
CA GLN C 493 7.37 14.83 -46.92
C GLN C 493 6.15 15.10 -47.79
N TYR C 494 5.90 14.24 -48.76
CA TYR C 494 4.82 14.43 -49.72
C TYR C 494 3.45 14.66 -49.08
N PRO C 495 3.07 13.81 -48.11
CA PRO C 495 1.76 14.02 -47.47
C PRO C 495 1.66 15.34 -46.70
N VAL C 496 2.81 15.92 -46.36
CA VAL C 496 2.85 17.20 -45.68
C VAL C 496 2.84 18.34 -46.70
N GLU C 497 3.67 18.23 -47.73
CA GLU C 497 3.86 19.31 -48.70
C GLU C 497 2.79 19.30 -49.78
N HIS C 498 2.14 18.16 -49.99
CA HIS C 498 1.17 18.02 -51.08
C HIS C 498 -0.06 17.22 -50.66
N PRO C 499 -0.78 17.72 -49.65
CA PRO C 499 -1.99 17.03 -49.18
C PRO C 499 -3.08 16.96 -50.25
N ASP C 500 -3.18 18.03 -51.04
CA ASP C 500 -4.19 18.10 -52.10
C ASP C 500 -4.09 16.88 -53.03
N LYS C 501 -2.86 16.49 -53.36
CA LYS C 501 -2.63 15.40 -54.30
C LYS C 501 -3.18 14.08 -53.79
N PHE C 502 -2.92 13.79 -52.52
CA PHE C 502 -3.38 12.54 -51.91
C PHE C 502 -4.90 12.44 -51.91
N LEU C 503 -5.57 13.59 -51.80
CA LEU C 503 -7.02 13.59 -51.71
C LEU C 503 -7.66 13.19 -53.03
N LYS C 504 -7.05 13.64 -54.14
CA LYS C 504 -7.59 13.35 -55.46
C LYS C 504 -7.48 11.86 -55.83
N PHE C 505 -6.40 11.22 -55.41
CA PHE C 505 -6.21 9.80 -55.65
C PHE C 505 -6.98 8.96 -54.65
N GLY C 506 -7.45 9.59 -53.58
CA GLY C 506 -8.32 8.93 -52.62
C GLY C 506 -7.67 7.91 -51.71
N MET C 507 -6.37 8.04 -51.48
CA MET C 507 -5.69 7.14 -50.54
C MET C 507 -5.25 7.90 -49.31
N THR C 508 -5.28 7.22 -48.17
CA THR C 508 -4.73 7.78 -46.94
C THR C 508 -3.31 7.24 -46.80
N PRO C 509 -2.34 8.12 -46.50
CA PRO C 509 -0.96 7.65 -46.48
C PRO C 509 -0.65 6.82 -45.24
N SER C 510 0.33 5.94 -45.35
CA SER C 510 0.71 5.06 -44.25
C SER C 510 1.08 5.87 -43.01
N LYS C 511 0.90 5.26 -41.84
CA LYS C 511 1.11 5.95 -40.58
C LYS C 511 2.57 5.90 -40.14
N GLY C 512 3.19 4.73 -40.28
CA GLY C 512 4.52 4.52 -39.75
C GLY C 512 5.41 3.58 -40.54
N VAL C 513 6.68 3.53 -40.13
CA VAL C 513 7.70 2.76 -40.81
C VAL C 513 8.46 1.89 -39.82
N LEU C 514 9.06 0.82 -40.30
CA LEU C 514 9.94 0.01 -39.47
C LEU C 514 11.28 -0.24 -40.13
N PHE C 515 12.34 0.33 -39.57
CA PHE C 515 13.69 0.04 -40.00
C PHE C 515 14.16 -1.25 -39.34
N TYR C 516 14.73 -2.15 -40.13
CA TYR C 516 15.27 -3.39 -39.58
C TYR C 516 16.47 -3.86 -40.40
N GLY C 517 17.50 -4.32 -39.70
CA GLY C 517 18.73 -4.77 -40.34
C GLY C 517 19.85 -4.90 -39.32
N PRO C 518 21.05 -5.25 -39.79
CA PRO C 518 22.21 -5.42 -38.91
C PRO C 518 22.56 -4.13 -38.16
N PRO C 519 23.20 -4.25 -36.99
CA PRO C 519 23.56 -3.10 -36.16
C PRO C 519 24.55 -2.16 -36.84
N GLY C 520 24.37 -0.86 -36.64
CA GLY C 520 25.32 0.13 -37.09
C GLY C 520 25.32 0.35 -38.60
N CYS C 521 24.12 0.56 -39.16
CA CYS C 521 24.00 0.78 -40.59
C CYS C 521 23.28 2.10 -40.92
N GLY C 522 22.87 2.82 -39.89
CA GLY C 522 22.34 4.16 -40.06
C GLY C 522 20.84 4.29 -39.82
N LYS C 523 20.26 3.35 -39.09
CA LYS C 523 18.82 3.40 -38.82
C LYS C 523 18.46 4.64 -38.00
N THR C 524 19.26 4.94 -36.98
CA THR C 524 19.02 6.13 -36.16
C THR C 524 19.24 7.39 -36.99
N LEU C 525 20.26 7.36 -37.85
CA LEU C 525 20.58 8.52 -38.69
C LEU C 525 19.43 8.86 -39.64
N LEU C 526 18.86 7.84 -40.27
CA LEU C 526 17.77 8.04 -41.21
C LEU C 526 16.56 8.70 -40.55
N ALA C 527 16.23 8.26 -39.35
CA ALA C 527 15.07 8.79 -38.63
C ALA C 527 15.22 10.30 -38.41
N LYS C 528 16.41 10.70 -38.00
CA LYS C 528 16.69 12.12 -37.75
C LYS C 528 16.78 12.89 -39.06
N ALA C 529 17.35 12.25 -40.07
CA ALA C 529 17.56 12.88 -41.37
C ALA C 529 16.24 13.30 -42.02
N ILE C 530 15.31 12.36 -42.11
CA ILE C 530 14.03 12.63 -42.76
C ILE C 530 13.28 13.78 -42.07
N ALA C 531 13.45 13.89 -40.76
CA ALA C 531 12.85 14.98 -40.00
C ALA C 531 13.48 16.30 -40.42
N ASN C 532 14.79 16.29 -40.62
CA ASN C 532 15.53 17.48 -41.02
C ASN C 532 15.08 17.98 -42.39
N GLU C 533 14.89 17.06 -43.33
CA GLU C 533 14.44 17.42 -44.67
C GLU C 533 13.04 18.01 -44.66
N CYS C 534 12.18 17.50 -43.77
CA CYS C 534 10.79 17.92 -43.71
C CYS C 534 10.59 19.11 -42.77
N GLN C 535 11.68 19.67 -42.27
CA GLN C 535 11.60 20.74 -41.27
C GLN C 535 10.55 20.39 -40.22
N ALA C 536 10.50 19.12 -39.84
CA ALA C 536 9.51 18.65 -38.88
C ALA C 536 10.18 18.28 -37.55
N ASN C 537 9.44 18.49 -36.46
CA ASN C 537 9.93 18.16 -35.13
C ASN C 537 10.25 16.67 -35.03
N PHE C 538 11.10 16.33 -34.07
CA PHE C 538 11.56 14.95 -33.92
C PHE C 538 11.63 14.57 -32.45
N ILE C 539 11.09 13.40 -32.12
CA ILE C 539 11.11 12.89 -30.76
C ILE C 539 11.65 11.46 -30.75
N SER C 540 12.75 11.26 -30.03
CA SER C 540 13.37 9.95 -29.94
C SER C 540 13.00 9.27 -28.63
N ILE C 541 12.62 8.00 -28.72
CA ILE C 541 12.30 7.21 -27.55
C ILE C 541 12.98 5.85 -27.65
N LYS C 542 14.07 5.68 -26.92
CA LYS C 542 14.84 4.44 -26.96
C LYS C 542 14.22 3.38 -26.06
N GLY C 543 14.37 2.12 -26.45
CA GLY C 543 13.85 1.02 -25.67
C GLY C 543 14.07 1.16 -24.18
N PRO C 544 15.35 1.24 -23.76
CA PRO C 544 15.72 1.38 -22.35
C PRO C 544 15.00 2.51 -21.64
N GLU C 545 14.74 3.62 -22.34
CA GLU C 545 14.02 4.74 -21.74
C GLU C 545 12.63 4.32 -21.29
N LEU C 546 12.00 3.44 -22.06
CA LEU C 546 10.65 2.97 -21.75
C LEU C 546 10.61 1.96 -20.62
N LEU C 547 11.69 1.20 -20.46
CA LEU C 547 11.77 0.18 -19.42
C LEU C 547 12.26 0.75 -18.08
N THR C 548 12.56 2.04 -18.05
CA THR C 548 13.02 2.70 -16.83
C THR C 548 11.81 3.11 -15.98
N MET C 549 10.78 3.61 -16.65
CA MET C 549 9.55 4.05 -16.00
C MET C 549 9.06 2.99 -15.01
N TRP C 550 8.63 3.42 -13.83
CA TRP C 550 8.04 2.47 -12.88
C TRP C 550 6.92 1.74 -13.59
N PHE C 551 6.58 0.54 -13.12
CA PHE C 551 5.54 -0.24 -13.76
C PHE C 551 4.25 0.56 -13.90
N GLY C 552 3.77 1.11 -12.79
CA GLY C 552 2.53 1.86 -12.80
C GLY C 552 2.61 3.18 -13.53
N GLU C 553 3.71 3.91 -13.33
CA GLU C 553 3.86 5.24 -13.93
C GLU C 553 4.03 5.18 -15.45
N SER C 554 4.56 4.08 -15.94
CA SER C 554 4.90 3.94 -17.36
C SER C 554 3.71 4.27 -18.28
N GLU C 555 2.49 3.98 -17.81
CA GLU C 555 1.32 4.11 -18.66
C GLU C 555 0.99 5.56 -19.01
N ALA C 556 1.16 6.46 -18.04
CA ALA C 556 0.85 7.87 -18.25
C ALA C 556 1.93 8.57 -19.05
N ASN C 557 3.15 8.01 -19.01
CA ASN C 557 4.27 8.59 -19.73
C ASN C 557 4.17 8.31 -21.22
N VAL C 558 3.74 7.11 -21.58
CA VAL C 558 3.57 6.76 -22.99
C VAL C 558 2.55 7.69 -23.64
N ARG C 559 1.45 7.93 -22.93
CA ARG C 559 0.44 8.86 -23.42
C ARG C 559 1.05 10.23 -23.63
N GLU C 560 1.81 10.69 -22.65
CA GLU C 560 2.42 12.01 -22.69
C GLU C 560 3.32 12.17 -23.90
N ILE C 561 3.96 11.07 -24.32
CA ILE C 561 4.82 11.09 -25.49
C ILE C 561 4.00 11.34 -26.75
N PHE C 562 2.91 10.59 -26.91
CA PHE C 562 2.04 10.75 -28.06
C PHE C 562 1.34 12.11 -28.04
N ASP C 563 1.08 12.63 -26.84
CA ASP C 563 0.51 13.96 -26.71
C ASP C 563 1.48 15.01 -27.26
N LYS C 564 2.74 14.91 -26.86
CA LYS C 564 3.77 15.82 -27.35
C LYS C 564 3.94 15.72 -28.86
N ALA C 565 3.71 14.54 -29.41
CA ALA C 565 3.80 14.34 -30.85
C ALA C 565 2.72 15.14 -31.56
N ARG C 566 1.52 15.19 -30.97
CA ARG C 566 0.43 15.99 -31.52
C ARG C 566 0.75 17.47 -31.44
N GLN C 567 1.26 17.90 -30.28
CA GLN C 567 1.59 19.31 -30.06
C GLN C 567 2.59 19.81 -31.10
N ALA C 568 3.52 18.94 -31.51
CA ALA C 568 4.61 19.33 -32.38
C ALA C 568 4.38 19.00 -33.85
N ALA C 569 3.14 18.68 -34.22
CA ALA C 569 2.83 18.35 -35.61
C ALA C 569 3.15 19.54 -36.51
N PRO C 570 3.81 19.29 -37.65
CA PRO C 570 4.23 17.96 -38.14
C PRO C 570 5.41 17.43 -37.32
N CYS C 571 5.36 16.15 -36.97
CA CYS C 571 6.38 15.55 -36.12
C CYS C 571 6.60 14.10 -36.49
N VAL C 572 7.85 13.65 -36.38
CA VAL C 572 8.18 12.25 -36.60
C VAL C 572 8.60 11.62 -35.28
N LEU C 573 7.80 10.68 -34.80
CA LEU C 573 8.04 10.04 -33.52
C LEU C 573 8.83 8.75 -33.72
N PHE C 574 10.02 8.69 -33.15
CA PHE C 574 10.94 7.59 -33.43
C PHE C 574 11.18 6.71 -32.21
N PHE C 575 10.72 5.46 -32.30
CA PHE C 575 10.98 4.47 -31.26
C PHE C 575 12.22 3.66 -31.62
N ASP C 576 13.34 4.02 -31.00
CA ASP C 576 14.63 3.40 -31.32
C ASP C 576 14.95 2.24 -30.38
N GLU C 577 15.88 1.40 -30.79
CA GLU C 577 16.36 0.28 -29.97
C GLU C 577 15.22 -0.56 -29.42
N LEU C 578 14.31 -0.99 -30.31
CA LEU C 578 13.17 -1.81 -29.91
C LEU C 578 13.61 -3.20 -29.47
N ASP C 579 14.76 -3.65 -29.97
CA ASP C 579 15.26 -4.98 -29.64
C ASP C 579 15.43 -5.15 -28.12
N SER C 580 15.73 -4.06 -27.43
CA SER C 580 15.87 -4.09 -25.98
C SER C 580 14.58 -4.51 -25.31
N ILE C 581 13.46 -4.04 -25.85
CA ILE C 581 12.14 -4.34 -25.30
C ILE C 581 11.69 -5.76 -25.62
N ALA C 582 12.01 -6.23 -26.83
CA ALA C 582 11.66 -7.58 -27.23
C ALA C 582 12.27 -8.59 -26.26
N LYS C 583 13.57 -8.44 -26.02
CA LYS C 583 14.29 -9.33 -25.12
C LYS C 583 13.69 -9.33 -23.71
N ALA C 584 13.12 -8.20 -23.32
CA ALA C 584 12.62 -8.02 -21.95
C ALA C 584 11.25 -8.65 -21.73
N ARG C 585 10.61 -9.10 -22.80
CA ARG C 585 9.29 -9.70 -22.70
C ARG C 585 9.37 -11.23 -22.64
N GLY C 586 10.29 -11.80 -23.42
CA GLY C 586 10.47 -13.24 -23.44
C GLY C 586 11.76 -13.63 -24.12
N GLY C 593 8.20 -10.56 -18.27
CA GLY C 593 8.25 -9.14 -17.97
C GLY C 593 6.92 -8.46 -18.20
N GLY C 594 6.19 -8.19 -17.13
CA GLY C 594 4.89 -7.54 -17.23
C GLY C 594 4.98 -6.08 -17.58
N ALA C 595 6.15 -5.48 -17.36
CA ALA C 595 6.35 -4.07 -17.65
C ALA C 595 6.51 -3.83 -19.14
N ALA C 596 7.36 -4.61 -19.79
CA ALA C 596 7.59 -4.50 -21.21
C ALA C 596 6.29 -4.77 -21.97
N ASP C 597 5.47 -5.66 -21.43
CA ASP C 597 4.19 -5.99 -22.05
C ASP C 597 3.24 -4.81 -22.00
N ARG C 598 3.08 -4.21 -20.82
CA ARG C 598 2.13 -3.11 -20.66
C ARG C 598 2.51 -1.95 -21.57
N VAL C 599 3.79 -1.67 -21.67
CA VAL C 599 4.27 -0.55 -22.47
C VAL C 599 3.93 -0.72 -23.94
N ILE C 600 4.39 -1.79 -24.55
CA ILE C 600 4.18 -2.02 -25.97
C ILE C 600 2.68 -2.13 -26.29
N ASN C 601 1.92 -2.81 -25.44
CA ASN C 601 0.49 -2.93 -25.66
C ASN C 601 -0.19 -1.56 -25.65
N GLN C 602 0.32 -0.65 -24.84
CA GLN C 602 -0.22 0.70 -24.81
C GLN C 602 0.25 1.51 -26.00
N ILE C 603 1.48 1.26 -26.45
CA ILE C 603 2.00 1.92 -27.65
C ILE C 603 1.13 1.54 -28.84
N LEU C 604 0.77 0.26 -28.92
CA LEU C 604 -0.12 -0.23 -29.96
C LEU C 604 -1.47 0.48 -29.89
N THR C 605 -2.01 0.61 -28.68
CA THR C 605 -3.27 1.30 -28.50
C THR C 605 -3.17 2.75 -28.96
N GLU C 606 -2.06 3.40 -28.61
CA GLU C 606 -1.86 4.80 -28.98
C GLU C 606 -1.75 4.96 -30.49
N MET C 607 -1.07 4.03 -31.15
CA MET C 607 -0.92 4.07 -32.60
C MET C 607 -2.28 4.11 -33.28
N ASP C 608 -3.19 3.25 -32.83
CA ASP C 608 -4.51 3.15 -33.41
C ASP C 608 -5.32 4.42 -33.18
N GLY C 609 -5.14 5.04 -32.02
CA GLY C 609 -5.85 6.27 -31.69
C GLY C 609 -5.32 7.46 -32.49
N MET C 610 -4.11 7.31 -33.02
CA MET C 610 -3.48 8.36 -33.81
C MET C 610 -4.13 8.46 -35.19
N SER C 611 -4.84 9.56 -35.43
CA SER C 611 -5.45 9.81 -36.74
C SER C 611 -4.37 10.24 -37.73
N THR C 612 -4.38 9.65 -38.92
CA THR C 612 -3.36 9.94 -39.93
C THR C 612 -3.31 11.41 -40.34
N LYS C 613 -4.43 12.12 -40.16
CA LYS C 613 -4.52 13.50 -40.61
C LYS C 613 -3.73 14.43 -39.70
N LYS C 614 -3.24 13.90 -38.57
CA LYS C 614 -2.56 14.72 -37.58
C LYS C 614 -1.13 15.02 -38.03
N ASN C 615 -0.70 14.38 -39.12
CA ASN C 615 0.66 14.56 -39.64
C ASN C 615 1.73 14.14 -38.63
N VAL C 616 1.47 13.04 -37.93
CA VAL C 616 2.45 12.45 -37.04
C VAL C 616 2.91 11.12 -37.62
N PHE C 617 4.21 11.02 -37.91
CA PHE C 617 4.76 9.81 -38.51
C PHE C 617 5.58 9.04 -37.47
N ILE C 618 5.24 7.77 -37.29
CA ILE C 618 5.92 6.93 -36.31
C ILE C 618 6.90 5.99 -36.98
N ILE C 619 8.16 6.01 -36.55
CA ILE C 619 9.15 5.09 -37.07
C ILE C 619 9.71 4.23 -35.94
N GLY C 620 9.92 2.95 -36.23
CA GLY C 620 10.52 2.04 -35.27
C GLY C 620 11.79 1.47 -35.86
N ALA C 621 12.74 1.11 -34.98
CA ALA C 621 13.99 0.52 -35.43
C ALA C 621 14.37 -0.64 -34.52
N THR C 622 14.87 -1.71 -35.13
CA THR C 622 15.29 -2.88 -34.37
C THR C 622 16.37 -3.63 -35.14
N ASN C 623 17.34 -4.18 -34.41
CA ASN C 623 18.35 -5.02 -35.04
C ASN C 623 17.95 -6.49 -34.99
N ARG C 624 16.74 -6.75 -34.50
CA ARG C 624 16.29 -8.10 -34.25
C ARG C 624 14.85 -8.29 -34.69
N PRO C 625 14.64 -8.51 -35.99
CA PRO C 625 13.32 -8.75 -36.59
C PRO C 625 12.75 -10.12 -36.24
N ASP C 626 13.56 -10.96 -35.59
CA ASP C 626 13.14 -12.31 -35.25
C ASP C 626 12.34 -12.37 -33.94
N ILE C 627 12.45 -11.32 -33.13
CA ILE C 627 11.78 -11.30 -31.83
C ILE C 627 10.86 -10.11 -31.66
N ILE C 628 10.62 -9.38 -32.74
CA ILE C 628 9.73 -8.22 -32.71
C ILE C 628 8.27 -8.70 -32.64
N ASP C 629 7.45 -7.96 -31.89
CA ASP C 629 6.04 -8.31 -31.75
C ASP C 629 5.30 -8.10 -33.07
N PRO C 630 4.78 -9.19 -33.66
CA PRO C 630 4.04 -9.11 -34.92
C PRO C 630 2.94 -8.06 -34.91
N ALA C 631 2.36 -7.81 -33.75
CA ALA C 631 1.28 -6.83 -33.62
C ALA C 631 1.70 -5.47 -34.17
N ILE C 632 2.97 -5.15 -34.05
CA ILE C 632 3.49 -3.86 -34.50
C ILE C 632 3.48 -3.78 -36.03
N LEU C 633 3.53 -4.94 -36.69
CA LEU C 633 3.63 -4.98 -38.15
C LEU C 633 2.28 -5.04 -38.84
N ARG C 634 1.20 -4.99 -38.06
CA ARG C 634 -0.14 -5.06 -38.63
C ARG C 634 -0.44 -3.83 -39.47
N PRO C 635 -1.09 -4.03 -40.63
CA PRO C 635 -1.58 -2.91 -41.44
C PRO C 635 -2.28 -1.85 -40.60
N GLY C 636 -1.85 -0.60 -40.74
CA GLY C 636 -2.39 0.49 -39.94
C GLY C 636 -1.40 0.96 -38.89
N ARG C 637 -0.38 0.14 -38.62
CA ARG C 637 0.67 0.51 -37.68
C ARG C 637 1.99 0.66 -38.43
N LEU C 638 3.04 -0.05 -38.00
CA LEU C 638 4.32 0.01 -38.70
C LEU C 638 4.36 -1.04 -39.80
N ASP C 639 3.61 -0.79 -40.87
CA ASP C 639 3.46 -1.77 -41.94
C ASP C 639 4.42 -1.53 -43.11
N GLN C 640 5.12 -0.40 -43.09
CA GLN C 640 6.12 -0.11 -44.11
C GLN C 640 7.47 -0.64 -43.68
N LEU C 641 7.80 -1.83 -44.15
CA LEU C 641 8.99 -2.53 -43.69
C LEU C 641 10.19 -2.23 -44.59
N ILE C 642 11.04 -1.33 -44.13
CA ILE C 642 12.24 -0.96 -44.87
C ILE C 642 13.47 -1.67 -44.33
N TYR C 643 14.10 -2.49 -45.17
CA TYR C 643 15.30 -3.21 -44.78
C TYR C 643 16.54 -2.36 -45.07
N ILE C 644 17.43 -2.28 -44.09
CA ILE C 644 18.62 -1.45 -44.20
C ILE C 644 19.86 -2.29 -43.94
N PRO C 645 20.53 -2.73 -45.03
CA PRO C 645 21.63 -3.68 -44.99
C PRO C 645 22.99 -3.03 -44.79
N LEU C 646 24.03 -3.85 -44.76
CA LEU C 646 25.41 -3.36 -44.73
C LEU C 646 25.67 -2.54 -45.99
N PRO C 647 26.53 -1.52 -45.87
CA PRO C 647 26.82 -0.68 -47.03
C PRO C 647 27.69 -1.40 -48.06
N ASP C 648 27.31 -1.29 -49.34
CA ASP C 648 28.11 -1.86 -50.41
C ASP C 648 29.34 -1.00 -50.67
N GLU C 649 30.20 -1.44 -51.58
CA GLU C 649 31.47 -0.75 -51.82
C GLU C 649 31.30 0.75 -52.02
N LYS C 650 30.42 1.15 -52.92
CA LYS C 650 30.23 2.56 -53.21
C LYS C 650 29.77 3.30 -51.96
N SER C 651 28.86 2.68 -51.21
CA SER C 651 28.31 3.28 -50.01
C SER C 651 29.38 3.49 -48.96
N ARG C 652 30.26 2.50 -48.81
CA ARG C 652 31.32 2.54 -47.81
C ARG C 652 32.22 3.76 -48.01
N VAL C 653 32.48 4.11 -49.27
CA VAL C 653 33.28 5.29 -49.58
C VAL C 653 32.60 6.56 -49.08
N ALA C 654 31.30 6.65 -49.30
CA ALA C 654 30.53 7.82 -48.90
C ALA C 654 30.59 8.04 -47.39
N ILE C 655 30.49 6.94 -46.63
CA ILE C 655 30.52 7.01 -45.17
C ILE C 655 31.85 7.57 -44.70
N LEU C 656 32.93 7.02 -45.24
CA LEU C 656 34.28 7.46 -44.89
C LEU C 656 34.45 8.94 -45.18
N LYS C 657 33.91 9.38 -46.32
CA LYS C 657 33.97 10.78 -46.71
C LYS C 657 33.31 11.64 -45.65
N ALA C 658 32.10 11.26 -45.26
CA ALA C 658 31.30 12.03 -44.30
C ALA C 658 31.99 12.18 -42.95
N ASN C 659 32.51 11.08 -42.42
CA ASN C 659 33.12 11.08 -41.09
C ASN C 659 34.43 11.86 -41.04
N LEU C 660 35.16 11.88 -42.15
CA LEU C 660 36.47 12.52 -42.18
C LEU C 660 36.41 13.98 -42.63
N ARG C 661 35.21 14.50 -42.80
CA ARG C 661 35.02 15.90 -43.18
C ARG C 661 35.61 16.83 -42.12
N LYS C 662 35.36 16.49 -40.85
CA LYS C 662 35.74 17.37 -39.75
C LYS C 662 37.22 17.23 -39.42
N SER C 663 37.84 16.17 -39.94
CA SER C 663 39.22 15.86 -39.60
C SER C 663 40.18 16.20 -40.74
N PRO C 664 41.42 16.60 -40.40
CA PRO C 664 42.48 16.88 -41.37
C PRO C 664 43.16 15.61 -41.87
N VAL C 665 42.78 15.16 -43.05
CA VAL C 665 43.32 13.92 -43.60
C VAL C 665 44.42 14.20 -44.62
N ALA C 666 45.44 13.34 -44.64
CA ALA C 666 46.53 13.48 -45.58
C ALA C 666 46.04 13.13 -46.99
N LYS C 667 46.68 13.72 -47.99
CA LYS C 667 46.29 13.53 -49.38
C LYS C 667 46.67 12.13 -49.85
N ASP C 668 47.59 11.52 -49.12
CA ASP C 668 48.11 10.20 -49.48
C ASP C 668 47.09 9.08 -49.22
N VAL C 669 46.13 9.35 -48.34
CA VAL C 669 45.14 8.35 -47.94
C VAL C 669 44.15 8.01 -49.06
N ASP C 670 44.11 6.74 -49.44
CA ASP C 670 43.20 6.27 -50.48
C ASP C 670 41.97 5.63 -49.85
N LEU C 671 40.83 6.31 -49.95
CA LEU C 671 39.61 5.87 -49.30
C LEU C 671 38.86 4.83 -50.13
N GLU C 672 39.05 4.87 -51.45
CA GLU C 672 38.40 3.92 -52.34
C GLU C 672 38.96 2.52 -52.12
N PHE C 673 40.25 2.44 -51.82
CA PHE C 673 40.89 1.16 -51.54
C PHE C 673 40.45 0.65 -50.18
N LEU C 674 40.32 1.57 -49.22
CA LEU C 674 39.82 1.23 -47.90
C LEU C 674 38.45 0.59 -48.01
N ALA C 675 37.60 1.15 -48.87
CA ALA C 675 36.26 0.66 -49.05
C ALA C 675 36.26 -0.75 -49.64
N LYS C 676 37.16 -0.99 -50.59
CA LYS C 676 37.24 -2.30 -51.23
C LYS C 676 37.65 -3.42 -50.29
N MET C 677 38.46 -3.10 -49.30
CA MET C 677 38.96 -4.11 -48.37
C MET C 677 38.01 -4.37 -47.20
N THR C 678 37.06 -3.46 -46.98
CA THR C 678 36.18 -3.56 -45.83
C THR C 678 34.78 -4.06 -46.19
N ASN C 679 34.71 -5.02 -47.11
CA ASN C 679 33.43 -5.62 -47.46
C ASN C 679 32.93 -6.51 -46.33
N GLY C 680 31.77 -6.17 -45.79
CA GLY C 680 31.19 -6.90 -44.67
C GLY C 680 31.18 -6.07 -43.40
N PHE C 681 31.91 -4.95 -43.42
CA PHE C 681 31.94 -4.04 -42.29
C PHE C 681 30.73 -3.13 -42.32
N SER C 682 30.20 -2.81 -41.13
CA SER C 682 29.05 -1.92 -41.02
C SER C 682 29.48 -0.47 -40.99
N GLY C 683 28.51 0.44 -40.99
CA GLY C 683 28.80 1.86 -40.91
C GLY C 683 29.48 2.23 -39.61
N ALA C 684 29.05 1.61 -38.53
CA ALA C 684 29.62 1.87 -37.21
C ALA C 684 31.05 1.32 -37.13
N ASP C 685 31.29 0.21 -37.82
CA ASP C 685 32.62 -0.39 -37.86
C ASP C 685 33.60 0.58 -38.52
N LEU C 686 33.17 1.22 -39.61
CA LEU C 686 34.01 2.14 -40.35
C LEU C 686 34.36 3.37 -39.50
N THR C 687 33.37 3.88 -38.78
CA THR C 687 33.58 5.04 -37.93
C THR C 687 34.61 4.70 -36.84
N GLU C 688 34.59 3.47 -36.38
CA GLU C 688 35.53 3.02 -35.35
C GLU C 688 36.94 2.92 -35.91
N ILE C 689 37.05 2.54 -37.18
CA ILE C 689 38.36 2.47 -37.84
C ILE C 689 38.93 3.88 -37.93
N CYS C 690 38.09 4.84 -38.31
CA CYS C 690 38.50 6.23 -38.39
C CYS C 690 38.92 6.74 -37.02
N GLN C 691 38.16 6.38 -35.99
CA GLN C 691 38.47 6.82 -34.64
C GLN C 691 39.74 6.16 -34.12
N ARG C 692 39.91 4.88 -34.40
CA ARG C 692 41.08 4.14 -33.95
C ARG C 692 42.31 4.65 -34.70
N ALA C 693 42.13 4.95 -35.98
CA ALA C 693 43.20 5.49 -36.80
C ALA C 693 43.54 6.92 -36.35
N CYS C 694 42.54 7.65 -35.89
CA CYS C 694 42.74 9.01 -35.42
C CYS C 694 43.45 9.01 -34.07
N LYS C 695 43.17 8.00 -33.25
CA LYS C 695 43.84 7.87 -31.95
C LYS C 695 45.33 7.71 -32.16
N LEU C 696 45.70 6.99 -33.22
CA LEU C 696 47.11 6.81 -33.58
C LEU C 696 47.73 8.14 -34.01
N ALA C 697 47.01 8.89 -34.84
CA ALA C 697 47.50 10.17 -35.33
C ALA C 697 47.68 11.14 -34.18
N ILE C 698 46.75 11.12 -33.23
CA ILE C 698 46.81 11.97 -32.05
C ILE C 698 47.96 11.58 -31.13
N ARG C 699 48.14 10.27 -30.94
CA ARG C 699 49.18 9.79 -30.04
C ARG C 699 50.53 10.32 -30.48
N GLU C 700 50.81 10.23 -31.78
CA GLU C 700 52.08 10.68 -32.33
C GLU C 700 52.23 12.20 -32.24
N SER C 701 51.11 12.91 -32.31
CA SER C 701 51.09 14.36 -32.24
C SER C 701 51.47 14.88 -30.85
N ILE C 702 51.12 14.13 -29.82
CA ILE C 702 51.36 14.56 -28.44
C ILE C 702 52.84 14.49 -28.07
N GLU C 703 53.42 13.31 -28.21
CA GLU C 703 54.83 13.11 -27.86
C GLU C 703 55.75 14.02 -28.67
N SER C 704 55.56 14.05 -29.99
CA SER C 704 56.36 14.89 -30.86
C SER C 704 55.51 15.90 -31.64
N GLU C 705 55.63 17.18 -31.28
CA GLU C 705 54.90 18.23 -31.97
C GLU C 705 55.10 18.14 -33.48
N ILE C 706 54.22 17.40 -34.16
CA ILE C 706 54.32 17.20 -35.60
C ILE C 706 53.07 17.74 -36.29
N ARG C 707 53.15 17.94 -37.60
CA ARG C 707 52.00 18.39 -38.37
C ARG C 707 50.76 17.57 -37.99
N PRO C 708 49.72 18.24 -37.52
CA PRO C 708 48.54 17.48 -37.07
C PRO C 708 47.70 17.00 -38.25
N GLU C 709 48.05 15.85 -38.81
CA GLU C 709 47.26 15.22 -39.86
C GLU C 709 47.30 13.71 -39.72
N ILE C 710 46.23 13.04 -40.16
CA ILE C 710 46.17 11.58 -40.13
C ILE C 710 46.43 11.02 -41.52
N ARG C 711 47.42 10.14 -41.62
CA ARG C 711 47.92 9.68 -42.91
C ARG C 711 47.66 8.20 -43.18
N ARG C 712 48.11 7.74 -44.34
CA ARG C 712 47.88 6.38 -44.82
C ARG C 712 48.34 5.32 -43.82
N ASP C 713 49.53 5.50 -43.26
CA ASP C 713 50.12 4.51 -42.36
C ASP C 713 49.27 4.25 -41.12
N HIS C 714 48.55 5.29 -40.68
CA HIS C 714 47.66 5.16 -39.53
C HIS C 714 46.49 4.24 -39.85
N PHE C 715 45.93 4.40 -41.05
CA PHE C 715 44.81 3.58 -41.49
C PHE C 715 45.22 2.13 -41.67
N GLU C 716 46.43 1.91 -42.21
CA GLU C 716 46.91 0.56 -42.43
C GLU C 716 47.10 -0.15 -41.09
N GLU C 717 47.47 0.62 -40.07
CA GLU C 717 47.67 0.07 -38.73
C GLU C 717 46.34 -0.22 -38.09
N ALA C 718 45.39 0.70 -38.27
CA ALA C 718 44.05 0.55 -37.74
C ALA C 718 43.36 -0.66 -38.36
N MET C 719 43.68 -0.93 -39.63
CA MET C 719 43.08 -2.04 -40.36
C MET C 719 43.57 -3.40 -39.86
N ARG C 720 44.79 -3.44 -39.33
CA ARG C 720 45.36 -4.71 -38.90
C ARG C 720 44.62 -5.31 -37.70
N PHE C 721 44.08 -4.45 -36.84
CA PHE C 721 43.34 -4.91 -35.67
C PHE C 721 41.83 -4.79 -35.85
N ALA C 722 41.41 -4.24 -36.99
CA ALA C 722 39.99 -4.04 -37.24
C ALA C 722 39.27 -5.38 -37.29
N ARG C 723 38.05 -5.42 -36.77
CA ARG C 723 37.27 -6.65 -36.74
C ARG C 723 35.86 -6.37 -37.24
N ARG C 724 35.17 -7.41 -37.70
CA ARG C 724 33.82 -7.24 -38.25
C ARG C 724 32.77 -7.43 -37.16
N SER C 725 31.77 -6.55 -37.15
CA SER C 725 30.70 -6.62 -36.16
C SER C 725 29.58 -7.55 -36.61
N VAL C 726 29.48 -7.77 -37.92
CA VAL C 726 28.45 -8.65 -38.47
C VAL C 726 29.08 -9.83 -39.22
N SER C 727 28.90 -11.02 -38.66
CA SER C 727 29.46 -12.23 -39.27
C SER C 727 28.62 -12.64 -40.47
N ASP C 728 29.09 -13.64 -41.21
CA ASP C 728 28.38 -14.12 -42.39
C ASP C 728 27.03 -14.75 -42.02
N ASN C 729 27.01 -15.56 -40.97
CA ASN C 729 25.77 -16.19 -40.51
C ASN C 729 24.69 -15.15 -40.24
N ASP C 730 25.08 -14.03 -39.63
CA ASP C 730 24.15 -12.95 -39.34
C ASP C 730 23.57 -12.42 -40.65
N ILE C 731 24.44 -12.19 -41.63
CA ILE C 731 24.02 -11.66 -42.92
C ILE C 731 22.93 -12.53 -43.53
N ARG C 732 23.19 -13.83 -43.61
CA ARG C 732 22.22 -14.78 -44.19
C ARG C 732 20.85 -14.61 -43.55
N LYS C 733 20.82 -14.47 -42.23
CA LYS C 733 19.57 -14.34 -41.49
C LYS C 733 18.90 -13.02 -41.82
N TYR C 734 19.66 -11.94 -41.77
CA TYR C 734 19.11 -10.62 -42.10
C TYR C 734 18.56 -10.59 -43.52
N GLU C 735 19.25 -11.27 -44.44
CA GLU C 735 18.82 -11.31 -45.83
C GLU C 735 17.52 -12.10 -45.94
N MET C 736 17.39 -13.13 -45.12
CA MET C 736 16.20 -13.97 -45.12
C MET C 736 14.98 -13.22 -44.62
N PHE C 737 15.16 -12.49 -43.52
CA PHE C 737 14.07 -11.70 -42.94
C PHE C 737 13.67 -10.56 -43.87
N ALA C 738 14.58 -10.16 -44.75
CA ALA C 738 14.30 -9.09 -45.69
C ALA C 738 13.20 -9.49 -46.68
N GLN C 739 12.94 -10.79 -46.80
CA GLN C 739 11.93 -11.28 -47.73
C GLN C 739 10.72 -11.89 -47.02
N THR C 740 10.80 -12.06 -45.71
CA THR C 740 9.78 -12.83 -45.00
C THR C 740 9.36 -12.23 -43.65
N LEU C 741 9.66 -10.95 -43.44
CA LEU C 741 9.31 -10.30 -42.18
C LEU C 741 7.81 -10.07 -42.08
N GLN C 742 7.17 -9.87 -43.24
CA GLN C 742 5.72 -9.67 -43.29
C GLN C 742 4.94 -10.94 -42.98
N GLN C 743 5.61 -12.08 -42.98
CA GLN C 743 4.95 -13.37 -42.74
C GLN C 743 4.95 -13.78 -41.27
N SER C 744 5.41 -12.89 -40.40
CA SER C 744 5.57 -13.22 -38.98
C SER C 744 4.27 -13.06 -38.19
N ARG C 745 3.20 -12.67 -38.87
CA ARG C 745 1.93 -12.40 -38.20
C ARG C 745 1.07 -13.67 -38.06
N GLY C 746 1.49 -14.75 -38.70
CA GLY C 746 0.81 -16.03 -38.57
C GLY C 746 1.53 -16.96 -37.60
N PHE C 747 2.01 -18.09 -38.12
CA PHE C 747 2.84 -19.01 -37.35
C PHE C 747 4.31 -18.83 -37.71
N GLY C 748 5.10 -18.35 -36.76
CA GLY C 748 6.49 -18.08 -37.02
C GLY C 748 7.26 -19.32 -37.46
N SER C 749 8.33 -19.10 -38.22
CA SER C 749 9.16 -20.20 -38.71
C SER C 749 10.42 -20.32 -37.86
N ASN D 20 48.22 52.13 -6.52
CA ASN D 20 48.47 50.90 -5.77
C ASN D 20 49.95 50.66 -5.54
N ARG D 21 50.51 51.34 -4.54
CA ARG D 21 51.92 51.20 -4.18
C ARG D 21 52.17 49.78 -3.68
N PRO D 22 53.43 49.33 -3.76
CA PRO D 22 53.78 47.93 -3.45
C PRO D 22 53.44 47.54 -2.02
N ASN D 23 53.46 48.49 -1.10
CA ASN D 23 53.20 48.20 0.30
C ASN D 23 51.79 47.67 0.53
N ARG D 24 50.85 48.10 -0.30
CA ARG D 24 49.47 47.60 -0.23
C ARG D 24 49.37 46.17 -0.73
N LEU D 25 48.77 45.30 0.09
CA LEU D 25 48.62 43.89 -0.26
C LEU D 25 47.31 43.30 0.25
N ILE D 26 46.90 42.19 -0.34
CA ILE D 26 45.64 41.54 -0.01
C ILE D 26 45.84 40.39 0.98
N VAL D 27 44.98 40.31 1.97
CA VAL D 27 45.07 39.27 3.00
C VAL D 27 44.61 37.91 2.47
N ASP D 28 45.31 36.86 2.86
CA ASP D 28 45.01 35.52 2.40
C ASP D 28 45.21 34.50 3.52
N GLU D 29 44.76 33.26 3.30
CA GLU D 29 44.93 32.19 4.27
C GLU D 29 46.40 32.02 4.66
N ALA D 30 46.63 31.45 5.83
CA ALA D 30 47.99 31.21 6.32
C ALA D 30 48.36 29.73 6.24
N ILE D 31 49.64 29.47 6.04
CA ILE D 31 50.16 28.11 6.04
C ILE D 31 50.99 27.86 7.32
N ASN D 32 51.80 28.84 7.68
CA ASN D 32 52.58 28.77 8.92
C ASN D 32 51.70 29.04 10.14
N GLU D 33 51.53 28.02 10.97
CA GLU D 33 50.66 28.11 12.14
C GLU D 33 51.15 29.14 13.17
N ASP D 34 52.38 29.60 13.00
CA ASP D 34 52.97 30.56 13.94
C ASP D 34 52.21 31.89 13.94
N ASN D 35 51.99 32.41 15.14
CA ASN D 35 51.22 33.64 15.31
C ASN D 35 51.93 34.86 14.76
N SER D 36 53.21 34.99 15.08
CA SER D 36 53.98 36.18 14.73
C SER D 36 54.64 36.09 13.35
N VAL D 37 54.09 35.26 12.47
CA VAL D 37 54.67 35.08 11.15
C VAL D 37 53.70 35.45 10.03
N VAL D 38 54.17 36.29 9.11
CA VAL D 38 53.45 36.59 7.88
C VAL D 38 54.35 36.26 6.70
N SER D 39 53.75 35.90 5.57
CA SER D 39 54.52 35.44 4.42
C SER D 39 54.23 36.21 3.15
N LEU D 40 55.28 36.45 2.37
CA LEU D 40 55.16 37.05 1.05
C LEU D 40 55.87 36.17 0.03
N SER D 41 55.73 36.51 -1.25
CA SER D 41 56.46 35.82 -2.31
C SER D 41 57.83 36.45 -2.47
N GLN D 42 58.83 35.64 -2.82
CA GLN D 42 60.19 36.13 -2.98
C GLN D 42 60.27 37.35 -3.90
N PRO D 43 59.59 37.30 -5.06
CA PRO D 43 59.65 38.45 -5.97
C PRO D 43 59.11 39.75 -5.36
N LYS D 44 58.16 39.65 -4.44
CA LYS D 44 57.63 40.83 -3.77
C LYS D 44 58.51 41.22 -2.58
N MET D 45 59.12 40.23 -1.94
CA MET D 45 60.00 40.50 -0.81
C MET D 45 61.19 41.31 -1.30
N ASP D 46 61.63 41.00 -2.51
CA ASP D 46 62.75 41.71 -3.13
C ASP D 46 62.31 43.08 -3.63
N GLU D 47 61.03 43.18 -4.01
CA GLU D 47 60.48 44.45 -4.49
C GLU D 47 60.46 45.47 -3.37
N LEU D 48 59.98 45.07 -2.19
CA LEU D 48 59.96 45.94 -1.02
C LEU D 48 61.34 46.03 -0.35
N GLN D 49 62.25 45.16 -0.78
CA GLN D 49 63.60 45.13 -0.20
C GLN D 49 63.59 44.64 1.24
N LEU D 50 62.91 43.53 1.49
CA LEU D 50 62.93 42.92 2.81
C LEU D 50 63.47 41.50 2.68
N PHE D 51 63.97 40.96 3.79
CA PHE D 51 64.51 39.61 3.80
C PHE D 51 63.88 38.79 4.92
N ARG D 52 64.29 37.53 5.02
CA ARG D 52 63.67 36.57 5.93
C ARG D 52 63.73 36.99 7.40
N GLY D 53 64.84 37.57 7.82
CA GLY D 53 65.02 37.90 9.22
C GLY D 53 64.28 39.16 9.66
N ASP D 54 63.95 40.01 8.69
CA ASP D 54 63.37 41.31 8.98
C ASP D 54 62.09 41.26 9.80
N THR D 55 61.87 42.29 10.59
CA THR D 55 60.64 42.45 11.35
C THR D 55 59.81 43.56 10.68
N VAL D 56 58.60 43.22 10.26
CA VAL D 56 57.79 44.15 9.49
C VAL D 56 56.64 44.71 10.31
N LEU D 57 56.27 45.95 10.01
CA LEU D 57 55.14 46.60 10.66
C LEU D 57 53.92 46.58 9.74
N LEU D 58 52.83 46.02 10.24
CA LEU D 58 51.60 45.90 9.46
C LEU D 58 50.55 46.90 9.95
N LYS D 59 50.05 47.71 9.02
CA LYS D 59 49.00 48.68 9.33
C LYS D 59 47.70 48.24 8.68
N GLY D 60 46.70 47.96 9.50
CA GLY D 60 45.41 47.51 9.00
C GLY D 60 44.37 48.61 9.04
N LYS D 61 43.10 48.21 9.11
CA LYS D 61 42.00 49.17 9.19
C LYS D 61 41.72 49.54 10.64
N LYS D 62 40.90 50.56 10.83
CA LYS D 62 40.52 51.01 12.16
C LYS D 62 41.73 51.54 12.91
N ARG D 63 42.71 52.03 12.17
CA ARG D 63 43.91 52.63 12.75
C ARG D 63 44.58 51.73 13.79
N ARG D 64 44.65 50.44 13.51
CA ARG D 64 45.34 49.50 14.38
C ARG D 64 46.58 48.97 13.68
N GLU D 65 47.53 48.48 14.46
CA GLU D 65 48.79 47.98 13.92
C GLU D 65 49.19 46.66 14.58
N ALA D 66 50.00 45.89 13.88
CA ALA D 66 50.56 44.65 14.41
C ALA D 66 51.96 44.45 13.85
N VAL D 67 52.85 43.89 14.65
CA VAL D 67 54.22 43.65 14.22
C VAL D 67 54.49 42.16 14.14
N CYS D 68 55.20 41.73 13.11
CA CYS D 68 55.43 40.31 12.87
C CYS D 68 56.74 40.06 12.13
N ILE D 69 57.18 38.80 12.16
CA ILE D 69 58.33 38.36 11.38
C ILE D 69 57.86 37.99 9.98
N VAL D 70 58.66 38.32 8.98
CA VAL D 70 58.30 38.04 7.58
C VAL D 70 59.02 36.80 7.06
N LEU D 71 58.38 36.08 6.15
CA LEU D 71 58.97 34.89 5.55
C LEU D 71 58.60 34.78 4.07
N SER D 72 59.27 33.87 3.38
CA SER D 72 59.02 33.64 1.96
C SER D 72 58.04 32.50 1.75
N ASP D 73 57.33 32.53 0.63
CA ASP D 73 56.38 31.48 0.30
C ASP D 73 56.21 31.38 -1.22
N ASP D 74 56.66 30.25 -1.78
CA ASP D 74 56.63 30.03 -3.21
C ASP D 74 55.22 29.93 -3.75
N THR D 75 54.30 29.42 -2.93
CA THR D 75 52.91 29.24 -3.34
C THR D 75 52.16 30.57 -3.30
N CYS D 76 52.60 31.47 -2.42
CA CYS D 76 51.95 32.76 -2.24
C CYS D 76 52.04 33.62 -3.50
N SER D 77 50.91 34.16 -3.93
CA SER D 77 50.88 35.07 -5.06
C SER D 77 51.40 36.44 -4.62
N ASP D 78 52.11 37.12 -5.51
CA ASP D 78 52.76 38.38 -5.17
C ASP D 78 51.79 39.49 -4.75
N GLU D 79 50.53 39.36 -5.15
CA GLU D 79 49.53 40.39 -4.84
C GLU D 79 48.90 40.19 -3.47
N LYS D 80 49.24 39.10 -2.79
CA LYS D 80 48.60 38.76 -1.52
C LYS D 80 49.62 38.49 -0.42
N ILE D 81 49.14 38.49 0.83
CA ILE D 81 49.98 38.22 1.99
C ILE D 81 49.30 37.24 2.93
N ARG D 82 50.00 36.17 3.28
CA ARG D 82 49.46 35.17 4.19
C ARG D 82 49.71 35.55 5.64
N MET D 83 48.64 35.62 6.42
CA MET D 83 48.75 35.93 7.84
C MET D 83 47.75 35.09 8.64
N ASN D 84 48.18 34.61 9.81
CA ASN D 84 47.34 33.80 10.67
C ASN D 84 46.08 34.56 11.07
N ARG D 85 45.11 33.85 11.63
CA ARG D 85 43.86 34.51 12.05
C ARG D 85 44.10 35.39 13.27
N VAL D 86 45.17 35.11 14.02
CA VAL D 86 45.50 35.92 15.19
C VAL D 86 45.93 37.30 14.73
N VAL D 87 46.82 37.32 13.75
CA VAL D 87 47.31 38.57 13.19
C VAL D 87 46.14 39.33 12.55
N ARG D 88 45.30 38.59 11.83
CA ARG D 88 44.11 39.15 11.20
C ARG D 88 43.27 39.95 12.19
N ASN D 89 43.04 39.38 13.36
CA ASN D 89 42.20 40.01 14.36
C ASN D 89 42.86 41.24 14.97
N ASN D 90 44.16 41.14 15.22
CA ASN D 90 44.90 42.26 15.79
C ASN D 90 44.83 43.48 14.86
N LEU D 91 44.60 43.25 13.58
CA LEU D 91 44.51 44.33 12.61
C LEU D 91 43.05 44.73 12.34
N ARG D 92 42.11 43.97 12.89
CA ARG D 92 40.69 44.20 12.61
C ARG D 92 40.48 44.08 11.10
N VAL D 93 40.92 42.95 10.56
CA VAL D 93 40.89 42.71 9.13
C VAL D 93 40.31 41.33 8.86
N ARG D 94 39.89 41.09 7.62
CA ARG D 94 39.38 39.78 7.21
C ARG D 94 40.03 39.38 5.89
N LEU D 95 39.67 38.19 5.40
CA LEU D 95 40.26 37.68 4.16
C LEU D 95 39.83 38.56 2.98
N GLY D 96 40.81 39.02 2.20
CA GLY D 96 40.53 39.84 1.04
C GLY D 96 40.74 41.32 1.24
N ASP D 97 40.84 41.76 2.48
CA ASP D 97 41.06 43.17 2.79
C ASP D 97 42.47 43.59 2.38
N VAL D 98 42.71 44.90 2.42
CA VAL D 98 44.01 45.44 2.02
C VAL D 98 44.72 45.98 3.25
N ILE D 99 46.04 45.81 3.30
CA ILE D 99 46.83 46.32 4.40
C ILE D 99 48.17 46.83 3.88
N SER D 100 48.74 47.80 4.58
CA SER D 100 50.02 48.36 4.20
C SER D 100 51.14 47.82 5.09
N ILE D 101 52.22 47.37 4.46
CA ILE D 101 53.35 46.82 5.18
C ILE D 101 54.59 47.69 4.94
N GLN D 102 55.36 47.91 6.01
CA GLN D 102 56.55 48.74 5.93
C GLN D 102 57.59 48.20 6.90
N PRO D 103 58.88 48.33 6.53
CA PRO D 103 59.95 47.71 7.34
C PRO D 103 60.08 48.31 8.73
N CYS D 104 60.46 47.47 9.69
CA CYS D 104 60.64 47.91 11.07
C CYS D 104 61.97 47.44 11.66
N PRO D 105 63.05 48.20 11.40
CA PRO D 105 64.34 47.97 12.04
C PRO D 105 64.41 48.62 13.41
N ASP D 106 63.42 49.44 13.74
CA ASP D 106 63.42 50.20 14.98
C ASP D 106 63.12 49.33 16.20
N VAL D 107 62.73 48.09 15.95
CA VAL D 107 62.39 47.17 17.05
C VAL D 107 63.62 46.76 17.85
N LYS D 108 63.57 46.99 19.16
CA LYS D 108 64.61 46.55 20.07
C LYS D 108 64.03 45.72 21.20
N TYR D 109 64.91 45.01 21.90
CA TYR D 109 64.51 44.09 22.95
C TYR D 109 63.81 44.81 24.10
N GLY D 110 62.94 44.08 24.78
CA GLY D 110 62.13 44.65 25.85
C GLY D 110 62.78 44.52 27.21
N LYS D 111 62.31 45.32 28.16
CA LYS D 111 62.78 45.22 29.54
C LYS D 111 61.74 44.47 30.36
N ARG D 112 60.49 44.94 30.32
CA ARG D 112 59.40 44.27 31.02
C ARG D 112 58.14 44.25 30.16
N ILE D 113 57.39 43.15 30.26
CA ILE D 113 56.14 42.98 29.51
C ILE D 113 55.01 42.56 30.44
N HIS D 114 53.81 43.09 30.19
CA HIS D 114 52.65 42.80 31.02
C HIS D 114 51.47 42.29 30.20
N VAL D 115 51.18 41.00 30.32
CA VAL D 115 50.07 40.38 29.60
C VAL D 115 48.98 39.88 30.55
N LEU D 116 47.73 40.08 30.18
CA LEU D 116 46.60 39.61 30.97
C LEU D 116 45.69 38.69 30.16
N PRO D 117 45.27 37.57 30.77
CA PRO D 117 44.35 36.62 30.12
C PRO D 117 42.94 37.16 29.99
N ILE D 118 42.16 36.60 29.09
CA ILE D 118 40.76 36.97 28.93
C ILE D 118 39.87 36.01 29.70
N ASP D 119 38.97 36.56 30.50
CA ASP D 119 38.19 35.79 31.49
C ASP D 119 37.63 34.46 30.97
N ASP D 120 36.87 34.51 29.88
CA ASP D 120 36.14 33.33 29.41
C ASP D 120 37.06 32.18 28.97
N THR D 121 38.36 32.44 28.85
CA THR D 121 39.31 31.43 28.43
C THR D 121 40.23 30.91 29.54
N VAL D 122 40.02 31.39 30.77
CA VAL D 122 40.88 30.97 31.88
C VAL D 122 40.14 30.72 33.20
N GLU D 123 38.84 30.93 33.22
CA GLU D 123 38.06 30.83 34.45
C GLU D 123 38.04 29.43 35.07
N GLY D 124 38.43 28.42 34.30
CA GLY D 124 38.43 27.05 34.79
C GLY D 124 39.76 26.57 35.35
N ILE D 125 40.84 27.25 34.98
CA ILE D 125 42.17 26.82 35.39
C ILE D 125 42.78 27.76 36.43
N THR D 126 43.56 27.20 37.34
CA THR D 126 44.30 28.01 38.32
C THR D 126 45.77 27.60 38.32
N GLY D 127 46.60 28.43 38.92
CA GLY D 127 48.03 28.15 39.02
C GLY D 127 48.89 29.12 38.23
N ASN D 128 50.09 28.67 37.88
CA ASN D 128 51.05 29.48 37.12
C ASN D 128 50.80 29.46 35.61
N LEU D 129 50.01 30.41 35.13
CA LEU D 129 49.68 30.49 33.70
C LEU D 129 50.92 30.82 32.88
N PHE D 130 51.90 31.49 33.49
CA PHE D 130 53.06 31.99 32.77
C PHE D 130 54.11 30.91 32.48
N GLU D 131 54.24 29.91 33.36
CA GLU D 131 55.27 28.89 33.18
C GLU D 131 54.87 27.83 32.16
N VAL D 132 53.58 27.56 32.03
CA VAL D 132 53.11 26.50 31.15
C VAL D 132 52.91 27.00 29.73
N TYR D 133 52.41 28.23 29.60
CA TYR D 133 52.03 28.78 28.30
C TYR D 133 53.03 29.82 27.77
N LEU D 134 53.22 30.90 28.52
CA LEU D 134 54.07 31.99 28.05
C LEU D 134 55.53 31.57 27.95
N LYS D 135 55.95 30.65 28.81
CA LYS D 135 57.34 30.23 28.86
C LYS D 135 57.80 29.58 27.53
N PRO D 136 57.17 28.45 27.15
CA PRO D 136 57.58 27.80 25.90
C PRO D 136 57.19 28.59 24.66
N TYR D 137 56.22 29.50 24.81
CA TYR D 137 55.73 30.29 23.68
C TYR D 137 56.77 31.33 23.23
N PHE D 138 57.44 31.94 24.19
CA PHE D 138 58.42 32.98 23.89
C PHE D 138 59.85 32.43 23.92
N LEU D 139 60.02 31.24 24.49
CA LEU D 139 61.33 30.63 24.61
C LEU D 139 61.99 30.44 23.25
N GLU D 140 63.19 31.01 23.10
CA GLU D 140 63.96 30.86 21.87
C GLU D 140 63.17 31.32 20.65
N ALA D 141 62.20 32.19 20.88
CA ALA D 141 61.30 32.67 19.82
C ALA D 141 61.64 34.08 19.37
N TYR D 142 62.03 34.94 20.31
CA TYR D 142 62.26 36.35 20.01
C TYR D 142 61.11 36.94 19.20
N ARG D 143 59.89 36.78 19.71
CA ARG D 143 58.70 37.25 19.03
C ARG D 143 58.55 38.76 19.13
N PRO D 144 58.32 39.42 17.99
CA PRO D 144 57.97 40.84 18.01
C PRO D 144 56.49 41.03 18.35
N ILE D 145 56.20 41.79 19.40
CA ILE D 145 54.82 42.01 19.81
C ILE D 145 54.52 43.49 19.88
N ARG D 146 53.23 43.81 20.04
CA ARG D 146 52.79 45.21 20.09
C ARG D 146 51.82 45.39 21.25
N LYS D 147 51.74 46.59 21.76
CA LYS D 147 50.80 46.92 22.84
C LYS D 147 49.37 46.87 22.31
N GLY D 148 48.55 46.06 22.97
CA GLY D 148 47.15 45.93 22.60
C GLY D 148 46.87 44.65 21.83
N ASP D 149 47.93 44.02 21.33
CA ASP D 149 47.79 42.79 20.57
C ASP D 149 47.22 41.66 21.42
N ILE D 150 46.46 40.77 20.78
CA ILE D 150 45.95 39.57 21.43
C ILE D 150 46.53 38.35 20.74
N PHE D 151 47.28 37.54 21.50
CA PHE D 151 47.87 36.32 20.97
C PHE D 151 47.27 35.10 21.64
N LEU D 152 47.42 33.95 20.99
CA LEU D 152 46.80 32.72 21.46
C LEU D 152 47.85 31.66 21.72
N VAL D 153 47.74 31.00 22.88
CA VAL D 153 48.65 29.93 23.24
C VAL D 153 47.85 28.69 23.63
N ARG D 154 48.12 27.58 22.93
CA ARG D 154 47.40 26.35 23.17
C ARG D 154 48.26 25.36 23.94
N GLY D 155 47.65 24.68 24.89
CA GLY D 155 48.34 23.72 25.74
C GLY D 155 47.45 23.31 26.89
N GLY D 156 47.72 22.13 27.45
CA GLY D 156 46.92 21.63 28.56
C GLY D 156 45.47 21.46 28.15
N MET D 157 45.25 20.99 26.92
CA MET D 157 43.91 20.74 26.40
C MET D 157 43.03 21.98 26.55
N ARG D 158 43.60 23.13 26.27
CA ARG D 158 42.90 24.40 26.37
C ARG D 158 43.65 25.46 25.56
N ALA D 159 42.92 26.45 25.06
CA ALA D 159 43.53 27.55 24.33
C ALA D 159 43.15 28.87 24.97
N VAL D 160 44.14 29.54 25.56
CA VAL D 160 43.91 30.82 26.20
C VAL D 160 44.58 31.93 25.41
N GLU D 161 43.93 33.08 25.36
CA GLU D 161 44.44 34.22 24.64
C GLU D 161 44.76 35.34 25.61
N PHE D 162 45.95 35.89 25.49
CA PHE D 162 46.38 37.00 26.34
C PHE D 162 46.40 38.27 25.53
N LYS D 163 46.21 39.40 26.19
CA LYS D 163 46.30 40.69 25.52
C LYS D 163 47.47 41.47 26.13
N VAL D 164 48.36 41.95 25.26
CA VAL D 164 49.51 42.72 25.70
C VAL D 164 49.04 44.06 26.24
N VAL D 165 49.15 44.24 27.55
CA VAL D 165 48.66 45.44 28.20
C VAL D 165 49.68 46.56 28.12
N GLU D 166 50.96 46.20 28.23
CA GLU D 166 52.02 47.20 28.13
C GLU D 166 53.41 46.57 27.95
N THR D 167 54.29 47.33 27.30
CA THR D 167 55.67 46.90 27.09
C THR D 167 56.56 48.11 27.38
N ASP D 168 57.73 47.87 27.98
CA ASP D 168 58.59 48.97 28.39
C ASP D 168 59.04 49.78 27.18
N PRO D 169 59.53 49.11 26.12
CA PRO D 169 59.68 49.89 24.89
C PRO D 169 58.38 49.88 24.10
N SER D 170 57.48 50.81 24.42
CA SER D 170 56.18 50.86 23.77
C SER D 170 56.29 51.63 22.46
N PRO D 171 55.34 51.38 21.54
CA PRO D 171 54.28 50.39 21.71
C PRO D 171 54.67 48.97 21.34
N TYR D 172 55.85 48.77 20.77
CA TYR D 172 56.25 47.43 20.33
C TYR D 172 57.71 47.10 20.61
N CYS D 173 57.99 45.81 20.79
CA CYS D 173 59.33 45.34 21.14
C CYS D 173 59.42 43.84 20.93
N ILE D 174 60.65 43.33 20.85
CA ILE D 174 60.87 41.89 20.74
C ILE D 174 61.03 41.27 22.13
N VAL D 175 60.60 40.01 22.25
CA VAL D 175 60.68 39.31 23.53
C VAL D 175 61.95 38.47 23.64
N ALA D 176 63.02 39.11 24.10
CA ALA D 176 64.30 38.43 24.31
C ALA D 176 64.32 37.79 25.69
N PRO D 177 65.26 36.87 25.93
CA PRO D 177 65.35 36.19 27.23
C PRO D 177 65.45 37.16 28.41
N ASP D 178 65.93 38.37 28.16
CA ASP D 178 66.10 39.35 29.23
C ASP D 178 64.77 40.01 29.62
N THR D 179 63.80 40.00 28.71
CA THR D 179 62.51 40.60 28.98
C THR D 179 61.80 39.88 30.12
N VAL D 180 61.30 40.65 31.08
CA VAL D 180 60.56 40.08 32.21
C VAL D 180 59.06 40.12 31.93
N ILE D 181 58.33 39.16 32.46
CA ILE D 181 56.89 39.10 32.25
C ILE D 181 56.09 39.13 33.54
N HIS D 182 55.02 39.90 33.52
CA HIS D 182 54.13 40.01 34.65
C HIS D 182 52.73 39.76 34.11
N CYS D 183 52.05 38.77 34.68
CA CYS D 183 50.71 38.43 34.22
C CYS D 183 49.79 38.39 35.42
N GLU D 184 50.05 39.32 36.35
CA GLU D 184 49.32 39.38 37.60
C GLU D 184 48.01 40.12 37.38
N GLY D 185 46.90 39.48 37.68
CA GLY D 185 45.62 40.17 37.63
C GLY D 185 44.45 39.37 37.11
N GLU D 186 43.28 39.67 37.66
CA GLU D 186 42.04 39.02 37.29
C GLU D 186 41.84 39.23 35.80
N PRO D 187 41.46 38.16 35.08
CA PRO D 187 41.38 38.29 33.63
C PRO D 187 40.50 39.45 33.22
N ILE D 188 40.93 40.21 32.23
CA ILE D 188 40.18 41.36 31.77
C ILE D 188 38.98 40.85 31.00
N LYS D 189 37.90 41.61 31.01
CA LYS D 189 36.69 41.19 30.32
C LYS D 189 36.81 41.50 28.84
N ARG D 190 35.99 40.84 28.03
CA ARG D 190 36.09 40.96 26.59
C ARG D 190 35.56 42.30 26.10
N GLU D 191 36.38 43.00 25.33
CA GLU D 191 35.94 44.25 24.72
C GLU D 191 34.91 43.93 23.65
N ASP D 192 34.00 44.87 23.42
CA ASP D 192 32.90 44.66 22.48
C ASP D 192 33.36 44.32 21.07
N GLU D 193 34.40 44.99 20.61
CA GLU D 193 34.86 44.88 19.22
C GLU D 193 35.83 43.72 19.04
N GLU D 194 36.43 43.27 20.14
CA GLU D 194 37.37 42.16 20.09
C GLU D 194 36.64 40.84 19.87
N GLU D 195 36.69 40.35 18.64
CA GLU D 195 36.04 39.10 18.29
C GLU D 195 36.84 37.96 18.92
N SER D 196 36.19 36.87 19.25
CA SER D 196 36.87 35.74 19.88
C SER D 196 37.57 34.85 18.84
N LEU D 197 38.72 34.31 19.24
CA LEU D 197 39.45 33.37 18.40
C LEU D 197 39.00 31.95 18.68
N ASN D 198 38.18 31.78 19.72
CA ASN D 198 37.55 30.50 20.00
C ASN D 198 36.43 30.26 19.00
N GLU D 199 35.89 31.35 18.45
CA GLU D 199 34.88 31.26 17.40
C GLU D 199 35.41 30.48 16.21
N VAL D 200 34.50 29.90 15.44
CA VAL D 200 34.85 29.01 14.35
C VAL D 200 35.39 29.76 13.13
N GLY D 201 36.35 29.14 12.44
CA GLY D 201 36.93 29.72 11.25
C GLY D 201 37.34 28.65 10.27
N TYR D 202 37.85 29.05 9.11
CA TYR D 202 38.24 28.11 8.06
C TYR D 202 39.34 27.16 8.53
N ASP D 203 40.14 27.63 9.49
CA ASP D 203 41.24 26.84 10.03
C ASP D 203 40.76 25.72 10.94
N ASP D 204 39.45 25.69 11.23
CA ASP D 204 38.86 24.64 12.03
C ASP D 204 38.25 23.56 11.12
N ILE D 205 38.40 23.74 9.81
CA ILE D 205 37.80 22.84 8.84
C ILE D 205 38.87 22.19 7.99
N GLY D 206 38.77 20.88 7.81
CA GLY D 206 39.69 20.13 6.99
C GLY D 206 38.98 18.98 6.31
N GLY D 207 39.63 18.38 5.31
CA GLY D 207 39.07 17.22 4.64
C GLY D 207 38.07 17.55 3.54
N CYS D 208 37.82 18.84 3.34
CA CYS D 208 36.94 19.30 2.26
C CYS D 208 37.39 20.67 1.78
N ARG D 209 38.61 20.72 1.26
CA ARG D 209 39.19 21.97 0.77
C ARG D 209 38.39 22.47 -0.42
N LYS D 210 38.22 21.58 -1.39
CA LYS D 210 37.58 21.89 -2.66
C LYS D 210 36.20 22.50 -2.46
N GLN D 211 35.40 21.88 -1.59
CA GLN D 211 34.04 22.32 -1.33
C GLN D 211 34.04 23.68 -0.63
N LEU D 212 34.91 23.83 0.36
CA LEU D 212 34.99 25.06 1.12
C LEU D 212 35.42 26.21 0.21
N ALA D 213 36.12 25.86 -0.87
CA ALA D 213 36.53 26.85 -1.85
C ALA D 213 35.33 27.32 -2.66
N GLN D 214 34.53 26.39 -3.14
CA GLN D 214 33.35 26.71 -3.94
C GLN D 214 32.45 27.67 -3.19
N ILE D 215 32.21 27.37 -1.92
CA ILE D 215 31.35 28.19 -1.10
C ILE D 215 31.94 29.58 -0.93
N LYS D 216 33.24 29.64 -0.71
CA LYS D 216 33.93 30.92 -0.54
C LYS D 216 33.75 31.80 -1.77
N GLU D 217 33.84 31.21 -2.96
CA GLU D 217 33.64 31.96 -4.19
C GLU D 217 32.22 32.51 -4.28
N MET D 218 31.23 31.65 -4.08
CA MET D 218 29.84 32.06 -4.17
C MET D 218 29.51 33.19 -3.20
N VAL D 219 30.04 33.09 -1.99
CA VAL D 219 29.59 33.93 -0.89
C VAL D 219 30.44 35.19 -0.68
N GLU D 220 31.72 35.11 -1.00
CA GLU D 220 32.63 36.21 -0.71
C GLU D 220 32.22 37.51 -1.40
N LEU D 221 31.83 37.42 -2.67
CA LEU D 221 31.54 38.62 -3.44
C LEU D 221 30.36 39.42 -2.89
N PRO D 222 29.16 38.80 -2.79
CA PRO D 222 27.99 39.56 -2.34
C PRO D 222 28.02 39.94 -0.86
N LEU D 223 28.74 39.16 -0.06
CA LEU D 223 28.73 39.35 1.40
C LEU D 223 29.81 40.34 1.81
N ARG D 224 30.92 40.30 1.09
CA ARG D 224 32.07 41.13 1.38
C ARG D 224 31.96 42.51 0.73
N HIS D 225 31.46 42.53 -0.51
CA HIS D 225 31.29 43.77 -1.27
C HIS D 225 29.85 43.92 -1.75
N PRO D 226 28.93 44.19 -0.82
CA PRO D 226 27.50 44.24 -1.16
C PRO D 226 27.15 45.38 -2.12
N ALA D 227 27.69 46.57 -1.87
CA ALA D 227 27.43 47.70 -2.74
C ALA D 227 27.88 47.40 -4.16
N LEU D 228 28.99 46.69 -4.26
CA LEU D 228 29.59 46.34 -5.54
C LEU D 228 28.66 45.50 -6.39
N PHE D 229 27.93 44.59 -5.74
CA PHE D 229 27.02 43.70 -6.46
C PHE D 229 25.73 44.41 -6.87
N LYS D 230 25.31 45.40 -6.10
CA LYS D 230 24.08 46.12 -6.39
C LYS D 230 24.24 47.02 -7.60
N ALA D 231 25.48 47.43 -7.87
CA ALA D 231 25.76 48.33 -8.98
C ALA D 231 25.85 47.55 -10.29
N ILE D 232 26.41 46.34 -10.22
CA ILE D 232 26.55 45.50 -11.41
C ILE D 232 25.25 44.99 -12.01
N GLY D 233 24.30 44.57 -11.16
CA GLY D 233 23.00 44.15 -11.64
C GLY D 233 22.94 42.67 -11.96
N VAL D 234 24.08 42.01 -11.91
CA VAL D 234 24.16 40.56 -12.11
C VAL D 234 23.65 39.87 -10.84
N LYS D 235 23.04 38.71 -11.00
CA LYS D 235 22.36 38.07 -9.87
C LYS D 235 23.34 37.31 -8.99
N PRO D 236 23.31 37.56 -7.68
CA PRO D 236 24.14 36.80 -6.74
C PRO D 236 23.38 35.57 -6.26
N PRO D 237 24.08 34.65 -5.59
CA PRO D 237 23.40 33.50 -5.00
C PRO D 237 22.48 33.92 -3.86
N ARG D 238 21.39 33.18 -3.65
CA ARG D 238 20.53 33.41 -2.51
C ARG D 238 20.39 32.14 -1.68
N GLY D 239 20.28 31.00 -2.35
CA GLY D 239 20.11 29.73 -1.66
C GLY D 239 21.19 28.71 -1.96
N ILE D 240 21.97 28.37 -0.94
CA ILE D 240 22.99 27.33 -1.05
C ILE D 240 22.65 26.15 -0.14
N LEU D 241 22.57 24.96 -0.72
CA LEU D 241 22.20 23.76 0.02
C LEU D 241 23.42 22.86 0.22
N LEU D 242 23.88 22.76 1.47
CA LEU D 242 24.97 21.85 1.81
C LEU D 242 24.41 20.49 2.19
N TYR D 243 24.94 19.42 1.61
CA TYR D 243 24.48 18.09 1.96
C TYR D 243 25.58 17.04 2.06
N GLY D 244 25.34 16.05 2.90
CA GLY D 244 26.29 14.99 3.18
C GLY D 244 25.86 14.29 4.46
N PRO D 245 26.45 13.12 4.75
CA PRO D 245 26.05 12.40 5.97
C PRO D 245 26.12 13.29 7.22
N PRO D 246 25.49 12.84 8.31
CA PRO D 246 25.52 13.61 9.56
C PRO D 246 26.92 13.67 10.17
N GLY D 247 27.32 14.84 10.63
CA GLY D 247 28.59 15.01 11.33
C GLY D 247 29.76 15.33 10.40
N THR D 248 29.47 15.68 9.16
CA THR D 248 30.50 15.96 8.17
C THR D 248 30.99 17.40 8.21
N GLY D 249 30.34 18.22 9.05
CA GLY D 249 30.80 19.58 9.27
C GLY D 249 30.01 20.61 8.51
N LYS D 250 28.77 20.26 8.15
CA LYS D 250 27.90 21.19 7.43
C LYS D 250 27.59 22.41 8.28
N THR D 251 27.15 22.18 9.51
CA THR D 251 26.86 23.27 10.43
C THR D 251 28.13 24.07 10.67
N LEU D 252 29.26 23.36 10.72
CA LEU D 252 30.58 23.97 10.93
C LEU D 252 30.94 24.97 9.85
N ILE D 253 30.80 24.56 8.59
CA ILE D 253 31.13 25.42 7.46
C ILE D 253 30.29 26.70 7.45
N ALA D 254 29.01 26.57 7.72
CA ALA D 254 28.12 27.72 7.75
C ALA D 254 28.65 28.77 8.72
N ARG D 255 28.98 28.35 9.93
CA ARG D 255 29.46 29.28 10.96
C ARG D 255 30.79 29.90 10.54
N ALA D 256 31.67 29.08 9.99
CA ALA D 256 32.99 29.54 9.55
C ALA D 256 32.87 30.65 8.51
N VAL D 257 32.07 30.40 7.48
CA VAL D 257 31.90 31.37 6.39
C VAL D 257 31.33 32.68 6.90
N ALA D 258 30.43 32.60 7.87
CA ALA D 258 29.82 33.78 8.46
C ALA D 258 30.87 34.64 9.17
N ASN D 259 31.69 34.00 9.99
CA ASN D 259 32.71 34.71 10.77
C ASN D 259 33.80 35.28 9.88
N GLU D 260 34.27 34.48 8.93
CA GLU D 260 35.37 34.89 8.07
C GLU D 260 34.98 36.03 7.14
N THR D 261 33.71 36.09 6.77
CA THR D 261 33.21 37.17 5.91
C THR D 261 32.71 38.34 6.76
N GLY D 262 32.47 38.06 8.05
CA GLY D 262 32.00 39.09 8.96
C GLY D 262 30.53 39.38 8.80
N ALA D 263 29.80 38.45 8.17
CA ALA D 263 28.37 38.60 7.98
C ALA D 263 27.62 38.21 9.25
N PHE D 264 26.41 38.75 9.40
CA PHE D 264 25.57 38.40 10.53
C PHE D 264 25.03 36.98 10.35
N PHE D 265 25.13 36.18 11.41
CA PHE D 265 24.73 34.78 11.34
C PHE D 265 23.48 34.51 12.17
N PHE D 266 22.41 34.13 11.49
CA PHE D 266 21.16 33.76 12.15
C PHE D 266 20.88 32.29 11.90
N LEU D 267 20.94 31.50 12.97
CA LEU D 267 20.72 30.06 12.85
C LEU D 267 19.27 29.67 13.06
N ILE D 268 18.77 28.83 12.15
CA ILE D 268 17.43 28.27 12.25
C ILE D 268 17.51 26.77 12.35
N ASN D 269 17.21 26.22 13.51
CA ASN D 269 17.24 24.78 13.70
C ASN D 269 15.89 24.15 13.36
N GLY D 270 15.89 23.27 12.37
CA GLY D 270 14.68 22.63 11.90
C GLY D 270 13.79 22.12 13.02
N PRO D 271 14.28 21.15 13.81
CA PRO D 271 13.55 20.57 14.93
C PRO D 271 12.99 21.63 15.89
N GLU D 272 13.76 22.68 16.16
CA GLU D 272 13.31 23.71 17.09
C GLU D 272 12.05 24.41 16.59
N ILE D 273 12.04 24.77 15.31
CA ILE D 273 10.89 25.41 14.71
C ILE D 273 9.68 24.49 14.71
N MET D 274 9.91 23.21 14.46
CA MET D 274 8.83 22.24 14.35
C MET D 274 8.34 21.77 15.72
N SER D 275 9.00 22.25 16.78
CA SER D 275 8.57 21.91 18.13
C SER D 275 7.59 22.93 18.64
N LYS D 276 7.44 24.03 17.90
CA LYS D 276 6.56 25.11 18.34
C LYS D 276 5.17 24.99 17.72
N LEU D 277 4.22 25.71 18.30
CA LEU D 277 2.85 25.68 17.81
C LEU D 277 2.78 26.16 16.37
N ALA D 278 1.63 25.95 15.74
CA ALA D 278 1.44 26.34 14.34
C ALA D 278 1.80 27.79 14.12
N GLY D 279 1.15 28.68 14.87
CA GLY D 279 1.36 30.10 14.72
C GLY D 279 2.78 30.54 15.03
N GLU D 280 3.40 29.92 16.03
CA GLU D 280 4.75 30.28 16.42
C GLU D 280 5.77 29.92 15.35
N SER D 281 5.60 28.76 14.71
CA SER D 281 6.51 28.32 13.68
C SER D 281 6.51 29.34 12.55
N GLU D 282 5.31 29.67 12.08
CA GLU D 282 5.17 30.63 11.00
C GLU D 282 5.81 31.94 11.41
N SER D 283 5.58 32.33 12.67
CA SER D 283 6.06 33.60 13.17
C SER D 283 7.58 33.64 13.27
N ASN D 284 8.17 32.60 13.85
CA ASN D 284 9.61 32.53 14.04
C ASN D 284 10.40 32.57 12.75
N LEU D 285 9.89 31.88 11.73
CA LEU D 285 10.50 31.93 10.40
C LEU D 285 10.52 33.37 9.91
N ARG D 286 9.40 34.06 10.06
CA ARG D 286 9.29 35.44 9.59
C ARG D 286 10.34 36.29 10.25
N LYS D 287 10.37 36.24 11.59
CA LYS D 287 11.27 37.07 12.37
C LYS D 287 12.73 36.82 11.98
N ALA D 288 13.07 35.56 11.75
CA ALA D 288 14.42 35.20 11.40
C ALA D 288 14.85 35.94 10.14
N PHE D 289 13.98 35.93 9.13
CA PHE D 289 14.26 36.61 7.87
C PHE D 289 14.28 38.12 8.05
N GLU D 290 13.34 38.64 8.83
CA GLU D 290 13.26 40.08 9.09
C GLU D 290 14.51 40.56 9.81
N GLU D 291 14.99 39.74 10.74
CA GLU D 291 16.16 40.08 11.53
C GLU D 291 17.42 40.07 10.67
N ALA D 292 17.50 39.11 9.75
CA ALA D 292 18.64 38.97 8.86
C ALA D 292 18.73 40.18 7.93
N GLU D 293 17.60 40.59 7.39
CA GLU D 293 17.54 41.74 6.49
C GLU D 293 17.91 43.01 7.24
N LYS D 294 17.61 43.03 8.53
CA LYS D 294 17.89 44.20 9.36
C LYS D 294 19.39 44.34 9.54
N ASN D 295 20.08 43.21 9.68
CA ASN D 295 21.52 43.21 9.91
C ASN D 295 22.31 42.72 8.70
N ALA D 296 21.83 43.04 7.51
CA ALA D 296 22.53 42.68 6.28
C ALA D 296 23.84 43.46 6.18
N PRO D 297 24.88 42.85 5.57
CA PRO D 297 24.87 41.50 4.98
C PRO D 297 24.76 40.41 6.04
N ALA D 298 24.08 39.31 5.70
CA ALA D 298 23.81 38.26 6.67
C ALA D 298 23.67 36.89 6.03
N ILE D 299 23.91 35.85 6.83
CA ILE D 299 23.71 34.48 6.40
C ILE D 299 22.68 33.79 7.28
N ILE D 300 21.54 33.41 6.69
CA ILE D 300 20.57 32.60 7.39
C ILE D 300 20.88 31.14 7.14
N PHE D 301 21.17 30.40 8.21
CA PHE D 301 21.48 28.97 8.07
C PHE D 301 20.35 28.12 8.64
N ILE D 302 19.72 27.34 7.76
CA ILE D 302 18.65 26.45 8.17
C ILE D 302 19.20 25.05 8.39
N ASP D 303 19.42 24.70 9.65
CA ASP D 303 20.00 23.41 10.00
C ASP D 303 18.92 22.33 10.03
N GLU D 304 19.26 21.15 9.53
CA GLU D 304 18.30 20.05 9.44
C GLU D 304 17.07 20.51 8.69
N LEU D 305 17.27 20.98 7.46
CA LEU D 305 16.19 21.52 6.63
C LEU D 305 15.05 20.51 6.46
N ASP D 306 15.40 19.23 6.32
CA ASP D 306 14.41 18.18 6.08
C ASP D 306 13.38 18.10 7.21
N ALA D 307 13.72 18.66 8.37
CA ALA D 307 12.79 18.68 9.49
C ALA D 307 11.61 19.59 9.17
N ILE D 308 11.86 20.64 8.41
CA ILE D 308 10.82 21.59 8.04
C ILE D 308 10.16 21.25 6.71
N ALA D 309 10.97 20.85 5.74
CA ALA D 309 10.48 20.63 4.38
C ALA D 309 10.91 19.29 3.81
N PRO D 310 10.29 18.19 4.27
CA PRO D 310 10.54 16.88 3.69
C PRO D 310 9.74 16.68 2.41
N LYS D 311 9.94 15.56 1.72
CA LYS D 311 9.20 15.27 0.50
C LYS D 311 7.71 15.50 0.72
N ARG D 312 7.03 16.12 -0.24
CA ARG D 312 5.63 16.49 -0.07
C ARG D 312 4.72 15.32 0.27
N GLU D 313 5.10 14.12 -0.17
CA GLU D 313 4.27 12.95 0.09
C GLU D 313 4.32 12.54 1.55
N LYS D 314 5.45 12.82 2.21
CA LYS D 314 5.64 12.43 3.59
C LYS D 314 5.24 13.54 4.57
N THR D 315 4.80 14.68 4.05
CA THR D 315 4.47 15.82 4.89
C THR D 315 3.00 15.86 5.26
N HIS D 316 2.37 14.70 5.40
CA HIS D 316 0.97 14.63 5.75
C HIS D 316 0.70 15.35 7.07
N GLY D 317 -0.24 16.30 7.03
CA GLY D 317 -0.53 17.17 8.15
C GLY D 317 -0.63 18.62 7.71
N GLU D 318 -1.70 19.29 8.12
CA GLU D 318 -1.96 20.67 7.70
C GLU D 318 -0.93 21.65 8.21
N VAL D 319 -0.58 21.57 9.49
CA VAL D 319 0.33 22.53 10.08
C VAL D 319 1.71 22.42 9.44
N GLU D 320 2.07 21.20 9.07
CA GLU D 320 3.36 20.92 8.46
C GLU D 320 3.42 21.48 7.05
N ARG D 321 2.33 21.31 6.30
CA ARG D 321 2.25 21.79 4.93
C ARG D 321 2.33 23.31 4.88
N ARG D 322 1.73 23.96 5.87
CA ARG D 322 1.75 25.42 5.91
C ARG D 322 3.15 25.98 6.10
N ILE D 323 3.94 25.34 6.96
CA ILE D 323 5.29 25.84 7.24
C ILE D 323 6.21 25.72 6.03
N VAL D 324 6.09 24.64 5.27
CA VAL D 324 6.91 24.47 4.08
C VAL D 324 6.60 25.59 3.10
N SER D 325 5.31 25.84 2.89
CA SER D 325 4.85 26.92 2.03
C SER D 325 5.32 28.26 2.57
N GLN D 326 5.25 28.42 3.88
CA GLN D 326 5.72 29.64 4.54
C GLN D 326 7.19 29.90 4.18
N LEU D 327 8.00 28.86 4.24
CA LEU D 327 9.43 28.97 3.95
C LEU D 327 9.66 29.33 2.49
N LEU D 328 8.96 28.63 1.60
CA LEU D 328 9.08 28.87 0.16
C LEU D 328 8.78 30.33 -0.17
N THR D 329 7.77 30.88 0.48
CA THR D 329 7.37 32.27 0.24
C THR D 329 8.46 33.22 0.72
N LEU D 330 9.01 32.95 1.89
CA LEU D 330 10.07 33.77 2.44
C LEU D 330 11.29 33.74 1.51
N MET D 331 11.61 32.56 1.00
CA MET D 331 12.71 32.41 0.06
C MET D 331 12.48 33.25 -1.20
N ASP D 332 11.25 33.23 -1.70
CA ASP D 332 10.89 34.04 -2.86
C ASP D 332 10.96 35.53 -2.50
N GLY D 333 10.68 35.84 -1.24
CA GLY D 333 10.70 37.22 -0.77
C GLY D 333 12.11 37.78 -0.72
N LEU D 334 13.10 36.91 -0.94
CA LEU D 334 14.49 37.33 -0.94
C LEU D 334 14.82 38.08 -2.23
N LYS D 335 13.83 38.19 -3.12
CA LYS D 335 13.96 38.98 -4.33
C LYS D 335 14.23 40.45 -4.00
N GLN D 336 13.96 40.84 -2.77
CA GLN D 336 14.28 42.19 -2.30
C GLN D 336 15.77 42.46 -2.47
N ARG D 337 16.57 41.39 -2.45
CA ARG D 337 18.00 41.48 -2.71
C ARG D 337 18.73 42.17 -1.56
N ALA D 338 18.07 42.23 -0.40
CA ALA D 338 18.73 42.65 0.83
C ALA D 338 19.89 41.70 1.11
N HIS D 339 21.08 42.12 0.70
CA HIS D 339 22.30 41.35 0.85
C HIS D 339 22.15 40.20 1.87
N VAL D 340 21.33 39.21 1.55
CA VAL D 340 21.17 38.04 2.42
C VAL D 340 21.37 36.74 1.66
N ILE D 341 22.16 35.85 2.26
CA ILE D 341 22.38 34.52 1.70
C ILE D 341 21.73 33.49 2.61
N VAL D 342 21.01 32.55 2.02
CA VAL D 342 20.38 31.48 2.79
C VAL D 342 21.11 30.16 2.55
N MET D 343 21.73 29.64 3.60
CA MET D 343 22.38 28.35 3.54
C MET D 343 21.53 27.33 4.29
N ALA D 344 21.52 26.10 3.81
CA ALA D 344 20.73 25.05 4.44
C ALA D 344 21.49 23.73 4.38
N ALA D 345 21.27 22.90 5.39
CA ALA D 345 21.96 21.62 5.47
C ALA D 345 20.95 20.49 5.61
N THR D 346 21.22 19.38 4.93
CA THR D 346 20.36 18.21 5.06
C THR D 346 21.17 16.94 4.79
N ASN D 347 20.88 15.90 5.56
CA ASN D 347 21.56 14.62 5.42
C ASN D 347 21.14 13.94 4.14
N ARG D 348 19.88 14.15 3.79
CA ARG D 348 19.28 13.47 2.65
C ARG D 348 18.75 14.48 1.64
N PRO D 349 19.50 14.70 0.55
CA PRO D 349 19.08 15.62 -0.51
C PRO D 349 17.74 15.23 -1.12
N ASN D 350 17.47 13.92 -1.14
CA ASN D 350 16.23 13.41 -1.70
C ASN D 350 15.04 13.67 -0.77
N SER D 351 15.33 13.87 0.51
CA SER D 351 14.28 14.09 1.49
C SER D 351 13.63 15.46 1.37
N ILE D 352 14.40 16.45 0.93
CA ILE D 352 13.89 17.81 0.80
C ILE D 352 12.81 17.90 -0.28
N ASP D 353 11.76 18.67 0.00
CA ASP D 353 10.72 18.94 -0.98
C ASP D 353 11.34 19.56 -2.22
N PRO D 354 11.17 18.91 -3.38
CA PRO D 354 11.80 19.38 -4.61
C PRO D 354 11.49 20.84 -4.93
N ALA D 355 10.40 21.37 -4.39
CA ALA D 355 10.05 22.77 -4.61
C ALA D 355 11.17 23.70 -4.16
N LEU D 356 11.95 23.25 -3.18
CA LEU D 356 13.04 24.06 -2.64
C LEU D 356 14.26 24.07 -3.55
N ARG D 357 14.42 23.04 -4.37
CA ARG D 357 15.57 22.96 -5.26
C ARG D 357 15.35 23.72 -6.56
N ARG D 358 14.23 24.41 -6.69
CA ARG D 358 13.91 25.14 -7.90
C ARG D 358 14.69 26.46 -7.95
N PHE D 359 14.82 27.02 -9.14
CA PHE D 359 15.55 28.26 -9.32
C PHE D 359 14.93 29.38 -8.47
N GLY D 360 15.77 30.28 -7.98
CA GLY D 360 15.31 31.40 -7.17
C GLY D 360 15.30 31.09 -5.69
N ARG D 361 15.41 29.80 -5.36
CA ARG D 361 15.46 29.37 -3.98
C ARG D 361 16.84 28.76 -3.71
N PHE D 362 16.89 27.48 -3.36
CA PHE D 362 18.18 26.82 -3.18
C PHE D 362 18.65 26.27 -4.53
N ASP D 363 19.15 27.17 -5.37
CA ASP D 363 19.51 26.83 -6.74
C ASP D 363 20.98 26.39 -6.88
N ARG D 364 21.72 26.41 -5.78
CA ARG D 364 23.09 25.91 -5.77
C ARG D 364 23.30 24.89 -4.66
N GLU D 365 23.93 23.77 -5.00
CA GLU D 365 24.14 22.68 -4.07
C GLU D 365 25.62 22.31 -3.98
N VAL D 366 26.06 21.92 -2.80
CA VAL D 366 27.45 21.51 -2.58
C VAL D 366 27.49 20.22 -1.77
N ASP D 367 28.07 19.18 -2.34
CA ASP D 367 28.14 17.89 -1.68
C ASP D 367 29.39 17.78 -0.80
N ILE D 368 29.18 17.87 0.50
CA ILE D 368 30.26 17.71 1.47
C ILE D 368 30.30 16.27 1.96
N GLY D 369 30.83 15.38 1.12
CA GLY D 369 30.83 13.95 1.41
C GLY D 369 31.72 13.56 2.57
N ILE D 370 32.03 12.27 2.65
CA ILE D 370 32.92 11.74 3.68
C ILE D 370 34.38 11.94 3.32
N PRO D 371 35.22 12.30 4.30
CA PRO D 371 36.64 12.57 4.06
C PRO D 371 37.44 11.32 3.67
N ASP D 372 38.43 11.49 2.80
CA ASP D 372 39.33 10.40 2.45
C ASP D 372 40.46 10.36 3.46
N ALA D 373 41.41 9.44 3.26
CA ALA D 373 42.54 9.29 4.16
C ALA D 373 43.19 10.63 4.45
N THR D 374 43.57 11.34 3.38
CA THR D 374 44.21 12.64 3.53
C THR D 374 43.36 13.59 4.37
N GLY D 375 42.06 13.59 4.08
CA GLY D 375 41.13 14.46 4.78
C GLY D 375 41.05 14.13 6.25
N ARG D 376 40.87 12.87 6.57
CA ARG D 376 40.76 12.43 7.95
C ARG D 376 41.99 12.86 8.75
N LEU D 377 43.16 12.74 8.14
CA LEU D 377 44.39 13.19 8.77
C LEU D 377 44.33 14.67 9.07
N GLU D 378 43.83 15.45 8.12
CA GLU D 378 43.71 16.89 8.28
C GLU D 378 42.87 17.17 9.52
N ILE D 379 41.77 16.43 9.62
CA ILE D 379 40.82 16.60 10.72
C ILE D 379 41.46 16.22 12.07
N LEU D 380 42.11 15.07 12.11
CA LEU D 380 42.75 14.61 13.34
C LEU D 380 43.68 15.68 13.89
N GLN D 381 44.37 16.36 12.98
CA GLN D 381 45.30 17.40 13.35
C GLN D 381 44.58 18.59 13.99
N ILE D 382 43.34 18.83 13.58
CA ILE D 382 42.56 19.95 14.10
C ILE D 382 42.22 19.77 15.57
N HIS D 383 41.87 18.54 15.96
CA HIS D 383 41.43 18.27 17.32
C HIS D 383 42.56 17.78 18.24
N THR D 384 43.80 17.90 17.77
CA THR D 384 44.96 17.59 18.60
C THR D 384 45.82 18.84 18.78
N LYS D 385 45.27 19.99 18.39
CA LYS D 385 45.97 21.26 18.51
C LYS D 385 46.36 21.54 19.95
N ASN D 386 45.40 21.36 20.86
CA ASN D 386 45.57 21.73 22.26
C ASN D 386 46.12 20.61 23.13
N MET D 387 46.24 19.41 22.58
CA MET D 387 46.70 18.26 23.34
C MET D 387 48.18 17.98 23.09
N LYS D 388 48.91 17.64 24.15
CA LYS D 388 50.30 17.20 24.00
C LYS D 388 50.34 15.75 23.54
N LEU D 389 50.87 15.53 22.34
CA LEU D 389 50.89 14.20 21.75
C LEU D 389 52.25 13.55 21.97
N ALA D 390 52.23 12.28 22.40
CA ALA D 390 53.47 11.53 22.58
C ALA D 390 54.13 11.29 21.23
N ASP D 391 55.38 10.85 21.24
CA ASP D 391 56.14 10.65 20.01
C ASP D 391 55.64 9.42 19.27
N ASP D 392 55.19 8.42 20.02
CA ASP D 392 54.74 7.16 19.44
C ASP D 392 53.43 7.33 18.66
N VAL D 393 52.78 8.49 18.82
CA VAL D 393 51.52 8.76 18.14
C VAL D 393 51.76 8.96 16.65
N ASP D 394 50.99 8.26 15.82
CA ASP D 394 51.07 8.39 14.38
C ASP D 394 49.69 8.61 13.78
N LEU D 395 49.30 9.87 13.62
CA LEU D 395 47.96 10.19 13.16
C LEU D 395 47.69 9.65 11.76
N GLU D 396 48.73 9.53 10.93
CA GLU D 396 48.54 9.02 9.58
C GLU D 396 48.03 7.58 9.61
N GLN D 397 48.52 6.80 10.57
CA GLN D 397 48.04 5.44 10.74
C GLN D 397 46.57 5.46 11.12
N VAL D 398 46.26 6.27 12.13
CA VAL D 398 44.90 6.41 12.62
C VAL D 398 43.98 6.82 11.47
N ALA D 399 44.43 7.78 10.67
CA ALA D 399 43.65 8.26 9.53
C ALA D 399 43.42 7.12 8.55
N ASN D 400 44.48 6.35 8.30
CA ASN D 400 44.42 5.26 7.34
C ASN D 400 43.49 4.17 7.86
N GLU D 401 43.49 4.04 9.18
CA GLU D 401 42.78 2.95 9.85
C GLU D 401 41.29 3.28 10.00
N THR D 402 41.00 4.56 10.23
CA THR D 402 39.63 5.00 10.45
C THR D 402 38.87 5.25 9.15
N HIS D 403 38.75 4.22 8.32
CA HIS D 403 37.96 4.33 7.11
C HIS D 403 36.49 4.40 7.50
N GLY D 404 35.68 5.05 6.69
CA GLY D 404 34.26 5.18 6.97
C GLY D 404 33.97 6.09 8.14
N HIS D 405 34.99 6.81 8.60
CA HIS D 405 34.81 7.77 9.68
C HIS D 405 34.47 9.15 9.13
N VAL D 406 33.61 9.85 9.85
CA VAL D 406 33.21 11.20 9.47
C VAL D 406 33.82 12.20 10.46
N GLY D 407 33.91 13.46 10.05
CA GLY D 407 34.46 14.50 10.89
C GLY D 407 34.12 14.32 12.36
N ALA D 408 32.83 14.28 12.67
CA ALA D 408 32.37 14.13 14.05
C ALA D 408 32.91 12.87 14.73
N ASP D 409 33.04 11.79 13.97
CA ASP D 409 33.59 10.55 14.51
C ASP D 409 35.03 10.76 14.96
N LEU D 410 35.82 11.38 14.10
CA LEU D 410 37.22 11.63 14.38
C LEU D 410 37.35 12.56 15.58
N ALA D 411 36.56 13.63 15.56
CA ALA D 411 36.56 14.60 16.66
C ALA D 411 36.24 13.94 17.98
N ALA D 412 35.35 12.96 17.96
CA ALA D 412 34.95 12.28 19.18
C ALA D 412 36.03 11.34 19.70
N LEU D 413 36.64 10.58 18.80
CA LEU D 413 37.66 9.61 19.20
C LEU D 413 38.87 10.33 19.81
N CYS D 414 39.20 11.50 19.28
CA CYS D 414 40.30 12.29 19.83
C CYS D 414 39.96 12.69 21.27
N SER D 415 38.72 13.10 21.50
CA SER D 415 38.26 13.43 22.84
C SER D 415 38.33 12.19 23.71
N GLU D 416 37.99 11.05 23.12
CA GLU D 416 37.93 9.80 23.86
C GLU D 416 39.33 9.29 24.19
N ALA D 417 40.28 9.50 23.29
CA ALA D 417 41.66 9.09 23.52
C ALA D 417 42.28 9.95 24.60
N ALA D 418 41.85 11.21 24.67
CA ALA D 418 42.32 12.13 25.68
C ALA D 418 41.75 11.77 27.04
N LEU D 419 40.44 11.51 27.06
CA LEU D 419 39.74 11.14 28.29
C LEU D 419 40.34 9.87 28.90
N GLN D 420 40.89 9.01 28.05
CA GLN D 420 41.54 7.79 28.52
C GLN D 420 42.84 8.11 29.23
N ALA D 421 43.61 9.02 28.67
CA ALA D 421 44.88 9.44 29.26
C ALA D 421 44.65 10.09 30.62
N ILE D 422 43.51 10.75 30.77
CA ILE D 422 43.13 11.37 32.03
C ILE D 422 42.76 10.32 33.07
N ARG D 423 41.95 9.35 32.67
CA ARG D 423 41.48 8.31 33.59
C ARG D 423 42.63 7.61 34.30
N LYS D 424 43.59 7.12 33.53
CA LYS D 424 44.70 6.36 34.07
C LYS D 424 45.65 7.26 34.87
N LYS D 425 45.68 8.54 34.52
CA LYS D 425 46.49 9.54 35.21
C LYS D 425 45.72 10.25 36.33
N MET D 426 44.45 9.89 36.51
CA MET D 426 43.62 10.54 37.53
C MET D 426 43.91 10.05 38.93
N ASP D 427 44.53 8.87 39.04
CA ASP D 427 44.99 8.37 40.33
C ASP D 427 45.53 9.49 41.21
N LEU D 428 46.36 10.35 40.62
CA LEU D 428 47.03 11.40 41.37
C LEU D 428 46.12 12.62 41.58
N ILE D 429 45.51 13.12 40.51
CA ILE D 429 44.61 14.27 40.59
C ILE D 429 43.56 14.25 41.71
N ASP D 430 42.90 13.12 41.91
CA ASP D 430 41.81 13.04 42.89
C ASP D 430 42.14 13.71 44.23
N LEU D 431 43.28 13.35 44.81
CA LEU D 431 43.72 13.97 46.07
C LEU D 431 43.87 15.49 45.94
N GLU D 432 43.99 15.96 44.71
CA GLU D 432 44.08 17.39 44.43
C GLU D 432 42.74 17.96 43.93
N ASP D 433 41.77 17.09 43.67
CA ASP D 433 40.49 17.52 43.12
C ASP D 433 40.05 18.85 43.71
N GLU D 434 40.05 18.95 45.04
CA GLU D 434 39.67 20.19 45.71
C GLU D 434 40.05 21.37 44.81
N THR D 435 41.28 21.36 44.33
CA THR D 435 41.79 22.37 43.41
C THR D 435 42.20 21.73 42.08
N ILE D 436 42.64 22.55 41.12
CA ILE D 436 43.07 22.03 39.82
C ILE D 436 44.60 22.05 39.70
N ASP D 437 45.17 21.08 39.00
CA ASP D 437 46.62 21.03 38.79
C ASP D 437 46.99 21.45 37.37
N ALA D 438 47.13 22.76 37.15
CA ALA D 438 47.44 23.27 35.82
C ALA D 438 48.82 22.81 35.36
N GLU D 439 49.80 22.89 36.25
CA GLU D 439 51.18 22.54 35.92
C GLU D 439 51.26 21.09 35.45
N VAL D 440 50.42 20.25 36.05
CA VAL D 440 50.35 18.83 35.75
C VAL D 440 49.60 18.58 34.46
N MET D 441 48.65 19.45 34.14
CA MET D 441 47.80 19.26 32.97
C MET D 441 48.68 19.21 31.74
N ASN D 442 49.82 19.88 31.80
CA ASN D 442 50.79 19.88 30.71
C ASN D 442 51.54 18.54 30.64
N SER D 443 51.79 17.95 31.80
CA SER D 443 52.49 16.67 31.87
C SER D 443 51.65 15.55 31.26
N LEU D 444 50.37 15.79 31.06
CA LEU D 444 49.49 14.80 30.45
C LEU D 444 49.80 14.62 28.97
N ALA D 445 50.33 13.45 28.62
CA ALA D 445 50.59 13.11 27.23
C ALA D 445 49.57 12.06 26.78
N VAL D 446 49.32 12.00 25.49
CA VAL D 446 48.38 11.03 24.95
C VAL D 446 49.12 10.00 24.11
N THR D 447 49.28 8.80 24.65
CA THR D 447 50.06 7.76 23.99
C THR D 447 49.31 7.22 22.77
N MET D 448 50.04 6.53 21.90
CA MET D 448 49.44 5.92 20.73
C MET D 448 48.47 4.82 21.18
N ASP D 449 48.70 4.29 22.38
CA ASP D 449 47.81 3.30 22.95
C ASP D 449 46.44 3.92 23.25
N ASP D 450 46.45 5.15 23.75
CA ASP D 450 45.20 5.85 24.04
C ASP D 450 44.35 6.01 22.76
N PHE D 451 45.00 6.07 21.61
CA PHE D 451 44.28 6.14 20.34
C PHE D 451 43.83 4.75 19.91
N ARG D 452 44.74 3.79 20.06
CA ARG D 452 44.43 2.40 19.73
C ARG D 452 43.23 1.92 20.54
N TRP D 453 43.16 2.37 21.78
CA TRP D 453 42.04 2.04 22.65
C TRP D 453 40.76 2.67 22.14
N ALA D 454 40.84 3.96 21.81
CA ALA D 454 39.70 4.68 21.29
C ALA D 454 39.27 4.13 19.94
N LEU D 455 40.23 3.60 19.19
CA LEU D 455 39.95 3.04 17.87
C LEU D 455 39.05 1.81 17.99
N SER D 456 39.36 0.95 18.97
CA SER D 456 38.60 -0.27 19.19
C SER D 456 37.18 0.02 19.67
N GLN D 457 37.01 1.20 20.27
CA GLN D 457 35.74 1.55 20.91
C GLN D 457 34.89 2.45 19.99
N SER D 458 35.37 2.68 18.77
CA SER D 458 34.74 3.64 17.86
C SER D 458 33.55 3.06 17.11
N ASN D 459 32.48 3.85 17.03
CA ASN D 459 31.30 3.49 16.24
C ASN D 459 31.17 4.34 14.98
N PRO D 460 31.91 3.98 13.92
CA PRO D 460 31.84 4.72 12.65
C PRO D 460 30.44 4.73 12.03
N SER D 461 30.05 5.87 11.48
CA SER D 461 28.68 6.05 11.00
C SER D 461 28.52 5.85 9.49
N ALA D 462 29.54 6.24 8.72
CA ALA D 462 29.41 6.30 7.27
C ALA D 462 30.09 5.13 6.55
N LEU D 463 29.97 3.94 7.10
CA LEU D 463 30.58 2.77 6.46
C LEU D 463 29.76 2.34 5.26
N ARG D 464 28.45 2.56 5.34
CA ARG D 464 27.54 2.15 4.27
C ARG D 464 27.51 3.17 3.14
N GLU D 465 28.12 4.33 3.37
CA GLU D 465 28.15 5.38 2.35
C GLU D 465 29.06 4.99 1.20
N THR D 466 28.67 5.33 -0.01
CA THR D 466 29.50 5.06 -1.17
C THR D 466 30.69 5.99 -1.16
N VAL D 467 31.89 5.44 -1.28
CA VAL D 467 33.11 6.22 -1.14
C VAL D 467 33.51 6.87 -2.46
N VAL D 468 33.91 8.13 -2.39
CA VAL D 468 34.35 8.87 -3.57
C VAL D 468 35.67 9.56 -3.29
N GLU D 469 36.76 8.98 -3.78
CA GLU D 469 38.09 9.50 -3.55
C GLU D 469 39.06 8.99 -4.60
N VAL D 470 40.31 9.42 -4.52
CA VAL D 470 41.32 8.99 -5.47
C VAL D 470 41.93 7.69 -4.98
N PRO D 471 41.88 6.63 -5.81
CA PRO D 471 42.43 5.34 -5.41
C PRO D 471 43.93 5.42 -5.14
N GLN D 472 44.43 4.56 -4.24
CA GLN D 472 45.84 4.53 -3.92
C GLN D 472 46.53 3.40 -4.69
N VAL D 473 45.79 2.76 -5.59
CA VAL D 473 46.34 1.72 -6.44
C VAL D 473 47.01 2.35 -7.66
N THR D 474 48.27 2.00 -7.88
CA THR D 474 49.05 2.55 -8.99
C THR D 474 49.41 1.47 -9.99
N TRP D 475 49.99 1.88 -11.12
CA TRP D 475 50.42 0.93 -12.14
C TRP D 475 51.38 -0.08 -11.55
N GLU D 476 52.16 0.35 -10.56
CA GLU D 476 53.18 -0.49 -9.95
C GLU D 476 52.57 -1.72 -9.28
N ASP D 477 51.32 -1.59 -8.86
CA ASP D 477 50.62 -2.68 -8.19
C ASP D 477 50.09 -3.71 -9.18
N ILE D 478 50.19 -3.39 -10.47
CA ILE D 478 49.67 -4.27 -11.53
C ILE D 478 50.80 -4.83 -12.37
N GLY D 479 50.88 -6.15 -12.45
CA GLY D 479 51.92 -6.81 -13.23
C GLY D 479 51.46 -7.12 -14.64
N GLY D 480 52.28 -6.78 -15.62
CA GLY D 480 51.96 -7.02 -17.01
C GLY D 480 50.90 -6.04 -17.52
N LEU D 481 50.17 -6.44 -18.55
CA LEU D 481 49.12 -5.60 -19.11
C LEU D 481 49.66 -4.24 -19.50
N GLU D 482 50.94 -4.18 -19.86
CA GLU D 482 51.60 -2.92 -20.15
C GLU D 482 50.86 -2.15 -21.26
N ASP D 483 50.61 -2.83 -22.37
CA ASP D 483 49.94 -2.19 -23.51
C ASP D 483 48.53 -1.75 -23.17
N VAL D 484 47.88 -2.47 -22.25
CA VAL D 484 46.53 -2.12 -21.82
C VAL D 484 46.57 -0.82 -21.02
N LYS D 485 47.56 -0.69 -20.15
CA LYS D 485 47.75 0.53 -19.38
C LYS D 485 47.91 1.70 -20.35
N ARG D 486 48.63 1.44 -21.44
CA ARG D 486 48.87 2.45 -22.45
C ARG D 486 47.57 2.93 -23.08
N GLU D 487 46.75 1.96 -23.52
CA GLU D 487 45.48 2.26 -24.15
C GLU D 487 44.54 3.02 -23.22
N LEU D 488 44.67 2.76 -21.92
CA LEU D 488 43.83 3.42 -20.92
C LEU D 488 44.21 4.89 -20.76
N GLN D 489 45.50 5.19 -20.87
CA GLN D 489 45.98 6.57 -20.80
C GLN D 489 45.46 7.36 -21.99
N GLU D 490 45.41 6.72 -23.16
CA GLU D 490 44.89 7.36 -24.37
C GLU D 490 43.41 7.68 -24.22
N LEU D 491 42.68 6.75 -23.65
CA LEU D 491 41.23 6.88 -23.56
C LEU D 491 40.80 7.86 -22.47
N VAL D 492 41.52 7.85 -21.34
CA VAL D 492 41.08 8.60 -20.17
C VAL D 492 41.90 9.86 -19.92
N GLN D 493 43.22 9.75 -19.99
CA GLN D 493 44.10 10.84 -19.61
C GLN D 493 44.19 11.92 -20.70
N TYR D 494 44.44 11.50 -21.93
CA TYR D 494 44.64 12.42 -23.04
C TYR D 494 43.52 13.46 -23.19
N PRO D 495 42.26 12.99 -23.20
CA PRO D 495 41.15 13.93 -23.35
C PRO D 495 41.03 14.93 -22.20
N VAL D 496 41.63 14.60 -21.06
CA VAL D 496 41.61 15.48 -19.90
C VAL D 496 42.77 16.47 -19.96
N GLU D 497 43.96 15.96 -20.25
CA GLU D 497 45.18 16.75 -20.22
C GLU D 497 45.43 17.48 -21.54
N HIS D 498 44.80 17.01 -22.61
CA HIS D 498 45.03 17.57 -23.94
C HIS D 498 43.73 17.74 -24.71
N PRO D 499 42.80 18.54 -24.18
CA PRO D 499 41.53 18.75 -24.87
C PRO D 499 41.69 19.44 -26.23
N ASP D 500 42.64 20.36 -26.30
CA ASP D 500 42.91 21.12 -27.52
C ASP D 500 43.21 20.23 -28.72
N LYS D 501 43.99 19.17 -28.51
CA LYS D 501 44.39 18.29 -29.60
C LYS D 501 43.19 17.60 -30.22
N PHE D 502 42.28 17.11 -29.39
CA PHE D 502 41.09 16.42 -29.88
C PHE D 502 40.25 17.32 -30.77
N LEU D 503 40.20 18.61 -30.45
CA LEU D 503 39.38 19.54 -31.20
C LEU D 503 39.93 19.76 -32.61
N LYS D 504 41.26 19.78 -32.72
CA LYS D 504 41.90 19.98 -34.02
C LYS D 504 41.65 18.80 -34.97
N PHE D 505 41.67 17.59 -34.44
CA PHE D 505 41.41 16.40 -35.25
C PHE D 505 39.91 16.23 -35.50
N GLY D 506 39.10 16.93 -34.71
CA GLY D 506 37.66 16.95 -34.91
C GLY D 506 36.97 15.66 -34.49
N MET D 507 37.59 14.92 -33.59
CA MET D 507 36.97 13.70 -33.07
C MET D 507 36.63 13.89 -31.59
N THR D 508 35.49 13.32 -31.20
CA THR D 508 35.09 13.32 -29.79
C THR D 508 35.52 11.99 -29.20
N PRO D 509 36.11 12.01 -28.00
CA PRO D 509 36.63 10.75 -27.45
C PRO D 509 35.54 9.83 -26.92
N SER D 510 35.80 8.53 -26.94
CA SER D 510 34.83 7.54 -26.49
C SER D 510 34.43 7.76 -25.04
N LYS D 511 33.24 7.30 -24.70
CA LYS D 511 32.66 7.56 -23.38
C LYS D 511 33.10 6.53 -22.34
N GLY D 512 33.10 5.25 -22.70
CA GLY D 512 33.34 4.20 -21.73
C GLY D 512 34.06 2.97 -22.25
N VAL D 513 34.42 2.09 -21.31
CA VAL D 513 35.22 0.91 -21.60
C VAL D 513 34.60 -0.34 -20.99
N LEU D 514 34.90 -1.50 -21.57
CA LEU D 514 34.46 -2.77 -21.00
C LEU D 514 35.62 -3.75 -20.86
N PHE D 515 35.97 -4.05 -19.61
CA PHE D 515 36.93 -5.11 -19.33
C PHE D 515 36.23 -6.46 -19.32
N TYR D 516 36.80 -7.44 -20.00
CA TYR D 516 36.26 -8.79 -20.00
C TYR D 516 37.37 -9.82 -20.15
N GLY D 517 37.26 -10.90 -19.39
CA GLY D 517 38.26 -11.95 -19.40
C GLY D 517 38.08 -12.89 -18.23
N PRO D 518 38.98 -13.86 -18.08
CA PRO D 518 38.90 -14.81 -16.96
C PRO D 518 38.99 -14.12 -15.61
N PRO D 519 38.42 -14.74 -14.57
CA PRO D 519 38.41 -14.15 -13.22
C PRO D 519 39.80 -13.98 -12.62
N GLY D 520 40.01 -12.87 -11.92
CA GLY D 520 41.22 -12.64 -11.16
C GLY D 520 42.44 -12.32 -12.01
N CYS D 521 42.30 -11.37 -12.93
CA CYS D 521 43.40 -10.98 -13.80
C CYS D 521 43.70 -9.47 -13.75
N GLY D 522 42.95 -8.74 -12.94
CA GLY D 522 43.27 -7.34 -12.68
C GLY D 522 42.31 -6.33 -13.29
N LYS D 523 41.09 -6.75 -13.57
CA LYS D 523 40.09 -5.85 -14.15
C LYS D 523 39.74 -4.72 -13.18
N THR D 524 39.54 -5.06 -11.91
CA THR D 524 39.26 -4.07 -10.89
C THR D 524 40.49 -3.18 -10.67
N LEU D 525 41.67 -3.79 -10.69
CA LEU D 525 42.91 -3.06 -10.47
C LEU D 525 43.12 -1.99 -11.53
N LEU D 526 42.89 -2.34 -12.79
CA LEU D 526 43.07 -1.40 -13.89
C LEU D 526 42.16 -0.19 -13.75
N ALA D 527 40.91 -0.44 -13.33
CA ALA D 527 39.95 0.64 -13.18
C ALA D 527 40.44 1.68 -12.17
N LYS D 528 40.97 1.22 -11.04
CA LYS D 528 41.46 2.12 -10.01
C LYS D 528 42.78 2.77 -10.41
N ALA D 529 43.64 2.01 -11.09
CA ALA D 529 44.96 2.49 -11.48
C ALA D 529 44.85 3.71 -12.40
N ILE D 530 44.05 3.58 -13.47
CA ILE D 530 43.89 4.68 -14.40
C ILE D 530 43.35 5.91 -13.70
N ALA D 531 42.51 5.69 -12.69
CA ALA D 531 41.97 6.80 -11.90
C ALA D 531 43.09 7.48 -11.11
N ASN D 532 43.98 6.68 -10.56
CA ASN D 532 45.13 7.20 -9.81
C ASN D 532 46.08 7.99 -10.69
N GLU D 533 46.34 7.48 -11.90
CA GLU D 533 47.25 8.15 -12.82
C GLU D 533 46.73 9.53 -13.17
N CYS D 534 45.41 9.66 -13.28
CA CYS D 534 44.80 10.93 -13.65
C CYS D 534 44.46 11.75 -12.42
N GLN D 535 44.86 11.27 -11.26
CA GLN D 535 44.50 11.91 -9.99
C GLN D 535 43.04 12.33 -10.02
N ALA D 536 42.21 11.45 -10.57
CA ALA D 536 40.79 11.71 -10.71
C ALA D 536 40.00 10.84 -9.73
N ASN D 537 38.87 11.35 -9.27
CA ASN D 537 38.02 10.61 -8.35
C ASN D 537 37.55 9.29 -8.95
N PHE D 538 37.20 8.37 -8.07
CA PHE D 538 36.84 7.02 -8.47
C PHE D 538 35.62 6.54 -7.69
N ILE D 539 34.65 5.98 -8.39
CA ILE D 539 33.47 5.43 -7.74
C ILE D 539 33.23 4.00 -8.21
N SER D 540 33.30 3.06 -7.28
CA SER D 540 33.06 1.66 -7.60
C SER D 540 31.69 1.21 -7.15
N ILE D 541 30.95 0.57 -8.05
CA ILE D 541 29.64 0.02 -7.72
C ILE D 541 29.50 -1.38 -8.29
N LYS D 542 29.59 -2.37 -7.40
CA LYS D 542 29.57 -3.77 -7.78
C LYS D 542 28.14 -4.25 -8.04
N GLY D 543 28.01 -5.24 -8.92
CA GLY D 543 26.72 -5.80 -9.25
C GLY D 543 25.81 -5.99 -8.05
N PRO D 544 26.26 -6.79 -7.07
CA PRO D 544 25.47 -7.06 -5.87
C PRO D 544 24.95 -5.81 -5.18
N GLU D 545 25.72 -4.72 -5.19
CA GLU D 545 25.27 -3.47 -4.60
C GLU D 545 24.00 -2.96 -5.30
N LEU D 546 23.94 -3.17 -6.61
CA LEU D 546 22.81 -2.70 -7.41
C LEU D 546 21.58 -3.59 -7.19
N LEU D 547 21.82 -4.84 -6.82
CA LEU D 547 20.74 -5.78 -6.57
C LEU D 547 20.23 -5.69 -5.13
N THR D 548 20.88 -4.87 -4.32
CA THR D 548 20.50 -4.70 -2.92
C THR D 548 19.40 -3.64 -2.78
N MET D 549 19.56 -2.54 -3.49
CA MET D 549 18.62 -1.42 -3.42
C MET D 549 17.21 -1.96 -3.51
N TRP D 550 16.31 -1.47 -2.66
CA TRP D 550 14.91 -1.87 -2.78
C TRP D 550 14.43 -1.61 -4.20
N PHE D 551 13.49 -2.40 -4.65
CA PHE D 551 13.00 -2.32 -6.02
C PHE D 551 12.49 -0.93 -6.37
N GLY D 552 11.60 -0.39 -5.55
CA GLY D 552 11.04 0.92 -5.82
C GLY D 552 12.10 2.00 -5.68
N GLU D 553 12.96 1.86 -4.69
CA GLU D 553 13.99 2.84 -4.39
C GLU D 553 15.06 2.87 -5.48
N SER D 554 15.21 1.76 -6.20
CA SER D 554 16.28 1.61 -7.18
C SER D 554 16.37 2.77 -8.16
N GLU D 555 15.24 3.39 -8.49
CA GLU D 555 15.22 4.41 -9.52
C GLU D 555 15.97 5.68 -9.12
N ALA D 556 15.81 6.11 -7.87
CA ALA D 556 16.43 7.34 -7.39
C ALA D 556 17.91 7.13 -7.04
N ASN D 557 18.26 5.89 -6.71
CA ASN D 557 19.62 5.57 -6.30
C ASN D 557 20.59 5.51 -7.48
N VAL D 558 20.15 4.96 -8.61
CA VAL D 558 21.00 4.89 -9.78
C VAL D 558 21.36 6.30 -10.24
N ARG D 559 20.35 7.17 -10.27
CA ARG D 559 20.54 8.57 -10.61
C ARG D 559 21.50 9.26 -9.63
N GLU D 560 21.33 8.99 -8.34
CA GLU D 560 22.18 9.61 -7.32
C GLU D 560 23.65 9.30 -7.58
N ILE D 561 23.92 8.13 -8.15
CA ILE D 561 25.28 7.72 -8.45
C ILE D 561 25.90 8.59 -9.52
N PHE D 562 25.19 8.76 -10.63
CA PHE D 562 25.68 9.56 -11.74
C PHE D 562 25.79 11.03 -11.34
N ASP D 563 24.92 11.47 -10.44
CA ASP D 563 24.99 12.83 -9.93
C ASP D 563 26.32 13.02 -9.22
N LYS D 564 26.64 12.08 -8.34
CA LYS D 564 27.89 12.12 -7.59
C LYS D 564 29.10 12.06 -8.51
N ALA D 565 28.97 11.36 -9.63
CA ALA D 565 30.03 11.26 -10.61
C ALA D 565 30.27 12.62 -11.27
N ARG D 566 29.19 13.35 -11.53
CA ARG D 566 29.29 14.68 -12.09
C ARG D 566 29.96 15.61 -11.09
N GLN D 567 29.55 15.53 -9.84
CA GLN D 567 30.11 16.36 -8.77
C GLN D 567 31.62 16.18 -8.68
N ALA D 568 32.09 14.96 -8.92
CA ALA D 568 33.49 14.62 -8.70
C ALA D 568 34.34 14.67 -9.98
N ALA D 569 33.80 15.27 -11.04
CA ALA D 569 34.53 15.36 -12.31
C ALA D 569 35.82 16.17 -12.12
N PRO D 570 36.93 15.71 -12.72
CA PRO D 570 37.02 14.48 -13.53
C PRO D 570 36.90 13.23 -12.66
N CYS D 571 36.12 12.27 -13.14
CA CYS D 571 35.84 11.07 -12.35
C CYS D 571 35.66 9.86 -13.26
N VAL D 572 36.10 8.71 -12.77
CA VAL D 572 35.88 7.45 -13.47
C VAL D 572 34.90 6.57 -12.70
N LEU D 573 33.76 6.32 -13.32
CA LEU D 573 32.69 5.52 -12.71
C LEU D 573 32.83 4.07 -13.14
N PHE D 574 33.05 3.18 -12.17
CA PHE D 574 33.36 1.79 -12.46
C PHE D 574 32.25 0.83 -11.99
N PHE D 575 31.60 0.18 -12.95
CA PHE D 575 30.62 -0.84 -12.64
C PHE D 575 31.27 -2.22 -12.65
N ASP D 576 31.59 -2.71 -11.45
CA ASP D 576 32.32 -3.96 -11.30
C ASP D 576 31.36 -5.12 -11.11
N GLU D 577 31.87 -6.34 -11.33
CA GLU D 577 31.10 -7.56 -11.10
C GLU D 577 29.74 -7.48 -11.80
N LEU D 578 29.76 -7.15 -13.08
CA LEU D 578 28.53 -7.05 -13.86
C LEU D 578 27.88 -8.41 -14.08
N ASP D 579 28.69 -9.48 -14.06
CA ASP D 579 28.17 -10.81 -14.32
C ASP D 579 27.06 -11.19 -13.34
N SER D 580 27.15 -10.65 -12.12
CA SER D 580 26.15 -10.94 -11.09
C SER D 580 24.77 -10.44 -11.50
N ILE D 581 24.73 -9.31 -12.20
CA ILE D 581 23.46 -8.75 -12.66
C ILE D 581 22.95 -9.52 -13.87
N ALA D 582 23.87 -9.94 -14.73
CA ALA D 582 23.51 -10.72 -15.90
C ALA D 582 22.76 -11.97 -15.48
N LYS D 583 23.33 -12.69 -14.53
CA LYS D 583 22.72 -13.91 -14.00
C LYS D 583 21.33 -13.63 -13.43
N ALA D 584 21.13 -12.42 -12.91
CA ALA D 584 19.89 -12.07 -12.23
C ALA D 584 18.77 -11.66 -13.20
N ARG D 585 19.12 -11.49 -14.48
CA ARG D 585 18.12 -11.11 -15.47
C ARG D 585 17.64 -12.31 -16.27
N GLY D 586 18.55 -13.21 -16.63
CA GLY D 586 18.21 -14.39 -17.39
C GLY D 586 19.33 -15.42 -17.40
N GLY D 593 14.31 -11.62 -13.31
CA GLY D 593 14.52 -10.56 -12.34
C GLY D 593 14.09 -9.21 -12.86
N GLY D 594 12.93 -8.74 -12.41
CA GLY D 594 12.41 -7.45 -12.84
C GLY D 594 13.16 -6.29 -12.24
N ALA D 595 13.87 -6.54 -11.14
CA ALA D 595 14.65 -5.50 -10.48
C ALA D 595 15.95 -5.23 -11.23
N ALA D 596 16.66 -6.30 -11.57
CA ALA D 596 17.91 -6.20 -12.29
C ALA D 596 17.70 -5.55 -13.66
N ASP D 597 16.54 -5.79 -14.26
CA ASP D 597 16.23 -5.21 -15.57
C ASP D 597 16.09 -3.71 -15.48
N ARG D 598 15.31 -3.23 -14.50
CA ARG D 598 15.02 -1.82 -14.38
C ARG D 598 16.33 -1.06 -14.16
N VAL D 599 17.21 -1.63 -13.35
CA VAL D 599 18.48 -1.00 -13.02
C VAL D 599 19.36 -0.78 -14.24
N ILE D 600 19.71 -1.87 -14.92
CA ILE D 600 20.61 -1.79 -16.07
C ILE D 600 20.03 -0.90 -17.16
N ASN D 601 18.74 -1.03 -17.41
CA ASN D 601 18.08 -0.19 -18.41
C ASN D 601 18.17 1.28 -18.03
N GLN D 602 18.17 1.56 -16.73
CA GLN D 602 18.30 2.92 -16.26
C GLN D 602 19.74 3.40 -16.36
N ILE D 603 20.69 2.49 -16.13
CA ILE D 603 22.09 2.82 -16.28
C ILE D 603 22.38 3.18 -17.72
N LEU D 604 21.82 2.40 -18.65
CA LEU D 604 21.96 2.68 -20.07
C LEU D 604 21.43 4.08 -20.38
N THR D 605 20.27 4.40 -19.82
CA THR D 605 19.67 5.72 -20.00
C THR D 605 20.59 6.81 -19.46
N GLU D 606 21.16 6.58 -18.28
CA GLU D 606 22.05 7.55 -17.66
C GLU D 606 23.34 7.72 -18.48
N MET D 607 23.85 6.62 -19.03
CA MET D 607 25.04 6.66 -19.86
C MET D 607 24.83 7.62 -21.03
N ASP D 608 23.67 7.49 -21.69
CA ASP D 608 23.36 8.29 -22.86
C ASP D 608 23.23 9.76 -22.48
N GLY D 609 22.66 10.03 -21.32
CA GLY D 609 22.50 11.39 -20.85
C GLY D 609 23.84 11.98 -20.46
N MET D 610 24.80 11.10 -20.19
CA MET D 610 26.13 11.51 -19.80
C MET D 610 26.86 12.10 -21.00
N SER D 611 27.10 13.40 -20.98
CA SER D 611 27.84 14.06 -22.06
C SER D 611 29.33 13.75 -21.93
N THR D 612 29.95 13.33 -23.03
CA THR D 612 31.36 12.97 -23.04
C THR D 612 32.24 14.15 -22.65
N LYS D 613 31.71 15.37 -22.81
CA LYS D 613 32.48 16.57 -22.57
C LYS D 613 32.65 16.84 -21.07
N LYS D 614 31.91 16.09 -20.25
CA LYS D 614 31.95 16.28 -18.81
C LYS D 614 33.15 15.62 -18.13
N ASN D 615 33.93 14.88 -18.90
CA ASN D 615 35.09 14.19 -18.34
C ASN D 615 34.71 13.16 -17.28
N VAL D 616 33.60 12.46 -17.50
CA VAL D 616 33.21 11.34 -16.67
C VAL D 616 33.40 10.07 -17.49
N PHE D 617 34.28 9.18 -17.03
CA PHE D 617 34.57 7.97 -17.76
C PHE D 617 33.92 6.76 -17.10
N ILE D 618 33.17 6.00 -17.90
CA ILE D 618 32.46 4.83 -17.39
C ILE D 618 33.16 3.55 -17.82
N ILE D 619 33.51 2.73 -16.84
CA ILE D 619 34.13 1.43 -17.12
C ILE D 619 33.29 0.30 -16.53
N GLY D 620 33.15 -0.77 -17.30
CA GLY D 620 32.44 -1.96 -16.84
C GLY D 620 33.37 -3.15 -16.86
N ALA D 621 33.10 -4.13 -16.00
CA ALA D 621 33.90 -5.34 -15.96
C ALA D 621 33.00 -6.55 -15.77
N THR D 622 33.32 -7.63 -16.47
CA THR D 622 32.56 -8.87 -16.34
C THR D 622 33.44 -10.06 -16.66
N ASN D 623 33.22 -11.16 -15.96
CA ASN D 623 33.93 -12.40 -16.24
C ASN D 623 33.15 -13.23 -17.24
N ARG D 624 32.03 -12.70 -17.70
CA ARG D 624 31.11 -13.45 -18.52
C ARG D 624 30.57 -12.64 -19.68
N PRO D 625 31.36 -12.53 -20.76
CA PRO D 625 30.98 -11.80 -21.98
C PRO D 625 29.92 -12.56 -22.78
N ASP D 626 29.59 -13.76 -22.35
CA ASP D 626 28.62 -14.59 -23.05
C ASP D 626 27.18 -14.22 -22.70
N ILE D 627 27.00 -13.56 -21.56
CA ILE D 627 25.65 -13.22 -21.08
C ILE D 627 25.49 -11.72 -20.80
N ILE D 628 26.44 -10.91 -21.24
CA ILE D 628 26.35 -9.47 -21.05
C ILE D 628 25.31 -8.87 -22.00
N ASP D 629 24.56 -7.90 -21.51
CA ASP D 629 23.52 -7.27 -22.31
C ASP D 629 24.14 -6.53 -23.49
N PRO D 630 23.83 -6.96 -24.72
CA PRO D 630 24.38 -6.33 -25.92
C PRO D 630 24.16 -4.82 -25.95
N ALA D 631 23.08 -4.35 -25.34
CA ALA D 631 22.78 -2.93 -25.32
C ALA D 631 23.92 -2.11 -24.74
N ILE D 632 24.63 -2.69 -23.79
CA ILE D 632 25.73 -2.01 -23.12
C ILE D 632 26.90 -1.79 -24.08
N LEU D 633 26.99 -2.64 -25.09
CA LEU D 633 28.12 -2.61 -26.02
C LEU D 633 27.86 -1.73 -27.25
N ARG D 634 26.71 -1.09 -27.29
CA ARG D 634 26.37 -0.24 -28.43
C ARG D 634 27.27 0.97 -28.50
N PRO D 635 27.73 1.33 -29.72
CA PRO D 635 28.50 2.56 -29.93
C PRO D 635 27.89 3.75 -29.21
N GLY D 636 28.71 4.46 -28.45
CA GLY D 636 28.24 5.59 -27.66
C GLY D 636 28.20 5.25 -26.18
N ARG D 637 28.24 3.96 -25.88
CA ARG D 637 28.26 3.50 -24.49
C ARG D 637 29.60 2.85 -24.19
N LEU D 638 29.59 1.61 -23.71
CA LEU D 638 30.84 0.89 -23.46
C LEU D 638 31.27 0.18 -24.73
N ASP D 639 31.76 0.95 -25.70
CA ASP D 639 32.08 0.42 -27.02
C ASP D 639 33.57 0.07 -27.17
N GLN D 640 34.37 0.42 -26.18
CA GLN D 640 35.79 0.05 -26.17
C GLN D 640 35.96 -1.28 -25.45
N LEU D 641 36.06 -2.35 -26.23
CA LEU D 641 36.10 -3.70 -25.66
C LEU D 641 37.55 -4.14 -25.46
N ILE D 642 38.02 -4.04 -24.21
CA ILE D 642 39.37 -4.42 -23.87
C ILE D 642 39.43 -5.81 -23.23
N TYR D 643 40.14 -6.72 -23.87
CA TYR D 643 40.29 -8.09 -23.37
C TYR D 643 41.47 -8.17 -22.41
N ILE D 644 41.26 -8.81 -21.27
CA ILE D 644 42.29 -8.94 -20.25
C ILE D 644 42.49 -10.40 -19.88
N PRO D 645 43.54 -11.02 -20.45
CA PRO D 645 43.79 -12.47 -20.33
C PRO D 645 44.63 -12.83 -19.11
N LEU D 646 44.87 -14.12 -18.95
CA LEU D 646 45.78 -14.61 -17.92
C LEU D 646 47.17 -14.05 -18.19
N PRO D 647 47.95 -13.82 -17.13
CA PRO D 647 49.30 -13.26 -17.30
C PRO D 647 50.26 -14.27 -17.91
N ASP D 648 51.05 -13.83 -18.89
CA ASP D 648 52.06 -14.70 -19.49
C ASP D 648 53.21 -14.86 -18.51
N GLU D 649 54.19 -15.68 -18.87
CA GLU D 649 55.31 -15.98 -17.98
C GLU D 649 55.91 -14.72 -17.38
N LYS D 650 56.24 -13.78 -18.24
CA LYS D 650 56.91 -12.56 -17.82
C LYS D 650 56.07 -11.77 -16.82
N SER D 651 54.76 -11.70 -17.10
CA SER D 651 53.85 -10.95 -16.24
C SER D 651 53.72 -11.58 -14.86
N ARG D 652 53.68 -12.92 -14.82
CA ARG D 652 53.52 -13.63 -13.55
C ARG D 652 54.64 -13.26 -12.58
N VAL D 653 55.85 -13.09 -13.11
CA VAL D 653 56.99 -12.70 -12.29
C VAL D 653 56.75 -11.32 -11.70
N ALA D 654 56.24 -10.40 -12.52
CA ALA D 654 55.98 -9.04 -12.07
C ALA D 654 54.96 -9.02 -10.95
N ILE D 655 53.92 -9.84 -11.09
CA ILE D 655 52.85 -9.92 -10.10
C ILE D 655 53.39 -10.45 -8.78
N LEU D 656 54.17 -11.52 -8.85
CA LEU D 656 54.74 -12.13 -7.66
C LEU D 656 55.59 -11.12 -6.88
N LYS D 657 56.39 -10.33 -7.59
CA LYS D 657 57.16 -9.27 -6.93
C LYS D 657 56.24 -8.28 -6.22
N ALA D 658 55.19 -7.86 -6.93
CA ALA D 658 54.29 -6.84 -6.40
C ALA D 658 53.72 -7.24 -5.04
N ASN D 659 53.25 -8.48 -4.94
CA ASN D 659 52.64 -8.95 -3.71
C ASN D 659 53.67 -9.12 -2.59
N LEU D 660 54.89 -9.47 -2.95
CA LEU D 660 55.93 -9.76 -1.97
C LEU D 660 56.78 -8.53 -1.64
N ARG D 661 56.39 -7.36 -2.15
CA ARG D 661 57.12 -6.13 -1.90
C ARG D 661 57.16 -5.82 -0.41
N LYS D 662 56.02 -5.97 0.24
CA LYS D 662 55.85 -5.56 1.63
C LYS D 662 56.39 -6.62 2.59
N SER D 663 56.64 -7.83 2.08
CA SER D 663 56.99 -8.96 2.93
C SER D 663 58.49 -9.27 2.90
N PRO D 664 59.01 -9.79 4.02
CA PRO D 664 60.41 -10.18 4.14
C PRO D 664 60.67 -11.55 3.51
N VAL D 665 61.22 -11.57 2.31
CA VAL D 665 61.47 -12.81 1.59
C VAL D 665 62.94 -13.23 1.67
N ALA D 666 63.17 -14.54 1.77
CA ALA D 666 64.51 -15.09 1.80
C ALA D 666 65.15 -15.01 0.42
N LYS D 667 66.47 -14.97 0.38
CA LYS D 667 67.20 -14.81 -0.87
C LYS D 667 67.11 -16.05 -1.75
N ASP D 668 66.81 -17.19 -1.14
CA ASP D 668 66.78 -18.46 -1.86
C ASP D 668 65.56 -18.60 -2.78
N VAL D 669 64.50 -17.84 -2.52
CA VAL D 669 63.26 -17.96 -3.28
C VAL D 669 63.41 -17.46 -4.72
N ASP D 670 63.21 -18.36 -5.68
CA ASP D 670 63.33 -18.01 -7.09
C ASP D 670 61.96 -17.83 -7.76
N LEU D 671 61.64 -16.58 -8.12
CA LEU D 671 60.34 -16.24 -8.71
C LEU D 671 60.27 -16.47 -10.22
N GLU D 672 61.41 -16.47 -10.90
CA GLU D 672 61.41 -16.72 -12.33
C GLU D 672 60.99 -18.17 -12.59
N PHE D 673 61.43 -19.07 -11.72
CA PHE D 673 61.07 -20.47 -11.81
C PHE D 673 59.63 -20.68 -11.37
N LEU D 674 59.25 -19.97 -10.31
CA LEU D 674 57.87 -20.02 -9.80
C LEU D 674 56.88 -19.66 -10.89
N ALA D 675 57.22 -18.64 -11.66
CA ALA D 675 56.38 -18.18 -12.75
C ALA D 675 56.32 -19.25 -13.84
N LYS D 676 57.44 -19.90 -14.09
CA LYS D 676 57.54 -20.91 -15.14
C LYS D 676 56.64 -22.10 -14.83
N MET D 677 56.45 -22.39 -13.55
CA MET D 677 55.68 -23.55 -13.13
C MET D 677 54.18 -23.25 -13.07
N THR D 678 53.85 -21.96 -13.01
CA THR D 678 52.46 -21.54 -12.83
C THR D 678 51.86 -20.97 -14.11
N ASN D 679 52.17 -21.58 -15.25
CA ASN D 679 51.58 -21.15 -16.51
C ASN D 679 50.13 -21.58 -16.55
N GLY D 680 49.24 -20.60 -16.64
CA GLY D 680 47.81 -20.87 -16.63
C GLY D 680 47.14 -20.34 -15.38
N PHE D 681 47.93 -19.95 -14.40
CA PHE D 681 47.41 -19.40 -13.16
C PHE D 681 47.07 -17.92 -13.34
N SER D 682 46.01 -17.47 -12.66
CA SER D 682 45.59 -16.08 -12.75
C SER D 682 46.37 -15.24 -11.75
N GLY D 683 46.15 -13.92 -11.79
CA GLY D 683 46.79 -13.01 -10.87
C GLY D 683 46.38 -13.27 -9.44
N ALA D 684 45.10 -13.57 -9.23
CA ALA D 684 44.59 -13.85 -7.89
C ALA D 684 45.13 -15.16 -7.36
N ASP D 685 45.33 -16.12 -8.25
CA ASP D 685 45.88 -17.42 -7.87
C ASP D 685 47.28 -17.25 -7.29
N LEU D 686 48.09 -16.41 -7.93
CA LEU D 686 49.45 -16.19 -7.47
C LEU D 686 49.44 -15.53 -6.10
N THR D 687 48.55 -14.56 -5.93
CA THR D 687 48.43 -13.87 -4.64
C THR D 687 48.04 -14.86 -3.55
N GLU D 688 47.21 -15.84 -3.91
CA GLU D 688 46.78 -16.84 -2.94
C GLU D 688 47.92 -17.78 -2.60
N ILE D 689 48.77 -18.05 -3.58
CA ILE D 689 49.95 -18.87 -3.37
C ILE D 689 50.90 -18.17 -2.39
N CYS D 690 51.07 -16.87 -2.58
CA CYS D 690 51.89 -16.08 -1.67
C CYS D 690 51.31 -16.12 -0.26
N GLN D 691 49.99 -16.01 -0.16
CA GLN D 691 49.34 -16.03 1.14
C GLN D 691 49.48 -17.38 1.84
N ARG D 692 49.33 -18.45 1.07
CA ARG D 692 49.42 -19.80 1.62
C ARG D 692 50.86 -20.08 2.05
N ALA D 693 51.81 -19.61 1.24
CA ALA D 693 53.22 -19.76 1.54
C ALA D 693 53.60 -18.87 2.73
N CYS D 694 52.92 -17.74 2.83
CA CYS D 694 53.15 -16.80 3.92
C CYS D 694 52.61 -17.37 5.22
N LYS D 695 51.48 -18.07 5.13
CA LYS D 695 50.86 -18.69 6.29
C LYS D 695 51.73 -19.79 6.88
N LEU D 696 52.45 -20.52 6.02
CA LEU D 696 53.35 -21.57 6.49
C LEU D 696 54.52 -20.95 7.26
N ALA D 697 55.06 -19.86 6.74
CA ALA D 697 56.17 -19.18 7.39
C ALA D 697 55.74 -18.65 8.75
N ILE D 698 54.50 -18.18 8.82
CA ILE D 698 53.95 -17.65 10.06
C ILE D 698 53.79 -18.75 11.09
N ARG D 699 53.30 -19.90 10.65
CA ARG D 699 53.05 -21.03 11.53
C ARG D 699 54.34 -21.38 12.25
N GLU D 700 55.42 -21.46 11.48
CA GLU D 700 56.74 -21.85 12.00
C GLU D 700 57.32 -20.80 12.94
N SER D 701 56.95 -19.54 12.72
CA SER D 701 57.42 -18.45 13.57
C SER D 701 56.83 -18.59 14.97
N ILE D 702 55.60 -19.08 15.03
CA ILE D 702 54.89 -19.22 16.29
C ILE D 702 55.37 -20.43 17.07
N GLU D 703 55.37 -21.61 16.43
CA GLU D 703 55.78 -22.84 17.09
C GLU D 703 57.22 -22.72 17.60
N SER D 704 58.11 -22.24 16.74
CA SER D 704 59.50 -22.02 17.11
C SER D 704 59.77 -20.52 17.03
N GLU D 705 60.14 -19.93 18.15
CA GLU D 705 60.24 -18.48 18.27
C GLU D 705 61.33 -17.84 17.40
N ILE D 706 61.02 -17.58 16.13
CA ILE D 706 61.98 -16.90 15.26
C ILE D 706 61.35 -15.72 14.50
N ARG D 707 62.17 -14.75 14.14
CA ARG D 707 61.75 -13.71 13.19
C ARG D 707 61.38 -14.45 11.92
N PRO D 708 60.22 -14.24 11.43
CA PRO D 708 59.89 -15.06 10.26
C PRO D 708 60.57 -14.62 8.97
N GLU D 709 60.88 -15.61 8.14
CA GLU D 709 61.36 -15.37 6.79
C GLU D 709 60.56 -16.34 5.94
N ILE D 710 60.27 -15.96 4.72
CA ILE D 710 59.56 -16.87 3.82
C ILE D 710 60.57 -17.41 2.82
N ARG D 711 60.81 -18.71 2.87
CA ARG D 711 61.88 -19.32 2.09
C ARG D 711 61.35 -20.30 1.05
N ARG D 712 62.26 -20.93 0.32
CA ARG D 712 61.89 -21.84 -0.75
C ARG D 712 60.94 -22.94 -0.26
N ASP D 713 61.22 -23.51 0.91
CA ASP D 713 60.46 -24.65 1.41
C ASP D 713 58.98 -24.32 1.56
N HIS D 714 58.69 -23.08 1.94
CA HIS D 714 57.30 -22.64 2.12
C HIS D 714 56.54 -22.55 0.80
N PHE D 715 57.19 -22.00 -0.23
CA PHE D 715 56.58 -21.89 -1.54
C PHE D 715 56.36 -23.27 -2.16
N GLU D 716 57.32 -24.18 -1.97
CA GLU D 716 57.21 -25.52 -2.51
C GLU D 716 56.04 -26.27 -1.91
N GLU D 717 55.81 -26.05 -0.62
CA GLU D 717 54.77 -26.76 0.10
C GLU D 717 53.41 -26.20 -0.32
N ALA D 718 53.35 -24.87 -0.42
CA ALA D 718 52.14 -24.19 -0.88
C ALA D 718 51.82 -24.54 -2.33
N MET D 719 52.86 -24.73 -3.13
CA MET D 719 52.68 -25.02 -4.55
C MET D 719 52.14 -26.42 -4.77
N ARG D 720 52.46 -27.34 -3.86
CA ARG D 720 52.05 -28.73 -3.99
C ARG D 720 50.53 -28.84 -3.86
N PHE D 721 49.93 -27.89 -3.14
CA PHE D 721 48.50 -27.85 -2.94
C PHE D 721 47.83 -26.80 -3.82
N ALA D 722 48.64 -26.03 -4.55
CA ALA D 722 48.13 -24.95 -5.40
C ALA D 722 47.22 -25.49 -6.49
N ARG D 723 46.17 -24.74 -6.81
CA ARG D 723 45.20 -25.16 -7.80
C ARG D 723 44.90 -24.02 -8.78
N ARG D 724 44.52 -24.36 -10.00
CA ARG D 724 44.26 -23.35 -11.03
C ARG D 724 42.77 -23.01 -11.10
N SER D 725 42.48 -21.71 -11.18
CA SER D 725 41.09 -21.24 -11.17
C SER D 725 40.46 -21.18 -12.55
N VAL D 726 41.27 -21.11 -13.60
CA VAL D 726 40.76 -21.03 -14.96
C VAL D 726 41.19 -22.27 -15.75
N SER D 727 40.20 -23.08 -16.13
CA SER D 727 40.47 -24.31 -16.85
C SER D 727 40.86 -24.06 -18.30
N ASP D 728 41.28 -25.12 -18.97
CA ASP D 728 41.66 -25.03 -20.38
C ASP D 728 40.42 -24.73 -21.21
N ASN D 729 39.33 -25.42 -20.89
CA ASN D 729 38.07 -25.19 -21.56
C ASN D 729 37.66 -23.72 -21.49
N ASP D 730 37.84 -23.14 -20.30
CA ASP D 730 37.51 -21.74 -20.09
C ASP D 730 38.35 -20.84 -21.00
N ILE D 731 39.65 -21.10 -21.05
CA ILE D 731 40.57 -20.30 -21.85
C ILE D 731 40.11 -20.28 -23.31
N ARG D 732 39.84 -21.45 -23.87
CA ARG D 732 39.39 -21.55 -25.26
C ARG D 732 38.21 -20.63 -25.52
N LYS D 733 37.27 -20.61 -24.59
CA LYS D 733 36.07 -19.81 -24.73
C LYS D 733 36.39 -18.32 -24.65
N TYR D 734 37.17 -17.92 -23.65
CA TYR D 734 37.57 -16.52 -23.50
C TYR D 734 38.31 -16.00 -24.72
N GLU D 735 39.14 -16.85 -25.32
CA GLU D 735 39.89 -16.45 -26.49
C GLU D 735 38.97 -16.21 -27.67
N MET D 736 37.89 -16.99 -27.75
CA MET D 736 36.93 -16.88 -28.83
C MET D 736 36.15 -15.57 -28.72
N PHE D 737 35.72 -15.23 -27.51
CA PHE D 737 34.97 -13.99 -27.28
C PHE D 737 35.84 -12.76 -27.53
N ALA D 738 37.14 -12.92 -27.42
CA ALA D 738 38.06 -11.81 -27.64
C ALA D 738 38.02 -11.35 -29.10
N GLN D 739 37.48 -12.20 -29.97
CA GLN D 739 37.42 -11.89 -31.39
C GLN D 739 36.00 -11.69 -31.90
N THR D 740 35.00 -11.96 -31.05
CA THR D 740 33.61 -11.96 -31.51
C THR D 740 32.64 -11.33 -30.52
N LEU D 741 33.14 -10.55 -29.58
CA LEU D 741 32.30 -9.92 -28.58
C LEU D 741 31.48 -8.78 -29.18
N GLN D 742 32.05 -8.09 -30.16
CA GLN D 742 31.35 -7.01 -30.85
C GLN D 742 30.22 -7.49 -31.74
N GLN D 743 30.16 -8.79 -31.99
CA GLN D 743 29.15 -9.35 -32.87
C GLN D 743 27.89 -9.79 -32.11
N SER D 744 27.83 -9.50 -30.81
CA SER D 744 26.75 -10.03 -29.98
C SER D 744 25.51 -9.13 -30.04
N ARG D 745 25.61 -8.04 -30.80
CA ARG D 745 24.51 -7.09 -30.89
C ARG D 745 23.52 -7.48 -31.98
N GLY D 746 23.87 -8.49 -32.77
CA GLY D 746 22.98 -9.00 -33.81
C GLY D 746 22.26 -10.23 -33.31
N PHE D 747 22.49 -11.38 -33.96
CA PHE D 747 21.93 -12.65 -33.51
C PHE D 747 22.94 -13.44 -32.71
N GLY D 748 22.48 -14.03 -31.62
CA GLY D 748 23.33 -14.75 -30.69
C GLY D 748 24.11 -15.89 -31.31
N SER D 749 25.22 -16.23 -30.66
CA SER D 749 26.08 -17.31 -31.13
C SER D 749 25.78 -18.59 -30.33
N ASN E 20 52.04 10.79 46.53
CA ASN E 20 51.17 11.18 47.64
C ASN E 20 51.31 10.26 48.84
N ARG E 21 50.63 10.61 49.92
CA ARG E 21 50.68 9.82 51.15
C ARG E 21 50.04 8.45 50.96
N PRO E 22 50.60 7.41 51.61
CA PRO E 22 50.14 6.03 51.40
C PRO E 22 48.76 5.73 51.95
N ASN E 23 48.39 6.34 53.08
CA ASN E 23 47.14 6.04 53.75
C ASN E 23 45.90 6.40 52.92
N ARG E 24 46.03 7.43 52.09
CA ARG E 24 44.94 7.86 51.22
C ARG E 24 44.75 6.80 50.13
N LEU E 25 43.52 6.35 49.94
CA LEU E 25 43.21 5.32 48.94
C LEU E 25 41.87 5.54 48.27
N ILE E 26 41.71 4.95 47.09
CA ILE E 26 40.52 5.12 46.27
C ILE E 26 39.52 3.98 46.47
N VAL E 27 38.24 4.31 46.63
CA VAL E 27 37.21 3.30 46.86
C VAL E 27 36.90 2.54 45.58
N ASP E 28 36.69 1.22 45.72
CA ASP E 28 36.47 0.37 44.57
C ASP E 28 35.43 -0.72 44.87
N GLU E 29 35.01 -1.43 43.82
CA GLU E 29 34.07 -2.53 43.96
C GLU E 29 34.55 -3.55 44.98
N ALA E 30 33.62 -4.31 45.55
CA ALA E 30 33.96 -5.35 46.51
C ALA E 30 33.78 -6.72 45.88
N ILE E 31 34.66 -7.65 46.25
CA ILE E 31 34.53 -9.04 45.81
C ILE E 31 34.09 -9.90 47.00
N ASN E 32 34.69 -9.64 48.16
CA ASN E 32 34.32 -10.32 49.37
C ASN E 32 32.99 -9.78 49.88
N GLU E 33 31.96 -10.62 49.86
CA GLU E 33 30.60 -10.20 50.22
C GLU E 33 30.44 -9.82 51.69
N ASP E 34 31.45 -10.13 52.50
CA ASP E 34 31.39 -9.82 53.93
C ASP E 34 31.34 -8.32 54.22
N ASN E 35 30.48 -7.94 55.15
CA ASN E 35 30.27 -6.54 55.49
C ASN E 35 31.49 -5.90 56.15
N SER E 36 32.09 -6.60 57.11
CA SER E 36 33.18 -6.03 57.90
C SER E 36 34.55 -6.24 57.28
N VAL E 37 34.58 -6.46 55.97
CA VAL E 37 35.85 -6.73 55.29
C VAL E 37 36.19 -5.70 54.23
N VAL E 38 37.42 -5.20 54.28
CA VAL E 38 37.97 -4.37 53.22
C VAL E 38 39.27 -5.00 52.75
N SER E 39 39.59 -4.84 51.47
CA SER E 39 40.75 -5.51 50.90
C SER E 39 41.73 -4.53 50.26
N LEU E 40 43.02 -4.85 50.39
CA LEU E 40 44.08 -4.08 49.75
C LEU E 40 44.94 -5.08 48.98
N SER E 41 45.91 -4.57 48.22
CA SER E 41 46.87 -5.43 47.54
C SER E 41 47.99 -5.82 48.51
N GLN E 42 48.48 -7.05 48.41
CA GLN E 42 49.54 -7.51 49.29
C GLN E 42 50.74 -6.56 49.27
N PRO E 43 51.16 -6.13 48.08
CA PRO E 43 52.27 -5.19 48.00
C PRO E 43 51.98 -3.89 48.75
N LYS E 44 50.70 -3.52 48.83
CA LYS E 44 50.30 -2.33 49.59
C LYS E 44 50.21 -2.64 51.08
N MET E 45 49.83 -3.88 51.40
CA MET E 45 49.75 -4.30 52.79
C MET E 45 51.13 -4.32 53.43
N ASP E 46 52.14 -4.67 52.64
CA ASP E 46 53.50 -4.69 53.14
C ASP E 46 54.00 -3.26 53.30
N GLU E 47 53.52 -2.38 52.43
CA GLU E 47 53.85 -0.97 52.51
C GLU E 47 53.25 -0.33 53.75
N LEU E 48 51.97 -0.62 53.97
CA LEU E 48 51.25 -0.06 55.12
C LEU E 48 51.55 -0.83 56.41
N GLN E 49 52.23 -1.97 56.29
CA GLN E 49 52.62 -2.78 57.45
C GLN E 49 51.41 -3.37 58.19
N LEU E 50 50.51 -4.00 57.44
CA LEU E 50 49.36 -4.66 58.05
C LEU E 50 49.31 -6.14 57.69
N PHE E 51 48.53 -6.90 58.47
CA PHE E 51 48.34 -8.32 58.21
C PHE E 51 46.86 -8.63 58.03
N ARG E 52 46.55 -9.88 57.74
CA ARG E 52 45.18 -10.29 57.41
C ARG E 52 44.18 -10.03 58.54
N GLY E 53 44.61 -10.23 59.78
CA GLY E 53 43.72 -10.11 60.92
C GLY E 53 43.44 -8.68 61.38
N ASP E 54 44.31 -7.76 61.01
CA ASP E 54 44.27 -6.41 61.58
C ASP E 54 42.92 -5.73 61.46
N THR E 55 42.64 -4.88 62.45
CA THR E 55 41.43 -4.05 62.46
C THR E 55 41.83 -2.62 62.13
N VAL E 56 41.26 -2.08 61.06
CA VAL E 56 41.62 -0.76 60.57
C VAL E 56 40.52 0.27 60.78
N LEU E 57 40.92 1.52 60.98
CA LEU E 57 39.97 2.62 61.08
C LEU E 57 39.93 3.36 59.76
N LEU E 58 38.74 3.46 59.17
CA LEU E 58 38.58 4.12 57.88
C LEU E 58 37.89 5.47 58.06
N LYS E 59 38.54 6.52 57.55
CA LYS E 59 37.99 7.86 57.63
C LYS E 59 37.51 8.34 56.26
N GLY E 60 36.21 8.58 56.15
CA GLY E 60 35.61 9.04 54.91
C GLY E 60 35.28 10.52 54.95
N LYS E 61 34.28 10.91 54.19
CA LYS E 61 33.83 12.29 54.16
C LYS E 61 32.76 12.55 55.21
N LYS E 62 32.43 13.82 55.40
CA LYS E 62 31.42 14.23 56.38
C LYS E 62 31.86 13.89 57.81
N ARG E 63 33.17 13.84 58.02
CA ARG E 63 33.73 13.60 59.35
C ARG E 63 33.14 12.35 60.00
N ARG E 64 32.96 11.29 59.21
CA ARG E 64 32.45 10.03 59.74
C ARG E 64 33.54 8.97 59.69
N GLU E 65 33.38 7.91 60.49
CA GLU E 65 34.36 6.86 60.59
C GLU E 65 33.72 5.48 60.56
N ALA E 66 34.49 4.49 60.16
CA ALA E 66 34.06 3.09 60.19
C ALA E 66 35.26 2.20 60.50
N VAL E 67 35.02 1.11 61.23
CA VAL E 67 36.09 0.18 61.58
C VAL E 67 35.82 -1.15 60.89
N CYS E 68 36.89 -1.77 60.38
CA CYS E 68 36.75 -2.98 59.58
C CYS E 68 37.97 -3.91 59.67
N ILE E 69 37.78 -5.14 59.22
CA ILE E 69 38.87 -6.09 59.07
C ILE E 69 39.52 -5.90 57.70
N VAL E 70 40.84 -5.98 57.63
CA VAL E 70 41.54 -5.82 56.36
C VAL E 70 41.97 -7.18 55.82
N LEU E 71 41.96 -7.34 54.50
CA LEU E 71 42.36 -8.60 53.88
C LEU E 71 43.12 -8.35 52.58
N SER E 72 43.73 -9.40 52.04
CA SER E 72 44.51 -9.30 50.82
C SER E 72 43.67 -9.65 49.60
N ASP E 73 44.05 -9.07 48.46
CA ASP E 73 43.36 -9.33 47.20
C ASP E 73 44.31 -9.08 46.02
N ASP E 74 44.64 -10.15 45.30
CA ASP E 74 45.58 -10.07 44.19
C ASP E 74 45.04 -9.22 43.05
N THR E 75 43.72 -9.22 42.87
CA THR E 75 43.10 -8.46 41.79
C THR E 75 43.04 -6.96 42.11
N CYS E 76 42.97 -6.64 43.40
CA CYS E 76 42.89 -5.25 43.84
C CYS E 76 44.16 -4.49 43.47
N SER E 77 43.99 -3.33 42.86
CA SER E 77 45.12 -2.48 42.52
C SER E 77 45.63 -1.76 43.76
N ASP E 78 46.94 -1.55 43.82
CA ASP E 78 47.57 -1.00 45.02
C ASP E 78 47.07 0.39 45.41
N GLU E 79 46.50 1.11 44.45
CA GLU E 79 46.02 2.46 44.71
C GLU E 79 44.59 2.46 45.23
N LYS E 80 43.97 1.28 45.31
CA LYS E 80 42.55 1.20 45.66
C LYS E 80 42.28 0.29 46.85
N ILE E 81 41.07 0.40 47.38
CA ILE E 81 40.63 -0.44 48.50
C ILE E 81 39.22 -0.94 48.23
N ARG E 82 39.03 -2.25 48.29
CA ARG E 82 37.72 -2.84 48.07
C ARG E 82 36.92 -2.84 49.37
N MET E 83 35.73 -2.27 49.33
CA MET E 83 34.85 -2.25 50.49
C MET E 83 33.40 -2.47 50.07
N ASN E 84 32.66 -3.21 50.88
CA ASN E 84 31.26 -3.52 50.60
C ASN E 84 30.45 -2.23 50.46
N ARG E 85 29.21 -2.35 49.98
CA ARG E 85 28.35 -1.18 49.82
C ARG E 85 27.90 -0.68 51.19
N VAL E 86 27.93 -1.57 52.18
CA VAL E 86 27.55 -1.21 53.54
C VAL E 86 28.56 -0.25 54.14
N VAL E 87 29.84 -0.58 53.96
CA VAL E 87 30.93 0.23 54.49
C VAL E 87 30.91 1.63 53.88
N ARG E 88 30.73 1.68 52.56
CA ARG E 88 30.65 2.95 51.84
C ARG E 88 29.60 3.87 52.45
N ASN E 89 28.44 3.30 52.77
CA ASN E 89 27.35 4.09 53.31
C ASN E 89 27.67 4.63 54.71
N ASN E 90 28.27 3.79 55.55
CA ASN E 90 28.68 4.20 56.88
C ASN E 90 29.73 5.31 56.82
N LEU E 91 30.46 5.36 55.71
CA LEU E 91 31.48 6.39 55.52
C LEU E 91 30.96 7.61 54.76
N ARG E 92 29.75 7.51 54.22
CA ARG E 92 29.20 8.56 53.37
C ARG E 92 30.14 8.79 52.19
N VAL E 93 30.49 7.69 51.51
CA VAL E 93 31.44 7.71 50.41
C VAL E 93 30.87 6.90 49.25
N ARG E 94 31.41 7.11 48.06
CA ARG E 94 31.00 6.33 46.89
C ARG E 94 32.22 5.87 46.10
N LEU E 95 31.98 5.10 45.04
CA LEU E 95 33.07 4.53 44.25
C LEU E 95 33.86 5.63 43.56
N GLY E 96 35.18 5.59 43.71
CA GLY E 96 36.06 6.56 43.09
C GLY E 96 36.51 7.62 44.07
N ASP E 97 35.79 7.74 45.19
CA ASP E 97 36.14 8.69 46.22
C ASP E 97 37.43 8.28 46.93
N VAL E 98 37.95 9.18 47.75
CA VAL E 98 39.18 8.90 48.50
C VAL E 98 38.90 8.79 49.99
N ILE E 99 39.62 7.85 50.63
CA ILE E 99 39.49 7.63 52.06
C ILE E 99 40.88 7.33 52.66
N SER E 100 41.05 7.65 53.92
CA SER E 100 42.31 7.38 54.61
C SER E 100 42.16 6.17 55.52
N ILE E 101 43.12 5.26 55.46
CA ILE E 101 43.08 4.05 56.28
C ILE E 101 44.25 4.03 57.27
N GLN E 102 43.95 3.66 58.51
CA GLN E 102 44.94 3.59 59.57
C GLN E 102 44.62 2.49 60.57
N PRO E 103 45.65 1.91 61.19
CA PRO E 103 45.46 0.83 62.16
C PRO E 103 44.68 1.30 63.39
N CYS E 104 44.02 0.36 64.06
CA CYS E 104 43.19 0.62 65.23
C CYS E 104 43.77 -0.01 66.49
N PRO E 105 44.59 0.75 67.23
CA PRO E 105 45.18 0.24 68.47
C PRO E 105 44.23 0.27 69.68
N ASP E 106 43.17 1.05 69.60
CA ASP E 106 42.24 1.21 70.73
C ASP E 106 41.25 0.05 70.83
N VAL E 107 41.29 -0.87 69.86
CA VAL E 107 40.30 -1.93 69.80
C VAL E 107 40.35 -2.89 70.99
N LYS E 108 39.21 -2.98 71.66
CA LYS E 108 39.00 -3.94 72.73
C LYS E 108 37.69 -4.71 72.54
N TYR E 109 37.58 -5.85 73.18
CA TYR E 109 36.37 -6.65 73.11
C TYR E 109 35.24 -5.86 73.74
N GLY E 110 34.01 -6.15 73.32
CA GLY E 110 32.86 -5.39 73.78
C GLY E 110 32.34 -5.95 75.08
N LYS E 111 31.63 -5.12 75.83
CA LYS E 111 31.03 -5.57 77.08
C LYS E 111 29.57 -5.88 76.76
N ARG E 112 28.91 -4.83 76.28
CA ARG E 112 27.50 -4.89 75.91
C ARG E 112 27.31 -4.04 74.66
N ILE E 113 26.44 -4.50 73.76
CA ILE E 113 26.16 -3.77 72.53
C ILE E 113 24.66 -3.59 72.36
N HIS E 114 24.26 -2.44 71.83
CA HIS E 114 22.86 -2.11 71.66
C HIS E 114 22.55 -1.78 70.20
N VAL E 115 21.90 -2.71 69.51
CA VAL E 115 21.51 -2.50 68.13
C VAL E 115 19.99 -2.51 67.99
N LEU E 116 19.47 -1.59 67.18
CA LEU E 116 18.04 -1.50 66.93
C LEU E 116 17.75 -1.65 65.44
N PRO E 117 16.71 -2.40 65.10
CA PRO E 117 16.30 -2.58 63.70
C PRO E 117 15.67 -1.32 63.14
N ILE E 118 15.66 -1.20 61.81
CA ILE E 118 15.03 -0.06 61.15
C ILE E 118 13.62 -0.44 60.69
N ASP E 119 12.66 0.42 61.02
CA ASP E 119 11.24 0.13 60.87
C ASP E 119 10.82 -0.57 59.57
N ASP E 120 11.12 0.05 58.42
CA ASP E 120 10.62 -0.46 57.15
C ASP E 120 11.18 -1.84 56.77
N THR E 121 12.16 -2.31 57.53
CA THR E 121 12.76 -3.62 57.25
C THR E 121 12.28 -4.69 58.22
N VAL E 122 11.34 -4.33 59.09
CA VAL E 122 10.82 -5.27 60.08
C VAL E 122 9.31 -5.16 60.30
N GLU E 123 8.65 -4.22 59.62
CA GLU E 123 7.23 -3.98 59.85
C GLU E 123 6.35 -5.16 59.44
N GLY E 124 6.89 -6.08 58.66
CA GLY E 124 6.16 -7.26 58.24
C GLY E 124 6.45 -8.48 59.09
N ILE E 125 7.56 -8.44 59.82
CA ILE E 125 8.04 -9.59 60.59
C ILE E 125 7.88 -9.41 62.09
N THR E 126 7.57 -10.50 62.77
CA THR E 126 7.48 -10.52 64.23
C THR E 126 8.31 -11.69 64.77
N GLY E 127 8.58 -11.67 66.08
CA GLY E 127 9.28 -12.77 66.70
C GLY E 127 10.68 -12.40 67.15
N ASN E 128 11.52 -13.42 67.33
CA ASN E 128 12.91 -13.19 67.73
C ASN E 128 13.83 -12.88 66.56
N LEU E 129 13.85 -11.62 66.15
CA LEU E 129 14.73 -11.20 65.06
C LEU E 129 16.19 -11.25 65.51
N PHE E 130 16.42 -11.17 66.82
CA PHE E 130 17.78 -11.13 67.34
C PHE E 130 18.46 -12.50 67.29
N GLU E 131 17.70 -13.57 67.49
CA GLU E 131 18.27 -14.90 67.47
C GLU E 131 18.38 -15.40 66.03
N VAL E 132 17.53 -14.87 65.15
CA VAL E 132 17.48 -15.30 63.76
C VAL E 132 18.52 -14.59 62.90
N TYR E 133 18.72 -13.30 63.17
CA TYR E 133 19.63 -12.49 62.36
C TYR E 133 20.97 -12.23 63.06
N LEU E 134 20.90 -11.57 64.22
CA LEU E 134 22.11 -11.15 64.92
C LEU E 134 22.96 -12.31 65.42
N LYS E 135 22.30 -13.42 65.79
CA LYS E 135 23.01 -14.56 66.37
C LYS E 135 24.04 -15.15 65.39
N PRO E 136 23.59 -15.64 64.23
CA PRO E 136 24.53 -16.22 63.27
C PRO E 136 25.43 -15.19 62.61
N TYR E 137 25.01 -13.92 62.63
CA TYR E 137 25.76 -12.85 62.00
C TYR E 137 27.06 -12.54 62.75
N PHE E 138 27.01 -12.54 64.07
CA PHE E 138 28.18 -12.19 64.87
C PHE E 138 28.99 -13.40 65.32
N LEU E 139 28.38 -14.59 65.26
CA LEU E 139 29.04 -15.81 65.74
C LEU E 139 30.33 -16.09 64.98
N GLU E 140 31.42 -16.25 65.73
CA GLU E 140 32.73 -16.58 65.17
C GLU E 140 33.15 -15.52 64.16
N ALA E 141 32.61 -14.31 64.31
CA ALA E 141 32.87 -13.24 63.35
C ALA E 141 33.90 -12.25 63.87
N TYR E 142 33.88 -11.99 65.16
CA TYR E 142 34.75 -10.97 65.74
C TYR E 142 34.66 -9.70 64.91
N ARG E 143 33.44 -9.24 64.65
CA ARG E 143 33.23 -8.08 63.81
C ARG E 143 33.56 -6.80 64.56
N PRO E 144 34.42 -5.96 63.97
CA PRO E 144 34.62 -4.63 64.54
C PRO E 144 33.46 -3.72 64.12
N ILE E 145 32.75 -3.16 65.08
CA ILE E 145 31.62 -2.30 64.78
C ILE E 145 31.79 -0.93 65.44
N ARG E 146 30.99 0.03 65.02
CA ARG E 146 31.10 1.40 65.52
C ARG E 146 29.73 1.95 65.86
N LYS E 147 29.69 2.93 66.77
CA LYS E 147 28.44 3.59 67.12
C LYS E 147 27.95 4.41 65.94
N GLY E 148 26.72 4.14 65.50
CA GLY E 148 26.13 4.85 64.39
C GLY E 148 26.13 4.04 63.10
N ASP E 149 26.91 2.98 63.06
CA ASP E 149 27.00 2.13 61.88
C ASP E 149 25.68 1.44 61.57
N ILE E 150 25.42 1.24 60.28
CA ILE E 150 24.25 0.48 59.84
C ILE E 150 24.70 -0.75 59.08
N PHE E 151 24.36 -1.94 59.58
CA PHE E 151 24.73 -3.18 58.92
C PHE E 151 23.51 -3.96 58.45
N LEU E 152 23.73 -4.91 57.55
CA LEU E 152 22.65 -5.65 56.91
C LEU E 152 22.79 -7.15 57.12
N VAL E 153 21.69 -7.80 57.50
CA VAL E 153 21.67 -9.24 57.69
C VAL E 153 20.50 -9.85 56.91
N ARG E 154 20.79 -10.82 56.05
CA ARG E 154 19.76 -11.44 55.22
C ARG E 154 19.40 -12.84 55.71
N GLY E 155 18.12 -13.18 55.62
CA GLY E 155 17.63 -14.46 56.05
C GLY E 155 16.11 -14.50 56.03
N GLY E 156 15.55 -15.69 55.89
CA GLY E 156 14.11 -15.84 55.83
C GLY E 156 13.52 -15.07 54.67
N MET E 157 14.21 -15.09 53.53
CA MET E 157 13.77 -14.39 52.34
C MET E 157 13.49 -12.92 52.61
N ARG E 158 14.37 -12.29 53.38
CA ARG E 158 14.24 -10.88 53.71
C ARG E 158 15.56 -10.34 54.23
N ALA E 159 15.81 -9.05 54.00
CA ALA E 159 17.04 -8.41 54.44
C ALA E 159 16.72 -7.23 55.34
N VAL E 160 17.16 -7.32 56.60
CA VAL E 160 16.88 -6.29 57.59
C VAL E 160 18.13 -5.47 57.94
N GLU E 161 17.93 -4.18 58.22
CA GLU E 161 19.02 -3.29 58.55
C GLU E 161 18.97 -2.89 60.02
N PHE E 162 20.11 -3.05 60.70
CA PHE E 162 20.23 -2.66 62.10
C PHE E 162 21.16 -1.47 62.23
N LYS E 163 20.92 -0.63 63.24
CA LYS E 163 21.80 0.49 63.53
C LYS E 163 22.40 0.37 64.92
N VAL E 164 23.71 0.49 65.01
CA VAL E 164 24.41 0.42 66.29
C VAL E 164 24.13 1.68 67.10
N VAL E 165 23.34 1.53 68.16
CA VAL E 165 22.97 2.65 68.99
C VAL E 165 24.01 2.94 70.06
N GLU E 166 24.63 1.89 70.60
CA GLU E 166 25.62 2.05 71.64
C GLU E 166 26.51 0.83 71.86
N THR E 167 27.72 1.10 72.32
CA THR E 167 28.68 0.06 72.66
C THR E 167 29.30 0.45 74.00
N ASP E 168 29.52 -0.53 74.88
CA ASP E 168 30.02 -0.21 76.21
C ASP E 168 31.44 0.39 76.13
N PRO E 169 32.34 -0.23 75.36
CA PRO E 169 33.58 0.47 75.06
C PRO E 169 33.39 1.36 73.83
N SER E 170 32.89 2.58 74.04
CA SER E 170 32.59 3.47 72.93
C SER E 170 33.84 4.22 72.47
N PRO E 171 33.82 4.72 71.22
CA PRO E 171 32.70 4.58 70.30
C PRO E 171 32.72 3.29 69.47
N TYR E 172 33.80 2.51 69.55
CA TYR E 172 33.90 1.29 68.76
C TYR E 172 34.52 0.15 69.55
N CYS E 173 34.20 -1.08 69.17
CA CYS E 173 34.67 -2.26 69.87
C CYS E 173 34.49 -3.49 69.00
N ILE E 174 35.19 -4.57 69.35
CA ILE E 174 35.03 -5.84 68.63
C ILE E 174 33.92 -6.65 69.28
N VAL E 175 33.21 -7.42 68.47
CA VAL E 175 32.12 -8.25 68.98
C VAL E 175 32.62 -9.67 69.26
N ALA E 176 33.11 -9.87 70.48
CA ALA E 176 33.63 -11.16 70.89
C ALA E 176 32.50 -12.05 71.42
N PRO E 177 32.76 -13.36 71.57
CA PRO E 177 31.76 -14.31 72.05
C PRO E 177 31.18 -13.94 73.42
N ASP E 178 31.96 -13.23 74.23
CA ASP E 178 31.51 -12.81 75.56
C ASP E 178 30.63 -11.56 75.51
N THR E 179 30.74 -10.81 74.42
CA THR E 179 30.00 -9.57 74.26
C THR E 179 28.49 -9.81 74.28
N VAL E 180 27.78 -8.98 75.05
CA VAL E 180 26.34 -9.10 75.17
C VAL E 180 25.70 -8.22 74.09
N ILE E 181 24.54 -8.64 73.60
CA ILE E 181 23.82 -7.89 72.57
C ILE E 181 22.42 -7.56 73.07
N HIS E 182 21.96 -6.33 72.82
CA HIS E 182 20.67 -5.88 73.35
C HIS E 182 19.73 -5.29 72.30
N CYS E 183 18.45 -5.63 72.43
CA CYS E 183 17.40 -5.11 71.56
C CYS E 183 16.30 -4.50 72.42
N GLU E 184 16.06 -3.21 72.22
CA GLU E 184 15.11 -2.47 73.06
C GLU E 184 13.67 -2.68 72.60
N GLY E 185 13.51 -3.12 71.36
CA GLY E 185 12.19 -3.44 70.83
C GLY E 185 11.76 -2.52 69.71
N GLU E 186 11.24 -1.34 70.06
CA GLU E 186 10.71 -0.43 69.06
C GLU E 186 11.80 -0.02 68.06
N PRO E 187 11.62 -0.39 66.77
CA PRO E 187 12.60 -0.04 65.73
C PRO E 187 12.64 1.46 65.43
N ILE E 188 13.83 2.03 65.30
CA ILE E 188 13.95 3.46 65.02
C ILE E 188 13.75 3.74 63.53
N LYS E 189 13.24 4.93 63.23
CA LYS E 189 13.01 5.36 61.84
C LYS E 189 14.28 5.90 61.19
N ARG E 190 14.30 5.93 59.85
CA ARG E 190 15.49 6.33 59.11
C ARG E 190 15.70 7.84 59.06
N GLU E 191 16.91 8.26 59.41
CA GLU E 191 17.30 9.66 59.28
C GLU E 191 17.43 10.00 57.79
N ASP E 192 17.26 11.27 57.46
CA ASP E 192 17.29 11.71 56.06
C ASP E 192 18.56 11.35 55.31
N GLU E 193 19.71 11.43 55.98
CA GLU E 193 20.99 11.31 55.28
C GLU E 193 21.45 9.85 55.14
N GLU E 194 20.98 8.98 56.02
CA GLU E 194 21.35 7.57 55.95
C GLU E 194 20.54 6.87 54.85
N GLU E 195 21.20 6.61 53.72
CA GLU E 195 20.55 5.97 52.58
C GLU E 195 20.25 4.49 52.86
N SER E 196 19.21 3.99 52.20
CA SER E 196 18.83 2.58 52.33
C SER E 196 19.68 1.69 51.43
N LEU E 197 19.97 0.48 51.90
CA LEU E 197 20.72 -0.50 51.13
C LEU E 197 19.79 -1.37 50.29
N ASN E 198 18.50 -1.19 50.48
CA ASN E 198 17.49 -1.85 49.66
C ASN E 198 17.45 -1.20 48.27
N GLU E 199 17.91 0.05 48.20
CA GLU E 199 18.06 0.74 46.93
C GLU E 199 18.99 -0.06 46.01
N VAL E 200 18.81 0.11 44.70
CA VAL E 200 19.54 -0.68 43.72
C VAL E 200 20.99 -0.24 43.57
N GLY E 201 21.86 -1.22 43.32
CA GLY E 201 23.28 -0.96 43.09
C GLY E 201 23.85 -1.96 42.11
N TYR E 202 25.13 -1.79 41.77
CA TYR E 202 25.79 -2.67 40.80
C TYR E 202 25.79 -4.11 41.30
N ASP E 203 25.72 -4.30 42.61
CA ASP E 203 25.70 -5.63 43.20
C ASP E 203 24.35 -6.32 42.99
N ASP E 204 23.38 -5.57 42.46
CA ASP E 204 22.08 -6.14 42.13
C ASP E 204 22.02 -6.52 40.65
N ILE E 205 23.13 -6.34 39.95
CA ILE E 205 23.20 -6.57 38.52
C ILE E 205 24.20 -7.66 38.16
N GLY E 206 23.81 -8.56 37.28
CA GLY E 206 24.69 -9.61 36.82
C GLY E 206 24.44 -9.95 35.36
N GLY E 207 25.35 -10.73 34.77
CA GLY E 207 25.18 -11.20 33.41
C GLY E 207 25.59 -10.22 32.34
N CYS E 208 26.07 -9.05 32.74
CA CYS E 208 26.54 -8.05 31.78
C CYS E 208 27.67 -7.23 32.39
N ARG E 209 28.79 -7.89 32.67
CA ARG E 209 29.93 -7.23 33.27
C ARG E 209 30.50 -6.19 32.32
N LYS E 210 30.80 -6.63 31.09
CA LYS E 210 31.41 -5.76 30.10
C LYS E 210 30.60 -4.48 29.87
N GLN E 211 29.30 -4.64 29.69
CA GLN E 211 28.43 -3.51 29.38
C GLN E 211 28.37 -2.52 30.54
N LEU E 212 28.22 -3.04 31.75
CA LEU E 212 28.13 -2.20 32.93
C LEU E 212 29.45 -1.46 33.16
N ALA E 213 30.53 -2.05 32.67
CA ALA E 213 31.85 -1.43 32.77
C ALA E 213 31.92 -0.22 31.83
N GLN E 214 31.47 -0.41 30.59
CA GLN E 214 31.47 0.66 29.61
C GLN E 214 30.71 1.87 30.14
N ILE E 215 29.53 1.63 30.68
CA ILE E 215 28.69 2.71 31.19
C ILE E 215 29.39 3.43 32.33
N LYS E 216 30.02 2.67 33.22
CA LYS E 216 30.73 3.27 34.35
C LYS E 216 31.83 4.22 33.88
N GLU E 217 32.56 3.83 32.85
CA GLU E 217 33.62 4.67 32.31
C GLU E 217 33.07 5.98 31.76
N MET E 218 32.03 5.88 30.93
CA MET E 218 31.43 7.05 30.30
C MET E 218 30.95 8.06 31.34
N VAL E 219 30.41 7.55 32.44
CA VAL E 219 29.68 8.37 33.39
C VAL E 219 30.55 8.89 34.53
N GLU E 220 31.57 8.12 34.92
CA GLU E 220 32.33 8.44 36.12
C GLU E 220 32.99 9.82 36.09
N LEU E 221 33.63 10.17 34.98
CA LEU E 221 34.37 11.42 34.92
C LEU E 221 33.49 12.67 35.04
N PRO E 222 32.50 12.80 34.15
CA PRO E 222 31.69 14.02 34.17
C PRO E 222 30.77 14.14 35.38
N LEU E 223 30.38 13.02 36.00
CA LEU E 223 29.44 13.07 37.11
C LEU E 223 30.13 13.14 38.46
N ARG E 224 31.28 12.47 38.58
CA ARG E 224 32.01 12.44 39.84
C ARG E 224 32.94 13.65 39.98
N HIS E 225 33.59 14.03 38.88
CA HIS E 225 34.51 15.16 38.89
C HIS E 225 34.07 16.20 37.86
N PRO E 226 32.94 16.86 38.15
CA PRO E 226 32.32 17.82 37.23
C PRO E 226 33.18 19.07 37.01
N ALA E 227 33.76 19.60 38.09
CA ALA E 227 34.56 20.82 37.99
C ALA E 227 35.68 20.67 36.96
N LEU E 228 36.32 19.51 36.96
CA LEU E 228 37.43 19.25 36.04
C LEU E 228 36.97 19.33 34.59
N PHE E 229 35.76 18.85 34.34
CA PHE E 229 35.24 18.80 32.98
C PHE E 229 34.84 20.17 32.48
N LYS E 230 34.42 21.05 33.39
CA LYS E 230 34.06 22.41 33.02
C LYS E 230 35.31 23.21 32.69
N ALA E 231 36.42 22.87 33.33
CA ALA E 231 37.68 23.58 33.15
C ALA E 231 38.48 23.06 31.96
N ILE E 232 38.44 21.76 31.73
CA ILE E 232 39.23 21.12 30.69
C ILE E 232 38.80 21.45 29.25
N GLY E 233 37.50 21.52 29.00
CA GLY E 233 37.00 21.93 27.69
C GLY E 233 36.74 20.79 26.70
N VAL E 234 37.15 19.58 27.05
CA VAL E 234 36.81 18.41 26.24
C VAL E 234 35.37 17.99 26.48
N LYS E 235 34.73 17.45 25.45
CA LYS E 235 33.31 17.11 25.51
C LYS E 235 33.07 15.70 26.07
N PRO E 236 32.21 15.58 27.08
CA PRO E 236 31.81 14.29 27.62
C PRO E 236 30.63 13.72 26.85
N PRO E 237 30.25 12.47 27.12
CA PRO E 237 29.03 11.95 26.49
C PRO E 237 27.81 12.71 26.98
N ARG E 238 26.79 12.77 26.14
CA ARG E 238 25.55 13.46 26.50
C ARG E 238 24.39 12.49 26.50
N GLY E 239 24.37 11.61 25.51
CA GLY E 239 23.30 10.63 25.38
C GLY E 239 23.82 9.21 25.34
N ILE E 240 23.40 8.40 26.30
CA ILE E 240 23.74 6.99 26.30
C ILE E 240 22.46 6.18 26.10
N LEU E 241 22.43 5.36 25.05
CA LEU E 241 21.25 4.59 24.70
C LEU E 241 21.44 3.12 25.01
N LEU E 242 20.73 2.64 26.04
CA LEU E 242 20.75 1.22 26.39
C LEU E 242 19.67 0.50 25.59
N TYR E 243 20.03 -0.60 24.94
CA TYR E 243 19.04 -1.36 24.20
C TYR E 243 19.21 -2.88 24.35
N GLY E 244 18.10 -3.59 24.20
CA GLY E 244 18.06 -5.03 24.37
C GLY E 244 16.63 -5.48 24.56
N PRO E 245 16.39 -6.80 24.46
CA PRO E 245 15.03 -7.32 24.62
C PRO E 245 14.41 -6.88 25.95
N PRO E 246 13.09 -7.05 26.11
CA PRO E 246 12.45 -6.64 27.36
C PRO E 246 12.93 -7.46 28.55
N GLY E 247 13.20 -6.80 29.67
CA GLY E 247 13.52 -7.48 30.91
C GLY E 247 15.00 -7.79 31.11
N THR E 248 15.86 -7.17 30.32
CA THR E 248 17.29 -7.47 30.40
C THR E 248 17.99 -6.64 31.48
N GLY E 249 17.25 -5.72 32.09
CA GLY E 249 17.79 -4.95 33.20
C GLY E 249 18.24 -3.55 32.80
N LYS E 250 17.68 -3.03 31.71
CA LYS E 250 18.03 -1.68 31.26
C LYS E 250 17.63 -0.65 32.30
N THR E 251 16.38 -0.73 32.75
CA THR E 251 15.89 0.17 33.78
C THR E 251 16.68 -0.01 35.07
N LEU E 252 17.06 -1.25 35.33
CA LEU E 252 17.81 -1.59 36.53
C LEU E 252 19.16 -0.87 36.53
N ILE E 253 19.87 -0.99 35.41
CA ILE E 253 21.19 -0.38 35.27
C ILE E 253 21.14 1.13 35.50
N ALA E 254 20.15 1.78 34.88
CA ALA E 254 19.99 3.23 35.00
C ALA E 254 19.90 3.63 36.48
N ARG E 255 19.05 2.92 37.21
CA ARG E 255 18.81 3.23 38.62
C ARG E 255 20.09 3.02 39.42
N ALA E 256 20.78 1.92 39.13
CA ALA E 256 22.03 1.59 39.81
C ALA E 256 23.09 2.66 39.59
N VAL E 257 23.29 3.04 38.33
CA VAL E 257 24.30 4.03 37.98
C VAL E 257 24.02 5.35 38.68
N ALA E 258 22.75 5.69 38.80
CA ALA E 258 22.35 6.91 39.49
C ALA E 258 22.75 6.86 40.96
N ASN E 259 22.42 5.75 41.61
CA ASN E 259 22.71 5.59 43.04
C ASN E 259 24.21 5.53 43.34
N GLU E 260 24.93 4.73 42.57
CA GLU E 260 26.36 4.54 42.80
C GLU E 260 27.14 5.83 42.55
N THR E 261 26.63 6.66 41.65
CA THR E 261 27.25 7.94 41.36
C THR E 261 26.71 9.04 42.27
N GLY E 262 25.56 8.79 42.88
CA GLY E 262 24.98 9.74 43.81
C GLY E 262 24.40 10.96 43.12
N ALA E 263 24.17 10.83 41.81
CA ALA E 263 23.62 11.92 41.02
C ALA E 263 22.11 12.01 41.20
N PHE E 264 21.56 13.20 40.92
CA PHE E 264 20.12 13.39 40.96
C PHE E 264 19.48 12.65 39.79
N PHE E 265 18.46 11.87 40.10
CA PHE E 265 17.83 11.00 39.10
C PHE E 265 16.42 11.48 38.80
N PHE E 266 16.20 11.90 37.55
CA PHE E 266 14.86 12.29 37.12
C PHE E 266 14.38 11.31 36.04
N LEU E 267 13.36 10.54 36.38
CA LEU E 267 12.82 9.53 35.46
C LEU E 267 11.71 10.08 34.58
N ILE E 268 11.81 9.79 33.29
CA ILE E 268 10.77 10.12 32.32
C ILE E 268 10.26 8.84 31.70
N ASN E 269 9.04 8.45 32.05
CA ASN E 269 8.44 7.24 31.50
C ASN E 269 7.69 7.56 30.21
N GLY E 270 8.14 6.96 29.12
CA GLY E 270 7.54 7.19 27.81
C GLY E 270 6.02 7.17 27.87
N PRO E 271 5.44 6.01 28.20
CA PRO E 271 3.99 5.84 28.30
C PRO E 271 3.32 6.91 29.17
N GLU E 272 3.92 7.25 30.30
CA GLU E 272 3.32 8.23 31.20
C GLU E 272 3.20 9.60 30.55
N ILE E 273 4.27 10.04 29.90
CA ILE E 273 4.27 11.33 29.22
C ILE E 273 3.27 11.35 28.06
N MET E 274 3.21 10.24 27.33
CA MET E 274 2.36 10.16 26.14
C MET E 274 0.90 9.89 26.49
N SER E 275 0.61 9.67 27.78
CA SER E 275 -0.76 9.47 28.23
C SER E 275 -1.40 10.79 28.63
N LYS E 276 -0.60 11.85 28.67
CA LYS E 276 -1.07 13.15 29.11
C LYS E 276 -1.54 13.97 27.91
N LEU E 277 -2.28 15.05 28.18
CA LEU E 277 -2.75 15.92 27.11
C LEU E 277 -1.57 16.51 26.33
N ALA E 278 -1.90 17.14 25.21
CA ALA E 278 -0.88 17.69 24.32
C ALA E 278 0.08 18.60 25.08
N GLY E 279 -0.45 19.65 25.68
CA GLY E 279 0.37 20.64 26.35
C GLY E 279 1.18 20.09 27.50
N GLU E 280 0.58 19.18 28.26
CA GLU E 280 1.25 18.62 29.44
C GLU E 280 2.44 17.77 29.03
N SER E 281 2.30 17.05 27.90
CA SER E 281 3.37 16.17 27.45
C SER E 281 4.63 16.98 27.17
N GLU E 282 4.51 18.01 26.35
CA GLU E 282 5.64 18.85 26.00
C GLU E 282 6.20 19.51 27.25
N SER E 283 5.29 19.96 28.11
CA SER E 283 5.65 20.69 29.31
C SER E 283 6.45 19.83 30.28
N ASN E 284 5.99 18.60 30.49
CA ASN E 284 6.66 17.68 31.39
C ASN E 284 8.10 17.40 30.97
N LEU E 285 8.32 17.25 29.66
CA LEU E 285 9.67 17.08 29.14
C LEU E 285 10.53 18.29 29.50
N ARG E 286 9.96 19.48 29.32
CA ARG E 286 10.68 20.71 29.62
C ARG E 286 11.08 20.70 31.09
N LYS E 287 10.12 20.39 31.96
CA LYS E 287 10.34 20.38 33.40
C LYS E 287 11.47 19.44 33.78
N ALA E 288 11.49 18.26 33.18
CA ALA E 288 12.49 17.26 33.51
C ALA E 288 13.90 17.78 33.29
N PHE E 289 14.12 18.38 32.12
CA PHE E 289 15.44 18.92 31.78
C PHE E 289 15.79 20.11 32.66
N GLU E 290 14.79 20.95 32.94
CA GLU E 290 15.01 22.14 33.75
C GLU E 290 15.46 21.82 35.17
N GLU E 291 14.83 20.82 35.80
CA GLU E 291 15.20 20.45 37.16
C GLU E 291 16.53 19.72 37.21
N ALA E 292 16.80 18.89 36.19
CA ALA E 292 18.04 18.13 36.13
C ALA E 292 19.22 19.09 36.06
N GLU E 293 19.06 20.14 35.27
CA GLU E 293 20.09 21.15 35.12
C GLU E 293 20.27 21.88 36.45
N LYS E 294 19.19 22.00 37.21
CA LYS E 294 19.22 22.67 38.50
C LYS E 294 20.00 21.87 39.53
N ASN E 295 19.84 20.55 39.48
CA ASN E 295 20.44 19.65 40.46
C ASN E 295 21.60 18.85 39.88
N ALA E 296 22.39 19.49 39.02
CA ALA E 296 23.57 18.85 38.47
C ALA E 296 24.61 18.65 39.56
N PRO E 297 25.36 17.55 39.49
CA PRO E 297 25.28 16.51 38.45
C PRO E 297 24.00 15.69 38.54
N ALA E 298 23.46 15.29 37.39
CA ALA E 298 22.19 14.57 37.36
C ALA E 298 22.10 13.65 36.15
N ILE E 299 21.27 12.61 36.27
CA ILE E 299 21.00 11.70 35.16
C ILE E 299 19.51 11.68 34.82
N ILE E 300 19.17 12.11 33.61
CA ILE E 300 17.81 11.98 33.11
C ILE E 300 17.67 10.64 32.40
N PHE E 301 16.77 9.80 32.90
CA PHE E 301 16.53 8.50 32.28
C PHE E 301 15.18 8.46 31.58
N ILE E 302 15.21 8.29 30.28
CA ILE E 302 14.00 8.18 29.47
C ILE E 302 13.70 6.72 29.20
N ASP E 303 12.76 6.15 29.96
CA ASP E 303 12.42 4.74 29.81
C ASP E 303 11.41 4.56 28.69
N GLU E 304 11.60 3.49 27.90
CA GLU E 304 10.74 3.24 26.75
C GLU E 304 10.75 4.45 25.82
N LEU E 305 11.94 4.79 25.35
CA LEU E 305 12.13 5.97 24.50
C LEU E 305 11.25 5.92 23.25
N ASP E 306 11.11 4.73 22.67
CA ASP E 306 10.35 4.58 21.42
C ASP E 306 8.90 5.02 21.57
N ALA E 307 8.41 5.07 22.80
CA ALA E 307 7.05 5.52 23.05
C ALA E 307 6.90 7.01 22.72
N ILE E 308 7.97 7.76 22.90
CA ILE E 308 7.96 9.19 22.68
C ILE E 308 8.42 9.55 21.27
N ALA E 309 9.46 8.89 20.80
CA ALA E 309 10.09 9.23 19.52
C ALA E 309 10.30 8.03 18.64
N PRO E 310 9.22 7.54 17.99
CA PRO E 310 9.33 6.46 17.02
C PRO E 310 9.78 6.96 15.66
N LYS E 311 10.05 6.05 14.73
CA LYS E 311 10.43 6.42 13.37
C LYS E 311 9.45 7.43 12.79
N ARG E 312 9.95 8.42 12.05
CA ARG E 312 9.10 9.48 11.53
C ARG E 312 7.96 8.92 10.67
N GLU E 313 8.21 7.79 10.02
CA GLU E 313 7.20 7.18 9.16
C GLU E 313 6.08 6.53 9.99
N LYS E 314 6.42 6.10 11.20
CA LYS E 314 5.45 5.43 12.06
C LYS E 314 4.70 6.45 12.94
N THR E 315 5.05 7.72 12.78
CA THR E 315 4.55 8.80 13.64
C THR E 315 3.30 9.49 13.09
N HIS E 316 2.24 8.73 12.85
CA HIS E 316 1.00 9.34 12.35
C HIS E 316 0.43 10.30 13.41
N GLY E 317 0.30 11.57 13.04
CA GLY E 317 -0.18 12.58 13.98
C GLY E 317 0.72 13.79 14.10
N GLU E 318 0.13 14.98 13.99
CA GLU E 318 0.89 16.23 14.07
C GLU E 318 1.50 16.44 15.46
N VAL E 319 0.67 16.27 16.48
CA VAL E 319 1.06 16.55 17.86
C VAL E 319 2.18 15.64 18.33
N GLU E 320 2.18 14.40 17.82
CA GLU E 320 3.16 13.42 18.22
C GLU E 320 4.55 13.84 17.73
N ARG E 321 4.62 14.35 16.51
CA ARG E 321 5.89 14.80 15.93
C ARG E 321 6.43 16.02 16.67
N ARG E 322 5.52 16.85 17.18
CA ARG E 322 5.94 18.05 17.90
C ARG E 322 6.73 17.63 19.14
N ILE E 323 6.29 16.55 19.79
CA ILE E 323 6.93 16.07 21.00
C ILE E 323 8.33 15.53 20.69
N VAL E 324 8.46 14.86 19.54
CA VAL E 324 9.75 14.33 19.12
C VAL E 324 10.71 15.48 18.88
N SER E 325 10.24 16.50 18.16
CA SER E 325 11.04 17.70 17.92
C SER E 325 11.36 18.38 19.25
N GLN E 326 10.38 18.44 20.13
CA GLN E 326 10.57 19.03 21.45
C GLN E 326 11.74 18.35 22.15
N LEU E 327 11.79 17.03 22.07
CA LEU E 327 12.85 16.26 22.71
C LEU E 327 14.20 16.56 22.07
N LEU E 328 14.22 16.56 20.74
CA LEU E 328 15.45 16.84 19.99
C LEU E 328 16.05 18.18 20.39
N THR E 329 15.21 19.18 20.57
CA THR E 329 15.66 20.51 20.95
C THR E 329 16.26 20.49 22.35
N LEU E 330 15.60 19.81 23.27
CA LEU E 330 16.07 19.73 24.63
C LEU E 330 17.45 19.08 24.69
N MET E 331 17.62 18.01 23.92
CA MET E 331 18.90 17.32 23.85
C MET E 331 19.97 18.27 23.33
N ASP E 332 19.61 19.06 22.32
CA ASP E 332 20.52 20.07 21.79
C ASP E 332 20.76 21.16 22.84
N GLY E 333 19.76 21.42 23.67
CA GLY E 333 19.84 22.43 24.70
C GLY E 333 20.82 22.05 25.79
N LEU E 334 21.30 20.81 25.74
CA LEU E 334 22.29 20.30 26.68
C LEU E 334 23.65 20.89 26.35
N LYS E 335 23.70 21.73 25.32
CA LYS E 335 24.90 22.46 24.97
C LYS E 335 25.37 23.33 26.13
N GLN E 336 24.48 23.54 27.09
CA GLN E 336 24.84 24.22 28.33
C GLN E 336 26.00 23.50 29.01
N ARG E 337 26.08 22.19 28.80
CA ARG E 337 27.17 21.38 29.34
C ARG E 337 27.05 21.32 30.87
N ALA E 338 25.87 21.69 31.35
CA ALA E 338 25.51 21.51 32.75
C ALA E 338 25.57 20.04 33.11
N HIS E 339 26.69 19.63 33.70
CA HIS E 339 26.91 18.24 34.10
C HIS E 339 25.62 17.41 34.13
N VAL E 340 25.01 17.22 32.96
CA VAL E 340 23.82 16.38 32.86
C VAL E 340 24.00 15.33 31.77
N ILE E 341 23.72 14.07 32.13
CA ILE E 341 23.77 12.96 31.17
C ILE E 341 22.39 12.36 30.97
N VAL E 342 22.04 12.10 29.71
CA VAL E 342 20.75 11.50 29.38
C VAL E 342 20.93 10.04 28.98
N MET E 343 20.31 9.15 29.76
CA MET E 343 20.29 7.73 29.42
C MET E 343 18.89 7.37 28.94
N ALA E 344 18.81 6.43 27.99
CA ALA E 344 17.52 6.02 27.45
C ALA E 344 17.47 4.52 27.19
N ALA E 345 16.28 3.94 27.30
CA ALA E 345 16.11 2.51 27.10
C ALA E 345 15.02 2.25 26.07
N THR E 346 15.25 1.26 25.19
CA THR E 346 14.27 0.87 24.20
C THR E 346 14.44 -0.59 23.78
N ASN E 347 13.31 -1.27 23.54
CA ASN E 347 13.34 -2.66 23.12
C ASN E 347 13.82 -2.78 21.68
N ARG E 348 13.46 -1.80 20.86
CA ARG E 348 13.78 -1.83 19.44
C ARG E 348 14.57 -0.58 19.05
N PRO E 349 15.90 -0.72 18.90
CA PRO E 349 16.74 0.40 18.47
C PRO E 349 16.34 0.98 17.11
N ASN E 350 15.80 0.12 16.25
CA ASN E 350 15.38 0.53 14.91
C ASN E 350 14.13 1.39 14.96
N SER E 351 13.36 1.26 16.03
CA SER E 351 12.11 1.99 16.19
C SER E 351 12.35 3.47 16.50
N ILE E 352 13.47 3.76 17.15
CA ILE E 352 13.79 5.12 17.55
C ILE E 352 14.04 6.00 16.33
N ASP E 353 13.54 7.24 16.41
CA ASP E 353 13.79 8.23 15.37
C ASP E 353 15.29 8.37 15.16
N PRO E 354 15.77 8.09 13.94
CA PRO E 354 17.21 8.13 13.66
C PRO E 354 17.88 9.47 14.00
N ALA E 355 17.09 10.53 14.05
CA ALA E 355 17.60 11.85 14.40
C ALA E 355 18.20 11.85 15.81
N LEU E 356 17.72 10.96 16.67
CA LEU E 356 18.17 10.90 18.05
C LEU E 356 19.56 10.28 18.18
N ARG E 357 19.91 9.42 17.23
CA ARG E 357 21.20 8.73 17.25
C ARG E 357 22.30 9.61 16.67
N ARG E 358 21.95 10.84 16.33
CA ARG E 358 22.92 11.75 15.72
C ARG E 358 23.87 12.27 16.79
N PHE E 359 25.02 12.77 16.35
CA PHE E 359 26.03 13.29 17.26
C PHE E 359 25.46 14.46 18.05
N GLY E 360 25.87 14.58 19.31
CA GLY E 360 25.39 15.66 20.16
C GLY E 360 24.16 15.26 20.95
N ARG E 361 23.51 14.18 20.53
CA ARG E 361 22.33 13.67 21.22
C ARG E 361 22.65 12.31 21.83
N PHE E 362 21.95 11.26 21.41
CA PHE E 362 22.28 9.91 21.88
C PHE E 362 23.37 9.34 20.97
N ASP E 363 24.59 9.82 21.19
CA ASP E 363 25.72 9.45 20.35
C ASP E 363 26.46 8.22 20.87
N ARG E 364 26.00 7.66 21.99
CA ARG E 364 26.58 6.43 22.49
C ARG E 364 25.53 5.36 22.76
N GLU E 365 25.82 4.15 22.30
CA GLU E 365 24.90 3.03 22.44
C GLU E 365 25.58 1.86 23.13
N VAL E 366 24.81 1.12 23.92
CA VAL E 366 25.32 -0.04 24.64
C VAL E 366 24.35 -1.21 24.49
N ASP E 367 24.82 -2.32 23.94
CA ASP E 367 23.98 -3.49 23.73
C ASP E 367 23.96 -4.40 24.94
N ILE E 368 22.85 -4.36 25.68
CA ILE E 368 22.64 -5.25 26.82
C ILE E 368 21.83 -6.46 26.37
N GLY E 369 22.49 -7.37 25.66
CA GLY E 369 21.80 -8.51 25.08
C GLY E 369 21.27 -9.49 26.12
N ILE E 370 20.97 -10.70 25.67
CA ILE E 370 20.49 -11.74 26.57
C ILE E 370 21.69 -12.40 27.25
N PRO E 371 21.55 -12.71 28.55
CA PRO E 371 22.68 -13.30 29.29
C PRO E 371 22.99 -14.73 28.84
N ASP E 372 24.27 -15.10 28.88
CA ASP E 372 24.68 -16.46 28.57
C ASP E 372 24.57 -17.33 29.81
N ALA E 373 24.94 -18.61 29.68
CA ALA E 373 24.85 -19.54 30.80
C ALA E 373 25.51 -18.95 32.04
N THR E 374 26.76 -18.52 31.91
CA THR E 374 27.49 -17.93 33.02
C THR E 374 26.73 -16.74 33.60
N GLY E 375 26.20 -15.91 32.72
CA GLY E 375 25.46 -14.74 33.13
C GLY E 375 24.22 -15.12 33.91
N ARG E 376 23.44 -16.05 33.37
CA ARG E 376 22.23 -16.50 34.01
C ARG E 376 22.51 -17.00 35.42
N LEU E 377 23.62 -17.69 35.60
CA LEU E 377 24.01 -18.14 36.94
C LEU E 377 24.19 -16.96 37.88
N GLU E 378 24.86 -15.92 37.43
CA GLU E 378 25.08 -14.73 38.25
C GLU E 378 23.75 -14.16 38.70
N ILE E 379 22.80 -14.09 37.78
CA ILE E 379 21.49 -13.51 38.06
C ILE E 379 20.78 -14.33 39.14
N LEU E 380 20.80 -15.65 38.96
CA LEU E 380 20.14 -16.56 39.89
C LEU E 380 20.65 -16.36 41.32
N GLN E 381 21.95 -16.13 41.47
CA GLN E 381 22.54 -15.92 42.79
C GLN E 381 22.03 -14.64 43.44
N ILE E 382 21.76 -13.63 42.62
CA ILE E 382 21.31 -12.33 43.11
C ILE E 382 19.93 -12.41 43.75
N HIS E 383 19.04 -13.18 43.14
CA HIS E 383 17.66 -13.28 43.62
C HIS E 383 17.43 -14.47 44.54
N THR E 384 18.50 -15.13 44.94
CA THR E 384 18.41 -16.21 45.92
C THR E 384 19.25 -15.89 47.16
N LYS E 385 19.69 -14.63 47.25
CA LYS E 385 20.52 -14.17 48.36
C LYS E 385 19.82 -14.36 49.70
N ASN E 386 18.54 -13.97 49.74
CA ASN E 386 17.79 -13.94 50.99
C ASN E 386 17.08 -15.25 51.31
N MET E 387 17.12 -16.21 50.38
CA MET E 387 16.44 -17.47 50.57
C MET E 387 17.40 -18.53 51.09
N LYS E 388 16.92 -19.35 52.03
CA LYS E 388 17.67 -20.52 52.47
C LYS E 388 17.53 -21.61 51.42
N LEU E 389 18.63 -21.97 50.77
CA LEU E 389 18.60 -22.91 49.66
C LEU E 389 18.95 -24.31 50.15
N ALA E 390 18.17 -25.30 49.71
CA ALA E 390 18.43 -26.69 50.07
C ALA E 390 19.75 -27.14 49.45
N ASP E 391 20.24 -28.29 49.91
CA ASP E 391 21.54 -28.79 49.48
C ASP E 391 21.45 -29.39 48.07
N ASP E 392 20.29 -29.95 47.75
CA ASP E 392 20.08 -30.60 46.46
C ASP E 392 20.02 -29.57 45.32
N VAL E 393 19.92 -28.29 45.68
CA VAL E 393 19.83 -27.22 44.69
C VAL E 393 21.15 -27.05 43.96
N ASP E 394 21.08 -27.02 42.62
CA ASP E 394 22.27 -26.79 41.81
C ASP E 394 21.98 -25.69 40.79
N LEU E 395 22.28 -24.45 41.14
CA LEU E 395 21.96 -23.31 40.29
C LEU E 395 22.68 -23.35 38.95
N GLU E 396 23.86 -23.96 38.91
CA GLU E 396 24.62 -24.04 37.67
C GLU E 396 23.82 -24.83 36.62
N GLN E 397 23.13 -25.87 37.07
CA GLN E 397 22.26 -26.64 36.19
C GLN E 397 21.12 -25.74 35.73
N VAL E 398 20.51 -25.03 36.67
CA VAL E 398 19.40 -24.13 36.35
C VAL E 398 19.85 -23.14 35.29
N ALA E 399 21.07 -22.62 35.44
CA ALA E 399 21.61 -21.67 34.48
C ALA E 399 21.71 -22.32 33.10
N ASN E 400 22.22 -23.55 33.07
CA ASN E 400 22.42 -24.26 31.82
C ASN E 400 21.08 -24.61 31.19
N GLU E 401 20.11 -24.89 32.06
CA GLU E 401 18.81 -25.41 31.65
C GLU E 401 17.92 -24.28 31.14
N THR E 402 18.06 -23.12 31.76
CA THR E 402 17.24 -21.96 31.43
C THR E 402 17.74 -21.22 30.20
N HIS E 403 17.79 -21.90 29.07
CA HIS E 403 18.15 -21.23 27.82
C HIS E 403 17.03 -20.29 27.41
N GLY E 404 17.39 -19.20 26.74
CA GLY E 404 16.41 -18.24 26.28
C GLY E 404 15.76 -17.46 27.41
N HIS E 405 16.30 -17.59 28.62
CA HIS E 405 15.77 -16.86 29.77
C HIS E 405 16.48 -15.53 29.92
N VAL E 406 15.69 -14.51 30.27
CA VAL E 406 16.20 -13.16 30.45
C VAL E 406 16.19 -12.80 31.94
N GLY E 407 16.95 -11.79 32.32
CA GLY E 407 17.00 -11.33 33.70
C GLY E 407 15.67 -11.41 34.41
N ALA E 408 14.67 -10.71 33.87
CA ALA E 408 13.34 -10.69 34.47
C ALA E 408 12.73 -12.09 34.58
N ASP E 409 13.00 -12.95 33.61
CA ASP E 409 12.50 -14.32 33.63
C ASP E 409 13.09 -15.09 34.81
N LEU E 410 14.40 -14.98 34.99
CA LEU E 410 15.08 -15.67 36.08
C LEU E 410 14.62 -15.15 37.44
N ALA E 411 14.49 -13.83 37.55
CA ALA E 411 14.01 -13.22 38.78
C ALA E 411 12.63 -13.79 39.09
N ALA E 412 11.85 -14.05 38.04
CA ALA E 412 10.52 -14.63 38.19
C ALA E 412 10.65 -16.10 38.56
N LEU E 413 11.58 -16.80 37.91
CA LEU E 413 11.76 -18.22 38.15
C LEU E 413 12.12 -18.48 39.60
N CYS E 414 12.95 -17.59 40.16
CA CYS E 414 13.32 -17.66 41.56
C CYS E 414 12.12 -17.38 42.44
N SER E 415 11.34 -16.38 42.05
CA SER E 415 10.14 -16.00 42.78
C SER E 415 9.11 -17.13 42.79
N GLU E 416 8.94 -17.78 41.65
CA GLU E 416 7.94 -18.82 41.51
C GLU E 416 8.36 -20.06 42.29
N ALA E 417 9.66 -20.32 42.32
CA ALA E 417 10.21 -21.44 43.08
C ALA E 417 10.04 -21.19 44.58
N ALA E 418 10.05 -19.92 44.96
CA ALA E 418 9.87 -19.55 46.36
C ALA E 418 8.44 -19.77 46.81
N LEU E 419 7.48 -19.34 45.99
CA LEU E 419 6.07 -19.53 46.31
C LEU E 419 5.73 -21.01 46.41
N GLN E 420 6.45 -21.84 45.66
CA GLN E 420 6.23 -23.28 45.68
C GLN E 420 6.66 -23.87 47.02
N ALA E 421 7.82 -23.43 47.51
CA ALA E 421 8.33 -23.90 48.80
C ALA E 421 7.42 -23.45 49.94
N ILE E 422 6.82 -22.28 49.78
CA ILE E 422 5.87 -21.75 50.76
C ILE E 422 4.57 -22.55 50.72
N ARG E 423 4.06 -22.79 49.51
CA ARG E 423 2.79 -23.47 49.35
C ARG E 423 2.74 -24.83 50.05
N LYS E 424 3.69 -25.70 49.75
CA LYS E 424 3.65 -27.07 50.28
C LYS E 424 4.03 -27.22 51.75
N LYS E 425 4.91 -26.35 52.25
CA LYS E 425 5.35 -26.45 53.65
C LYS E 425 4.44 -25.64 54.56
N MET E 426 4.36 -24.34 54.29
CA MET E 426 3.51 -23.46 55.09
C MET E 426 2.06 -23.50 54.59
N ASP E 427 1.63 -24.68 54.16
CA ASP E 427 0.24 -24.93 53.80
C ASP E 427 -0.59 -25.11 55.06
N LEU E 428 -0.03 -25.84 56.03
CA LEU E 428 -0.75 -26.18 57.24
C LEU E 428 -0.74 -24.98 58.20
N ILE E 429 0.41 -24.37 58.42
CA ILE E 429 0.46 -23.14 59.22
C ILE E 429 -0.62 -22.16 58.77
N ASP E 430 -0.78 -22.05 57.45
CA ASP E 430 -1.76 -21.14 56.82
C ASP E 430 -1.97 -19.85 57.62
N LEU E 431 -3.22 -19.42 57.77
CA LEU E 431 -3.52 -18.21 58.54
C LEU E 431 -3.79 -18.48 60.02
N GLU E 432 -3.43 -19.67 60.49
CA GLU E 432 -3.53 -19.97 61.91
C GLU E 432 -2.70 -18.96 62.68
N ASP E 433 -1.43 -18.85 62.31
CA ASP E 433 -0.50 -17.92 62.96
C ASP E 433 -0.92 -16.45 62.92
N GLU E 434 -1.45 -16.01 61.78
CA GLU E 434 -1.72 -14.60 61.49
C GLU E 434 -0.40 -14.02 60.93
N THR E 435 -0.07 -12.77 61.26
CA THR E 435 1.21 -12.20 60.84
C THR E 435 2.30 -13.26 61.01
N ILE E 436 3.29 -13.25 60.12
CA ILE E 436 4.36 -14.24 60.15
C ILE E 436 5.58 -13.78 60.93
N ASP E 437 6.19 -14.74 61.62
CA ASP E 437 7.40 -14.48 62.42
C ASP E 437 8.63 -15.05 61.74
N ALA E 438 9.76 -14.41 61.97
CA ALA E 438 11.01 -14.77 61.30
C ALA E 438 11.45 -16.20 61.56
N GLU E 439 11.27 -16.66 62.80
CA GLU E 439 11.76 -17.97 63.20
C GLU E 439 11.22 -19.07 62.29
N VAL E 440 9.99 -18.90 61.82
CA VAL E 440 9.38 -19.85 60.90
C VAL E 440 9.91 -19.64 59.49
N MET E 441 10.13 -18.38 59.16
CA MET E 441 10.55 -17.98 57.84
C MET E 441 11.97 -18.46 57.54
N ASN E 442 12.80 -18.54 58.58
CA ASN E 442 14.19 -18.96 58.43
C ASN E 442 14.32 -20.46 58.19
N SER E 443 13.46 -21.24 58.84
CA SER E 443 13.44 -22.69 58.66
C SER E 443 12.94 -23.07 57.27
N LEU E 444 12.31 -22.12 56.59
CA LEU E 444 11.75 -22.36 55.26
C LEU E 444 12.87 -22.52 54.24
N ALA E 445 13.01 -23.73 53.71
CA ALA E 445 14.03 -24.01 52.70
C ALA E 445 13.38 -24.16 51.33
N VAL E 446 14.18 -23.92 50.29
CA VAL E 446 13.71 -24.02 48.91
C VAL E 446 14.42 -25.19 48.20
N THR E 447 13.69 -26.28 47.99
CA THR E 447 14.27 -27.49 47.41
C THR E 447 14.56 -27.32 45.93
N MET E 448 15.39 -28.22 45.40
CA MET E 448 15.70 -28.24 43.98
C MET E 448 14.45 -28.59 43.17
N ASP E 449 13.54 -29.31 43.80
CA ASP E 449 12.27 -29.65 43.17
C ASP E 449 11.47 -28.38 42.91
N ASP E 450 11.52 -27.46 43.86
CA ASP E 450 10.82 -26.19 43.73
C ASP E 450 11.28 -25.43 42.48
N PHE E 451 12.52 -25.65 42.07
CA PHE E 451 13.03 -25.02 40.86
C PHE E 451 12.64 -25.77 39.60
N ARG E 452 12.74 -27.09 39.62
CA ARG E 452 12.36 -27.91 38.48
C ARG E 452 10.89 -27.67 38.14
N TRP E 453 10.10 -27.48 39.20
CA TRP E 453 8.68 -27.20 39.04
C TRP E 453 8.51 -25.84 38.39
N ALA E 454 9.25 -24.85 38.90
CA ALA E 454 9.21 -23.50 38.37
C ALA E 454 9.75 -23.46 36.95
N LEU E 455 10.69 -24.36 36.65
CA LEU E 455 11.28 -24.43 35.32
C LEU E 455 10.27 -24.83 34.26
N SER E 456 9.43 -25.81 34.58
CA SER E 456 8.43 -26.30 33.66
C SER E 456 7.34 -25.24 33.42
N GLN E 457 7.20 -24.33 34.38
CA GLN E 457 6.12 -23.35 34.36
C GLN E 457 6.57 -22.02 33.76
N SER E 458 7.82 -21.97 33.30
CA SER E 458 8.41 -20.72 32.81
C SER E 458 8.06 -20.44 31.34
N ASN E 459 7.69 -19.19 31.08
CA ASN E 459 7.49 -18.72 29.71
C ASN E 459 8.62 -17.77 29.30
N PRO E 460 9.78 -18.32 28.94
CA PRO E 460 10.93 -17.51 28.53
C PRO E 460 10.60 -16.67 27.31
N SER E 461 11.10 -15.44 27.27
CA SER E 461 10.71 -14.49 26.24
C SER E 461 11.68 -14.45 25.07
N ALA E 462 12.96 -14.68 25.34
CA ALA E 462 14.00 -14.47 24.34
C ALA E 462 14.52 -15.76 23.70
N LEU E 463 13.65 -16.74 23.50
CA LEU E 463 14.05 -17.96 22.80
C LEU E 463 14.18 -17.62 21.32
N ARG E 464 13.38 -16.66 20.89
CA ARG E 464 13.35 -16.23 19.49
C ARG E 464 14.52 -15.30 19.16
N GLU E 465 15.22 -14.83 20.18
CA GLU E 465 16.34 -13.92 19.98
C GLU E 465 17.56 -14.66 19.43
N THR E 466 18.32 -13.98 18.57
CA THR E 466 19.54 -14.56 18.02
C THR E 466 20.59 -14.61 19.12
N VAL E 467 21.21 -15.77 19.29
CA VAL E 467 22.12 -15.98 20.41
C VAL E 467 23.54 -15.54 20.04
N VAL E 468 24.19 -14.84 20.96
CA VAL E 468 25.57 -14.40 20.75
C VAL E 468 26.41 -14.72 21.97
N GLU E 469 27.15 -15.82 21.89
CA GLU E 469 27.95 -16.29 23.00
C GLU E 469 29.04 -17.24 22.52
N VAL E 470 29.87 -17.71 23.44
CA VAL E 470 30.96 -18.62 23.09
C VAL E 470 30.44 -20.06 23.09
N PRO E 471 30.59 -20.77 21.96
CA PRO E 471 30.08 -22.14 21.88
C PRO E 471 30.73 -23.06 22.91
N GLN E 472 30.01 -24.07 23.35
CA GLN E 472 30.54 -25.03 24.31
C GLN E 472 31.00 -26.33 23.61
N VAL E 473 30.97 -26.32 22.29
CA VAL E 473 31.47 -27.44 21.49
C VAL E 473 32.98 -27.30 21.31
N THR E 474 33.73 -28.35 21.65
CA THR E 474 35.18 -28.30 21.57
C THR E 474 35.73 -29.28 20.54
N TRP E 475 37.04 -29.21 20.30
CA TRP E 475 37.71 -30.10 19.36
C TRP E 475 37.48 -31.57 19.72
N GLU E 476 37.35 -31.84 21.01
CA GLU E 476 37.19 -33.20 21.49
C GLU E 476 35.92 -33.83 20.95
N ASP E 477 34.94 -33.00 20.61
CA ASP E 477 33.65 -33.48 20.11
C ASP E 477 33.71 -33.84 18.62
N ILE E 478 34.84 -33.56 17.99
CA ILE E 478 35.01 -33.81 16.56
C ILE E 478 36.06 -34.90 16.31
N GLY E 479 35.66 -35.94 15.60
CA GLY E 479 36.57 -37.02 15.26
C GLY E 479 37.21 -36.82 13.89
N GLY E 480 38.52 -36.97 13.83
CA GLY E 480 39.26 -36.79 12.59
C GLY E 480 39.39 -35.33 12.21
N LEU E 481 39.58 -35.07 10.92
CA LEU E 481 39.69 -33.71 10.40
C LEU E 481 40.78 -32.92 11.11
N GLU E 482 41.78 -33.62 11.63
CA GLU E 482 42.84 -32.97 12.40
C GLU E 482 43.53 -31.88 11.58
N ASP E 483 43.93 -32.23 10.35
CA ASP E 483 44.62 -31.28 9.48
C ASP E 483 43.74 -30.07 9.17
N VAL E 484 42.43 -30.28 9.13
CA VAL E 484 41.49 -29.19 8.90
C VAL E 484 41.41 -28.28 10.12
N LYS E 485 41.35 -28.89 11.31
CA LYS E 485 41.31 -28.13 12.55
C LYS E 485 42.53 -27.24 12.63
N ARG E 486 43.66 -27.78 12.21
CA ARG E 486 44.91 -27.05 12.23
C ARG E 486 44.81 -25.82 11.33
N GLU E 487 44.33 -26.01 10.11
CA GLU E 487 44.18 -24.92 9.16
C GLU E 487 43.24 -23.84 9.69
N LEU E 488 42.29 -24.24 10.54
CA LEU E 488 41.36 -23.30 11.13
C LEU E 488 42.05 -22.42 12.17
N GLN E 489 43.02 -22.99 12.89
CA GLN E 489 43.78 -22.21 13.86
C GLN E 489 44.59 -21.13 13.15
N GLU E 490 45.12 -21.49 11.99
CA GLU E 490 45.92 -20.55 11.20
C GLU E 490 45.07 -19.40 10.69
N LEU E 491 43.87 -19.71 10.22
CA LEU E 491 42.98 -18.71 9.62
C LEU E 491 42.26 -17.86 10.66
N VAL E 492 41.89 -18.48 11.78
CA VAL E 492 41.05 -17.81 12.77
C VAL E 492 41.80 -17.43 14.04
N GLN E 493 42.56 -18.37 14.59
CA GLN E 493 43.19 -18.17 15.90
C GLN E 493 44.43 -17.27 15.83
N TYR E 494 45.34 -17.60 14.93
CA TYR E 494 46.61 -16.89 14.80
C TYR E 494 46.44 -15.37 14.65
N PRO E 495 45.58 -14.93 13.73
CA PRO E 495 45.41 -13.48 13.55
C PRO E 495 44.86 -12.77 14.79
N VAL E 496 44.22 -13.52 15.68
CA VAL E 496 43.68 -12.95 16.92
C VAL E 496 44.72 -12.97 18.02
N GLU E 497 45.40 -14.10 18.17
CA GLU E 497 46.32 -14.31 19.28
C GLU E 497 47.72 -13.77 18.96
N HIS E 498 48.00 -13.57 17.67
CA HIS E 498 49.33 -13.12 17.25
C HIS E 498 49.25 -12.08 16.14
N PRO E 499 48.58 -10.95 16.42
CA PRO E 499 48.45 -9.90 15.40
C PRO E 499 49.80 -9.32 15.00
N ASP E 500 50.72 -9.21 15.96
CA ASP E 500 52.04 -8.65 15.71
C ASP E 500 52.75 -9.37 14.56
N LYS E 501 52.62 -10.70 14.53
CA LYS E 501 53.32 -11.50 13.53
C LYS E 501 52.86 -11.16 12.12
N PHE E 502 51.54 -11.05 11.96
CA PHE E 502 50.93 -10.74 10.67
C PHE E 502 51.32 -9.35 10.16
N LEU E 503 51.50 -8.42 11.07
CA LEU E 503 51.79 -7.04 10.70
C LEU E 503 53.16 -6.97 10.04
N LYS E 504 54.04 -7.84 10.47
CA LYS E 504 55.42 -7.85 10.01
C LYS E 504 55.53 -8.18 8.53
N PHE E 505 54.64 -9.06 8.05
CA PHE E 505 54.66 -9.46 6.65
C PHE E 505 54.03 -8.42 5.74
N GLY E 506 53.23 -7.54 6.33
CA GLY E 506 52.60 -6.46 5.59
C GLY E 506 51.57 -7.01 4.63
N MET E 507 51.14 -8.24 4.89
CA MET E 507 50.09 -8.88 4.12
C MET E 507 48.90 -9.15 5.03
N THR E 508 47.69 -8.95 4.51
CA THR E 508 46.47 -9.20 5.30
C THR E 508 45.89 -10.59 5.05
N PRO E 509 45.46 -11.26 6.13
CA PRO E 509 44.93 -12.63 6.03
C PRO E 509 43.51 -12.67 5.48
N SER E 510 43.13 -13.80 4.90
CA SER E 510 41.82 -13.95 4.29
C SER E 510 40.69 -13.68 5.29
N LYS E 511 39.54 -13.29 4.75
CA LYS E 511 38.42 -12.85 5.59
C LYS E 511 37.54 -14.00 6.05
N GLY E 512 37.21 -14.91 5.14
CA GLY E 512 36.24 -15.94 5.44
C GLY E 512 36.50 -17.28 4.76
N VAL E 513 35.73 -18.29 5.18
CA VAL E 513 35.94 -19.65 4.73
C VAL E 513 34.64 -20.29 4.25
N LEU E 514 34.76 -21.29 3.39
CA LEU E 514 33.60 -22.05 2.94
C LEU E 514 33.83 -23.55 3.12
N PHE E 515 33.06 -24.16 4.02
CA PHE E 515 33.04 -25.60 4.15
C PHE E 515 32.10 -26.17 3.09
N TYR E 516 32.55 -27.22 2.40
CA TYR E 516 31.68 -27.90 1.45
C TYR E 516 32.03 -29.38 1.40
N GLY E 517 31.01 -30.22 1.35
CA GLY E 517 31.20 -31.66 1.33
C GLY E 517 29.90 -32.37 1.59
N PRO E 518 29.93 -33.72 1.65
CA PRO E 518 28.72 -34.51 1.88
C PRO E 518 28.05 -34.17 3.20
N PRO E 519 26.73 -34.40 3.30
CA PRO E 519 25.96 -34.10 4.51
C PRO E 519 26.40 -34.91 5.74
N GLY E 520 26.42 -34.27 6.89
CA GLY E 520 26.66 -34.95 8.15
C GLY E 520 28.11 -35.36 8.33
N CYS E 521 29.03 -34.44 8.10
CA CYS E 521 30.45 -34.73 8.25
C CYS E 521 31.16 -33.79 9.21
N GLY E 522 30.41 -32.85 9.80
CA GLY E 522 30.93 -32.04 10.89
C GLY E 522 31.18 -30.58 10.57
N LYS E 523 30.54 -30.07 9.52
CA LYS E 523 30.73 -28.68 9.13
C LYS E 523 30.24 -27.72 10.22
N THR E 524 29.07 -28.02 10.79
CA THR E 524 28.53 -27.20 11.86
C THR E 524 29.41 -27.28 13.10
N LEU E 525 29.90 -28.47 13.40
CA LEU E 525 30.74 -28.69 14.57
C LEU E 525 32.05 -27.89 14.48
N LEU E 526 32.67 -27.92 13.31
CA LEU E 526 33.94 -27.24 13.10
C LEU E 526 33.84 -25.73 13.34
N ALA E 527 32.76 -25.13 12.83
CA ALA E 527 32.55 -23.69 12.98
C ALA E 527 32.47 -23.30 14.46
N LYS E 528 31.76 -24.11 15.24
CA LYS E 528 31.60 -23.84 16.67
C LYS E 528 32.90 -24.15 17.42
N ALA E 529 33.60 -25.20 16.97
CA ALA E 529 34.81 -25.63 17.63
C ALA E 529 35.88 -24.54 17.60
N ILE E 530 36.17 -24.03 16.41
CA ILE E 530 37.20 -23.01 16.25
C ILE E 530 36.85 -21.75 17.06
N ALA E 531 35.57 -21.47 17.19
CA ALA E 531 35.10 -20.35 17.99
C ALA E 531 35.41 -20.62 19.46
N ASN E 532 35.18 -21.86 19.88
CA ASN E 532 35.44 -22.28 21.26
C ASN E 532 36.92 -22.19 21.62
N GLU E 533 37.78 -22.60 20.68
CA GLU E 533 39.22 -22.56 20.90
C GLU E 533 39.73 -21.14 21.10
N CYS E 534 39.14 -20.20 20.39
CA CYS E 534 39.57 -18.80 20.45
C CYS E 534 38.79 -18.01 21.50
N GLN E 535 37.94 -18.69 22.26
CA GLN E 535 37.08 -18.02 23.23
C GLN E 535 36.46 -16.77 22.60
N ALA E 536 36.03 -16.90 21.36
CA ALA E 536 35.42 -15.81 20.62
C ALA E 536 33.93 -16.04 20.45
N ASN E 537 33.15 -14.96 20.42
CA ASN E 537 31.71 -15.07 20.25
C ASN E 537 31.36 -15.78 18.95
N PHE E 538 30.15 -16.34 18.90
CA PHE E 538 29.72 -17.13 17.76
C PHE E 538 28.28 -16.83 17.40
N ILE E 539 28.04 -16.63 16.11
CA ILE E 539 26.69 -16.38 15.61
C ILE E 539 26.35 -17.32 14.47
N SER E 540 25.36 -18.18 14.67
CA SER E 540 24.93 -19.11 13.64
C SER E 540 23.65 -18.61 12.99
N ILE E 541 23.63 -18.59 11.66
CA ILE E 541 22.45 -18.19 10.92
C ILE E 541 22.19 -19.16 9.77
N LYS E 542 21.18 -19.99 9.95
CA LYS E 542 20.84 -21.02 8.97
C LYS E 542 20.05 -20.45 7.80
N GLY E 543 20.23 -21.07 6.63
CA GLY E 543 19.55 -20.63 5.42
C GLY E 543 18.10 -20.27 5.65
N PRO E 544 17.31 -21.24 6.12
CA PRO E 544 15.88 -21.03 6.38
C PRO E 544 15.58 -19.79 7.21
N GLU E 545 16.44 -19.46 8.18
CA GLU E 545 16.24 -18.27 8.99
C GLU E 545 16.25 -17.02 8.11
N LEU E 546 17.07 -17.03 7.06
CA LEU E 546 17.16 -15.90 6.14
C LEU E 546 15.97 -15.85 5.19
N LEU E 547 15.39 -17.01 4.90
CA LEU E 547 14.23 -17.08 4.01
C LEU E 547 12.93 -16.85 4.77
N THR E 548 13.03 -16.69 6.09
CA THR E 548 11.86 -16.45 6.93
C THR E 548 11.54 -14.96 6.94
N MET E 549 12.57 -14.14 7.04
CA MET E 549 12.40 -12.69 7.08
C MET E 549 11.46 -12.27 5.96
N TRP E 550 10.50 -11.42 6.28
CA TRP E 550 9.57 -10.87 5.31
C TRP E 550 10.38 -10.19 4.19
N PHE E 551 9.81 -10.08 2.99
CA PHE E 551 10.56 -9.52 1.87
C PHE E 551 11.17 -8.17 2.23
N GLY E 552 10.35 -7.25 2.71
CA GLY E 552 10.82 -5.92 3.05
C GLY E 552 11.75 -5.92 4.26
N GLU E 553 11.41 -6.74 5.24
CA GLU E 553 12.16 -6.77 6.50
C GLU E 553 13.56 -7.33 6.32
N SER E 554 13.72 -8.20 5.32
CA SER E 554 14.99 -8.91 5.12
C SER E 554 16.21 -8.00 5.05
N GLU E 555 16.05 -6.82 4.48
CA GLU E 555 17.19 -5.94 4.22
C GLU E 555 17.78 -5.37 5.50
N ALA E 556 16.92 -4.98 6.44
CA ALA E 556 17.37 -4.36 7.68
C ALA E 556 17.89 -5.39 8.69
N ASN E 557 17.42 -6.63 8.55
CA ASN E 557 17.83 -7.70 9.47
C ASN E 557 19.25 -8.16 9.18
N VAL E 558 19.60 -8.23 7.90
CA VAL E 558 20.94 -8.64 7.50
C VAL E 558 21.96 -7.66 8.09
N ARG E 559 21.66 -6.37 8.00
CA ARG E 559 22.54 -5.35 8.59
C ARG E 559 22.73 -5.59 10.08
N GLU E 560 21.63 -5.86 10.78
CA GLU E 560 21.67 -6.07 12.23
C GLU E 560 22.57 -7.24 12.60
N ILE E 561 22.62 -8.24 11.74
CA ILE E 561 23.45 -9.41 11.98
C ILE E 561 24.94 -9.07 11.94
N PHE E 562 25.35 -8.41 10.86
CA PHE E 562 26.75 -8.05 10.68
C PHE E 562 27.16 -7.02 11.74
N ASP E 563 26.22 -6.19 12.15
CA ASP E 563 26.47 -5.22 13.21
C ASP E 563 26.77 -5.94 14.52
N LYS E 564 25.95 -6.92 14.87
CA LYS E 564 26.16 -7.69 16.10
C LYS E 564 27.51 -8.42 16.06
N ALA E 565 27.96 -8.79 14.87
CA ALA E 565 29.25 -9.44 14.73
C ALA E 565 30.38 -8.49 15.11
N ARG E 566 30.23 -7.22 14.73
CA ARG E 566 31.20 -6.20 15.09
C ARG E 566 31.19 -5.98 16.59
N GLN E 567 29.99 -5.85 17.16
CA GLN E 567 29.83 -5.61 18.58
C GLN E 567 30.55 -6.71 19.37
N ALA E 568 30.49 -7.93 18.84
CA ALA E 568 30.99 -9.10 19.56
C ALA E 568 32.39 -9.51 19.14
N ALA E 569 33.08 -8.64 18.41
CA ALA E 569 34.44 -8.94 17.97
C ALA E 569 35.37 -9.12 19.17
N PRO E 570 36.23 -10.14 19.14
CA PRO E 570 36.37 -11.10 18.03
C PRO E 570 35.19 -12.05 17.95
N CYS E 571 34.71 -12.29 16.74
CA CYS E 571 33.53 -13.11 16.54
C CYS E 571 33.61 -13.87 15.23
N VAL E 572 33.06 -15.08 15.23
CA VAL E 572 32.98 -15.87 14.01
C VAL E 572 31.51 -16.00 13.59
N LEU E 573 31.20 -15.41 12.44
CA LEU E 573 29.84 -15.40 11.91
C LEU E 573 29.65 -16.57 10.95
N PHE E 574 28.76 -17.48 11.29
CA PHE E 574 28.60 -18.72 10.55
C PHE E 574 27.27 -18.80 9.83
N PHE E 575 27.31 -18.77 8.50
CA PHE E 575 26.12 -18.97 7.68
C PHE E 575 26.00 -20.44 7.32
N ASP E 576 25.12 -21.14 8.03
CA ASP E 576 24.98 -22.58 7.86
C ASP E 576 23.86 -22.88 6.88
N GLU E 577 23.85 -24.12 6.36
CA GLU E 577 22.78 -24.58 5.49
C GLU E 577 22.53 -23.61 4.34
N LEU E 578 23.59 -23.25 3.62
CA LEU E 578 23.47 -22.35 2.48
C LEU E 578 22.73 -22.99 1.31
N ASP E 579 22.79 -24.31 1.24
CA ASP E 579 22.16 -25.04 0.14
C ASP E 579 20.66 -24.73 0.06
N SER E 580 20.05 -24.45 1.20
CA SER E 580 18.63 -24.12 1.23
C SER E 580 18.34 -22.83 0.46
N ILE E 581 19.25 -21.86 0.54
CA ILE E 581 19.07 -20.59 -0.14
C ILE E 581 19.37 -20.72 -1.62
N ALA E 582 20.37 -21.53 -1.97
CA ALA E 582 20.70 -21.77 -3.36
C ALA E 582 19.48 -22.31 -4.09
N LYS E 583 18.86 -23.31 -3.48
CA LYS E 583 17.66 -23.93 -4.03
C LYS E 583 16.55 -22.90 -4.24
N ALA E 584 16.52 -21.88 -3.39
CA ALA E 584 15.42 -20.92 -3.39
C ALA E 584 15.57 -19.86 -4.48
N ARG E 585 16.72 -19.81 -5.13
CA ARG E 585 16.97 -18.83 -6.17
C ARG E 585 16.72 -19.43 -7.55
N GLY E 586 17.12 -20.68 -7.72
CA GLY E 586 16.93 -21.38 -8.99
C GLY E 586 17.15 -22.87 -8.86
N GLY E 593 12.88 -17.24 -6.35
CA GLY E 593 12.82 -16.55 -5.08
C GLY E 593 13.50 -15.19 -5.13
N GLY E 594 12.69 -14.14 -5.19
CA GLY E 594 13.21 -12.78 -5.25
C GLY E 594 13.77 -12.34 -3.91
N ALA E 595 13.37 -13.02 -2.84
CA ALA E 595 13.83 -12.71 -1.50
C ALA E 595 15.24 -13.24 -1.29
N ALA E 596 15.46 -14.49 -1.67
CA ALA E 596 16.76 -15.12 -1.51
C ALA E 596 17.83 -14.33 -2.25
N ASP E 597 17.43 -13.71 -3.36
CA ASP E 597 18.35 -12.90 -4.15
C ASP E 597 18.76 -11.66 -3.37
N ARG E 598 17.78 -10.95 -2.85
CA ARG E 598 18.04 -9.69 -2.15
C ARG E 598 18.95 -9.97 -0.96
N VAL E 599 18.66 -11.07 -0.26
CA VAL E 599 19.40 -11.44 0.93
C VAL E 599 20.87 -11.74 0.64
N ILE E 600 21.12 -12.71 -0.23
CA ILE E 600 22.49 -13.10 -0.52
C ILE E 600 23.29 -11.95 -1.12
N ASN E 601 22.67 -11.20 -2.03
CA ASN E 601 23.35 -10.05 -2.63
C ASN E 601 23.70 -8.99 -1.61
N GLN E 602 22.86 -8.84 -0.58
CA GLN E 602 23.14 -7.89 0.49
C GLN E 602 24.22 -8.45 1.40
N ILE E 603 24.22 -9.76 1.56
CA ILE E 603 25.26 -10.43 2.33
C ILE E 603 26.62 -10.19 1.68
N LEU E 604 26.66 -10.32 0.35
CA LEU E 604 27.88 -10.03 -0.40
C LEU E 604 28.31 -8.60 -0.16
N THR E 605 27.34 -7.68 -0.20
CA THR E 605 27.61 -6.27 0.04
C THR E 605 28.21 -6.07 1.43
N GLU E 606 27.62 -6.75 2.42
CA GLU E 606 28.09 -6.62 3.80
C GLU E 606 29.49 -7.20 3.98
N MET E 607 29.75 -8.33 3.32
CA MET E 607 31.07 -8.97 3.40
C MET E 607 32.15 -7.98 2.96
N ASP E 608 31.90 -7.29 1.86
CA ASP E 608 32.85 -6.34 1.31
C ASP E 608 33.08 -5.18 2.27
N GLY E 609 32.01 -4.75 2.93
CA GLY E 609 32.09 -3.66 3.89
C GLY E 609 32.79 -4.07 5.17
N MET E 610 32.85 -5.38 5.41
CA MET E 610 33.50 -5.91 6.59
C MET E 610 35.02 -5.80 6.47
N SER E 611 35.61 -4.92 7.26
CA SER E 611 37.06 -4.75 7.25
C SER E 611 37.71 -5.92 8.00
N THR E 612 38.72 -6.51 7.39
CA THR E 612 39.42 -7.65 7.97
C THR E 612 40.04 -7.32 9.33
N LYS E 613 40.24 -6.03 9.57
CA LYS E 613 40.92 -5.55 10.77
C LYS E 613 40.04 -5.67 12.02
N LYS E 614 38.76 -5.97 11.81
CA LYS E 614 37.78 -6.03 12.91
C LYS E 614 37.83 -7.36 13.67
N ASN E 615 38.63 -8.30 13.20
CA ASN E 615 38.70 -9.63 13.81
C ASN E 615 37.36 -10.36 13.73
N VAL E 616 36.65 -10.17 12.62
CA VAL E 616 35.43 -10.90 12.36
C VAL E 616 35.64 -11.89 11.22
N PHE E 617 35.49 -13.17 11.51
CA PHE E 617 35.69 -14.21 10.51
C PHE E 617 34.35 -14.79 10.08
N ILE E 618 34.10 -14.80 8.78
CA ILE E 618 32.84 -15.31 8.27
C ILE E 618 33.03 -16.70 7.67
N ILE E 619 32.23 -17.66 8.12
CA ILE E 619 32.29 -19.01 7.56
C ILE E 619 30.95 -19.39 6.94
N GLY E 620 31.02 -20.06 5.79
CA GLY E 620 29.84 -20.56 5.11
C GLY E 620 29.94 -22.07 4.99
N ALA E 621 28.79 -22.74 4.93
CA ALA E 621 28.76 -24.19 4.80
C ALA E 621 27.66 -24.61 3.84
N THR E 622 27.94 -25.62 3.02
CA THR E 622 26.94 -26.11 2.08
C THR E 622 27.17 -27.57 1.71
N ASN E 623 26.09 -28.32 1.53
CA ASN E 623 26.17 -29.68 1.05
C ASN E 623 26.04 -29.74 -0.47
N ARG E 624 25.93 -28.59 -1.10
CA ARG E 624 25.67 -28.54 -2.53
C ARG E 624 26.53 -27.49 -3.21
N PRO E 625 27.80 -27.83 -3.49
CA PRO E 625 28.79 -26.97 -4.15
C PRO E 625 28.52 -26.76 -5.63
N ASP E 626 27.54 -27.48 -6.17
CA ASP E 626 27.21 -27.40 -7.59
C ASP E 626 26.31 -26.22 -7.92
N ILE E 627 25.63 -25.67 -6.92
CA ILE E 627 24.68 -24.59 -7.15
C ILE E 627 24.97 -23.35 -6.31
N ILE E 628 26.13 -23.30 -5.66
CA ILE E 628 26.47 -22.15 -4.85
C ILE E 628 26.85 -20.97 -5.74
N ASP E 629 26.46 -19.77 -5.33
CA ASP E 629 26.70 -18.56 -6.11
C ASP E 629 28.20 -18.27 -6.18
N PRO E 630 28.77 -18.31 -7.39
CA PRO E 630 30.21 -18.05 -7.58
C PRO E 630 30.65 -16.73 -6.94
N ALA E 631 29.73 -15.78 -6.86
CA ALA E 631 30.03 -14.47 -6.27
C ALA E 631 30.57 -14.61 -4.85
N ILE E 632 30.09 -15.63 -4.13
CA ILE E 632 30.51 -15.85 -2.76
C ILE E 632 31.97 -16.32 -2.68
N LEU E 633 32.45 -16.91 -3.76
CA LEU E 633 33.80 -17.47 -3.80
C LEU E 633 34.85 -16.49 -4.31
N ARG E 634 34.45 -15.25 -4.56
CA ARG E 634 35.39 -14.26 -5.06
C ARG E 634 36.44 -13.97 -4.00
N PRO E 635 37.72 -13.89 -4.43
CA PRO E 635 38.79 -13.45 -3.52
C PRO E 635 38.35 -12.25 -2.71
N GLY E 636 38.51 -12.32 -1.39
CA GLY E 636 38.10 -11.24 -0.51
C GLY E 636 36.84 -11.58 0.28
N ARG E 637 36.12 -12.60 -0.18
CA ARG E 637 34.94 -13.07 0.53
C ARG E 637 35.21 -14.46 1.09
N LEU E 638 34.37 -15.44 0.75
CA LEU E 638 34.60 -16.80 1.20
C LEU E 638 35.53 -17.50 0.22
N ASP E 639 36.81 -17.12 0.24
CA ASP E 639 37.78 -17.59 -0.73
C ASP E 639 38.59 -18.78 -0.23
N GLN E 640 38.44 -19.11 1.05
CA GLN E 640 39.09 -20.28 1.61
C GLN E 640 38.17 -21.50 1.51
N LEU E 641 38.39 -22.31 0.48
CA LEU E 641 37.52 -23.44 0.22
C LEU E 641 38.05 -24.71 0.88
N ILE E 642 37.50 -25.04 2.03
CA ILE E 642 37.89 -26.23 2.77
C ILE E 642 36.90 -27.36 2.51
N TYR E 643 37.40 -28.46 1.94
CA TYR E 643 36.59 -29.62 1.64
C TYR E 643 36.55 -30.56 2.84
N ILE E 644 35.36 -31.04 3.18
CA ILE E 644 35.19 -31.90 4.33
C ILE E 644 34.48 -33.19 3.93
N PRO E 645 35.26 -34.26 3.69
CA PRO E 645 34.78 -35.52 3.14
C PRO E 645 34.27 -36.50 4.19
N LEU E 646 33.83 -37.66 3.73
CA LEU E 646 33.44 -38.75 4.63
C LEU E 646 34.66 -39.20 5.45
N PRO E 647 34.42 -39.64 6.68
CA PRO E 647 35.50 -40.06 7.58
C PRO E 647 36.14 -41.39 7.17
N ASP E 648 37.46 -41.45 7.17
CA ASP E 648 38.18 -42.69 6.90
C ASP E 648 38.09 -43.61 8.11
N GLU E 649 38.63 -44.82 7.98
CA GLU E 649 38.48 -45.84 9.03
C GLU E 649 38.84 -45.34 10.42
N LYS E 650 40.05 -44.79 10.57
CA LYS E 650 40.50 -44.32 11.88
C LYS E 650 39.64 -43.19 12.41
N SER E 651 39.23 -42.29 11.51
CA SER E 651 38.43 -41.13 11.90
C SER E 651 37.07 -41.60 12.44
N ARG E 652 36.50 -42.62 11.81
CA ARG E 652 35.21 -43.13 12.22
C ARG E 652 35.24 -43.60 13.68
N VAL E 653 36.37 -44.19 14.09
CA VAL E 653 36.53 -44.63 15.46
C VAL E 653 36.48 -43.45 16.42
N ALA E 654 37.15 -42.36 16.05
CA ALA E 654 37.17 -41.16 16.88
C ALA E 654 35.77 -40.62 17.08
N ILE E 655 34.97 -40.64 16.01
CA ILE E 655 33.60 -40.16 16.06
C ILE E 655 32.78 -41.00 17.03
N LEU E 656 32.91 -42.31 16.91
CA LEU E 656 32.18 -43.24 17.79
C LEU E 656 32.53 -42.99 19.24
N LYS E 657 33.81 -42.80 19.53
CA LYS E 657 34.26 -42.52 20.89
C LYS E 657 33.65 -41.22 21.41
N ALA E 658 33.71 -40.17 20.60
CA ALA E 658 33.24 -38.86 21.00
C ALA E 658 31.78 -38.89 21.43
N ASN E 659 30.93 -39.53 20.64
CA ASN E 659 29.50 -39.58 20.92
C ASN E 659 29.17 -40.46 22.12
N LEU E 660 30.00 -41.47 22.35
CA LEU E 660 29.73 -42.45 23.39
C LEU E 660 30.38 -42.12 24.73
N ARG E 661 30.98 -40.93 24.84
CA ARG E 661 31.60 -40.49 26.08
C ARG E 661 30.57 -40.39 27.20
N LYS E 662 29.42 -39.81 26.90
CA LYS E 662 28.42 -39.49 27.92
C LYS E 662 27.61 -40.73 28.29
N SER E 663 27.69 -41.76 27.45
CA SER E 663 26.86 -42.94 27.62
C SER E 663 27.66 -44.09 28.20
N PRO E 664 27.01 -44.94 29.01
CA PRO E 664 27.65 -46.13 29.59
C PRO E 664 27.68 -47.28 28.61
N VAL E 665 28.83 -47.49 27.97
CA VAL E 665 28.99 -48.54 26.98
C VAL E 665 29.70 -49.72 27.61
N ALA E 666 29.33 -50.93 27.20
CA ALA E 666 29.97 -52.13 27.73
C ALA E 666 31.40 -52.21 27.20
N LYS E 667 32.27 -52.81 28.00
CA LYS E 667 33.68 -52.91 27.65
C LYS E 667 33.83 -53.93 26.52
N ASP E 668 32.80 -54.75 26.36
CA ASP E 668 32.79 -55.81 25.35
C ASP E 668 32.64 -55.25 23.94
N VAL E 669 32.09 -54.05 23.83
CA VAL E 669 31.83 -53.44 22.52
C VAL E 669 33.14 -53.05 21.83
N ASP E 670 33.38 -53.63 20.65
CA ASP E 670 34.59 -53.33 19.90
C ASP E 670 34.28 -52.30 18.83
N LEU E 671 34.77 -51.08 19.02
CA LEU E 671 34.46 -49.97 18.14
C LEU E 671 35.38 -49.92 16.92
N GLU E 672 36.56 -50.53 17.06
CA GLU E 672 37.52 -50.56 15.96
C GLU E 672 36.94 -51.40 14.83
N PHE E 673 36.23 -52.47 15.21
CA PHE E 673 35.55 -53.34 14.25
C PHE E 673 34.32 -52.64 13.69
N LEU E 674 33.60 -51.94 14.56
CA LEU E 674 32.43 -51.20 14.16
C LEU E 674 32.80 -50.21 13.05
N ALA E 675 33.93 -49.55 13.21
CA ALA E 675 34.40 -48.57 12.24
C ALA E 675 34.78 -49.22 10.91
N LYS E 676 35.41 -50.38 10.98
CA LYS E 676 35.91 -51.07 9.78
C LYS E 676 34.77 -51.47 8.84
N MET E 677 33.61 -51.79 9.41
CA MET E 677 32.46 -52.25 8.63
C MET E 677 31.62 -51.10 8.06
N THR E 678 31.82 -49.91 8.58
CA THR E 678 30.99 -48.77 8.21
C THR E 678 31.71 -47.84 7.24
N ASN E 679 32.40 -48.44 6.27
CA ASN E 679 33.09 -47.67 5.23
C ASN E 679 32.10 -47.05 4.26
N GLY E 680 32.07 -45.72 4.22
CA GLY E 680 31.15 -44.99 3.35
C GLY E 680 30.10 -44.25 4.15
N PHE E 681 30.01 -44.55 5.44
CA PHE E 681 29.06 -43.91 6.33
C PHE E 681 29.56 -42.54 6.78
N SER E 682 28.64 -41.60 6.95
CA SER E 682 28.98 -40.26 7.41
C SER E 682 29.01 -40.22 8.93
N GLY E 683 29.43 -39.07 9.47
CA GLY E 683 29.46 -38.91 10.92
C GLY E 683 28.07 -38.97 11.51
N ALA E 684 27.11 -38.39 10.81
CA ALA E 684 25.72 -38.38 11.27
C ALA E 684 25.13 -39.79 11.21
N ASP E 685 25.56 -40.57 10.23
CA ASP E 685 25.10 -41.95 10.11
C ASP E 685 25.55 -42.75 11.32
N LEU E 686 26.79 -42.52 11.74
CA LEU E 686 27.35 -43.24 12.89
C LEU E 686 26.61 -42.86 14.16
N THR E 687 26.31 -41.57 14.32
CA THR E 687 25.60 -41.10 15.50
C THR E 687 24.22 -41.74 15.59
N GLU E 688 23.59 -41.95 14.45
CA GLU E 688 22.25 -42.54 14.42
C GLU E 688 22.32 -44.01 14.79
N ILE E 689 23.40 -44.67 14.40
CA ILE E 689 23.61 -46.07 14.76
C ILE E 689 23.76 -46.20 16.27
N CYS E 690 24.54 -45.29 16.85
CA CYS E 690 24.73 -45.27 18.29
C CYS E 690 23.40 -45.00 19.00
N GLN E 691 22.62 -44.07 18.47
CA GLN E 691 21.33 -43.73 19.07
C GLN E 691 20.35 -44.89 18.95
N ARG E 692 20.35 -45.55 17.80
CA ARG E 692 19.45 -46.68 17.56
C ARG E 692 19.82 -47.87 18.44
N ALA E 693 21.12 -48.08 18.63
CA ALA E 693 21.59 -49.15 19.50
C ALA E 693 21.26 -48.82 20.95
N CYS E 694 21.28 -47.53 21.29
CA CYS E 694 20.98 -47.10 22.64
C CYS E 694 19.49 -47.24 22.98
N LYS E 695 18.63 -46.97 22.00
CA LYS E 695 17.20 -47.11 22.20
C LYS E 695 16.81 -48.55 22.50
N LEU E 696 17.54 -49.49 21.90
CA LEU E 696 17.29 -50.91 22.17
C LEU E 696 17.64 -51.21 23.62
N ALA E 697 18.76 -50.65 24.09
CA ALA E 697 19.20 -50.84 25.46
C ALA E 697 18.19 -50.22 26.44
N ILE E 698 17.66 -49.06 26.06
CA ILE E 698 16.68 -48.37 26.91
C ILE E 698 15.41 -49.19 26.98
N ARG E 699 14.97 -49.71 25.84
CA ARG E 699 13.76 -50.51 25.76
C ARG E 699 13.88 -51.68 26.72
N GLU E 700 15.02 -52.35 26.67
CA GLU E 700 15.28 -53.53 27.49
C GLU E 700 15.41 -53.16 28.97
N SER E 701 15.93 -51.97 29.24
CA SER E 701 16.08 -51.52 30.61
C SER E 701 14.72 -51.28 31.24
N ILE E 702 13.78 -50.80 30.44
CA ILE E 702 12.44 -50.48 30.92
C ILE E 702 11.62 -51.76 31.13
N GLU E 703 11.49 -52.57 30.09
CA GLU E 703 10.68 -53.78 30.19
C GLU E 703 11.23 -54.74 31.26
N SER E 704 12.52 -55.07 31.16
CA SER E 704 13.15 -55.99 32.10
C SER E 704 14.36 -55.40 32.83
N GLU E 705 14.14 -54.91 34.05
CA GLU E 705 15.20 -54.33 34.87
C GLU E 705 16.57 -55.00 34.70
N ILE E 706 17.40 -54.49 33.79
CA ILE E 706 18.72 -55.06 33.60
C ILE E 706 19.78 -53.98 33.79
N ARG E 707 21.01 -54.41 34.05
CA ARG E 707 22.16 -53.52 34.22
C ARG E 707 22.21 -52.52 33.07
N PRO E 708 22.23 -51.18 33.38
CA PRO E 708 22.11 -50.20 32.29
C PRO E 708 23.40 -50.00 31.50
N GLU E 709 23.65 -50.89 30.55
CA GLU E 709 24.77 -50.75 29.64
C GLU E 709 24.35 -51.25 28.26
N ILE E 710 24.96 -50.70 27.21
CA ILE E 710 24.65 -51.14 25.85
C ILE E 710 25.78 -52.06 25.36
N ARG E 711 25.40 -53.24 24.91
CA ARG E 711 26.37 -54.29 24.59
C ARG E 711 26.44 -54.51 23.09
N ARG E 712 27.31 -55.42 22.66
CA ARG E 712 27.52 -55.68 21.24
C ARG E 712 26.21 -56.07 20.57
N ASP E 713 25.39 -56.85 21.26
CA ASP E 713 24.15 -57.35 20.67
C ASP E 713 23.30 -56.18 20.22
N HIS E 714 23.38 -55.06 20.94
CA HIS E 714 22.64 -53.85 20.57
C HIS E 714 23.22 -53.19 19.32
N PHE E 715 24.54 -53.07 19.27
CA PHE E 715 25.20 -52.48 18.10
C PHE E 715 25.05 -53.34 16.86
N GLU E 716 25.17 -54.66 17.04
CA GLU E 716 25.08 -55.59 15.94
C GLU E 716 23.68 -55.58 15.34
N GLU E 717 22.69 -55.33 16.19
CA GLU E 717 21.30 -55.32 15.74
C GLU E 717 21.03 -54.04 14.97
N ALA E 718 21.54 -52.92 15.49
CA ALA E 718 21.39 -51.63 14.84
C ALA E 718 22.13 -51.61 13.50
N MET E 719 23.25 -52.32 13.44
CA MET E 719 24.06 -52.37 12.24
C MET E 719 23.32 -53.14 11.15
N ARG E 720 22.45 -54.04 11.59
CA ARG E 720 21.67 -54.89 10.68
C ARG E 720 20.68 -54.05 9.85
N PHE E 721 20.21 -52.95 10.41
CA PHE E 721 19.29 -52.07 9.70
C PHE E 721 19.94 -50.78 9.22
N ALA E 722 21.20 -50.56 9.59
CA ALA E 722 21.89 -49.31 9.25
C ALA E 722 22.04 -49.13 7.74
N ARG E 723 21.88 -47.90 7.27
CA ARG E 723 22.00 -47.60 5.86
C ARG E 723 22.83 -46.33 5.64
N ARG E 724 23.34 -46.16 4.42
CA ARG E 724 24.23 -45.05 4.09
C ARG E 724 23.46 -43.83 3.58
N SER E 725 23.85 -42.66 4.07
CA SER E 725 23.21 -41.41 3.68
C SER E 725 23.86 -40.83 2.43
N VAL E 726 25.09 -41.25 2.15
CA VAL E 726 25.81 -40.76 0.98
C VAL E 726 26.13 -41.92 0.03
N SER E 727 25.51 -41.88 -1.15
CA SER E 727 25.70 -42.93 -2.14
C SER E 727 27.06 -42.81 -2.81
N ASP E 728 27.43 -43.82 -3.60
CA ASP E 728 28.70 -43.82 -4.31
C ASP E 728 28.72 -42.72 -5.37
N ASN E 729 27.63 -42.59 -6.12
CA ASN E 729 27.54 -41.57 -7.15
C ASN E 729 27.80 -40.19 -6.58
N ASP E 730 27.25 -39.94 -5.39
CA ASP E 730 27.48 -38.66 -4.73
C ASP E 730 28.96 -38.49 -4.41
N ILE E 731 29.58 -39.52 -3.85
CA ILE E 731 30.99 -39.45 -3.49
C ILE E 731 31.83 -39.06 -4.70
N ARG E 732 31.65 -39.77 -5.81
CA ARG E 732 32.38 -39.49 -7.02
C ARG E 732 32.24 -38.02 -7.43
N LYS E 733 31.03 -37.49 -7.34
CA LYS E 733 30.77 -36.09 -7.69
C LYS E 733 31.44 -35.12 -6.72
N TYR E 734 31.25 -35.35 -5.43
CA TYR E 734 31.82 -34.47 -4.41
C TYR E 734 33.34 -34.37 -4.55
N GLU E 735 34.00 -35.48 -4.88
CA GLU E 735 35.44 -35.48 -5.05
C GLU E 735 35.84 -34.62 -6.25
N MET E 736 34.99 -34.61 -7.26
CA MET E 736 35.26 -33.83 -8.47
C MET E 736 35.21 -32.34 -8.16
N PHE E 737 34.23 -31.92 -7.36
CA PHE E 737 34.14 -30.53 -6.93
C PHE E 737 35.31 -30.15 -6.02
N ALA E 738 35.91 -31.15 -5.38
CA ALA E 738 37.05 -30.91 -4.51
C ALA E 738 38.27 -30.42 -5.31
N GLN E 739 38.24 -30.64 -6.62
CA GLN E 739 39.36 -30.23 -7.47
C GLN E 739 39.02 -29.08 -8.41
N THR E 740 37.75 -28.69 -8.48
CA THR E 740 37.31 -27.72 -9.49
C THR E 740 36.30 -26.69 -8.99
N LEU E 741 36.19 -26.53 -7.68
CA LEU E 741 35.22 -25.58 -7.12
C LEU E 741 35.67 -24.14 -7.36
N GLN E 742 36.99 -23.94 -7.43
CA GLN E 742 37.56 -22.62 -7.70
C GLN E 742 37.33 -22.17 -9.15
N GLN E 743 36.93 -23.10 -10.01
CA GLN E 743 36.74 -22.79 -11.42
C GLN E 743 35.29 -22.38 -11.70
N SER E 744 34.49 -22.19 -10.66
CA SER E 744 33.06 -21.96 -10.86
C SER E 744 32.77 -20.48 -11.09
N ARG E 745 33.80 -19.65 -11.07
CA ARG E 745 33.62 -18.21 -11.23
C ARG E 745 33.64 -17.81 -12.70
N GLY E 746 33.97 -18.75 -13.58
CA GLY E 746 33.91 -18.52 -15.01
C GLY E 746 32.62 -19.10 -15.57
N PHE E 747 32.74 -20.05 -16.49
CA PHE E 747 31.57 -20.78 -16.98
C PHE E 747 31.81 -22.29 -17.00
N GLY E 748 31.91 -22.88 -15.81
CA GLY E 748 32.17 -24.30 -15.68
C GLY E 748 31.05 -25.13 -16.30
N SER E 749 31.38 -26.36 -16.69
CA SER E 749 30.42 -27.27 -17.30
C SER E 749 29.38 -26.51 -18.13
N ASN F 20 -1.56 -30.64 63.31
CA ASN F 20 -2.01 -31.84 62.64
C ASN F 20 -3.20 -32.50 63.36
N ARG F 21 -4.04 -31.67 63.96
CA ARG F 21 -5.22 -32.17 64.66
C ARG F 21 -6.16 -32.82 63.65
N PRO F 22 -6.85 -33.90 64.05
CA PRO F 22 -7.67 -34.62 63.07
C PRO F 22 -8.90 -33.86 62.58
N ASN F 23 -9.50 -33.06 63.46
CA ASN F 23 -10.73 -32.35 63.14
C ASN F 23 -10.57 -31.25 62.08
N ARG F 24 -9.40 -30.61 62.06
CA ARG F 24 -9.14 -29.56 61.09
C ARG F 24 -8.93 -30.11 59.68
N LEU F 25 -9.68 -29.58 58.72
CA LEU F 25 -9.50 -29.96 57.32
C LEU F 25 -9.81 -28.77 56.42
N ILE F 26 -9.27 -28.79 55.20
CA ILE F 26 -9.39 -27.67 54.27
C ILE F 26 -10.53 -27.91 53.27
N VAL F 27 -11.31 -26.87 53.02
CA VAL F 27 -12.43 -26.97 52.08
C VAL F 27 -11.93 -27.01 50.64
N ASP F 28 -12.53 -27.86 49.82
CA ASP F 28 -12.09 -28.05 48.44
C ASP F 28 -13.28 -28.25 47.51
N GLU F 29 -13.00 -28.27 46.20
CA GLU F 29 -14.04 -28.48 45.20
C GLU F 29 -14.82 -29.76 45.51
N ALA F 30 -16.05 -29.83 44.99
CA ALA F 30 -16.91 -30.98 45.22
C ALA F 30 -17.03 -31.84 43.96
N ILE F 31 -17.20 -33.15 44.16
CA ILE F 31 -17.44 -34.07 43.07
C ILE F 31 -18.90 -34.51 43.07
N ASN F 32 -19.41 -34.83 44.26
CA ASN F 32 -20.81 -35.17 44.41
C ASN F 32 -21.68 -33.92 44.39
N GLU F 33 -22.50 -33.79 43.35
CA GLU F 33 -23.33 -32.59 43.18
C GLU F 33 -24.40 -32.48 44.26
N ASP F 34 -24.55 -33.54 45.05
CA ASP F 34 -25.54 -33.56 46.12
C ASP F 34 -25.24 -32.48 47.15
N ASN F 35 -26.29 -31.77 47.57
CA ASN F 35 -26.14 -30.66 48.52
C ASN F 35 -25.71 -31.13 49.90
N SER F 36 -26.37 -32.16 50.40
CA SER F 36 -26.16 -32.63 51.76
C SER F 36 -25.02 -33.65 51.85
N VAL F 37 -24.09 -33.61 50.90
CA VAL F 37 -23.00 -34.57 50.87
C VAL F 37 -21.64 -33.90 50.98
N VAL F 38 -20.81 -34.41 51.89
CA VAL F 38 -19.42 -34.00 51.99
C VAL F 38 -18.55 -35.25 51.89
N SER F 39 -17.33 -35.09 51.38
CA SER F 39 -16.46 -36.25 51.13
C SER F 39 -15.11 -36.12 51.82
N LEU F 40 -14.63 -37.23 52.35
CA LEU F 40 -13.30 -37.31 52.95
C LEU F 40 -12.57 -38.48 52.30
N SER F 41 -11.29 -38.63 52.61
CA SER F 41 -10.55 -39.80 52.15
C SER F 41 -10.81 -40.95 53.14
N GLN F 42 -10.89 -42.16 52.62
CA GLN F 42 -11.16 -43.33 53.46
C GLN F 42 -10.20 -43.42 54.63
N PRO F 43 -8.89 -43.20 54.38
CA PRO F 43 -7.94 -43.28 55.50
C PRO F 43 -8.25 -42.29 56.62
N LYS F 44 -8.86 -41.16 56.29
CA LYS F 44 -9.24 -40.19 57.30
C LYS F 44 -10.58 -40.53 57.92
N MET F 45 -11.46 -41.15 57.14
CA MET F 45 -12.78 -41.54 57.63
C MET F 45 -12.62 -42.58 58.72
N ASP F 46 -11.61 -43.44 58.56
CA ASP F 46 -11.30 -44.47 59.53
C ASP F 46 -10.62 -43.87 60.76
N GLU F 47 -9.88 -42.79 60.54
CA GLU F 47 -9.19 -42.10 61.62
C GLU F 47 -10.21 -41.48 62.59
N LEU F 48 -11.22 -40.82 62.04
CA LEU F 48 -12.30 -40.25 62.85
C LEU F 48 -13.32 -41.31 63.30
N GLN F 49 -13.19 -42.52 62.74
CA GLN F 49 -14.11 -43.61 63.07
C GLN F 49 -15.53 -43.40 62.55
N LEU F 50 -15.65 -42.97 61.30
CA LEU F 50 -16.95 -42.88 60.65
C LEU F 50 -17.00 -43.62 59.31
N PHE F 51 -18.21 -43.91 58.88
CA PHE F 51 -18.47 -44.56 57.60
C PHE F 51 -19.44 -43.72 56.78
N ARG F 52 -19.76 -44.21 55.58
CA ARG F 52 -20.59 -43.47 54.65
C ARG F 52 -21.96 -43.12 55.22
N GLY F 53 -22.54 -44.01 56.02
CA GLY F 53 -23.89 -43.78 56.51
C GLY F 53 -23.95 -42.74 57.61
N ASP F 54 -22.84 -42.54 58.31
CA ASP F 54 -22.81 -41.62 59.43
C ASP F 54 -23.17 -40.19 58.99
N THR F 55 -23.76 -39.43 59.91
CA THR F 55 -24.08 -38.03 59.66
C THR F 55 -23.12 -37.12 60.43
N VAL F 56 -22.43 -36.23 59.71
CA VAL F 56 -21.41 -35.40 60.33
C VAL F 56 -21.86 -33.94 60.51
N LEU F 57 -21.38 -33.33 61.58
CA LEU F 57 -21.67 -31.92 61.88
C LEU F 57 -20.49 -31.04 61.51
N LEU F 58 -20.74 -30.02 60.69
CA LEU F 58 -19.69 -29.13 60.23
C LEU F 58 -19.75 -27.78 60.95
N LYS F 59 -18.64 -27.41 61.59
CA LYS F 59 -18.53 -26.11 62.24
C LYS F 59 -17.56 -25.24 61.46
N GLY F 60 -18.07 -24.15 60.90
CA GLY F 60 -17.25 -23.24 60.11
C GLY F 60 -16.91 -21.99 60.88
N LYS F 61 -16.67 -20.90 60.16
CA LYS F 61 -16.35 -19.62 60.79
C LYS F 61 -17.63 -18.85 61.11
N LYS F 62 -17.47 -17.77 61.88
CA LYS F 62 -18.59 -16.93 62.29
C LYS F 62 -19.53 -17.71 63.21
N ARG F 63 -18.98 -18.71 63.90
CA ARG F 63 -19.77 -19.49 64.85
C ARG F 63 -21.05 -20.02 64.22
N ARG F 64 -20.98 -20.45 62.97
CA ARG F 64 -22.13 -21.04 62.28
C ARG F 64 -21.91 -22.52 62.05
N GLU F 65 -22.99 -23.25 61.81
CA GLU F 65 -22.92 -24.70 61.63
C GLU F 65 -23.75 -25.18 60.44
N ALA F 66 -23.35 -26.33 59.91
CA ALA F 66 -24.10 -26.99 58.84
C ALA F 66 -23.94 -28.50 59.02
N VAL F 67 -25.00 -29.25 58.72
CA VAL F 67 -24.95 -30.70 58.87
C VAL F 67 -25.08 -31.39 57.51
N CYS F 68 -24.31 -32.46 57.32
CA CYS F 68 -24.27 -33.16 56.04
C CYS F 68 -23.94 -34.65 56.22
N ILE F 69 -24.22 -35.41 55.17
CA ILE F 69 -23.84 -36.82 55.11
C ILE F 69 -22.42 -36.95 54.57
N VAL F 70 -21.65 -37.88 55.11
CA VAL F 70 -20.25 -38.06 54.70
C VAL F 70 -20.10 -39.25 53.74
N LEU F 71 -19.14 -39.14 52.83
CA LEU F 71 -18.87 -40.20 51.86
C LEU F 71 -17.37 -40.32 51.61
N SER F 72 -16.97 -41.40 50.95
CA SER F 72 -15.56 -41.65 50.67
C SER F 72 -15.15 -41.16 49.28
N ASP F 73 -13.87 -40.81 49.14
CA ASP F 73 -13.35 -40.34 47.86
C ASP F 73 -11.85 -40.61 47.77
N ASP F 74 -11.46 -41.49 46.85
CA ASP F 74 -10.05 -41.85 46.69
C ASP F 74 -9.19 -40.69 46.20
N THR F 75 -9.78 -39.81 45.39
CA THR F 75 -9.05 -38.68 44.83
C THR F 75 -8.87 -37.58 45.88
N CYS F 76 -9.82 -37.51 46.82
CA CYS F 76 -9.79 -36.49 47.86
C CYS F 76 -8.57 -36.70 48.76
N SER F 77 -7.83 -35.62 49.00
CA SER F 77 -6.68 -35.68 49.89
C SER F 77 -7.15 -35.74 51.34
N ASP F 78 -6.45 -36.52 52.16
CA ASP F 78 -6.85 -36.73 53.54
C ASP F 78 -6.83 -35.43 54.33
N GLU F 79 -6.07 -34.44 53.84
CA GLU F 79 -5.93 -33.16 54.50
C GLU F 79 -7.05 -32.20 54.12
N LYS F 80 -7.91 -32.62 53.21
CA LYS F 80 -8.98 -31.77 52.70
C LYS F 80 -10.35 -32.43 52.75
N ILE F 81 -11.39 -31.63 52.59
CA ILE F 81 -12.77 -32.11 52.57
C ILE F 81 -13.54 -31.46 51.43
N ARG F 82 -14.16 -32.28 50.58
CA ARG F 82 -14.94 -31.79 49.45
C ARG F 82 -16.38 -31.52 49.86
N MET F 83 -16.85 -30.30 49.61
CA MET F 83 -18.23 -29.93 49.90
C MET F 83 -18.80 -29.01 48.82
N ASN F 84 -20.08 -29.21 48.50
CA ASN F 84 -20.75 -28.38 47.50
C ASN F 84 -20.69 -26.91 47.87
N ARG F 85 -21.04 -26.04 46.93
CA ARG F 85 -21.06 -24.61 47.19
C ARG F 85 -22.23 -24.25 48.12
N VAL F 86 -23.23 -25.13 48.17
CA VAL F 86 -24.40 -24.91 49.03
C VAL F 86 -23.99 -25.03 50.49
N VAL F 87 -23.25 -26.09 50.82
CA VAL F 87 -22.74 -26.30 52.16
C VAL F 87 -21.76 -25.19 52.49
N ARG F 88 -20.91 -24.86 51.51
CA ARG F 88 -19.96 -23.77 51.64
C ARG F 88 -20.62 -22.48 52.12
N ASN F 89 -21.76 -22.15 51.52
CA ASN F 89 -22.46 -20.91 51.84
C ASN F 89 -23.07 -20.93 53.23
N ASN F 90 -23.66 -22.05 53.61
CA ASN F 90 -24.28 -22.19 54.92
C ASN F 90 -23.26 -22.02 56.05
N LEU F 91 -21.98 -22.28 55.75
CA LEU F 91 -20.92 -22.14 56.74
C LEU F 91 -20.28 -20.76 56.68
N ARG F 92 -20.63 -20.00 55.65
CA ARG F 92 -19.99 -18.71 55.41
C ARG F 92 -18.49 -18.92 55.22
N VAL F 93 -18.15 -19.83 54.31
CA VAL F 93 -16.76 -20.22 54.08
C VAL F 93 -16.46 -20.20 52.58
N ARG F 94 -15.18 -20.18 52.23
CA ARG F 94 -14.76 -20.20 50.83
C ARG F 94 -13.65 -21.24 50.60
N LEU F 95 -13.19 -21.33 49.36
CA LEU F 95 -12.18 -22.32 48.98
C LEU F 95 -10.85 -22.04 49.67
N GLY F 96 -10.29 -23.05 50.32
CA GLY F 96 -9.00 -22.93 50.97
C GLY F 96 -9.10 -22.68 52.46
N ASP F 97 -10.28 -22.28 52.91
CA ASP F 97 -10.51 -22.00 54.33
C ASP F 97 -10.50 -23.29 55.13
N VAL F 98 -10.45 -23.17 56.45
CA VAL F 98 -10.40 -24.33 57.33
C VAL F 98 -11.69 -24.43 58.14
N ILE F 99 -12.16 -25.65 58.38
CA ILE F 99 -13.35 -25.87 59.17
C ILE F 99 -13.18 -27.09 60.07
N SER F 100 -13.88 -27.11 61.19
CA SER F 100 -13.81 -28.24 62.11
C SER F 100 -15.02 -29.14 61.94
N ILE F 101 -14.75 -30.45 61.80
CA ILE F 101 -15.79 -31.45 61.61
C ILE F 101 -15.79 -32.45 62.76
N GLN F 102 -16.98 -32.86 63.20
CA GLN F 102 -17.09 -33.76 64.34
C GLN F 102 -18.27 -34.74 64.17
N PRO F 103 -18.12 -35.95 64.72
CA PRO F 103 -19.11 -37.03 64.54
C PRO F 103 -20.44 -36.74 65.23
N CYS F 104 -21.54 -37.18 64.62
CA CYS F 104 -22.87 -36.99 65.18
C CYS F 104 -23.76 -38.23 65.09
N PRO F 105 -23.70 -39.09 66.12
CA PRO F 105 -24.63 -40.23 66.20
C PRO F 105 -25.97 -39.79 66.77
N ASP F 106 -26.00 -38.57 67.29
CA ASP F 106 -27.15 -38.02 67.99
C ASP F 106 -28.28 -37.58 67.05
N VAL F 107 -28.07 -37.70 65.75
CA VAL F 107 -29.05 -37.21 64.78
C VAL F 107 -30.39 -37.93 64.92
N LYS F 108 -31.46 -37.15 65.06
CA LYS F 108 -32.80 -37.71 65.21
C LYS F 108 -33.76 -37.20 64.14
N TYR F 109 -34.81 -37.98 63.90
CA TYR F 109 -35.79 -37.66 62.86
C TYR F 109 -36.70 -36.50 63.27
N GLY F 110 -37.22 -35.78 62.28
CA GLY F 110 -38.07 -34.62 62.52
C GLY F 110 -39.57 -34.86 62.51
N LYS F 111 -40.30 -33.96 63.17
CA LYS F 111 -41.76 -33.96 63.14
C LYS F 111 -42.31 -32.91 62.18
N ARG F 112 -41.85 -31.67 62.34
CA ARG F 112 -42.31 -30.58 61.50
C ARG F 112 -41.13 -29.76 61.01
N ILE F 113 -41.21 -29.33 59.76
CA ILE F 113 -40.20 -28.47 59.18
C ILE F 113 -40.90 -27.30 58.50
N HIS F 114 -40.33 -26.11 58.63
CA HIS F 114 -40.92 -24.91 58.05
C HIS F 114 -39.89 -24.22 57.17
N VAL F 115 -40.05 -24.35 55.86
CA VAL F 115 -39.13 -23.72 54.92
C VAL F 115 -39.84 -22.63 54.12
N LEU F 116 -39.16 -21.50 53.95
CA LEU F 116 -39.70 -20.40 53.16
C LEU F 116 -38.74 -20.05 52.04
N PRO F 117 -39.29 -19.83 50.84
CA PRO F 117 -38.46 -19.45 49.68
C PRO F 117 -37.92 -18.04 49.82
N ILE F 118 -36.87 -17.72 49.07
CA ILE F 118 -36.30 -16.38 49.07
C ILE F 118 -36.89 -15.59 47.90
N ASP F 119 -37.40 -14.41 48.20
CA ASP F 119 -38.20 -13.63 47.25
C ASP F 119 -37.62 -13.59 45.84
N ASP F 120 -36.38 -13.16 45.70
CA ASP F 120 -35.78 -12.92 44.39
C ASP F 120 -35.64 -14.19 43.55
N THR F 121 -35.83 -15.36 44.17
CA THR F 121 -35.72 -16.62 43.45
C THR F 121 -37.08 -17.26 43.20
N VAL F 122 -38.14 -16.57 43.61
CA VAL F 122 -39.49 -17.09 43.45
C VAL F 122 -40.52 -16.04 43.02
N GLU F 123 -40.09 -14.79 42.89
CA GLU F 123 -41.01 -13.72 42.51
C GLU F 123 -41.54 -13.97 41.10
N GLY F 124 -40.87 -14.87 40.38
CA GLY F 124 -41.25 -15.24 39.04
C GLY F 124 -42.14 -16.47 39.01
N ILE F 125 -42.15 -17.22 40.12
CA ILE F 125 -42.89 -18.48 40.18
C ILE F 125 -44.15 -18.38 41.03
N THR F 126 -45.21 -19.02 40.58
CA THR F 126 -46.43 -19.17 41.37
C THR F 126 -46.89 -20.61 41.31
N GLY F 127 -47.80 -21.00 42.21
CA GLY F 127 -48.32 -22.36 42.24
C GLY F 127 -47.90 -23.12 43.48
N ASN F 128 -47.88 -24.44 43.37
CA ASN F 128 -47.47 -25.32 44.47
C ASN F 128 -45.96 -25.46 44.61
N LEU F 129 -45.37 -24.59 45.42
CA LEU F 129 -43.93 -24.58 45.66
C LEU F 129 -43.46 -25.84 46.38
N PHE F 130 -44.34 -26.40 47.21
CA PHE F 130 -43.99 -27.54 48.05
C PHE F 130 -44.03 -28.91 47.38
N GLU F 131 -44.93 -29.12 46.44
CA GLU F 131 -45.09 -30.44 45.82
C GLU F 131 -44.08 -30.76 44.72
N VAL F 132 -43.62 -29.73 44.01
CA VAL F 132 -42.75 -29.93 42.84
C VAL F 132 -41.27 -30.01 43.18
N TYR F 133 -40.81 -29.20 44.13
CA TYR F 133 -39.39 -29.10 44.45
C TYR F 133 -39.02 -29.87 45.71
N LEU F 134 -39.67 -29.54 46.82
CA LEU F 134 -39.33 -30.13 48.11
C LEU F 134 -39.61 -31.63 48.13
N LYS F 135 -40.62 -32.03 47.36
CA LYS F 135 -41.06 -33.43 47.35
C LYS F 135 -39.97 -34.40 46.89
N PRO F 136 -39.52 -34.29 45.64
CA PRO F 136 -38.50 -35.23 45.15
C PRO F 136 -37.12 -34.99 45.78
N TYR F 137 -36.90 -33.79 46.30
CA TYR F 137 -35.61 -33.43 46.88
C TYR F 137 -35.38 -34.19 48.19
N PHE F 138 -36.43 -34.32 48.99
CA PHE F 138 -36.34 -34.99 50.28
C PHE F 138 -36.80 -36.45 50.20
N LEU F 139 -37.48 -36.79 49.11
CA LEU F 139 -38.01 -38.14 48.94
C LEU F 139 -36.91 -39.20 48.99
N GLU F 140 -37.04 -40.12 49.93
CA GLU F 140 -36.09 -41.23 50.03
C GLU F 140 -34.65 -40.72 50.15
N ALA F 141 -34.51 -39.50 50.68
CA ALA F 141 -33.22 -38.84 50.77
C ALA F 141 -32.63 -38.90 52.18
N TYR F 142 -33.48 -38.83 53.20
CA TYR F 142 -33.01 -38.77 54.58
C TYR F 142 -31.91 -37.72 54.76
N ARG F 143 -32.20 -36.50 54.31
CA ARG F 143 -31.24 -35.41 54.38
C ARG F 143 -31.15 -34.83 55.79
N PRO F 144 -29.92 -34.68 56.31
CA PRO F 144 -29.71 -33.95 57.56
C PRO F 144 -29.72 -32.43 57.32
N ILE F 145 -30.60 -31.72 58.01
CA ILE F 145 -30.71 -30.28 57.84
C ILE F 145 -30.54 -29.55 59.17
N ARG F 146 -30.40 -28.23 59.10
CA ARG F 146 -30.25 -27.39 60.29
C ARG F 146 -31.10 -26.14 60.15
N LYS F 147 -31.48 -25.56 61.28
CA LYS F 147 -32.25 -24.32 61.28
C LYS F 147 -31.41 -23.17 60.75
N GLY F 148 -31.91 -22.48 59.73
CA GLY F 148 -31.21 -21.35 59.15
C GLY F 148 -30.51 -21.67 57.84
N ASP F 149 -30.35 -22.97 57.58
CA ASP F 149 -29.70 -23.41 56.36
C ASP F 149 -30.52 -23.01 55.13
N ILE F 150 -29.84 -22.72 54.03
CA ILE F 150 -30.49 -22.43 52.76
C ILE F 150 -30.06 -23.46 51.73
N PHE F 151 -31.03 -24.20 51.18
CA PHE F 151 -30.72 -25.24 50.21
C PHE F 151 -31.31 -24.92 48.84
N LEU F 152 -30.79 -25.60 47.82
CA LEU F 152 -31.14 -25.34 46.43
C LEU F 152 -31.76 -26.56 45.78
N VAL F 153 -32.88 -26.35 45.09
CA VAL F 153 -33.55 -27.43 44.38
C VAL F 153 -33.83 -27.03 42.94
N ARG F 154 -33.33 -27.84 42.00
CA ARG F 154 -33.50 -27.55 40.58
C ARG F 154 -34.54 -28.45 39.92
N GLY F 155 -35.33 -27.87 39.02
CA GLY F 155 -36.38 -28.57 38.33
C GLY F 155 -37.25 -27.61 37.56
N GLY F 156 -37.90 -28.10 36.50
CA GLY F 156 -38.76 -27.27 35.68
C GLY F 156 -38.01 -26.11 35.04
N MET F 157 -36.79 -26.39 34.60
CA MET F 157 -35.94 -25.36 33.99
C MET F 157 -35.81 -24.15 34.91
N ARG F 158 -35.62 -24.43 36.20
CA ARG F 158 -35.48 -23.38 37.21
C ARG F 158 -34.86 -23.90 38.49
N ALA F 159 -34.16 -23.00 39.20
CA ALA F 159 -33.54 -23.34 40.48
C ALA F 159 -34.00 -22.36 41.57
N VAL F 160 -34.71 -22.89 42.56
CA VAL F 160 -35.23 -22.07 43.66
C VAL F 160 -34.50 -22.37 44.96
N GLU F 161 -34.34 -21.35 45.79
CA GLU F 161 -33.65 -21.50 47.07
C GLU F 161 -34.62 -21.35 48.24
N PHE F 162 -34.62 -22.33 49.13
CA PHE F 162 -35.45 -22.30 50.33
C PHE F 162 -34.59 -22.14 51.59
N LYS F 163 -35.16 -21.51 52.60
CA LYS F 163 -34.47 -21.35 53.88
C LYS F 163 -35.24 -22.04 55.00
N VAL F 164 -34.55 -22.89 55.75
CA VAL F 164 -35.16 -23.61 56.87
C VAL F 164 -35.41 -22.63 58.02
N VAL F 165 -36.67 -22.31 58.27
CA VAL F 165 -37.02 -21.35 59.31
C VAL F 165 -37.12 -22.01 60.67
N GLU F 166 -37.62 -23.24 60.71
CA GLU F 166 -37.77 -23.96 61.98
C GLU F 166 -37.97 -25.45 61.82
N THR F 167 -37.52 -26.19 62.83
CA THR F 167 -37.66 -27.64 62.89
C THR F 167 -38.11 -28.01 64.30
N ASP F 168 -38.98 -29.01 64.41
CA ASP F 168 -39.53 -29.38 65.72
C ASP F 168 -38.42 -29.88 66.65
N PRO F 169 -37.54 -30.77 66.15
CA PRO F 169 -36.34 -31.04 66.94
C PRO F 169 -35.25 -30.02 66.63
N SER F 170 -35.26 -28.89 67.32
CA SER F 170 -34.32 -27.82 67.03
C SER F 170 -33.00 -28.06 67.75
N PRO F 171 -31.91 -27.49 67.23
CA PRO F 171 -31.90 -26.69 66.00
C PRO F 171 -31.74 -27.54 64.73
N TYR F 172 -31.52 -28.84 64.88
CA TYR F 172 -31.29 -29.71 63.73
C TYR F 172 -31.97 -31.08 63.82
N CYS F 173 -32.26 -31.65 62.65
CA CYS F 173 -32.97 -32.92 62.55
C CYS F 173 -32.88 -33.48 61.14
N ILE F 174 -33.16 -34.78 60.99
CA ILE F 174 -33.22 -35.41 59.68
C ILE F 174 -34.64 -35.35 59.11
N VAL F 175 -34.74 -35.30 57.79
CA VAL F 175 -36.02 -35.19 57.11
C VAL F 175 -36.59 -36.55 56.73
N ALA F 176 -37.38 -37.12 57.63
CA ALA F 176 -38.04 -38.41 57.38
C ALA F 176 -39.35 -38.22 56.63
N PRO F 177 -39.87 -39.30 56.03
CA PRO F 177 -41.12 -39.24 55.26
C PRO F 177 -42.31 -38.71 56.06
N ASP F 178 -42.29 -38.89 57.38
CA ASP F 178 -43.40 -38.46 58.22
C ASP F 178 -43.38 -36.97 58.49
N THR F 179 -42.21 -36.36 58.35
CA THR F 179 -42.07 -34.93 58.62
C THR F 179 -42.94 -34.14 57.66
N VAL F 180 -43.71 -33.20 58.19
CA VAL F 180 -44.55 -32.36 57.35
C VAL F 180 -43.75 -31.10 57.07
N ILE F 181 -43.92 -30.55 55.87
CA ILE F 181 -43.22 -29.33 55.50
C ILE F 181 -44.25 -28.28 55.10
N HIS F 182 -44.04 -27.04 55.53
CA HIS F 182 -45.03 -25.99 55.31
C HIS F 182 -44.41 -24.76 54.64
N CYS F 183 -45.18 -24.18 53.71
CA CYS F 183 -44.74 -23.02 52.93
C CYS F 183 -45.74 -21.89 53.13
N GLU F 184 -45.49 -21.05 54.12
CA GLU F 184 -46.44 -20.03 54.54
C GLU F 184 -46.48 -18.82 53.62
N GLY F 185 -46.57 -19.06 52.31
CA GLY F 185 -46.80 -17.99 51.36
C GLY F 185 -45.63 -17.05 51.09
N GLU F 186 -45.75 -15.83 51.59
CA GLU F 186 -44.80 -14.77 51.30
C GLU F 186 -43.35 -15.11 51.65
N PRO F 187 -42.47 -15.14 50.63
CA PRO F 187 -41.04 -15.42 50.77
C PRO F 187 -40.28 -14.32 51.52
N ILE F 188 -39.33 -14.71 52.37
CA ILE F 188 -38.53 -13.76 53.13
C ILE F 188 -37.50 -13.11 52.22
N LYS F 189 -37.10 -11.88 52.56
CA LYS F 189 -36.10 -11.18 51.75
C LYS F 189 -34.70 -11.71 52.05
N ARG F 190 -33.79 -11.48 51.11
CA ARG F 190 -32.43 -11.98 51.25
C ARG F 190 -31.65 -11.11 52.23
N GLU F 191 -31.02 -11.77 53.20
CA GLU F 191 -30.23 -11.07 54.21
C GLU F 191 -28.98 -10.47 53.55
N ASP F 192 -28.43 -9.43 54.18
CA ASP F 192 -27.31 -8.71 53.60
C ASP F 192 -26.13 -9.60 53.25
N GLU F 193 -25.80 -10.53 54.13
CA GLU F 193 -24.62 -11.37 53.94
C GLU F 193 -24.93 -12.64 53.17
N GLU F 194 -26.20 -13.01 53.09
CA GLU F 194 -26.59 -14.22 52.38
C GLU F 194 -26.47 -14.03 50.87
N GLU F 195 -25.39 -14.56 50.31
CA GLU F 195 -25.13 -14.47 48.88
C GLU F 195 -26.02 -15.43 48.10
N SER F 196 -26.33 -15.07 46.86
CA SER F 196 -27.14 -15.91 46.00
C SER F 196 -26.26 -17.00 45.37
N LEU F 197 -26.83 -18.18 45.18
CA LEU F 197 -26.11 -19.28 44.55
C LEU F 197 -26.27 -19.25 43.03
N ASN F 198 -27.14 -18.38 42.53
CA ASN F 198 -27.26 -18.17 41.10
C ASN F 198 -26.04 -17.40 40.59
N GLU F 199 -25.37 -16.70 41.49
CA GLU F 199 -24.13 -16.01 41.16
C GLU F 199 -23.16 -17.04 40.58
N VAL F 200 -22.22 -16.58 39.76
CA VAL F 200 -21.35 -17.49 39.03
C VAL F 200 -20.30 -18.11 39.96
N GLY F 201 -19.97 -19.37 39.70
CA GLY F 201 -18.97 -20.08 40.46
C GLY F 201 -18.23 -21.09 39.59
N TYR F 202 -17.25 -21.77 40.17
CA TYR F 202 -16.46 -22.75 39.44
C TYR F 202 -17.33 -23.89 38.92
N ASP F 203 -18.44 -24.13 39.60
CA ASP F 203 -19.36 -25.20 39.20
C ASP F 203 -20.19 -24.80 37.97
N ASP F 204 -20.05 -23.56 37.52
CA ASP F 204 -20.73 -23.09 36.31
C ASP F 204 -19.80 -23.16 35.11
N ILE F 205 -18.58 -23.62 35.32
CA ILE F 205 -17.57 -23.66 34.28
C ILE F 205 -17.09 -25.08 34.01
N GLY F 206 -16.97 -25.44 32.74
CA GLY F 206 -16.51 -26.76 32.36
C GLY F 206 -15.67 -26.72 31.10
N GLY F 207 -14.99 -27.82 30.80
CA GLY F 207 -14.25 -27.96 29.56
C GLY F 207 -12.87 -27.33 29.59
N CYS F 208 -12.50 -26.73 30.72
CA CYS F 208 -11.18 -26.14 30.86
C CYS F 208 -10.69 -26.25 32.30
N ARG F 209 -10.49 -27.48 32.75
CA ARG F 209 -10.04 -27.75 34.12
C ARG F 209 -8.64 -27.19 34.36
N LYS F 210 -7.68 -27.58 33.51
CA LYS F 210 -6.29 -27.17 33.69
C LYS F 210 -6.15 -25.65 33.77
N GLN F 211 -6.81 -24.93 32.85
CA GLN F 211 -6.68 -23.47 32.81
C GLN F 211 -7.22 -22.88 34.10
N LEU F 212 -8.38 -23.37 34.53
CA LEU F 212 -9.02 -22.87 35.73
C LEU F 212 -8.17 -23.17 36.96
N ALA F 213 -7.37 -24.23 36.87
CA ALA F 213 -6.45 -24.59 37.95
C ALA F 213 -5.30 -23.58 38.03
N GLN F 214 -4.71 -23.29 36.87
CA GLN F 214 -3.60 -22.36 36.82
C GLN F 214 -3.99 -20.99 37.40
N ILE F 215 -5.15 -20.49 37.01
CA ILE F 215 -5.61 -19.20 37.49
C ILE F 215 -5.82 -19.24 39.01
N LYS F 216 -6.40 -20.33 39.49
CA LYS F 216 -6.63 -20.49 40.92
C LYS F 216 -5.34 -20.41 41.72
N GLU F 217 -4.29 -21.07 41.23
CA GLU F 217 -3.00 -21.03 41.90
C GLU F 217 -2.46 -19.61 41.97
N MET F 218 -2.43 -18.94 40.81
CA MET F 218 -1.91 -17.59 40.72
C MET F 218 -2.65 -16.65 41.65
N VAL F 219 -3.97 -16.81 41.70
CA VAL F 219 -4.84 -15.81 42.31
C VAL F 219 -5.19 -16.11 43.76
N GLU F 220 -5.32 -17.38 44.10
CA GLU F 220 -5.84 -17.76 45.42
C GLU F 220 -4.97 -17.23 46.56
N LEU F 221 -3.66 -17.40 46.45
CA LEU F 221 -2.77 -17.04 47.55
C LEU F 221 -2.77 -15.53 47.85
N PRO F 222 -2.49 -14.70 46.83
CA PRO F 222 -2.42 -13.26 47.10
C PRO F 222 -3.78 -12.64 47.43
N LEU F 223 -4.88 -13.27 47.01
CA LEU F 223 -6.19 -12.66 47.17
C LEU F 223 -6.83 -13.10 48.50
N ARG F 224 -6.62 -14.36 48.87
CA ARG F 224 -7.18 -14.91 50.09
C ARG F 224 -6.27 -14.63 51.28
N HIS F 225 -4.97 -14.70 51.05
CA HIS F 225 -3.98 -14.51 52.11
C HIS F 225 -3.06 -13.35 51.76
N PRO F 226 -3.62 -12.14 51.72
CA PRO F 226 -2.88 -10.92 51.32
C PRO F 226 -1.82 -10.49 52.33
N ALA F 227 -2.17 -10.46 53.61
CA ALA F 227 -1.26 -9.99 54.64
C ALA F 227 0.03 -10.81 54.65
N LEU F 228 -0.10 -12.12 54.51
CA LEU F 228 1.05 -13.03 54.54
C LEU F 228 1.98 -12.72 53.37
N PHE F 229 1.39 -12.35 52.24
CA PHE F 229 2.14 -12.12 51.02
C PHE F 229 2.91 -10.79 51.08
N LYS F 230 2.38 -9.83 51.81
CA LYS F 230 3.04 -8.53 51.95
C LYS F 230 4.25 -8.64 52.87
N ALA F 231 4.21 -9.61 53.79
CA ALA F 231 5.27 -9.76 54.77
C ALA F 231 6.49 -10.42 54.15
N ILE F 232 6.25 -11.33 53.22
CA ILE F 232 7.34 -12.02 52.53
C ILE F 232 8.14 -11.09 51.60
N GLY F 233 7.44 -10.20 50.90
CA GLY F 233 8.12 -9.22 50.07
C GLY F 233 8.34 -9.70 48.64
N VAL F 234 8.02 -10.96 48.40
CA VAL F 234 8.11 -11.54 47.07
C VAL F 234 6.98 -11.02 46.19
N LYS F 235 7.22 -10.90 44.89
CA LYS F 235 6.25 -10.28 43.98
C LYS F 235 5.18 -11.28 43.54
N PRO F 236 3.91 -10.89 43.62
CA PRO F 236 2.84 -11.74 43.10
C PRO F 236 2.56 -11.40 41.65
N PRO F 237 1.77 -12.24 40.96
CA PRO F 237 1.35 -11.83 39.61
C PRO F 237 0.43 -10.64 39.72
N ARG F 238 0.43 -9.76 38.73
CA ARG F 238 -0.46 -8.61 38.73
C ARG F 238 -1.37 -8.59 37.50
N GLY F 239 -0.85 -9.02 36.36
CA GLY F 239 -1.61 -9.01 35.14
C GLY F 239 -1.79 -10.40 34.56
N ILE F 240 -3.04 -10.85 34.50
CA ILE F 240 -3.37 -12.14 33.91
C ILE F 240 -4.19 -11.94 32.64
N LEU F 241 -3.68 -12.48 31.54
CA LEU F 241 -4.31 -12.28 30.24
C LEU F 241 -4.98 -13.58 29.79
N LEU F 242 -6.31 -13.57 29.80
CA LEU F 242 -7.08 -14.69 29.29
C LEU F 242 -7.37 -14.46 27.81
N TYR F 243 -7.09 -15.44 26.96
CA TYR F 243 -7.39 -15.32 25.55
C TYR F 243 -7.91 -16.63 24.95
N GLY F 244 -8.72 -16.49 23.90
CA GLY F 244 -9.37 -17.60 23.25
C GLY F 244 -10.50 -17.08 22.40
N PRO F 245 -11.06 -17.92 21.52
CA PRO F 245 -12.15 -17.44 20.67
C PRO F 245 -13.27 -16.81 21.48
N PRO F 246 -14.17 -16.06 20.83
CA PRO F 246 -15.30 -15.44 21.52
C PRO F 246 -16.29 -16.47 22.05
N GLY F 247 -16.75 -16.29 23.29
CA GLY F 247 -17.78 -17.14 23.86
C GLY F 247 -17.26 -18.37 24.57
N THR F 248 -15.95 -18.39 24.86
CA THR F 248 -15.32 -19.54 25.49
C THR F 248 -15.40 -19.49 27.02
N GLY F 249 -15.90 -18.37 27.55
CA GLY F 249 -16.10 -18.25 28.99
C GLY F 249 -15.04 -17.46 29.70
N LYS F 250 -14.36 -16.57 28.96
CA LYS F 250 -13.35 -15.71 29.56
C LYS F 250 -13.98 -14.77 30.59
N THR F 251 -15.06 -14.10 30.18
CA THR F 251 -15.79 -13.21 31.08
C THR F 251 -16.37 -14.02 32.23
N LEU F 252 -16.82 -15.24 31.93
CA LEU F 252 -17.40 -16.12 32.92
C LEU F 252 -16.38 -16.46 34.00
N ILE F 253 -15.20 -16.91 33.56
CA ILE F 253 -14.14 -17.30 34.47
C ILE F 253 -13.73 -16.15 35.39
N ALA F 254 -13.58 -14.96 34.83
CA ALA F 254 -13.17 -13.80 35.61
C ALA F 254 -14.09 -13.60 36.81
N ARG F 255 -15.39 -13.57 36.55
CA ARG F 255 -16.36 -13.37 37.62
C ARG F 255 -16.39 -14.53 38.61
N ALA F 256 -16.28 -15.75 38.10
CA ALA F 256 -16.29 -16.94 38.95
C ALA F 256 -15.16 -16.86 39.97
N VAL F 257 -13.96 -16.54 39.50
CA VAL F 257 -12.79 -16.43 40.37
C VAL F 257 -13.00 -15.35 41.42
N ALA F 258 -13.64 -14.26 41.02
CA ALA F 258 -13.91 -13.16 41.92
C ALA F 258 -14.85 -13.60 43.05
N ASN F 259 -15.92 -14.28 42.68
CA ASN F 259 -16.91 -14.73 43.65
C ASN F 259 -16.35 -15.77 44.61
N GLU F 260 -15.64 -16.74 44.06
CA GLU F 260 -15.10 -17.84 44.86
C GLU F 260 -14.02 -17.36 45.84
N THR F 261 -13.31 -16.30 45.46
CA THR F 261 -12.28 -15.73 46.32
C THR F 261 -12.87 -14.64 47.21
N GLY F 262 -14.04 -14.14 46.84
CA GLY F 262 -14.71 -13.12 47.64
C GLY F 262 -14.07 -11.75 47.48
N ALA F 263 -13.29 -11.58 46.42
CA ALA F 263 -12.61 -10.32 46.18
C ALA F 263 -13.54 -9.29 45.54
N PHE F 264 -13.20 -8.01 45.68
CA PHE F 264 -13.96 -6.94 45.07
C PHE F 264 -13.76 -6.97 43.57
N PHE F 265 -14.86 -6.95 42.82
CA PHE F 265 -14.81 -7.12 41.37
C PHE F 265 -15.22 -5.84 40.63
N PHE F 266 -14.29 -5.26 39.91
CA PHE F 266 -14.57 -4.06 39.11
C PHE F 266 -14.40 -4.35 37.63
N LEU F 267 -15.50 -4.30 36.88
CA LEU F 267 -15.48 -4.60 35.46
C LEU F 267 -15.26 -3.36 34.61
N ILE F 268 -14.36 -3.49 33.63
CA ILE F 268 -14.09 -2.46 32.65
C ILE F 268 -14.37 -2.99 31.25
N ASN F 269 -15.46 -2.52 30.63
CA ASN F 269 -15.81 -2.96 29.29
C ASN F 269 -15.15 -2.09 28.22
N GLY F 270 -14.31 -2.71 27.40
CA GLY F 270 -13.60 -2.00 26.35
C GLY F 270 -14.48 -1.04 25.57
N PRO F 271 -15.46 -1.58 24.84
CA PRO F 271 -16.38 -0.75 24.05
C PRO F 271 -16.99 0.38 24.85
N GLU F 272 -17.40 0.11 26.09
CA GLU F 272 -18.02 1.15 26.91
C GLU F 272 -17.04 2.27 27.19
N ILE F 273 -15.80 1.90 27.50
CA ILE F 273 -14.76 2.87 27.77
C ILE F 273 -14.52 3.72 26.52
N MET F 274 -14.53 3.05 25.36
CA MET F 274 -14.22 3.67 24.08
C MET F 274 -15.39 4.42 23.45
N SER F 275 -16.56 4.37 24.09
CA SER F 275 -17.72 5.10 23.58
C SER F 275 -17.78 6.50 24.16
N LYS F 276 -16.90 6.78 25.14
CA LYS F 276 -16.91 8.06 25.84
C LYS F 276 -15.96 9.07 25.20
N LEU F 277 -16.12 10.33 25.60
CA LEU F 277 -15.25 11.40 25.11
C LEU F 277 -13.81 11.11 25.51
N ALA F 278 -12.88 11.88 24.94
CA ALA F 278 -11.46 11.67 25.19
C ALA F 278 -11.14 11.68 26.68
N GLY F 279 -11.44 12.79 27.34
CA GLY F 279 -11.11 12.94 28.75
C GLY F 279 -11.79 11.94 29.65
N GLU F 280 -13.05 11.64 29.36
CA GLU F 280 -13.83 10.71 30.18
C GLU F 280 -13.29 9.29 30.12
N SER F 281 -12.84 8.86 28.95
CA SER F 281 -12.33 7.51 28.80
C SER F 281 -11.14 7.32 29.72
N GLU F 282 -10.18 8.24 29.64
CA GLU F 282 -8.98 8.17 30.46
C GLU F 282 -9.35 8.24 31.93
N SER F 283 -10.31 9.10 32.25
CA SER F 283 -10.71 9.32 33.64
C SER F 283 -11.31 8.06 34.23
N ASN F 284 -12.21 7.44 33.49
CA ASN F 284 -12.87 6.23 33.96
C ASN F 284 -11.88 5.11 34.23
N LEU F 285 -10.89 4.95 33.36
CA LEU F 285 -9.83 3.99 33.60
C LEU F 285 -9.15 4.35 34.91
N ARG F 286 -8.87 5.63 35.08
CA ARG F 286 -8.21 6.13 36.29
C ARG F 286 -9.05 5.79 37.50
N LYS F 287 -10.34 6.13 37.44
CA LYS F 287 -11.27 5.90 38.54
C LYS F 287 -11.37 4.42 38.88
N ALA F 288 -11.40 3.58 37.84
CA ALA F 288 -11.54 2.14 38.01
C ALA F 288 -10.42 1.57 38.87
N PHE F 289 -9.18 1.95 38.57
CA PHE F 289 -8.03 1.47 39.31
C PHE F 289 -8.04 2.00 40.74
N GLU F 290 -8.37 3.27 40.90
CA GLU F 290 -8.42 3.88 42.22
C GLU F 290 -9.43 3.18 43.11
N GLU F 291 -10.55 2.77 42.51
CA GLU F 291 -11.62 2.10 43.24
C GLU F 291 -11.17 0.72 43.71
N ALA F 292 -10.40 0.03 42.87
CA ALA F 292 -9.90 -1.31 43.20
C ALA F 292 -8.91 -1.25 44.35
N GLU F 293 -8.02 -0.26 44.32
CA GLU F 293 -7.02 -0.09 45.37
C GLU F 293 -7.70 0.25 46.70
N LYS F 294 -8.83 0.94 46.64
CA LYS F 294 -9.58 1.31 47.83
C LYS F 294 -10.17 0.08 48.50
N ASN F 295 -10.63 -0.86 47.69
CA ASN F 295 -11.29 -2.06 48.19
C ASN F 295 -10.47 -3.33 47.98
N ALA F 296 -9.16 -3.22 48.13
CA ALA F 296 -8.29 -4.39 48.03
C ALA F 296 -8.55 -5.31 49.22
N PRO F 297 -8.44 -6.63 49.02
CA PRO F 297 -8.09 -7.28 47.75
C PRO F 297 -9.19 -7.14 46.71
N ALA F 298 -8.81 -7.02 45.44
CA ALA F 298 -9.76 -6.78 44.36
C ALA F 298 -9.26 -7.33 43.03
N ILE F 299 -10.21 -7.63 42.14
CA ILE F 299 -9.88 -8.04 40.78
C ILE F 299 -10.48 -7.08 39.76
N ILE F 300 -9.62 -6.39 39.01
CA ILE F 300 -10.07 -5.56 37.89
C ILE F 300 -10.10 -6.40 36.61
N PHE F 301 -11.27 -6.51 36.01
CA PHE F 301 -11.40 -7.27 34.76
C PHE F 301 -11.64 -6.35 33.57
N ILE F 302 -10.69 -6.32 32.65
CA ILE F 302 -10.83 -5.54 31.44
C ILE F 302 -11.32 -6.45 30.31
N ASP F 303 -12.62 -6.37 30.03
CA ASP F 303 -13.24 -7.21 29.03
C ASP F 303 -13.03 -6.60 27.64
N GLU F 304 -12.72 -7.43 26.67
CA GLU F 304 -12.43 -6.96 25.32
C GLU F 304 -11.31 -5.92 25.35
N LEU F 305 -10.17 -6.33 25.89
CA LEU F 305 -9.02 -5.44 26.04
C LEU F 305 -8.59 -4.81 24.73
N ASP F 306 -8.65 -5.60 23.65
CA ASP F 306 -8.20 -5.14 22.34
C ASP F 306 -8.95 -3.90 21.85
N ALA F 307 -10.13 -3.66 22.40
CA ALA F 307 -10.92 -2.48 22.04
C ALA F 307 -10.24 -1.21 22.52
N ILE F 308 -9.50 -1.32 23.62
CA ILE F 308 -8.82 -0.18 24.21
C ILE F 308 -7.38 -0.08 23.71
N ALA F 309 -6.69 -1.21 23.66
CA ALA F 309 -5.26 -1.21 23.34
C ALA F 309 -4.89 -2.25 22.28
N PRO F 310 -5.21 -1.95 21.01
CA PRO F 310 -4.79 -2.80 19.89
C PRO F 310 -3.38 -2.47 19.43
N LYS F 311 -2.88 -3.23 18.46
CA LYS F 311 -1.57 -2.97 17.87
C LYS F 311 -1.50 -1.49 17.51
N ARG F 312 -0.36 -0.86 17.78
CA ARG F 312 -0.21 0.58 17.57
C ARG F 312 -0.44 1.06 16.14
N GLU F 313 -0.17 0.19 15.16
CA GLU F 313 -0.34 0.59 13.76
C GLU F 313 -1.83 0.72 13.45
N LYS F 314 -2.65 0.00 14.18
CA LYS F 314 -4.09 0.01 13.96
C LYS F 314 -4.72 1.15 14.75
N THR F 315 -3.91 1.81 15.56
CA THR F 315 -4.40 2.89 16.42
C THR F 315 -4.16 4.24 15.78
N HIS F 316 -4.47 4.38 14.49
CA HIS F 316 -4.27 5.67 13.85
C HIS F 316 -5.27 6.67 14.44
N GLY F 317 -4.72 7.74 15.00
CA GLY F 317 -5.48 8.72 15.73
C GLY F 317 -4.77 8.94 17.05
N GLU F 318 -4.48 10.19 17.36
CA GLU F 318 -3.70 10.55 18.54
C GLU F 318 -4.39 10.22 19.86
N VAL F 319 -5.67 10.53 19.95
CA VAL F 319 -6.41 10.35 21.20
C VAL F 319 -6.52 8.88 21.61
N GLU F 320 -6.63 8.01 20.62
CA GLU F 320 -6.77 6.58 20.89
C GLU F 320 -5.48 6.02 21.46
N ARG F 321 -4.35 6.49 20.95
CA ARG F 321 -3.03 6.03 21.40
C ARG F 321 -2.81 6.42 22.85
N ARG F 322 -3.34 7.58 23.23
CA ARG F 322 -3.18 8.10 24.58
C ARG F 322 -3.85 7.22 25.63
N ILE F 323 -5.00 6.64 25.27
CA ILE F 323 -5.72 5.77 26.18
C ILE F 323 -4.88 4.52 26.44
N VAL F 324 -4.19 4.04 25.41
CA VAL F 324 -3.33 2.89 25.54
C VAL F 324 -2.21 3.20 26.53
N SER F 325 -1.58 4.36 26.34
CA SER F 325 -0.53 4.82 27.23
C SER F 325 -1.08 4.99 28.64
N GLN F 326 -2.28 5.55 28.74
CA GLN F 326 -2.95 5.73 30.02
C GLN F 326 -3.05 4.40 30.76
N LEU F 327 -3.46 3.36 30.02
CA LEU F 327 -3.60 2.03 30.61
C LEU F 327 -2.26 1.46 31.01
N LEU F 328 -1.26 1.61 30.14
CA LEU F 328 0.08 1.11 30.43
C LEU F 328 0.60 1.71 31.73
N THR F 329 0.32 3.00 31.94
CA THR F 329 0.76 3.68 33.15
C THR F 329 0.07 3.10 34.39
N LEU F 330 -1.23 2.89 34.29
CA LEU F 330 -2.01 2.35 35.40
C LEU F 330 -1.49 0.96 35.79
N MET F 331 -1.16 0.15 34.79
CA MET F 331 -0.58 -1.16 35.03
C MET F 331 0.76 -1.01 35.74
N ASP F 332 1.57 -0.05 35.30
CA ASP F 332 2.84 0.25 35.95
C ASP F 332 2.59 0.85 37.35
N GLY F 333 1.48 1.56 37.48
CA GLY F 333 1.11 2.20 38.73
C GLY F 333 0.80 1.20 39.82
N LEU F 334 0.82 -0.09 39.45
CA LEU F 334 0.54 -1.18 40.39
C LEU F 334 1.69 -1.31 41.39
N LYS F 335 2.71 -0.48 41.22
CA LYS F 335 3.80 -0.36 42.17
C LYS F 335 3.26 0.08 43.53
N GLN F 336 2.03 0.58 43.55
CA GLN F 336 1.35 0.92 44.80
C GLN F 336 1.35 -0.29 45.72
N ARG F 337 1.38 -1.48 45.12
CA ARG F 337 1.49 -2.72 45.86
C ARG F 337 0.20 -3.03 46.62
N ALA F 338 -0.86 -2.31 46.28
CA ALA F 338 -2.19 -2.63 46.77
C ALA F 338 -2.57 -4.01 46.26
N HIS F 339 -3.03 -4.87 47.14
CA HIS F 339 -3.41 -6.23 46.79
C HIS F 339 -4.43 -6.22 45.67
N VAL F 340 -4.00 -5.85 44.47
CA VAL F 340 -4.91 -5.81 43.32
C VAL F 340 -4.37 -6.64 42.16
N ILE F 341 -5.23 -7.49 41.61
CA ILE F 341 -4.88 -8.27 40.42
C ILE F 341 -5.74 -7.81 39.25
N VAL F 342 -5.11 -7.62 38.10
CA VAL F 342 -5.82 -7.21 36.89
C VAL F 342 -5.92 -8.37 35.91
N MET F 343 -7.15 -8.77 35.60
CA MET F 343 -7.39 -9.78 34.59
C MET F 343 -7.96 -9.12 33.35
N ALA F 344 -7.63 -9.67 32.17
CA ALA F 344 -8.10 -9.10 30.92
C ALA F 344 -8.47 -10.20 29.92
N ALA F 345 -9.40 -9.88 29.03
CA ALA F 345 -9.88 -10.85 28.05
C ALA F 345 -9.76 -10.29 26.64
N THR F 346 -9.34 -11.14 25.71
CA THR F 346 -9.26 -10.75 24.32
C THR F 346 -9.40 -11.95 23.39
N ASN F 347 -10.08 -11.74 22.27
CA ASN F 347 -10.25 -12.79 21.27
C ASN F 347 -8.95 -13.02 20.53
N ARG F 348 -8.20 -11.94 20.34
CA ARG F 348 -6.99 -11.99 19.53
C ARG F 348 -5.77 -11.55 20.33
N PRO F 349 -4.98 -12.53 20.81
CA PRO F 349 -3.75 -12.22 21.54
C PRO F 349 -2.77 -11.40 20.70
N ASN F 350 -2.81 -11.62 19.39
CA ASN F 350 -1.93 -10.93 18.46
C ASN F 350 -2.32 -9.48 18.27
N SER F 351 -3.60 -9.17 18.51
CA SER F 351 -4.12 -7.82 18.32
C SER F 351 -3.70 -6.85 19.43
N ILE F 352 -3.50 -7.37 20.63
CA ILE F 352 -3.12 -6.53 21.76
C ILE F 352 -1.74 -5.91 21.56
N ASP F 353 -1.61 -4.63 21.89
CA ASP F 353 -0.33 -3.94 21.83
C ASP F 353 0.68 -4.69 22.67
N PRO F 354 1.78 -5.16 22.04
CA PRO F 354 2.78 -5.98 22.75
C PRO F 354 3.33 -5.30 24.00
N ALA F 355 3.21 -3.98 24.07
CA ALA F 355 3.67 -3.24 25.25
C ALA F 355 2.99 -3.75 26.51
N LEU F 356 1.79 -4.29 26.37
CA LEU F 356 1.02 -4.79 27.51
C LEU F 356 1.52 -6.14 27.99
N ARG F 357 2.13 -6.91 27.09
CA ARG F 357 2.64 -8.24 27.43
C ARG F 357 4.01 -8.19 28.09
N ARG F 358 4.51 -6.98 28.33
CA ARG F 358 5.82 -6.81 28.95
C ARG F 358 5.78 -7.10 30.44
N PHE F 359 6.94 -7.40 31.01
CA PHE F 359 7.03 -7.71 32.43
C PHE F 359 6.53 -6.52 33.24
N GLY F 360 5.87 -6.81 34.37
CA GLY F 360 5.33 -5.78 35.22
C GLY F 360 3.90 -5.41 34.89
N ARG F 361 3.43 -5.84 33.72
CA ARG F 361 2.05 -5.60 33.30
C ARG F 361 1.32 -6.94 33.20
N PHE F 362 0.85 -7.29 32.00
CA PHE F 362 0.23 -8.59 31.79
C PHE F 362 1.31 -9.62 31.48
N ASP F 363 1.99 -10.05 32.54
CA ASP F 363 3.13 -10.96 32.41
C ASP F 363 2.71 -12.43 32.50
N ARG F 364 1.42 -12.69 32.69
CA ARG F 364 0.91 -14.06 32.69
C ARG F 364 -0.25 -14.23 31.73
N GLU F 365 -0.20 -15.32 30.96
CA GLU F 365 -1.22 -15.61 29.97
C GLU F 365 -1.83 -16.99 30.20
N VAL F 366 -3.12 -17.11 29.89
CA VAL F 366 -3.82 -18.38 30.00
C VAL F 366 -4.66 -18.61 28.75
N ASP F 367 -4.37 -19.69 28.02
CA ASP F 367 -5.08 -19.98 26.79
C ASP F 367 -6.33 -20.81 27.08
N ILE F 368 -7.48 -20.15 27.04
CA ILE F 368 -8.75 -20.83 27.20
C ILE F 368 -9.29 -21.17 25.82
N GLY F 369 -8.70 -22.19 25.20
CA GLY F 369 -9.04 -22.56 23.85
C GLY F 369 -10.45 -23.12 23.75
N ILE F 370 -10.73 -23.79 22.64
CA ILE F 370 -12.03 -24.42 22.44
C ILE F 370 -12.08 -25.77 23.15
N PRO F 371 -13.23 -26.11 23.76
CA PRO F 371 -13.36 -27.37 24.49
C PRO F 371 -13.29 -28.59 23.58
N ASP F 372 -12.74 -29.68 24.09
CA ASP F 372 -12.72 -30.95 23.37
C ASP F 372 -14.03 -31.70 23.60
N ALA F 373 -14.14 -32.88 23.02
CA ALA F 373 -15.36 -33.68 23.15
C ALA F 373 -15.80 -33.76 24.61
N THR F 374 -14.89 -34.19 25.48
CA THR F 374 -15.19 -34.32 26.90
C THR F 374 -15.67 -32.99 27.47
N GLY F 375 -15.03 -31.92 27.07
CA GLY F 375 -15.38 -30.59 27.56
C GLY F 375 -16.80 -30.19 27.18
N ARG F 376 -17.14 -30.34 25.91
CA ARG F 376 -18.46 -29.97 25.43
C ARG F 376 -19.54 -30.70 26.22
N LEU F 377 -19.29 -31.97 26.53
CA LEU F 377 -20.20 -32.75 27.35
C LEU F 377 -20.35 -32.11 28.73
N GLU F 378 -19.23 -31.67 29.29
CA GLU F 378 -19.24 -31.04 30.59
C GLU F 378 -20.16 -29.81 30.55
N ILE F 379 -20.03 -29.02 29.48
CA ILE F 379 -20.81 -27.81 29.32
C ILE F 379 -22.30 -28.12 29.24
N LEU F 380 -22.64 -29.09 28.39
CA LEU F 380 -24.03 -29.48 28.19
C LEU F 380 -24.68 -29.85 29.51
N GLN F 381 -23.94 -30.51 30.38
CA GLN F 381 -24.48 -30.92 31.68
C GLN F 381 -24.84 -29.71 32.54
N ILE F 382 -24.06 -28.64 32.40
CA ILE F 382 -24.28 -27.44 33.20
C ILE F 382 -25.57 -26.72 32.82
N HIS F 383 -25.86 -26.66 31.53
CA HIS F 383 -27.04 -25.94 31.04
C HIS F 383 -28.22 -26.88 30.87
N THR F 384 -28.09 -28.10 31.38
CA THR F 384 -29.21 -29.03 31.43
C THR F 384 -29.50 -29.36 32.89
N LYS F 385 -28.88 -28.60 33.78
CA LYS F 385 -29.07 -28.78 35.22
C LYS F 385 -30.53 -28.62 35.63
N ASN F 386 -31.14 -27.53 35.18
CA ASN F 386 -32.47 -27.16 35.63
C ASN F 386 -33.58 -27.75 34.77
N MET F 387 -33.22 -28.39 33.67
CA MET F 387 -34.21 -28.94 32.76
C MET F 387 -34.42 -30.42 33.04
N LYS F 388 -35.68 -30.86 32.97
CA LYS F 388 -35.98 -32.27 33.08
C LYS F 388 -35.58 -32.94 31.77
N LEU F 389 -34.62 -33.85 31.84
CA LEU F 389 -34.06 -34.48 30.65
C LEU F 389 -34.79 -35.78 30.38
N ALA F 390 -35.21 -35.98 29.13
CA ALA F 390 -35.87 -37.22 28.74
C ALA F 390 -34.87 -38.37 28.79
N ASP F 391 -35.37 -39.60 28.77
CA ASP F 391 -34.52 -40.77 28.88
C ASP F 391 -33.78 -41.03 27.57
N ASP F 392 -34.43 -40.71 26.45
CA ASP F 392 -33.87 -40.97 25.13
C ASP F 392 -32.67 -40.07 24.81
N VAL F 393 -32.51 -38.98 25.57
CA VAL F 393 -31.43 -38.05 25.33
C VAL F 393 -30.09 -38.65 25.75
N ASP F 394 -29.10 -38.54 24.87
CA ASP F 394 -27.75 -39.01 25.16
C ASP F 394 -26.76 -37.89 24.87
N LEU F 395 -26.43 -37.11 25.90
CA LEU F 395 -25.59 -35.93 25.74
C LEU F 395 -24.20 -36.29 25.21
N GLU F 396 -23.73 -37.49 25.50
CA GLU F 396 -22.41 -37.91 25.04
C GLU F 396 -22.35 -37.91 23.51
N GLN F 397 -23.44 -38.32 22.86
CA GLN F 397 -23.51 -38.25 21.42
C GLN F 397 -23.48 -36.78 20.99
N VAL F 398 -24.34 -35.99 21.63
CA VAL F 398 -24.45 -34.57 21.31
C VAL F 398 -23.10 -33.87 21.43
N ALA F 399 -22.36 -34.21 22.48
CA ALA F 399 -21.05 -33.62 22.70
C ALA F 399 -20.11 -33.91 21.53
N ASN F 400 -20.11 -35.17 21.10
CA ASN F 400 -19.25 -35.59 20.00
C ASN F 400 -19.74 -34.99 18.69
N GLU F 401 -21.04 -34.78 18.59
CA GLU F 401 -21.66 -34.33 17.35
C GLU F 401 -21.40 -32.83 17.15
N THR F 402 -21.40 -32.09 18.24
CA THR F 402 -21.22 -30.64 18.19
C THR F 402 -19.76 -30.24 18.09
N HIS F 403 -19.08 -30.68 17.03
CA HIS F 403 -17.71 -30.27 16.81
C HIS F 403 -17.64 -28.79 16.46
N GLY F 404 -16.53 -28.15 16.80
CA GLY F 404 -16.34 -26.74 16.50
C GLY F 404 -17.24 -25.84 17.33
N HIS F 405 -17.90 -26.40 18.34
CA HIS F 405 -18.78 -25.62 19.20
C HIS F 405 -18.04 -25.06 20.40
N VAL F 406 -18.41 -23.83 20.77
CA VAL F 406 -17.82 -23.16 21.92
C VAL F 406 -18.86 -23.05 23.03
N GLY F 407 -18.38 -22.83 24.26
CA GLY F 407 -19.25 -22.71 25.41
C GLY F 407 -20.57 -22.00 25.11
N ALA F 408 -20.49 -20.76 24.64
CA ALA F 408 -21.69 -19.98 24.34
C ALA F 408 -22.58 -20.64 23.29
N ASP F 409 -21.97 -21.31 22.31
CA ASP F 409 -22.75 -22.00 21.28
C ASP F 409 -23.60 -23.09 21.92
N LEU F 410 -22.97 -23.90 22.78
CA LEU F 410 -23.66 -24.98 23.47
C LEU F 410 -24.73 -24.43 24.39
N ALA F 411 -24.41 -23.36 25.11
CA ALA F 411 -25.37 -22.73 26.01
C ALA F 411 -26.60 -22.30 25.21
N ALA F 412 -26.38 -21.84 23.98
CA ALA F 412 -27.48 -21.43 23.12
C ALA F 412 -28.20 -22.65 22.59
N LEU F 413 -27.44 -23.68 22.21
CA LEU F 413 -28.01 -24.88 21.61
C LEU F 413 -28.94 -25.54 22.61
N CYS F 414 -28.56 -25.54 23.88
CA CYS F 414 -29.42 -26.06 24.94
C CYS F 414 -30.65 -25.18 25.11
N SER F 415 -30.44 -23.88 25.05
CA SER F 415 -31.53 -22.91 25.15
C SER F 415 -32.48 -23.11 23.98
N GLU F 416 -31.92 -23.39 22.81
CA GLU F 416 -32.69 -23.56 21.58
C GLU F 416 -33.44 -24.89 21.59
N ALA F 417 -32.83 -25.91 22.18
CA ALA F 417 -33.45 -27.22 22.28
C ALA F 417 -34.65 -27.19 23.21
N ALA F 418 -34.60 -26.32 24.22
CA ALA F 418 -35.69 -26.19 25.18
C ALA F 418 -36.90 -25.55 24.50
N LEU F 419 -36.65 -24.51 23.71
CA LEU F 419 -37.71 -23.82 22.99
C LEU F 419 -38.48 -24.76 22.06
N GLN F 420 -37.81 -25.80 21.57
CA GLN F 420 -38.45 -26.78 20.71
C GLN F 420 -39.40 -27.64 21.53
N ALA F 421 -38.98 -28.01 22.74
CA ALA F 421 -39.82 -28.80 23.63
C ALA F 421 -41.07 -28.00 24.00
N ILE F 422 -40.91 -26.69 24.11
CA ILE F 422 -42.04 -25.81 24.38
C ILE F 422 -42.89 -25.72 23.11
N ARG F 423 -42.23 -25.59 21.97
CA ARG F 423 -42.90 -25.45 20.68
C ARG F 423 -43.95 -26.55 20.49
N LYS F 424 -43.59 -27.80 20.74
CA LYS F 424 -44.54 -28.89 20.52
C LYS F 424 -45.66 -28.81 21.53
N LYS F 425 -45.34 -28.32 22.73
CA LYS F 425 -46.32 -28.20 23.80
C LYS F 425 -46.92 -26.80 23.89
N MET F 426 -47.26 -26.20 22.75
CA MET F 426 -47.84 -24.87 22.78
C MET F 426 -49.34 -24.95 23.07
N ASP F 427 -49.91 -26.12 22.84
CA ASP F 427 -51.28 -26.42 23.28
C ASP F 427 -51.48 -25.85 24.69
N LEU F 428 -50.42 -25.91 25.50
CA LEU F 428 -50.50 -25.44 26.87
C LEU F 428 -50.37 -23.92 26.89
N ILE F 429 -49.37 -23.39 26.19
CA ILE F 429 -49.22 -21.95 26.02
C ILE F 429 -50.57 -21.34 25.64
N ASP F 430 -51.28 -22.05 24.76
CA ASP F 430 -52.60 -21.62 24.28
C ASP F 430 -53.47 -21.08 25.41
N LEU F 431 -53.47 -21.79 26.54
CA LEU F 431 -54.23 -21.36 27.71
C LEU F 431 -54.12 -19.85 27.91
N GLU F 432 -53.08 -19.27 27.31
CA GLU F 432 -52.89 -17.81 27.24
C GLU F 432 -52.79 -17.09 28.59
N ASP F 433 -53.12 -17.78 29.68
CA ASP F 433 -53.04 -17.18 31.00
C ASP F 433 -51.61 -16.71 31.28
N GLU F 434 -51.47 -15.61 32.02
CA GLU F 434 -50.16 -15.10 32.40
C GLU F 434 -49.71 -15.89 33.63
N THR F 435 -49.95 -17.20 33.59
CA THR F 435 -49.71 -18.10 34.71
C THR F 435 -48.41 -18.90 34.64
N ILE F 436 -47.82 -19.13 35.81
CA ILE F 436 -46.70 -20.05 35.92
C ILE F 436 -47.33 -21.32 36.48
N ASP F 437 -46.87 -22.47 36.03
CA ASP F 437 -47.44 -23.73 36.52
C ASP F 437 -46.37 -24.81 36.58
N ALA F 438 -45.85 -25.03 37.79
CA ALA F 438 -44.76 -25.96 38.01
C ALA F 438 -45.15 -27.40 37.69
N GLU F 439 -46.35 -27.79 38.08
CA GLU F 439 -46.80 -29.17 37.91
C GLU F 439 -46.75 -29.58 36.43
N VAL F 440 -47.11 -28.66 35.55
CA VAL F 440 -47.04 -28.92 34.11
C VAL F 440 -45.62 -28.70 33.61
N MET F 441 -44.96 -27.68 34.15
CA MET F 441 -43.62 -27.32 33.72
C MET F 441 -42.63 -28.40 34.13
N ASN F 442 -42.92 -29.08 35.23
CA ASN F 442 -42.07 -30.16 35.70
C ASN F 442 -42.21 -31.39 34.80
N SER F 443 -43.43 -31.64 34.35
CA SER F 443 -43.70 -32.74 33.43
C SER F 443 -43.11 -32.44 32.06
N LEU F 444 -42.76 -31.18 31.82
CA LEU F 444 -42.17 -30.77 30.55
C LEU F 444 -40.75 -31.33 30.41
N ALA F 445 -40.59 -32.28 29.50
CA ALA F 445 -39.30 -32.88 29.23
C ALA F 445 -38.77 -32.43 27.87
N VAL F 446 -37.46 -32.55 27.68
CA VAL F 446 -36.83 -32.18 26.42
C VAL F 446 -36.32 -33.42 25.70
N THR F 447 -37.02 -33.81 24.64
CA THR F 447 -36.72 -35.03 23.91
C THR F 447 -35.42 -34.92 23.12
N MET F 448 -34.90 -36.07 22.68
CA MET F 448 -33.69 -36.11 21.86
C MET F 448 -33.94 -35.41 20.53
N ASP F 449 -35.19 -35.40 20.10
CA ASP F 449 -35.59 -34.69 18.89
C ASP F 449 -35.43 -33.19 19.09
N ASP F 450 -35.80 -32.71 20.28
CA ASP F 450 -35.70 -31.29 20.60
C ASP F 450 -34.26 -30.79 20.48
N PHE F 451 -33.30 -31.69 20.69
CA PHE F 451 -31.90 -31.36 20.53
C PHE F 451 -31.50 -31.47 19.06
N ARG F 452 -31.96 -32.54 18.41
CA ARG F 452 -31.69 -32.75 16.99
C ARG F 452 -32.21 -31.60 16.15
N TRP F 453 -33.33 -31.01 16.56
CA TRP F 453 -33.91 -29.86 15.85
C TRP F 453 -32.98 -28.66 15.99
N ALA F 454 -32.54 -28.40 17.22
CA ALA F 454 -31.64 -27.30 17.51
C ALA F 454 -30.26 -27.53 16.89
N LEU F 455 -29.88 -28.80 16.76
CA LEU F 455 -28.58 -29.14 16.18
C LEU F 455 -28.50 -28.73 14.72
N SER F 456 -29.57 -28.97 13.97
CA SER F 456 -29.61 -28.61 12.56
C SER F 456 -29.66 -27.09 12.39
N GLN F 457 -30.15 -26.42 13.42
CA GLN F 457 -30.38 -24.98 13.37
C GLN F 457 -29.20 -24.24 13.99
N SER F 458 -28.18 -24.99 14.39
CA SER F 458 -27.04 -24.43 15.11
C SER F 458 -26.02 -23.82 14.17
N ASN F 459 -25.57 -22.61 14.49
CA ASN F 459 -24.50 -21.96 13.76
C ASN F 459 -23.23 -21.92 14.59
N PRO F 460 -22.49 -23.05 14.64
CA PRO F 460 -21.25 -23.06 15.41
C PRO F 460 -20.27 -22.03 14.89
N SER F 461 -19.57 -21.36 15.81
CA SER F 461 -18.73 -20.23 15.45
C SER F 461 -17.26 -20.59 15.26
N ALA F 462 -16.77 -21.55 16.02
CA ALA F 462 -15.34 -21.85 16.05
C ALA F 462 -14.97 -23.10 15.27
N LEU F 463 -15.63 -23.35 14.14
CA LEU F 463 -15.29 -24.50 13.31
C LEU F 463 -13.97 -24.23 12.60
N ARG F 464 -13.72 -22.97 12.32
CA ARG F 464 -12.53 -22.58 11.57
C ARG F 464 -11.29 -22.55 12.46
N GLU F 465 -11.52 -22.64 13.77
CA GLU F 465 -10.42 -22.63 14.74
C GLU F 465 -9.63 -23.94 14.75
N THR F 466 -8.32 -23.84 14.98
CA THR F 466 -7.47 -25.01 15.06
C THR F 466 -7.72 -25.77 16.36
N VAL F 467 -7.98 -27.07 16.24
CA VAL F 467 -8.37 -27.90 17.38
C VAL F 467 -7.16 -28.50 18.11
N VAL F 468 -7.23 -28.51 19.42
CA VAL F 468 -6.17 -29.08 20.25
C VAL F 468 -6.76 -30.01 21.31
N GLU F 469 -6.68 -31.31 21.07
CA GLU F 469 -7.27 -32.27 22.00
C GLU F 469 -6.64 -33.66 21.85
N VAL F 470 -7.09 -34.60 22.68
CA VAL F 470 -6.62 -35.98 22.62
C VAL F 470 -7.49 -36.78 21.66
N PRO F 471 -6.89 -37.35 20.61
CA PRO F 471 -7.65 -38.10 19.60
C PRO F 471 -8.37 -39.30 20.19
N GLN F 472 -9.47 -39.69 19.56
CA GLN F 472 -10.23 -40.86 19.99
C GLN F 472 -9.87 -42.09 19.15
N VAL F 473 -8.89 -41.92 18.28
CA VAL F 473 -8.41 -43.02 17.44
C VAL F 473 -7.41 -43.85 18.22
N THR F 474 -7.65 -45.16 18.27
CA THR F 474 -6.77 -46.06 19.02
C THR F 474 -6.07 -47.03 18.09
N TRP F 475 -5.12 -47.79 18.63
CA TRP F 475 -4.40 -48.78 17.84
C TRP F 475 -5.38 -49.76 17.19
N GLU F 476 -6.48 -50.02 17.89
CA GLU F 476 -7.47 -50.99 17.42
C GLU F 476 -8.10 -50.56 16.10
N ASP F 477 -8.10 -49.25 15.83
CA ASP F 477 -8.69 -48.73 14.61
C ASP F 477 -7.72 -48.87 13.42
N ILE F 478 -6.49 -49.27 13.71
CA ILE F 478 -5.48 -49.44 12.67
C ILE F 478 -5.08 -50.90 12.54
N GLY F 479 -5.21 -51.44 11.33
CA GLY F 479 -4.86 -52.83 11.07
C GLY F 479 -3.44 -52.97 10.60
N GLY F 480 -2.72 -53.93 11.17
CA GLY F 480 -1.33 -54.17 10.84
C GLY F 480 -0.42 -53.11 11.44
N LEU F 481 0.74 -52.91 10.81
CA LEU F 481 1.69 -51.90 11.27
C LEU F 481 2.08 -52.11 12.73
N GLU F 482 2.04 -53.36 13.19
CA GLU F 482 2.30 -53.66 14.60
C GLU F 482 3.67 -53.16 15.05
N ASP F 483 4.71 -53.53 14.29
CA ASP F 483 6.07 -53.14 14.65
C ASP F 483 6.26 -51.62 14.60
N VAL F 484 5.51 -50.95 13.72
CA VAL F 484 5.58 -49.49 13.63
C VAL F 484 4.94 -48.86 14.87
N LYS F 485 3.82 -49.42 15.31
CA LYS F 485 3.15 -48.94 16.50
C LYS F 485 4.14 -49.02 17.67
N ARG F 486 4.92 -50.10 17.69
CA ARG F 486 5.92 -50.29 18.74
C ARG F 486 6.97 -49.17 18.69
N GLU F 487 7.51 -48.92 17.51
CA GLU F 487 8.53 -47.89 17.35
C GLU F 487 8.02 -46.52 17.76
N LEU F 488 6.71 -46.31 17.61
CA LEU F 488 6.10 -45.05 17.99
C LEU F 488 6.04 -44.92 19.51
N GLN F 489 5.80 -46.03 20.20
CA GLN F 489 5.77 -46.04 21.65
C GLN F 489 7.17 -45.72 22.19
N GLU F 490 8.19 -46.28 21.54
CA GLU F 490 9.57 -46.04 21.93
C GLU F 490 9.97 -44.59 21.70
N LEU F 491 9.53 -44.03 20.58
CA LEU F 491 9.91 -42.68 20.19
C LEU F 491 9.15 -41.61 20.97
N VAL F 492 7.88 -41.87 21.25
CA VAL F 492 7.00 -40.86 21.84
C VAL F 492 6.71 -41.14 23.31
N GLN F 493 6.38 -42.38 23.63
CA GLN F 493 5.92 -42.71 24.98
C GLN F 493 7.09 -42.78 25.97
N TYR F 494 8.14 -43.50 25.61
CA TYR F 494 9.26 -43.72 26.52
C TYR F 494 9.86 -42.42 27.09
N PRO F 495 10.16 -41.45 26.23
CA PRO F 495 10.74 -40.20 26.75
C PRO F 495 9.81 -39.46 27.70
N VAL F 496 8.52 -39.75 27.62
CA VAL F 496 7.54 -39.15 28.51
C VAL F 496 7.42 -39.95 29.79
N GLU F 497 7.32 -41.27 29.64
CA GLU F 497 7.01 -42.16 30.76
C GLU F 497 8.27 -42.50 31.55
N HIS F 498 9.43 -42.38 30.92
CA HIS F 498 10.69 -42.76 31.54
C HIS F 498 11.83 -41.80 31.24
N PRO F 499 11.69 -40.52 31.64
CA PRO F 499 12.76 -39.56 31.35
C PRO F 499 14.07 -39.93 32.05
N ASP F 500 13.98 -40.45 33.27
CA ASP F 500 15.17 -40.80 34.04
C ASP F 500 16.07 -41.76 33.29
N LYS F 501 15.47 -42.74 32.60
CA LYS F 501 16.24 -43.75 31.89
C LYS F 501 17.09 -43.13 30.79
N PHE F 502 16.48 -42.22 30.02
CA PHE F 502 17.19 -41.57 28.92
C PHE F 502 18.38 -40.78 29.44
N LEU F 503 18.23 -40.20 30.64
CA LEU F 503 19.28 -39.37 31.22
C LEU F 503 20.48 -40.22 31.61
N LYS F 504 20.23 -41.42 32.13
CA LYS F 504 21.30 -42.32 32.54
C LYS F 504 22.12 -42.83 31.35
N PHE F 505 21.46 -43.09 30.23
CA PHE F 505 22.16 -43.54 29.02
C PHE F 505 22.86 -42.39 28.32
N GLY F 506 22.49 -41.17 28.68
CA GLY F 506 23.16 -39.99 28.16
C GLY F 506 22.83 -39.65 26.71
N MET F 507 21.68 -40.11 26.23
CA MET F 507 21.24 -39.75 24.89
C MET F 507 20.00 -38.86 24.97
N THR F 508 19.92 -37.89 24.06
CA THR F 508 18.73 -37.07 23.94
C THR F 508 17.89 -37.67 22.82
N PRO F 509 16.58 -37.84 23.05
CA PRO F 509 15.78 -38.51 22.02
C PRO F 509 15.48 -37.63 20.82
N SER F 510 15.25 -38.26 19.67
CA SER F 510 14.96 -37.54 18.42
C SER F 510 13.71 -36.68 18.56
N LYS F 511 13.64 -35.63 17.75
CA LYS F 511 12.58 -34.65 17.86
C LYS F 511 11.31 -35.06 17.11
N GLY F 512 11.48 -35.59 15.90
CA GLY F 512 10.34 -35.84 15.04
C GLY F 512 10.47 -37.04 14.12
N VAL F 513 9.36 -37.36 13.45
CA VAL F 513 9.27 -38.52 12.58
C VAL F 513 8.70 -38.10 11.22
N LEU F 514 8.98 -38.89 10.19
CA LEU F 514 8.40 -38.68 8.88
C LEU F 514 7.76 -39.95 8.34
N PHE F 515 6.44 -39.95 8.24
CA PHE F 515 5.73 -41.03 7.57
C PHE F 515 5.75 -40.78 6.08
N TYR F 516 6.09 -41.82 5.31
CA TYR F 516 6.06 -41.73 3.85
C TYR F 516 5.73 -43.09 3.26
N GLY F 517 4.90 -43.09 2.22
CA GLY F 517 4.48 -44.33 1.59
C GLY F 517 3.34 -44.10 0.63
N PRO F 518 2.81 -45.18 0.05
CA PRO F 518 1.67 -45.06 -0.87
C PRO F 518 0.44 -44.46 -0.19
N PRO F 519 -0.44 -43.82 -0.96
CA PRO F 519 -1.64 -43.19 -0.41
C PRO F 519 -2.59 -44.18 0.27
N GLY F 520 -3.19 -43.76 1.38
CA GLY F 520 -4.25 -44.52 2.02
C GLY F 520 -3.79 -45.77 2.73
N CYS F 521 -2.73 -45.65 3.53
CA CYS F 521 -2.20 -46.80 4.25
C CYS F 521 -2.10 -46.57 5.76
N GLY F 522 -2.57 -45.42 6.22
CA GLY F 522 -2.76 -45.19 7.64
C GLY F 522 -1.80 -44.20 8.27
N LYS F 523 -1.17 -43.36 7.45
CA LYS F 523 -0.23 -42.38 7.97
C LYS F 523 -0.91 -41.40 8.90
N THR F 524 -2.09 -40.92 8.52
CA THR F 524 -2.83 -39.99 9.36
C THR F 524 -3.31 -40.68 10.65
N LEU F 525 -3.76 -41.93 10.52
CA LEU F 525 -4.27 -42.68 11.67
C LEU F 525 -3.19 -42.89 12.71
N LEU F 526 -2.00 -43.28 12.27
CA LEU F 526 -0.90 -43.57 13.19
C LEU F 526 -0.57 -42.36 14.05
N ALA F 527 -0.55 -41.18 13.43
CA ALA F 527 -0.22 -39.96 14.16
C ALA F 527 -1.20 -39.73 15.31
N LYS F 528 -2.48 -39.96 15.04
CA LYS F 528 -3.51 -39.77 16.05
C LYS F 528 -3.48 -40.89 17.09
N ALA F 529 -3.20 -42.11 16.63
CA ALA F 529 -3.19 -43.28 17.51
C ALA F 529 -2.14 -43.14 18.61
N ILE F 530 -0.91 -42.84 18.22
CA ILE F 530 0.18 -42.72 19.19
C ILE F 530 -0.12 -41.62 20.20
N ALA F 531 -0.82 -40.58 19.76
CA ALA F 531 -1.23 -39.51 20.67
C ALA F 531 -2.23 -40.05 21.67
N ASN F 532 -3.14 -40.89 21.18
CA ASN F 532 -4.15 -41.51 22.02
C ASN F 532 -3.52 -42.43 23.05
N GLU F 533 -2.54 -43.20 22.63
CA GLU F 533 -1.86 -44.14 23.53
C GLU F 533 -1.17 -43.38 24.66
N CYS F 534 -0.61 -42.22 24.34
CA CYS F 534 0.12 -41.43 25.33
C CYS F 534 -0.80 -40.42 26.03
N GLN F 535 -2.09 -40.49 25.72
CA GLN F 535 -3.05 -39.52 26.25
C GLN F 535 -2.48 -38.11 26.19
N ALA F 536 -1.84 -37.80 25.07
CA ALA F 536 -1.23 -36.50 24.86
C ALA F 536 -2.04 -35.71 23.82
N ASN F 537 -2.06 -34.40 23.97
CA ASN F 537 -2.80 -33.55 23.04
C ASN F 537 -2.32 -33.72 21.60
N PHE F 538 -3.17 -33.36 20.65
CA PHE F 538 -2.87 -33.57 19.24
C PHE F 538 -3.28 -32.36 18.41
N ILE F 539 -2.38 -31.92 17.55
CA ILE F 539 -2.63 -30.79 16.67
C ILE F 539 -2.33 -31.18 15.22
N SER F 540 -3.34 -31.13 14.38
CA SER F 540 -3.19 -31.46 12.97
C SER F 540 -3.15 -30.21 12.10
N ILE F 541 -2.18 -30.16 11.20
CA ILE F 541 -2.07 -29.06 10.26
C ILE F 541 -1.85 -29.63 8.86
N LYS F 542 -2.90 -29.63 8.04
CA LYS F 542 -2.80 -30.17 6.70
C LYS F 542 -2.17 -29.16 5.75
N GLY F 543 -1.46 -29.66 4.74
CA GLY F 543 -0.81 -28.82 3.76
C GLY F 543 -1.65 -27.65 3.31
N PRO F 544 -2.84 -27.93 2.76
CA PRO F 544 -3.75 -26.90 2.26
C PRO F 544 -4.05 -25.81 3.29
N GLU F 545 -4.14 -26.17 4.56
CA GLU F 545 -4.39 -25.18 5.62
C GLU F 545 -3.27 -24.14 5.66
N LEU F 546 -2.04 -24.57 5.41
CA LEU F 546 -0.88 -23.67 5.44
C LEU F 546 -0.79 -22.79 4.21
N LEU F 547 -1.33 -23.28 3.10
CA LEU F 547 -1.29 -22.53 1.84
C LEU F 547 -2.47 -21.56 1.72
N THR F 548 -3.36 -21.57 2.71
CA THR F 548 -4.52 -20.68 2.71
C THR F 548 -4.18 -19.31 3.30
N MET F 549 -3.42 -19.33 4.40
CA MET F 549 -3.04 -18.10 5.09
C MET F 549 -2.52 -17.07 4.09
N TRP F 550 -2.94 -15.82 4.24
CA TRP F 550 -2.42 -14.76 3.38
C TRP F 550 -0.89 -14.78 3.48
N PHE F 551 -0.23 -14.29 2.44
CA PHE F 551 1.24 -14.32 2.43
C PHE F 551 1.80 -13.68 3.69
N GLY F 552 1.36 -12.47 4.00
CA GLY F 552 1.86 -11.74 5.15
C GLY F 552 1.48 -12.35 6.48
N GLU F 553 0.23 -12.79 6.60
CA GLU F 553 -0.27 -13.31 7.88
C GLU F 553 0.35 -14.66 8.24
N SER F 554 0.75 -15.41 7.23
CA SER F 554 1.25 -16.77 7.42
C SER F 554 2.36 -16.87 8.46
N GLU F 555 3.20 -15.85 8.54
CA GLU F 555 4.37 -15.90 9.40
C GLU F 555 4.00 -15.92 10.88
N ALA F 556 2.99 -15.13 11.24
CA ALA F 556 2.57 -15.02 12.63
C ALA F 556 1.73 -16.24 13.03
N ASN F 557 1.09 -16.86 12.05
CA ASN F 557 0.24 -18.01 12.30
C ASN F 557 1.04 -19.28 12.58
N VAL F 558 2.13 -19.47 11.84
CA VAL F 558 2.99 -20.63 12.04
C VAL F 558 3.58 -20.62 13.45
N ARG F 559 4.03 -19.45 13.91
CA ARG F 559 4.53 -19.31 15.27
C ARG F 559 3.44 -19.70 16.25
N GLU F 560 2.23 -19.21 16.01
CA GLU F 560 1.11 -19.46 16.91
C GLU F 560 0.84 -20.96 17.05
N ILE F 561 1.07 -21.71 15.98
CA ILE F 561 0.84 -23.16 16.02
C ILE F 561 1.84 -23.81 16.97
N PHE F 562 3.11 -23.48 16.80
CA PHE F 562 4.16 -24.04 17.65
C PHE F 562 3.98 -23.57 19.09
N ASP F 563 3.44 -22.36 19.26
CA ASP F 563 3.16 -21.85 20.60
C ASP F 563 2.11 -22.73 21.29
N LYS F 564 1.02 -23.01 20.58
CA LYS F 564 -0.03 -23.87 21.13
C LYS F 564 0.51 -25.26 21.46
N ALA F 565 1.50 -25.70 20.70
CA ALA F 565 2.10 -27.01 20.93
C ALA F 565 2.84 -27.01 22.27
N ARG F 566 3.50 -25.90 22.59
CA ARG F 566 4.17 -25.76 23.88
C ARG F 566 3.15 -25.74 25.02
N GLN F 567 2.08 -24.97 24.83
CA GLN F 567 1.03 -24.86 25.85
C GLN F 567 0.44 -26.22 26.19
N ALA F 568 0.32 -27.08 25.18
CA ALA F 568 -0.39 -28.35 25.34
C ALA F 568 0.54 -29.53 25.60
N ALA F 569 1.80 -29.24 25.94
CA ALA F 569 2.77 -30.30 26.22
C ALA F 569 2.28 -31.14 27.40
N PRO F 570 2.36 -32.48 27.29
CA PRO F 570 2.94 -33.19 26.15
C PRO F 570 2.00 -33.15 24.95
N CYS F 571 2.56 -32.91 23.77
CA CYS F 571 1.74 -32.77 22.57
C CYS F 571 2.49 -33.30 21.36
N VAL F 572 1.73 -33.90 20.44
CA VAL F 572 2.30 -34.34 19.18
C VAL F 572 1.73 -33.49 18.05
N LEU F 573 2.62 -32.75 17.38
CA LEU F 573 2.23 -31.85 16.31
C LEU F 573 2.39 -32.55 14.96
N PHE F 574 1.28 -32.70 14.24
CA PHE F 574 1.25 -33.49 13.03
C PHE F 574 1.05 -32.65 11.77
N PHE F 575 2.07 -32.59 10.93
CA PHE F 575 1.96 -31.92 9.64
C PHE F 575 1.57 -32.92 8.56
N ASP F 576 0.29 -32.92 8.22
CA ASP F 576 -0.28 -33.89 7.29
C ASP F 576 -0.30 -33.33 5.86
N GLU F 577 -0.41 -34.22 4.89
CA GLU F 577 -0.54 -33.82 3.49
C GLU F 577 0.56 -32.84 3.09
N LEU F 578 1.81 -33.19 3.35
CA LEU F 578 2.94 -32.34 3.00
C LEU F 578 3.13 -32.26 1.49
N ASP F 579 2.71 -33.28 0.76
CA ASP F 579 2.89 -33.32 -0.69
C ASP F 579 2.22 -32.12 -1.34
N SER F 580 1.15 -31.63 -0.74
CA SER F 580 0.45 -30.47 -1.26
C SER F 580 1.37 -29.25 -1.25
N ILE F 581 2.18 -29.14 -0.20
CA ILE F 581 3.08 -27.99 -0.07
C ILE F 581 4.27 -28.17 -1.01
N ALA F 582 4.71 -29.41 -1.15
CA ALA F 582 5.83 -29.73 -2.05
C ALA F 582 5.49 -29.31 -3.49
N LYS F 583 4.32 -29.74 -3.97
CA LYS F 583 3.88 -29.39 -5.31
C LYS F 583 3.82 -27.88 -5.53
N ALA F 584 3.55 -27.14 -4.46
CA ALA F 584 3.32 -25.70 -4.54
C ALA F 584 4.61 -24.87 -4.60
N ARG F 585 5.75 -25.53 -4.40
CA ARG F 585 7.03 -24.83 -4.41
C ARG F 585 7.70 -24.92 -5.77
N GLY F 586 7.52 -26.05 -6.46
CA GLY F 586 8.09 -26.24 -7.78
C GLY F 586 7.47 -27.40 -8.51
N GLY F 593 6.32 -20.46 -6.05
CA GLY F 593 5.44 -20.09 -4.95
C GLY F 593 6.21 -19.55 -3.76
N GLY F 594 6.19 -18.24 -3.59
CA GLY F 594 6.89 -17.60 -2.49
C GLY F 594 6.22 -17.83 -1.16
N ALA F 595 4.94 -18.19 -1.18
CA ALA F 595 4.18 -18.44 0.04
C ALA F 595 4.54 -19.79 0.65
N ALA F 596 4.51 -20.84 -0.17
CA ALA F 596 4.84 -22.18 0.29
C ALA F 596 6.28 -22.24 0.77
N ASP F 597 7.14 -21.45 0.13
CA ASP F 597 8.56 -21.39 0.51
C ASP F 597 8.71 -20.78 1.89
N ARG F 598 8.07 -19.63 2.10
CA ARG F 598 8.19 -18.91 3.37
C ARG F 598 7.70 -19.79 4.52
N VAL F 599 6.59 -20.49 4.32
CA VAL F 599 6.00 -21.32 5.36
C VAL F 599 6.95 -22.43 5.81
N ILE F 600 7.34 -23.29 4.87
CA ILE F 600 8.18 -24.42 5.20
C ILE F 600 9.49 -23.97 5.82
N ASN F 601 10.08 -22.91 5.27
CA ASN F 601 11.32 -22.38 5.81
C ASN F 601 11.15 -21.90 7.24
N GLN F 602 9.97 -21.37 7.56
CA GLN F 602 9.68 -20.92 8.92
C GLN F 602 9.39 -22.11 9.83
N ILE F 603 8.77 -23.15 9.27
CA ILE F 603 8.52 -24.37 10.02
C ILE F 603 9.85 -25.00 10.42
N LEU F 604 10.81 -25.01 9.49
CA LEU F 604 12.14 -25.52 9.78
C LEU F 604 12.77 -24.72 10.92
N THR F 605 12.64 -23.39 10.85
CA THR F 605 13.18 -22.52 11.88
C THR F 605 12.57 -22.82 13.23
N GLU F 606 11.25 -23.02 13.26
CA GLU F 606 10.54 -23.30 14.50
C GLU F 606 10.98 -24.63 15.10
N MET F 607 11.19 -25.63 14.25
CA MET F 607 11.64 -26.95 14.70
C MET F 607 12.93 -26.80 15.49
N ASP F 608 13.85 -26.01 14.97
CA ASP F 608 15.15 -25.83 15.58
C ASP F 608 14.99 -25.14 16.94
N GLY F 609 14.06 -24.21 17.03
CA GLY F 609 13.81 -23.49 18.26
C GLY F 609 13.12 -24.38 19.28
N MET F 610 12.50 -25.45 18.80
CA MET F 610 11.82 -26.40 19.66
C MET F 610 12.84 -27.23 20.43
N SER F 611 12.93 -27.01 21.74
CA SER F 611 13.83 -27.79 22.58
C SER F 611 13.23 -29.16 22.83
N THR F 612 14.04 -30.20 22.65
CA THR F 612 13.58 -31.57 22.82
C THR F 612 13.05 -31.82 24.22
N LYS F 613 13.48 -30.98 25.16
CA LYS F 613 13.13 -31.16 26.57
C LYS F 613 11.68 -30.77 26.86
N LYS F 614 11.03 -30.12 25.90
CA LYS F 614 9.65 -29.66 26.07
C LYS F 614 8.64 -30.77 25.84
N ASN F 615 9.10 -31.93 25.39
CA ASN F 615 8.22 -33.06 25.12
C ASN F 615 7.18 -32.78 24.02
N VAL F 616 7.60 -32.08 22.97
CA VAL F 616 6.76 -31.87 21.80
C VAL F 616 7.32 -32.69 20.64
N PHE F 617 6.53 -33.63 20.15
CA PHE F 617 6.96 -34.51 19.07
C PHE F 617 6.30 -34.11 17.76
N ILE F 618 7.11 -33.89 16.73
CA ILE F 618 6.59 -33.48 15.43
C ILE F 618 6.60 -34.63 14.43
N ILE F 619 5.44 -34.89 13.83
CA ILE F 619 5.34 -35.90 12.78
C ILE F 619 4.87 -35.27 11.47
N GLY F 620 5.49 -35.68 10.37
CA GLY F 620 5.09 -35.23 9.05
C GLY F 620 4.69 -36.42 8.21
N ALA F 621 3.82 -36.18 7.24
CA ALA F 621 3.36 -37.25 6.36
C ALA F 621 3.27 -36.78 4.91
N THR F 622 3.68 -37.64 4.00
CA THR F 622 3.64 -37.32 2.57
C THR F 622 3.47 -38.60 1.76
N ASN F 623 2.73 -38.51 0.66
CA ASN F 623 2.59 -39.63 -0.27
C ASN F 623 3.65 -39.55 -1.35
N ARG F 624 4.51 -38.55 -1.26
CA ARG F 624 5.50 -38.27 -2.29
C ARG F 624 6.85 -37.93 -1.69
N PRO F 625 7.62 -38.95 -1.31
CA PRO F 625 8.96 -38.80 -0.75
C PRO F 625 9.97 -38.35 -1.82
N ASP F 626 9.53 -38.30 -3.07
CA ASP F 626 10.41 -37.95 -4.18
C ASP F 626 10.58 -36.44 -4.33
N ILE F 627 9.68 -35.66 -3.75
CA ILE F 627 9.72 -34.21 -3.89
C ILE F 627 9.74 -33.47 -2.55
N ILE F 628 9.96 -34.20 -1.47
CA ILE F 628 10.01 -33.59 -0.14
C ILE F 628 11.32 -32.82 0.06
N ASP F 629 11.24 -31.69 0.76
CA ASP F 629 12.40 -30.85 1.01
C ASP F 629 13.41 -31.56 1.90
N PRO F 630 14.62 -31.82 1.38
CA PRO F 630 15.65 -32.50 2.16
C PRO F 630 15.91 -31.81 3.49
N ALA F 631 15.70 -30.50 3.55
CA ALA F 631 15.92 -29.74 4.77
C ALA F 631 15.12 -30.33 5.93
N ILE F 632 13.97 -30.89 5.61
CA ILE F 632 13.10 -31.47 6.62
C ILE F 632 13.71 -32.76 7.18
N LEU F 633 14.56 -33.41 6.38
CA LEU F 633 15.14 -34.69 6.76
C LEU F 633 16.47 -34.55 7.49
N ARG F 634 16.92 -33.33 7.74
CA ARG F 634 18.19 -33.14 8.42
C ARG F 634 18.10 -33.64 9.86
N PRO F 635 19.14 -34.36 10.31
CA PRO F 635 19.25 -34.75 11.72
C PRO F 635 18.90 -33.60 12.65
N GLY F 636 18.00 -33.84 13.61
CA GLY F 636 17.56 -32.80 14.52
C GLY F 636 16.16 -32.35 14.18
N ARG F 637 15.72 -32.67 12.97
CA ARG F 637 14.37 -32.35 12.53
C ARG F 637 13.59 -33.65 12.36
N LEU F 638 12.98 -33.86 11.20
CA LEU F 638 12.26 -35.11 10.94
C LEU F 638 13.22 -36.15 10.38
N ASP F 639 14.09 -36.67 11.25
CA ASP F 639 15.14 -37.59 10.82
C ASP F 639 14.77 -39.06 11.01
N GLN F 640 13.64 -39.32 11.67
CA GLN F 640 13.17 -40.68 11.82
C GLN F 640 12.22 -41.03 10.66
N LEU F 641 12.77 -41.70 9.65
CA LEU F 641 12.02 -41.97 8.43
C LEU F 641 11.36 -43.35 8.49
N ILE F 642 10.06 -43.36 8.79
CA ILE F 642 9.30 -44.60 8.86
C ILE F 642 8.49 -44.82 7.59
N TYR F 643 8.74 -45.93 6.91
CA TYR F 643 8.03 -46.27 5.69
C TYR F 643 6.75 -47.03 6.03
N ILE F 644 5.66 -46.61 5.40
CA ILE F 644 4.35 -47.21 5.69
C ILE F 644 3.69 -47.69 4.40
N PRO F 645 3.87 -48.99 4.10
CA PRO F 645 3.49 -49.63 2.84
C PRO F 645 2.07 -50.15 2.80
N LEU F 646 1.69 -50.74 1.67
CA LEU F 646 0.40 -51.40 1.53
C LEU F 646 0.32 -52.55 2.52
N PRO F 647 -0.90 -52.83 3.02
CA PRO F 647 -1.13 -53.90 4.00
C PRO F 647 -1.02 -55.30 3.39
N ASP F 648 -0.31 -56.19 4.06
CA ASP F 648 -0.21 -57.58 3.63
C ASP F 648 -1.51 -58.32 3.94
N GLU F 649 -1.59 -59.59 3.55
CA GLU F 649 -2.82 -60.35 3.69
C GLU F 649 -3.39 -60.26 5.11
N LYS F 650 -2.57 -60.55 6.12
CA LYS F 650 -3.06 -60.56 7.50
C LYS F 650 -3.58 -59.20 7.89
N SER F 651 -2.87 -58.15 7.50
CA SER F 651 -3.26 -56.78 7.83
C SER F 651 -4.58 -56.41 7.16
N ARG F 652 -4.76 -56.85 5.92
CA ARG F 652 -5.98 -56.53 5.18
C ARG F 652 -7.20 -57.11 5.90
N VAL F 653 -7.06 -58.30 6.45
CA VAL F 653 -8.15 -58.91 7.20
C VAL F 653 -8.50 -58.04 8.40
N ALA F 654 -7.47 -57.56 9.08
CA ALA F 654 -7.66 -56.73 10.26
C ALA F 654 -8.41 -55.46 9.92
N ILE F 655 -8.06 -54.86 8.78
CA ILE F 655 -8.69 -53.62 8.33
C ILE F 655 -10.16 -53.83 8.02
N LEU F 656 -10.46 -54.89 7.27
CA LEU F 656 -11.83 -55.21 6.92
C LEU F 656 -12.66 -55.40 8.19
N LYS F 657 -12.08 -56.12 9.15
CA LYS F 657 -12.74 -56.36 10.42
C LYS F 657 -13.00 -55.02 11.12
N ALA F 658 -11.98 -54.17 11.16
CA ALA F 658 -12.07 -52.90 11.85
C ALA F 658 -13.21 -52.06 11.28
N ASN F 659 -13.29 -51.96 9.97
CA ASN F 659 -14.29 -51.12 9.33
C ASN F 659 -15.70 -51.67 9.50
N LEU F 660 -15.82 -52.99 9.57
CA LEU F 660 -17.13 -53.63 9.63
C LEU F 660 -17.61 -53.90 11.06
N ARG F 661 -16.87 -53.38 12.05
CA ARG F 661 -17.26 -53.54 13.45
C ARG F 661 -18.63 -52.91 13.70
N LYS F 662 -18.84 -51.72 13.16
CA LYS F 662 -20.03 -50.95 13.45
C LYS F 662 -21.19 -51.44 12.61
N SER F 663 -20.89 -52.24 11.58
CA SER F 663 -21.88 -52.64 10.59
C SER F 663 -22.37 -54.07 10.80
N PRO F 664 -23.64 -54.34 10.45
CA PRO F 664 -24.23 -55.68 10.51
C PRO F 664 -23.87 -56.54 9.30
N VAL F 665 -22.86 -57.39 9.46
CA VAL F 665 -22.41 -58.24 8.37
C VAL F 665 -22.92 -59.66 8.56
N ALA F 666 -23.26 -60.32 7.45
CA ALA F 666 -23.75 -61.69 7.51
C ALA F 666 -22.63 -62.64 7.93
N LYS F 667 -23.00 -63.74 8.57
CA LYS F 667 -22.04 -64.68 9.09
C LYS F 667 -21.39 -65.43 7.91
N ASP F 668 -22.07 -65.38 6.77
CA ASP F 668 -21.63 -66.08 5.57
C ASP F 668 -20.42 -65.39 4.92
N VAL F 669 -20.25 -64.10 5.20
CA VAL F 669 -19.21 -63.31 4.57
C VAL F 669 -17.82 -63.71 5.07
N ASP F 670 -16.97 -64.11 4.13
CA ASP F 670 -15.62 -64.57 4.45
C ASP F 670 -14.58 -63.47 4.21
N LEU F 671 -14.06 -62.91 5.31
CA LEU F 671 -13.15 -61.76 5.22
C LEU F 671 -11.72 -62.20 4.96
N GLU F 672 -11.40 -63.43 5.34
CA GLU F 672 -10.08 -63.97 5.08
C GLU F 672 -9.90 -64.14 3.58
N PHE F 673 -10.98 -64.52 2.91
CA PHE F 673 -11.00 -64.65 1.46
C PHE F 673 -11.00 -63.29 0.78
N LEU F 674 -11.77 -62.37 1.33
CA LEU F 674 -11.85 -61.03 0.78
C LEU F 674 -10.43 -60.47 0.74
N ALA F 675 -9.69 -60.71 1.80
CA ALA F 675 -8.33 -60.20 1.93
C ALA F 675 -7.38 -60.80 0.90
N LYS F 676 -7.51 -62.10 0.64
CA LYS F 676 -6.61 -62.76 -0.32
C LYS F 676 -6.77 -62.22 -1.72
N MET F 677 -7.97 -61.77 -2.06
CA MET F 677 -8.27 -61.31 -3.40
C MET F 677 -7.90 -59.85 -3.60
N THR F 678 -7.65 -59.13 -2.50
CA THR F 678 -7.37 -57.71 -2.57
C THR F 678 -5.89 -57.39 -2.34
N ASN F 679 -5.01 -58.22 -2.90
CA ASN F 679 -3.57 -57.95 -2.83
C ASN F 679 -3.19 -56.80 -3.73
N GLY F 680 -2.66 -55.73 -3.14
CA GLY F 680 -2.31 -54.54 -3.89
C GLY F 680 -3.20 -53.38 -3.52
N PHE F 681 -4.27 -53.68 -2.79
CA PHE F 681 -5.20 -52.65 -2.34
C PHE F 681 -4.69 -51.99 -1.07
N SER F 682 -4.93 -50.68 -0.95
CA SER F 682 -4.52 -49.94 0.23
C SER F 682 -5.59 -50.04 1.30
N GLY F 683 -5.32 -49.47 2.47
CA GLY F 683 -6.30 -49.47 3.54
C GLY F 683 -7.53 -48.68 3.12
N ALA F 684 -7.31 -47.58 2.43
CA ALA F 684 -8.40 -46.73 1.97
C ALA F 684 -9.23 -47.45 0.90
N ASP F 685 -8.57 -48.26 0.09
CA ASP F 685 -9.25 -49.03 -0.93
C ASP F 685 -10.23 -50.02 -0.30
N LEU F 686 -9.79 -50.67 0.77
CA LEU F 686 -10.62 -51.65 1.46
C LEU F 686 -11.85 -50.99 2.08
N THR F 687 -11.64 -49.82 2.69
CA THR F 687 -12.75 -49.08 3.30
C THR F 687 -13.80 -48.71 2.25
N GLU F 688 -13.36 -48.39 1.04
CA GLU F 688 -14.27 -47.98 -0.01
C GLU F 688 -15.07 -49.17 -0.54
N ILE F 689 -14.44 -50.35 -0.59
CA ILE F 689 -15.15 -51.57 -0.98
C ILE F 689 -16.25 -51.87 0.05
N CYS F 690 -15.92 -51.72 1.32
CA CYS F 690 -16.89 -51.92 2.38
C CYS F 690 -18.06 -50.95 2.25
N GLN F 691 -17.77 -49.69 1.95
CA GLN F 691 -18.82 -48.69 1.79
C GLN F 691 -19.67 -48.98 0.57
N ARG F 692 -19.02 -49.41 -0.51
CA ARG F 692 -19.75 -49.70 -1.73
C ARG F 692 -20.62 -50.94 -1.55
N ALA F 693 -20.12 -51.92 -0.82
CA ALA F 693 -20.89 -53.13 -0.54
C ALA F 693 -22.03 -52.77 0.39
N CYS F 694 -21.81 -51.79 1.25
CA CYS F 694 -22.84 -51.35 2.19
C CYS F 694 -23.92 -50.57 1.45
N LYS F 695 -23.52 -49.82 0.42
CA LYS F 695 -24.47 -49.06 -0.38
C LYS F 695 -25.45 -49.99 -1.11
N LEU F 696 -24.96 -51.14 -1.55
CA LEU F 696 -25.80 -52.12 -2.21
C LEU F 696 -26.79 -52.71 -1.22
N ALA F 697 -26.32 -52.99 -0.02
CA ALA F 697 -27.16 -53.54 1.03
C ALA F 697 -28.25 -52.56 1.41
N ILE F 698 -27.89 -51.28 1.45
CA ILE F 698 -28.85 -50.23 1.77
C ILE F 698 -29.88 -50.10 0.65
N ARG F 699 -29.41 -50.16 -0.58
CA ARG F 699 -30.29 -50.04 -1.74
C ARG F 699 -31.36 -51.11 -1.66
N GLU F 700 -30.93 -52.34 -1.39
CA GLU F 700 -31.84 -53.48 -1.29
C GLU F 700 -32.74 -53.37 -0.06
N SER F 701 -32.24 -52.73 0.99
CA SER F 701 -33.00 -52.57 2.22
C SER F 701 -34.19 -51.63 2.00
N ILE F 702 -33.97 -50.60 1.18
CA ILE F 702 -35.01 -49.62 0.90
C ILE F 702 -36.05 -50.18 -0.08
N GLU F 703 -35.58 -50.68 -1.21
CA GLU F 703 -36.45 -51.20 -2.25
C GLU F 703 -37.36 -52.33 -1.79
N SER F 704 -36.83 -53.26 -1.00
CA SER F 704 -37.59 -54.43 -0.60
C SER F 704 -37.97 -54.48 0.87
N GLU F 705 -37.61 -53.43 1.60
CA GLU F 705 -37.85 -53.39 3.04
C GLU F 705 -37.56 -54.78 3.62
N ILE F 706 -36.27 -55.06 3.78
CA ILE F 706 -35.81 -56.36 4.28
C ILE F 706 -34.85 -56.16 5.45
N ARG F 707 -34.61 -57.21 6.20
CA ARG F 707 -33.65 -57.18 7.30
C ARG F 707 -32.35 -56.54 6.82
N PRO F 708 -31.88 -55.51 7.53
CA PRO F 708 -30.67 -54.77 7.11
C PRO F 708 -29.40 -55.57 7.38
N GLU F 709 -28.93 -56.30 6.36
CA GLU F 709 -27.72 -57.09 6.47
C GLU F 709 -26.84 -56.94 5.23
N ILE F 710 -25.54 -57.04 5.41
CA ILE F 710 -24.60 -56.97 4.31
C ILE F 710 -24.15 -58.38 3.97
N ARG F 711 -24.38 -58.80 2.73
CA ARG F 711 -24.21 -60.19 2.36
C ARG F 711 -23.11 -60.39 1.33
N ARG F 712 -22.84 -61.65 0.99
CA ARG F 712 -21.75 -61.95 0.07
C ARG F 712 -21.94 -61.31 -1.29
N ASP F 713 -23.14 -61.42 -1.85
CA ASP F 713 -23.40 -60.92 -3.20
C ASP F 713 -23.07 -59.44 -3.26
N HIS F 714 -23.26 -58.75 -2.12
CA HIS F 714 -22.96 -57.33 -2.05
C HIS F 714 -21.45 -57.09 -2.16
N PHE F 715 -20.68 -57.90 -1.45
CA PHE F 715 -19.23 -57.81 -1.53
C PHE F 715 -18.75 -58.26 -2.90
N GLU F 716 -19.37 -59.31 -3.43
CA GLU F 716 -18.96 -59.88 -4.70
C GLU F 716 -19.16 -58.88 -5.85
N GLU F 717 -20.22 -58.09 -5.76
CA GLU F 717 -20.49 -57.10 -6.79
C GLU F 717 -19.56 -55.91 -6.62
N ALA F 718 -19.35 -55.49 -5.37
CA ALA F 718 -18.44 -54.39 -5.09
C ALA F 718 -17.03 -54.76 -5.50
N MET F 719 -16.69 -56.04 -5.31
CA MET F 719 -15.36 -56.52 -5.62
C MET F 719 -15.16 -56.58 -7.13
N ARG F 720 -16.26 -56.81 -7.83
CA ARG F 720 -16.26 -56.92 -9.29
C ARG F 720 -15.91 -55.61 -9.98
N PHE F 721 -16.23 -54.49 -9.32
CA PHE F 721 -15.95 -53.16 -9.86
C PHE F 721 -14.77 -52.50 -9.17
N ALA F 722 -14.24 -53.16 -8.14
CA ALA F 722 -13.16 -52.60 -7.34
C ALA F 722 -11.88 -52.38 -8.14
N ARG F 723 -11.17 -51.32 -7.83
CA ARG F 723 -9.94 -50.97 -8.54
C ARG F 723 -8.85 -50.61 -7.53
N ARG F 724 -7.60 -50.71 -7.96
CA ARG F 724 -6.46 -50.47 -7.09
C ARG F 724 -6.03 -49.00 -7.17
N SER F 725 -5.75 -48.39 -6.02
CA SER F 725 -5.34 -46.99 -6.00
C SER F 725 -3.84 -46.82 -6.17
N VAL F 726 -3.08 -47.88 -5.90
CA VAL F 726 -1.63 -47.85 -6.07
C VAL F 726 -1.20 -48.89 -7.08
N SER F 727 -0.68 -48.44 -8.22
CA SER F 727 -0.23 -49.34 -9.28
C SER F 727 1.08 -50.00 -8.90
N ASP F 728 1.50 -50.97 -9.73
CA ASP F 728 2.75 -51.69 -9.49
C ASP F 728 3.97 -50.77 -9.63
N ASN F 729 3.96 -49.92 -10.66
CA ASN F 729 5.04 -48.96 -10.85
C ASN F 729 5.21 -48.11 -9.59
N ASP F 730 4.09 -47.69 -9.00
CA ASP F 730 4.11 -46.88 -7.79
C ASP F 730 4.79 -47.65 -6.67
N ILE F 731 4.39 -48.90 -6.50
CA ILE F 731 4.97 -49.75 -5.46
C ILE F 731 6.48 -49.82 -5.63
N ARG F 732 6.93 -50.15 -6.85
CA ARG F 732 8.36 -50.25 -7.12
C ARG F 732 9.13 -49.01 -6.68
N LYS F 733 8.57 -47.84 -6.98
CA LYS F 733 9.21 -46.58 -6.64
C LYS F 733 9.22 -46.37 -5.13
N TYR F 734 8.08 -46.57 -4.50
CA TYR F 734 7.96 -46.46 -3.05
C TYR F 734 8.94 -47.39 -2.36
N GLU F 735 9.12 -48.58 -2.93
CA GLU F 735 10.04 -49.57 -2.38
C GLU F 735 11.47 -49.06 -2.50
N MET F 736 11.74 -48.35 -3.59
CA MET F 736 13.05 -47.78 -3.84
C MET F 736 13.36 -46.65 -2.86
N PHE F 737 12.38 -45.78 -2.64
CA PHE F 737 12.54 -44.68 -1.70
C PHE F 737 12.64 -45.17 -0.27
N ALA F 738 12.10 -46.37 -0.01
CA ALA F 738 12.15 -46.94 1.32
C ALA F 738 13.58 -47.26 1.73
N GLN F 739 14.48 -47.30 0.74
CA GLN F 739 15.88 -47.62 1.00
C GLN F 739 16.84 -46.46 0.70
N THR F 740 16.33 -45.37 0.13
CA THR F 740 17.22 -44.30 -0.32
C THR F 740 16.69 -42.89 -0.01
N LEU F 741 15.73 -42.79 0.89
CA LEU F 741 15.15 -41.50 1.24
C LEU F 741 16.13 -40.63 2.02
N GLN F 742 16.99 -41.30 2.80
CA GLN F 742 18.00 -40.62 3.60
C GLN F 742 19.10 -39.99 2.76
N GLN F 743 19.17 -40.36 1.48
CA GLN F 743 20.21 -39.87 0.60
C GLN F 743 19.79 -38.60 -0.16
N SER F 744 18.63 -38.05 0.19
CA SER F 744 18.06 -36.95 -0.57
C SER F 744 18.67 -35.61 -0.16
N ARG F 745 19.57 -35.63 0.82
CA ARG F 745 20.18 -34.40 1.32
C ARG F 745 21.44 -34.02 0.54
N GLY F 746 21.89 -34.93 -0.32
CA GLY F 746 23.05 -34.67 -1.17
C GLY F 746 22.60 -34.25 -2.55
N PHE F 747 22.97 -35.03 -3.57
CA PHE F 747 22.49 -34.80 -4.92
C PHE F 747 21.39 -35.80 -5.30
N GLY F 748 20.17 -35.27 -5.45
CA GLY F 748 19.00 -36.08 -5.73
C GLY F 748 19.09 -36.86 -7.03
N SER F 749 18.32 -37.95 -7.11
CA SER F 749 18.28 -38.79 -8.30
C SER F 749 17.17 -39.82 -8.19
N PHE G 5 43.99 47.92 40.44
CA PHE G 5 45.00 47.18 39.69
C PHE G 5 45.77 48.09 38.73
N ARG G 6 46.98 47.68 38.39
CA ARG G 6 47.79 48.41 37.41
C ARG G 6 49.06 47.66 37.02
N ALA G 7 49.60 48.04 35.88
CA ALA G 7 50.97 47.70 35.47
C ALA G 7 51.49 46.38 36.02
N PHE G 8 52.45 46.45 36.94
CA PHE G 8 53.25 45.28 37.29
C PHE G 8 53.30 45.03 38.81
N SER G 9 54.17 44.12 39.22
CA SER G 9 54.25 43.62 40.59
C SER G 9 54.41 42.10 40.60
N GLY G 10 55.64 41.63 40.81
CA GLY G 10 55.95 40.21 40.76
C GLY G 10 57.27 39.90 40.09
N SER G 11 57.24 39.14 39.00
CA SER G 11 58.45 38.76 38.28
C SER G 11 58.17 37.64 37.28
N GLY G 12 59.15 37.36 36.41
CA GLY G 12 58.98 36.33 35.40
C GLY G 12 60.23 36.00 34.59
N ASN G 13 60.31 36.55 33.39
CA ASN G 13 61.39 36.28 32.42
C ASN G 13 62.02 34.88 32.43
N ARG G 14 62.61 34.49 33.55
CA ARG G 14 63.37 33.26 33.65
C ARG G 14 64.42 33.13 32.54
N LEU G 15 64.66 31.90 32.08
CA LEU G 15 65.60 31.66 30.99
C LEU G 15 67.03 31.87 31.47
N ARG H 6 -75.55 12.82 9.28
CA ARG H 6 -76.19 11.67 9.90
C ARG H 6 -76.72 10.68 8.86
N ALA H 7 -76.94 9.46 9.31
CA ALA H 7 -77.70 8.45 8.56
C ALA H 7 -77.58 8.56 7.04
N PHE H 8 -78.69 8.91 6.38
CA PHE H 8 -78.79 8.74 4.94
C PHE H 8 -79.28 10.00 4.22
N SER H 9 -79.59 9.84 2.93
CA SER H 9 -79.90 10.95 2.02
C SER H 9 -79.22 10.74 0.67
N GLY H 10 -79.98 10.26 -0.32
CA GLY H 10 -79.43 9.93 -1.63
C GLY H 10 -80.01 8.66 -2.23
N SER H 11 -79.16 7.68 -2.49
CA SER H 11 -79.59 6.41 -3.09
C SER H 11 -78.39 5.60 -3.59
N GLY H 12 -78.64 4.35 -3.97
CA GLY H 12 -77.57 3.47 -4.43
C GLY H 12 -78.03 2.14 -5.00
N ASN H 13 -77.94 1.10 -4.16
CA ASN H 13 -78.26 -0.28 -4.54
C ASN H 13 -77.97 -0.70 -5.98
N ARG H 14 -78.63 -0.04 -6.94
CA ARG H 14 -78.54 -0.42 -8.34
C ARG H 14 -78.85 -1.90 -8.56
N LEU H 15 -78.20 -2.50 -9.55
CA LEU H 15 -78.35 -3.93 -9.80
C LEU H 15 -79.73 -4.22 -10.39
PG AGS I . -32.43 -1.42 1.12
S1G AGS I . -31.09 -1.23 -0.28
O2G AGS I . -32.80 0.01 1.66
O3G AGS I . -31.84 -2.28 2.28
PB AGS I . -34.47 -3.17 1.43
O1B AGS I . -33.66 -4.44 1.49
O2B AGS I . -34.67 -2.61 2.82
O3B AGS I . -33.69 -2.12 0.54
PA AGS I . -36.94 -2.35 0.60
O1A AGS I . -36.28 -1.01 0.39
O2A AGS I . -37.78 -2.29 1.85
O3A AGS I . -35.86 -3.49 0.77
O5' AGS I . -37.85 -2.69 -0.63
C5' AGS I . -38.17 -1.68 -1.53
C4' AGS I . -39.55 -1.94 -2.11
O4' AGS I . -39.52 -2.99 -3.06
C3' AGS I . -40.53 -2.27 -1.06
O3' AGS I . -41.11 -1.13 -0.58
C2' AGS I . -41.47 -3.12 -1.80
O2' AGS I . -42.41 -2.33 -2.41
C1' AGS I . -40.58 -3.84 -2.77
N9 AGS I . -40.11 -5.13 -2.26
C8 AGS I . -38.86 -5.41 -1.87
N7 AGS I . -38.78 -6.68 -1.46
C5 AGS I . -39.98 -7.25 -1.57
C6 AGS I . -40.48 -8.52 -1.30
N6 AGS I . -39.61 -9.54 -0.77
N1 AGS I . -41.77 -8.79 -1.52
C2 AGS I . -42.61 -7.87 -2.01
N3 AGS I . -42.15 -6.62 -2.29
C4 AGS I . -40.87 -6.29 -2.09
HOG2 AGS I . -32.60 0.62 1.04
H21 AGS I . -31.14 -1.86 2.64
H5'1 AGS I . -38.17 -0.83 -1.07
H5'2 AGS I . -37.51 -1.65 -2.25
H4' AGS I . -39.85 -1.12 -2.54
H3' AGS I . -40.12 -2.78 -0.34
H2' AGS I . -41.89 -3.74 -1.19
HO2' AGS I . -43.02 -2.09 -1.82
H1' AGS I . -41.10 -4.02 -3.59
H8 AGS I . -38.12 -4.79 -1.88
HN61 AGS I . -39.93 -10.36 -0.58
HN62 AGS I . -38.71 -9.35 -0.63
H2 AGS I . -43.54 -8.09 -2.17
PG AGS J . -19.27 -28.81 -21.63
S1G AGS J . -20.17 -28.23 -23.25
O2G AGS J . -19.78 -27.94 -20.43
O3G AGS J . -17.72 -28.63 -21.77
PB AGS J . -20.50 -30.88 -20.27
O1B AGS J . -20.49 -29.96 -19.08
O2B AGS J . -19.97 -32.22 -19.85
O3B AGS J . -19.60 -30.33 -21.45
PA AGS J . -23.10 -30.06 -20.34
O1A AGS J . -22.52 -28.74 -19.91
O2A AGS J . -23.83 -30.68 -19.16
O3A AGS J . -21.97 -31.05 -20.81
O5' AGS J . -24.13 -29.85 -21.50
C5' AGS J . -23.89 -28.92 -22.50
C4' AGS J . -24.97 -29.05 -23.55
O4' AGS J . -24.73 -30.21 -24.33
C3' AGS J . -26.32 -29.14 -22.96
O3' AGS J . -26.90 -27.90 -22.87
C2' AGS J . -27.03 -30.01 -23.90
O2' AGS J . -27.68 -29.25 -24.83
C1' AGS J . -25.95 -30.88 -24.49
N9 AGS J . -25.91 -32.23 -23.91
C8 AGS J . -24.82 -32.92 -23.54
N7 AGS J . -25.17 -34.10 -23.05
C5 AGS J . -26.51 -34.22 -23.08
C6 AGS J . -27.41 -35.21 -22.71
N6 AGS J . -26.95 -36.45 -22.14
N1 AGS J . -28.73 -35.00 -22.88
C2 AGS J . -29.21 -33.86 -23.40
N3 AGS J . -28.34 -32.87 -23.77
C4 AGS J . -27.01 -33.02 -23.63
HOG2 AGS J . -19.23 -27.27 -20.30
H21 AGS J . -17.32 -29.41 -21.65
H5'1 AGS J . -23.91 -28.03 -22.12
H5'2 AGS J . -23.03 -29.08 -22.91
H4' AGS J . -24.94 -28.26 -24.12
H3' AGS J . -26.29 -29.55 -22.08
H2' AGS J . -27.67 -30.55 -23.41
HO2' AGS J . -28.54 -29.51 -24.87
H1' AGS J . -26.14 -30.99 -25.45
H8 AGS J . -23.91 -32.61 -23.62
HN61 AGS J . -26.65 -36.47 -21.29
HN62 AGS J . -26.95 -37.21 -22.66
H2 AGS J . -30.17 -33.74 -23.51
MG MG K . -33.98 -0.68 3.21
MG MG L . -20.95 -27.99 -18.76
CL CL M . -6.83 -28.31 -10.02
PG AGS N . -18.97 18.63 -17.68
S1G AGS N . -17.42 19.49 -18.46
O2G AGS N . -19.69 19.67 -16.76
O3G AGS N . -18.51 17.41 -16.81
PB AGS N . -21.23 18.74 -19.36
O1B AGS N . -21.94 17.75 -20.24
O2B AGS N . -22.16 19.09 -18.22
O3B AGS N . -19.89 18.09 -18.84
PA AGS N . -22.00 21.00 -20.75
O1A AGS N . -23.30 20.25 -20.95
O2A AGS N . -22.22 22.15 -19.80
O3A AGS N . -20.88 20.03 -20.19
O5' AGS N . -21.50 21.59 -22.11
C5' AGS N . -21.71 22.93 -22.37
C4' AGS N . -21.31 23.19 -23.80
O4' AGS N . -21.22 22.00 -24.55
C3' AGS N . -22.25 24.11 -24.48
O3' AGS N . -21.53 25.02 -25.22
C2' AGS N . -23.06 23.19 -25.32
O2' AGS N . -23.59 23.92 -26.35
C1' AGS N . -22.05 22.13 -25.65
N9 AGS N . -22.69 20.84 -25.90
C8 AGS N . -22.43 19.68 -25.27
N7 AGS N . -23.22 18.71 -25.73
C5 AGS N . -24.04 19.21 -26.65
C6 AGS N . -25.07 18.70 -27.46
N6 AGS N . -25.44 17.31 -27.37
N1 AGS N . -25.72 19.51 -28.31
C2 AGS N . -25.41 20.82 -28.41
N3 AGS N . -24.41 21.34 -27.63
C4 AGS N . -23.74 20.57 -26.77
HOG2 AGS N . -19.18 19.83 -16.05
H21 AGS N . -17.63 17.47 -16.68
H5'1 AGS N . -21.17 23.47 -21.77
H5'2 AGS N . -22.66 23.15 -22.24
H4' AGS N . -20.45 23.62 -23.79
H3' AGS N . -22.83 24.56 -23.84
H2' AGS N . -23.77 22.83 -24.78
HO2' AGS N . -24.40 24.20 -26.12
H1' AGS N . -21.55 22.37 -26.45
H8 AGS N . -21.75 19.57 -24.61
HN61 AGS N . -24.90 16.71 -26.94
HN62 AGS N . -26.22 17.01 -27.75
H2 AGS N . -25.89 21.39 -29.04
PG AGS O . -5.54 -8.33 -39.81
S1G AGS O . -4.42 -7.39 -41.08
O2G AGS O . -6.41 -7.29 -39.03
O3G AGS O . -4.64 -9.14 -38.82
PB AGS O . -8.02 -9.24 -40.62
O1B AGS O . -8.57 -10.65 -40.69
O2B AGS O . -8.54 -8.58 -39.38
O3B AGS O . -6.45 -9.32 -40.61
PA AGS O . -9.19 -7.04 -41.69
O1A AGS O . -10.69 -7.23 -41.68
O2A AGS O . -8.77 -6.43 -40.38
O3A AGS O . -8.50 -8.44 -41.89
O5' AGS O . -8.80 -6.09 -42.88
C5' AGS O . -7.45 -5.83 -43.15
C4' AGS O . -7.29 -4.91 -44.35
O4' AGS O . -6.99 -5.67 -45.51
C3' AGS O . -8.48 -4.06 -44.61
O3' AGS O . -8.22 -2.77 -44.20
C2' AGS O . -8.68 -4.14 -46.05
O2' AGS O . -8.17 -3.02 -46.64
C1' AGS O . -7.96 -5.39 -46.48
N9 AGS O . -8.87 -6.53 -46.71
C8 AGS O . -8.75 -7.77 -46.21
N7 AGS O . -9.76 -8.53 -46.63
C5 AGS O . -10.57 -7.80 -47.42
C6 AGS O . -11.74 -8.06 -48.11
N6 AGS O . -12.34 -9.36 -48.07
N1 AGS O . -12.32 -7.09 -48.83
C2 AGS O . -11.80 -5.85 -48.91
N3 AGS O . -10.64 -5.57 -48.23
C4 AGS O . -10.02 -6.50 -47.48
HOG2 AGS O . -5.99 -7.05 -38.29
H21 AGS O . -4.48 -9.94 -39.15
H5'1 AGS O . -7.00 -6.67 -43.34
H5'2 AGS O . -7.04 -5.42 -42.37
H4' AGS O . -6.55 -4.32 -44.17
H3' AGS O . -9.26 -4.41 -44.15
H2' AGS O . -9.62 -4.21 -46.24
HO2' AGS O . -8.73 -2.73 -47.27
H1' AGS O . -7.52 -5.21 -47.34
H8 AGS O . -8.05 -8.07 -45.63
HN61 AGS O . -12.43 -9.85 -48.83
HN62 AGS O . -12.64 -9.71 -47.27
H2 AGS O . -12.23 -5.16 -49.43
MG MG P . -21.65 20.16 -16.57
MG MG Q . -8.29 -6.81 -38.40
CL CL R . -7.07 -16.69 -25.30
CL CL S . 8.55 -6.26 -29.33
PG AGS T . 9.89 27.94 -12.21
S1G AGS T . 11.39 27.22 -11.20
O2G AGS T . 8.95 28.72 -11.22
O3G AGS T . 9.09 26.76 -12.84
PB AGS T . 9.58 29.38 -14.57
O1B AGS T . 9.18 28.19 -15.40
O2B AGS T . 8.34 30.11 -14.11
O3B AGS T . 10.43 28.91 -13.31
PA AGS T . 10.99 31.69 -14.87
O1A AGS T . 10.14 32.81 -15.40
O2A AGS T . 10.91 31.70 -13.37
O3A AGS T . 10.45 30.32 -15.45
O5' AGS T . 12.49 31.90 -15.31
C5' AGS T . 13.39 32.45 -14.40
C4' AGS T . 14.49 33.16 -15.17
O4' AGS T . 15.07 32.31 -16.13
C3' AGS T . 13.98 34.35 -15.87
O3' AGS T . 13.98 35.44 -15.03
C2' AGS T . 14.92 34.48 -16.99
O2' AGS T . 15.98 35.23 -16.59
C1' AGS T . 15.28 33.06 -17.29
N9 AGS T . 14.54 32.51 -18.43
C8 AGS T . 13.81 31.37 -18.46
N7 AGS T . 13.28 31.19 -19.66
C5 AGS T . 13.65 32.19 -20.46
C6 AGS T . 13.40 32.52 -21.80
N6 AGS T . 12.58 31.65 -22.62
N1 AGS T . 13.94 33.63 -22.34
C2 AGS T . 14.70 34.45 -21.60
N3 AGS T . 14.97 34.16 -20.29
C4 AGS T . 14.46 33.06 -19.71
HOG2 AGS T . 8.88 28.27 -10.47
H21 AGS T . 9.31 26.00 -12.43
H5'1 AGS T . 13.78 31.75 -13.86
H5'2 AGS T . 12.93 33.09 -13.84
H4' AGS T . 15.16 33.45 -14.53
H3' AGS T . 13.07 34.20 -16.20
H2' AGS T . 14.47 34.90 -17.73
HO2' AGS T . 15.86 36.07 -16.83
H1' AGS T . 16.23 33.03 -17.53
H8 AGS T . 13.70 30.79 -17.71
HN61 AGS T . 12.51 31.80 -23.51
HN62 AGS T . 12.13 30.96 -22.22
H2 AGS T . 15.08 35.26 -22.01
PG AGS U . 23.28 1.06 -33.87
S1G AGS U . 25.18 1.02 -33.46
O2G AGS U . 22.64 2.26 -33.12
O3G AGS U . 22.62 -0.29 -33.42
PB AGS U . 21.91 1.90 -36.11
O1B AGS U . 21.21 0.88 -36.97
O2B AGS U . 20.94 2.44 -35.09
O3B AGS U . 23.16 1.22 -35.42
PA AGS U . 23.09 4.34 -36.30
O1A AGS U . 22.60 5.58 -37.01
O2A AGS U . 22.66 4.41 -34.86
O3A AGS U . 22.44 3.08 -37.00
O5' AGS U . 24.66 4.31 -36.38
C5' AGS U . 25.41 4.88 -35.34
C4' AGS U . 26.74 5.39 -35.86
O4' AGS U . 27.23 4.53 -36.87
C3' AGS U . 26.62 6.76 -36.41
O3' AGS U . 26.92 7.68 -35.44
C2' AGS U . 27.58 6.76 -37.51
O2' AGS U . 28.77 7.27 -37.09
C1' AGS U . 27.69 5.31 -37.92
N9 AGS U . 26.97 5.02 -39.18
C8 AGS U . 26.20 3.96 -39.42
N7 AGS U . 25.71 4.02 -40.66
C5 AGS U . 26.16 5.14 -41.25
C6 AGS U . 25.98 5.71 -42.51
N6 AGS U . 25.16 5.05 -43.49
N1 AGS U . 26.59 6.87 -42.81
C2 AGS U . 27.38 7.51 -41.92
N3 AGS U . 27.57 6.97 -40.68
C4 AGS U . 26.98 5.81 -40.32
HOG2 AGS U . 22.14 1.96 -32.45
H21 AGS U . 22.87 -0.94 -33.97
H5'1 AGS U . 25.55 4.22 -34.66
H5'2 AGS U . 24.90 5.62 -34.97
H4' AGS U . 27.35 5.41 -35.12
H3' AGS U . 25.72 6.92 -36.76
H2' AGS U . 27.23 7.29 -38.24
HO2' AGS U . 29.01 7.95 -37.62
H1' AGS U . 28.64 5.12 -38.10
H8 AGS U . 26.02 3.26 -38.80
HN61 AGS U . 24.26 5.04 -43.39
HN62 AGS U . 25.54 4.65 -44.23
H2 AGS U . 27.80 8.35 -42.16
MG MG V . 7.90 30.26 -12.10
MG MG W . 21.24 3.73 -33.52
CL CL X . 23.88 -7.43 -18.18
PG AGS Y . 24.92 16.95 11.90
S1G AGS Y . 24.83 15.26 12.88
O2G AGS Y . 23.97 17.99 12.56
O3G AGS Y . 24.48 16.70 10.42
PB AGS Y . 27.02 18.41 10.85
O1B AGS Y . 26.97 17.76 9.48
O2B AGS Y . 26.26 19.71 10.83
O3B AGS Y . 26.40 17.45 11.94
PA AGS Y . 28.85 19.37 12.60
O1A AGS Y . 28.84 20.86 12.37
O2A AGS Y . 27.83 19.01 13.65
O3A AGS Y . 28.52 18.67 11.23
O5' AGS Y . 30.27 18.93 13.09
C5' AGS Y . 30.37 17.94 14.07
C4' AGS Y . 31.64 18.12 14.88
O4' AGS Y . 32.66 17.29 14.36
C3' AGS Y . 32.10 19.53 14.89
O3' AGS Y . 31.85 20.08 16.12
C2' AGS Y . 33.53 19.45 14.59
O2' AGS Y . 34.24 19.62 15.74
C1' AGS Y . 33.73 18.09 13.99
N9 AGS Y . 33.88 18.12 12.52
C8 AGS Y . 32.99 17.67 11.62
N7 AGS Y . 33.45 17.85 10.39
C5 AGS Y . 34.66 18.43 10.46
C6 AGS Y . 35.60 18.85 9.50
N6 AGS Y . 35.33 18.67 8.10
N1 AGS Y . 36.76 19.40 9.91
C2 AGS Y . 37.03 19.58 11.21
N3 AGS Y . 36.14 19.19 12.16
C4 AGS Y . 34.96 18.61 11.81
HOG2 AGS Y . 23.20 17.60 12.75
H21 AGS Y . 23.99 15.96 10.37
H5'1 AGS Y . 29.60 17.99 14.66
H5'2 AGS Y . 30.38 17.06 13.64
H4' AGS Y . 31.45 17.87 15.79
H3' AGS Y . 31.64 20.04 14.20
H2' AGS Y . 33.77 20.14 13.97
HO2' AGS Y . 34.61 20.43 15.75
H1' AGS Y . 34.56 17.71 14.34
H8 AGS Y . 32.14 17.27 11.83
HN61 AGS Y . 34.56 18.28 7.83
HN62 AGS Y . 35.93 18.97 7.47
H2 AGS Y . 37.88 19.98 11.48
PG AGS Z . 38.09 -10.88 -9.77
S1G AGS Z . 39.12 -12.01 -8.56
O2G AGS Z . 37.72 -9.58 -9.01
O3G AGS Z . 36.79 -11.63 -10.21
PB AGS Z . 39.37 -9.18 -11.58
O1B AGS Z . 39.42 -9.27 -13.08
O2B AGS Z . 38.34 -8.16 -11.18
O3B AGS Z . 39.00 -10.62 -11.02
PA AGS Z . 40.98 -8.10 -9.64
O1A AGS Z . 41.50 -6.70 -9.83
O2A AGS Z . 39.66 -8.04 -8.91
O3A AGS Z . 40.79 -8.75 -11.06
O5' AGS Z . 42.02 -8.94 -8.81
C5' AGS Z . 41.75 -9.28 -7.47
C4' AGS Z . 43.01 -9.77 -6.79
O4' AGS Z . 43.75 -10.62 -7.65
C3' AGS Z . 43.87 -8.64 -6.37
O3' AGS Z . 43.65 -8.35 -5.05
C2' AGS Z . 45.24 -9.12 -6.61
O2' AGS Z . 45.79 -9.57 -5.43
C1' AGS Z . 45.10 -10.22 -7.63
N9 AGS Z . 45.56 -9.84 -8.97
C8 AGS Z . 44.97 -10.14 -10.14
N7 AGS Z . 45.68 -9.62 -11.14
C5 AGS Z . 46.75 -8.98 -10.66
C6 AGS Z . 47.81 -8.28 -11.24
N6 AGS Z . 47.88 -8.13 -12.68
N1 AGS Z . 48.75 -7.73 -10.46
C2 AGS Z . 48.70 -7.85 -9.12
N3 AGS Z . 47.69 -8.53 -8.53
C4 AGS Z . 46.71 -9.10 -9.27
HOG2 AGS Z . 37.41 -9.77 -8.20
H21 AGS Z . 36.57 -11.38 -11.03
H5'1 AGS Z . 41.08 -9.98 -7.46
H5'2 AGS Z . 41.41 -8.49 -7.01
H4' AGS Z . 42.75 -10.25 -6.00
H3' AGS Z . 43.71 -7.86 -6.92
H2' AGS Z . 45.78 -8.41 -6.97
HO2' AGS Z . 46.53 -9.11 -5.27
H1' AGS Z . 45.65 -10.98 -7.35
H8 AGS Z . 44.17 -10.64 -10.24
HN61 AGS Z . 48.53 -8.57 -13.14
HN62 AGS Z . 47.27 -7.61 -13.12
H2 AGS Z . 49.40 -7.44 -8.59
MG MG AA . 24.57 19.89 12.02
MG MG BA . 37.68 -7.56 -9.34
PG AGS CA . 11.42 -3.64 30.18
S1G AGS CA . 9.81 -4.72 30.05
O2G AGS CA . 11.02 -2.13 30.38
O3G AGS CA . 12.25 -3.77 28.87
PB AGS CA . 13.81 -3.83 31.53
O1B AGS CA . 14.53 -4.37 30.32
O2B AGS CA . 14.03 -2.34 31.61
O3B AGS CA . 12.26 -4.13 31.40
PA AGS CA . 13.90 -4.01 34.26
O1A AGS CA . 12.90 -2.89 34.09
O2A AGS CA . 15.10 -3.46 34.98
O3A AGS CA . 14.35 -4.52 32.84
O5' AGS CA . 13.21 -5.13 35.14
C5' AGS CA . 13.64 -6.47 35.13
C4' AGS CA . 13.57 -7.11 36.49
O4' AGS CA . 14.18 -8.38 36.41
C3' AGS CA . 14.37 -6.27 37.40
O3' AGS CA . 13.61 -5.50 38.25
C2' AGS CA . 15.22 -7.23 38.12
O2' AGS CA . 14.64 -7.62 39.29
C1' AGS CA . 15.35 -8.37 37.17
N9 AGS CA . 16.59 -8.31 36.37
C8 AGS CA . 16.66 -8.15 35.04
N7 AGS CA . 17.93 -8.15 34.65
C5 AGS CA . 18.73 -8.31 35.71
C6 AGS CA . 20.11 -8.37 35.87
N6 AGS CA . 20.98 -8.27 34.73
N1 AGS CA . 20.63 -8.54 37.09
C2 AGS CA . 19.85 -8.65 38.18
N3 AGS CA . 18.49 -8.58 38.05
C4 AGS CA . 17.90 -8.41 36.84
HOG2 AGS CA . 10.28 -1.96 29.91
H21 AGS CA . 11.71 -3.75 28.16
H5'1 AGS CA . 14.56 -6.49 34.82
H5'2 AGS CA . 13.09 -6.96 34.51
H4' AGS CA . 12.65 -7.17 36.80
H3' AGS CA . 14.94 -5.67 36.88
H2' AGS CA . 16.08 -6.82 38.29
HO2' AGS CA . 15.02 -7.19 39.97
H1' AGS CA . 15.40 -9.20 37.69
H8 AGS CA . 15.90 -8.05 34.46
HN61 AGS CA . 21.87 -8.30 34.83
HN62 AGS CA . 20.61 -8.17 33.89
H2 AGS CA . 20.25 -8.77 39.05
PG AGS DA . 24.39 -31.79 8.31
S1G AGS DA . 23.60 -33.40 9.05
O2G AGS DA . 24.12 -30.61 9.30
O3G AGS DA . 23.76 -31.47 6.91
PB AGS DA . 27.07 -31.11 8.60
O1B AGS DA . 28.07 -30.96 7.49
O2B AGS DA . 26.53 -29.75 8.97
O3B AGS DA . 25.92 -32.08 8.13
PA AGS DA . 27.25 -31.45 11.31
O1A AGS DA . 25.97 -30.67 11.24
O2A AGS DA . 28.29 -30.63 12.03
O3A AGS DA . 27.78 -31.74 9.85
O5' AGS DA . 27.05 -32.80 12.08
C5' AGS DA . 25.76 -33.30 12.27
C4' AGS DA . 25.77 -34.43 13.30
O4' AGS DA . 26.48 -35.55 12.80
C3' AGS DA . 26.39 -34.00 14.59
O3' AGS DA . 25.39 -33.62 15.46
C2' AGS DA . 27.11 -35.19 15.04
O2' AGS DA . 26.35 -35.89 15.93
C1' AGS DA . 27.38 -35.97 13.77
N9 AGS DA . 28.77 -35.83 13.30
C8 AGS DA . 29.15 -35.60 12.03
N7 AGS DA . 30.47 -35.53 11.96
C5 AGS DA . 30.99 -35.72 13.18
C6 AGS DA . 32.28 -35.76 13.70
N6 AGS DA . 33.42 -35.56 12.82
N1 AGS DA . 32.49 -35.97 15.00
C2 AGS DA . 31.46 -36.15 15.85
N3 AGS DA . 30.17 -36.13 15.38
C4 AGS DA . 29.92 -35.91 14.07
HOG2 AGS DA . 23.51 -30.06 8.95
H21 AGS DA . 22.99 -31.04 7.02
H5'1 AGS DA . 25.18 -32.59 12.58
H5'2 AGS DA . 25.43 -33.65 11.43
H4' AGS DA . 24.86 -34.67 13.48
H3' AGS DA . 27.01 -33.27 14.44
H2' AGS DA . 27.94 -34.92 15.45
HO2' AGS DA . 26.76 -35.92 16.72
H1' AGS DA . 27.24 -36.93 13.97
H8 AGS DA . 28.55 -35.50 11.29
HN61 AGS DA . 33.57 -34.74 12.46
HN62 AGS DA . 33.97 -36.26 12.62
H2 AGS DA . 31.62 -36.31 16.80
MG MG EA . 12.36 -1.10 31.55
MG MG FA . 25.08 -29.08 10.26
CL CL GA . 23.93 -19.18 -3.25
PG AGS HA . -16.90 -12.95 24.54
S1G AGS HA . -17.61 -13.12 22.74
O2G AGS HA . -17.17 -11.51 25.09
O3G AGS HA . -15.35 -13.24 24.52
PB AGS HA . -16.90 -14.72 26.63
O1B AGS HA . -15.70 -15.49 26.13
O2B AGS HA . -16.46 -13.69 27.63
O3B AGS HA . -17.63 -14.00 25.43
PA AGS HA . -19.02 -15.11 28.25
O1A AGS HA . -19.10 -13.62 28.06
O2A AGS HA . -18.58 -15.40 29.67
O3A AGS HA . -17.93 -15.71 27.28
O5' AGS HA . -20.44 -15.73 28.00
C5' AGS HA . -20.60 -16.89 27.25
C4' AGS HA . -21.79 -17.67 27.78
O4' AGS HA . -21.76 -19.00 27.30
C3' AGS HA . -21.80 -17.68 29.26
O3' AGS HA . -22.77 -16.83 29.73
C2' AGS HA . -22.08 -19.08 29.62
O2' AGS HA . -23.40 -19.22 29.96
C1' AGS HA . -21.69 -19.86 28.39
N9 AGS HA . -20.36 -20.49 28.50
C8 AGS HA . -19.28 -20.19 27.77
N7 AGS HA . -18.26 -20.96 28.15
C5 AGS HA . -18.67 -21.77 29.15
C6 AGS HA . -18.04 -22.76 29.91
N6 AGS HA . -16.66 -23.09 29.70
N1 AGS HA . -18.74 -23.41 30.86
C2 AGS HA . -20.03 -23.14 31.09
N3 AGS HA . -20.68 -22.18 30.36
C4 AGS HA . -20.01 -21.49 29.39
HOG2 AGS HA . -16.82 -10.91 24.53
H21 AGS HA . -15.01 -12.95 23.75
H5'1 AGS HA . -20.75 -16.66 26.32
H5'2 AGS HA . -19.79 -17.43 27.32
H4' AGS HA . -22.60 -17.23 27.48
H3' AGS HA . -20.93 -17.42 29.62
H2' AGS HA . -21.52 -19.33 30.36
HO2' AGS HA . -23.46 -19.33 30.83
H1' AGS HA . -22.34 -20.60 28.28
H8 AGS HA . -19.24 -19.53 27.08
HN61 AGS HA . -16.17 -22.60 29.10
HN62 AGS HA . -16.28 -23.78 30.15
H2 AGS HA . -20.52 -23.62 31.78
PG AGS IA . -4.47 -40.62 2.64
S1G AGS IA . -5.88 -41.27 1.45
O2G AGS IA . -5.14 -39.67 3.69
O3G AGS IA . -3.37 -39.87 1.82
PB AGS IA . -2.97 -41.86 4.61
O1B AGS IA . -2.92 -40.49 5.23
O2B AGS IA . -1.58 -42.30 4.22
O3B AGS IA . -3.90 -41.88 3.34
PA AGS IA . -4.92 -42.46 6.37
O1A AGS IA . -5.24 -41.02 6.09
O2A AGS IA . -4.74 -42.64 7.86
O3A AGS IA . -3.57 -42.85 5.66
O5' AGS IA . -6.10 -43.37 5.86
C5' AGS IA . -7.28 -42.82 5.39
C4' AGS IA . -8.39 -43.84 5.45
O4' AGS IA . -8.05 -45.03 4.77
C3' AGS IA . -8.71 -44.19 6.86
O3' AGS IA . -9.64 -43.31 7.37
C2' AGS IA . -9.21 -45.55 6.72
O2' AGS IA . -10.55 -45.55 6.42
C1' AGS IA . -8.35 -46.11 5.61
N9 AGS IA . -7.15 -46.79 6.11
C8 AGS IA . -5.90 -46.64 5.66
N7 AGS IA . -5.07 -47.42 6.35
C5 AGS IA . -5.76 -48.09 7.27
C6 AGS IA . -5.43 -49.02 8.26
N6 AGS IA . -4.06 -49.44 8.43
N1 AGS IA . -6.39 -49.52 9.05
C2 AGS IA . -7.68 -49.16 8.92
N3 AGS IA . -8.04 -48.25 7.97
C4 AGS IA . -7.11 -47.71 7.15
HOG2 AGS IA . -4.91 -38.84 3.53
H21 AGS IA . -3.09 -40.38 1.16
H5'1 AGS IA . -7.16 -42.54 4.46
H5'2 AGS IA . -7.51 -42.04 5.93
H4' AGS IA . -9.18 -43.45 5.06
H3' AGS IA . -7.90 -44.18 7.41
H2' AGS IA . -9.06 -46.03 7.54
HO2' AGS IA . -11.00 -45.94 7.07
H1' AGS IA . -8.88 -46.77 5.12
H8 AGS IA . -5.64 -46.06 4.94
HN61 AGS IA . -3.84 -50.32 8.30
HN62 AGS IA . -3.42 -48.83 8.67
H2 AGS IA . -8.35 -49.54 9.51
MG MG JA . -16.79 -11.70 27.09
MG MG KA . -4.47 -39.18 5.59
CL CL LA . 8.28 -29.84 1.00
C1 GOL MA . -14.02 -48.36 -5.36
O1 GOL MA . -15.17 -49.14 -5.09
C2 GOL MA . -12.77 -49.23 -5.28
O2 GOL MA . -12.35 -49.55 -6.58
C3 GOL MA . -11.67 -48.49 -4.54
O3 GOL MA . -10.45 -49.18 -4.69
H11 GOL MA . -14.10 -47.93 -6.36
H12 GOL MA . -13.95 -47.55 -4.64
HO1 GOL MA . -15.96 -48.56 -5.08
H2 GOL MA . -13.01 -50.14 -4.74
HO2 GOL MA . -12.13 -48.72 -7.07
H31 GOL MA . -11.92 -48.41 -3.49
H32 GOL MA . -11.56 -47.48 -4.96
HO3 GOL MA . -10.51 -50.05 -4.25
C1 GOL NA . -10.73 -44.03 -4.51
O1 GOL NA . -11.46 -42.90 -4.89
C2 GOL NA . -10.57 -44.04 -2.99
O2 GOL NA . -11.84 -44.02 -2.39
C3 GOL NA . -9.79 -45.27 -2.55
O3 GOL NA . -8.42 -44.97 -2.50
H11 GOL NA . -11.26 -44.94 -4.83
H12 GOL NA . -9.75 -44.02 -4.98
HO1 GOL NA . -11.51 -42.85 -5.87
H2 GOL NA . -10.00 -43.15 -2.70
HO2 GOL NA . -12.34 -44.84 -2.63
H31 GOL NA . -10.13 -45.59 -1.56
H32 GOL NA . -9.97 -46.09 -3.24
HO3 GOL NA . -8.11 -44.72 -3.40
#